data_8FS6
#
_entry.id   8FS6
#
_cell.length_a   1.00
_cell.length_b   1.00
_cell.length_c   1.00
_cell.angle_alpha   90.00
_cell.angle_beta   90.00
_cell.angle_gamma   90.00
#
_symmetry.space_group_name_H-M   'P 1'
#
loop_
_entity.id
_entity.type
_entity.pdbx_description
1 polymer 'Checkpoint protein RAD24'
2 polymer 'Replication factor C subunit 4'
3 polymer 'Replication factor C subunit 3'
4 polymer 'Replication factor C subunit 2'
5 polymer 'Replication factor C subunit 5'
6 polymer 'DNA damage checkpoint control protein MEC3'
7 polymer 'DNA damage checkpoint control protein RAD17'
8 polymer 'DDC1 isoform 1'
9 polymer 'Template strand'
10 polymer 'Primer strand 1'
11 polymer 'Primer strand 2'
12 non-polymer 'PHOSPHOTHIOPHOSPHORIC ACID-ADENYLATE ESTER'
13 non-polymer 'MAGNESIUM ION'
14 non-polymer "ADENOSINE-5'-DIPHOSPHATE"
#
loop_
_entity_poly.entity_id
_entity_poly.type
_entity_poly.pdbx_seq_one_letter_code
_entity_poly.pdbx_strand_id
1 'polypeptide(L)'
;MDSTNLNKRPLLQYSLSSLGSQITKWSSSRPTSPVRKARSTENDFLSKQDTSSILPSINDDGGEQWYEKFKPNCLEQVAI
HKRKLKDVQEALDAMFLPNAKHRILLLSGPSGCSKSTVIKELSKILVPKYRQNSNGTSFRSTPNEHKVTEFRGDCIVNDL
PQMESFSEFLKGARYLVMSNLSLILIEDLPNVFHIDTRRRFQQLILQWLYSSEPLLPPLVICITECEIPENDNNYRKFGI
DYTFSAETIMNKEILMHPRLKRIKFNPINSTLLKKHLKFICVQNMKMLKEKNKWNKRQEVIDYIAQETGDIRSAITTLQF
WATSSGSLPISTRESTISYFHAIGKVIHGSHSTNNDNEMINNLFENSNNLLSKEDFKLGILENYNTFNKGEFSISDASSI
VDCLSECDNMNGLPESNEYGLREVRKTFRNISKQGHNHGTVYFPREWKVRKLQNSFKVQAEDWLNVSLYKYNAVHSFRNI
TLEFGYYAPLIRKCQSYKKKYILYYLKNLPSGSSGPKQTMDKFSDIMKVENGIDVVDRIGGPIEA
;
A
2 'polypeptide(L)'
;MSKTLSLQLPWVEKYRPQVLSDIVGNKETIDRLQQIAKDGNMPHMIISGMPGIGKTTSVHCLAHELLGRSYADGVLELNA
SDDRGIDVVRNQIKHFAQKKLHLPPGKHKIVILDEADSMTAGAQQALRRTMELYSNSTRFAFACNQSNKIIEPLQSRCAI
LRYSKLSDEDVLKRLLQIIKLEDVKYTNDGLEAIIFTAEGDMRQAINNLQSTVAGHGLVNADNVFKIVDSPHPLIVKKML
LASNLEDSIQILRTDLWKKGYSSIDIVTTSFRVTKNLAQVKESVRLEMIKEIGLTHMRILEGVGTYLQLASMLAKIHKLN
NKA
;
B
3 'polypeptide(L)'
;MSTSTEKRSKENLPWVEKYRPETLDEVYGQNEVITTVRKFVDEGKLPHLLFYGPPGTGKTSTIVALAREIYGKNYSNMVL
ELNASDDRGIDVVRNQIKDFASTRQIFSKGFKLIILDEADAMTNAAQNALRRVIERYTKNTRFCVLANYAHKLTPALLSR
CTRFRFQPLPQEAIERRIANVLVHEKLKLSPNAEKALIELSNGDMRRVLNVLQSCKATLDNPDEDEISDDVIYECCGAPR
PSDLKAVLKSILEDDWGTAHYTLNKVRSAKGLALIDLIEGIVKILEDYELQNEETRVHLLTKLADIEYSISKGGNDQIQG
SAVIGAIKASFENETV
;
C
4 'polypeptide(L)'
;MFEGFGPNKKRKISKLAAEQSLAQQPWVEKYRPKNLDEVTAQDHAVTVLKKTLKSANLPHMLFYGPPGTGKTSTILALTK
ELYGPDLMKSRILELNASDERGISIVREKVKNFARLTVSKPSKHDLENYPCPPYKIIILDEADSMTADAQSALRRTMETY
SGVTRFCLICNYVTRIIDPLASRCSKFRFKALDASNAIDRLRFISEQENVKCDDGVLERILDISAGDLRRGITLLQSASK
GAQYLGDGKNITSTQVEELAGVVPHDILIEIVEKVKSGDFDEIKKYVNTFMKSGWSAASVVNQLHEYYITNDNFDTNFKN
QISWLLFTTDSRLNNGTNEHIQLLNLLVKISQL
;
D
5 'polypeptide(L)'
;MSLWVDKYRPKSLNALSHNEELTNFLKSLSDQPRDLPHLLLYGPNGTGKKTRCMALLESIFGPGVYRLKIDVRQFVTASN
RKLELNVVSSPYHLEITPSDMGNNDRIVIQELLKEVAQMEQVDFQDSKDGLAHRYKCVIINEANSLTKDAQAALRRTMEK
YSKNIRLIMVCDSMSPIIAPIKSRCLLIRCPAPSDSEISTILSDVVTNERIQLETKDILKRIAQASNGNLRVSLLMLESM
ALNNELALKSSSPIIKPDWIIVIHKLTRKIVKERSVNSLIECRAVLYDLLAHCIPANIILKELTFSLLDVETLNTTNKSS
IIEYSSVFDERLSLGNKAIFHLEGFIAKVMCCLD
;
E
6 'polypeptide(L)'
;MKLKLIVNGCEAPDDYKLLRTTINTVASLRKTAILRFNSERLTIISTPKSSLNSSNNGTILRGDTGQLWCTIPHDVFRLY
TVISARELNTITMECNCDSLLSVFKRYDRVMNQGSSSNMTIKLQSMPEWNTNNGTLSGGTAGGVDTTSKPNPICALGITF
EEIVHTSGPNDAIVMNGGVDEHNGLPTTVGTGNLLASNKVIMHSFKVPVKLLFRAQDTRIQEPMINYIQLMMYKLPPISG
EFGSAFHGFIRRVERYSNVNHIHLMGVKKKEHGNEGDDVELKIIVNELDWHLEICWNGPLDSVIQRQEGLTDNPSQNQHI
DTDGRQEEGSLPIIEADKPMSSLYTNTRDREMEENIRYDEDLLRIEDSSIADTRGNIYTADTSGDTEFNDISVMVEKAEQ
ESSSTHEVIIRCKDWKVCSKLYAAFEEVVLAISHDESCVFHCSLDRGSLEDSEDVEKPRERGQIIYYIARSKGL
;
F
7 'polypeptide(L)'
;MRINSELANKFSASTVHLEHITTALSCLTPFGSKDDVLIFIDADGLSFVRENNHVIKIQLLLSRELFMSYSYRNETEDHM
KLCVKINHILDSVSVMNRNSDDIVECTLSYDGHGSPFVLIFEDSFISERVEYSTYLIKDFDTNGLELDRERISFEAIIKG
EALHSALKDLKEIGCKECYVYAKTEANDENVFALISKSQLGFSKIKLPSNRSILEKLQVFDGDSTTVIDGFAVIGFFDFT
SFDKIRKSTKIASKVLFRMDVHGVLSVNILSQTDDVIITDTTRPSNNRPGSIRQLQLPKDYPGIVIEVCMLEKESIDEAA
QTEIELLMETNELGNRNSFKKSTIRKRYGTDKGNETSNDNLLQLNGKKIKLPSEEENNKNRESEDEENHCKYPTKDIPIF
F
;
G
8 'polypeptide(L)'
;MSFKATITESGKQNIWFRAIYVLSTIQDDIKITVTTNELIAWSMNETDTTLCQVRFQKSFFEEYEFKPHEIVFGENGVQV
IEDTYGNSHKLYSFRVNGRHLTTISRKPDGDGIKSFTIAVNNTSTCPESLANRLIVVIEMDSLIVKEYCPQFQPIKYDPI
IINLKYKRRFLDVFGTAASDRNPQEPLDPKLLDVFTNTERELTSALFNEEVESDIRKRNQLTAADEINYICCNSTLLKNF
LDNCNVNVTDEVKLEINVHRLSITAFTKAVYGKNNDLLRNALSMSNTISTLDLEHYCLFTTIEDEKQDKRSHSKRREHMK
SIIFKLKDFKNFITIGPSWKTTQDGNDNISLWFCHPGDPILMQMQKPGVKLELVEVTDSNINDDILEGKFIKTAISGSKE
EAGLKDNKESCESPLKSKTALKRENLPHSVAGTRNSPLKVSYLTPDNGSTVAKTYRNNTARKLFVEEQSQSTNYEQDKRF
RQASSVHMNMNREQSFDIGTTHEVACPRNESNSLKRSIADICNETEDPTQQSTFAKRADTTVTWGKALPAADDEVSCSNI
DRKGMLKKEKLKHMQGLLNSQNDTSNHKKQDNKEMEDGLGLTQVEKPRGIFD
;
H
9 'polydeoxyribonucleotide'
;(DC)(DG)(DG)(DT)(DA)(DT)(DA)(DG)(DG)(DC)(DG)(DA)(DT)(DA)(DC)(DG)(DA)(DA)(DT)(DC)
(DT)(DT)(DT)(DT)(DT)(DT)(DT)(DT)(DT)(DT)(DC)(DC)(DG)(DT)(DA)(DT)(DA)(DG)(DC)(DC)
(DG)(DT)(DA)(DG)(DC)(DG)(DA)(DG)(DC)(DC)
;
I
10 'polydeoxyribonucleotide'
;(DG)(DG)(DC)(DT)(DC)(DG)(DC)(DT)(DA)(DC)(DG)(DG)(DC)(DT)(DA)(DT)(DA)(DC)(DG)(DG)
(DA)
;
J
11 'polydeoxyribonucleotide' (DG)(DA)(DT)(DT)(DC)(DG)(DT)(DA)(DT)(DC)(DG)(DC)(DC)(DT)(DA)(DT)(DA)(DC)(DC)(DG) K
#
loop_
_chem_comp.id
_chem_comp.type
_chem_comp.name
_chem_comp.formula
ADP non-polymer ADENOSINE-5'-DIPHOSPHATE 'C10 H15 N5 O10 P2'
AGS non-polymer 'PHOSPHOTHIOPHOSPHORIC ACID-ADENYLATE ESTER' 'C10 H16 N5 O12 P3 S'
DA DNA linking 2'-DEOXYADENOSINE-5'-MONOPHOSPHATE 'C10 H14 N5 O6 P'
DC DNA linking 2'-DEOXYCYTIDINE-5'-MONOPHOSPHATE 'C9 H14 N3 O7 P'
DG DNA linking 2'-DEOXYGUANOSINE-5'-MONOPHOSPHATE 'C10 H14 N5 O7 P'
DT DNA linking THYMIDINE-5'-MONOPHOSPHATE 'C10 H15 N2 O8 P'
MG non-polymer 'MAGNESIUM ION' 'Mg 2'
#
# COMPACT_ATOMS: atom_id res chain seq x y z
N GLY A 63 -33.36 25.80 -27.67
CA GLY A 63 -32.06 25.19 -27.84
C GLY A 63 -31.23 25.19 -26.56
N GLU A 64 -31.91 25.10 -25.43
CA GLU A 64 -31.25 25.11 -24.13
C GLU A 64 -31.92 24.10 -23.21
N GLN A 65 -31.19 23.67 -22.19
CA GLN A 65 -31.75 22.79 -21.19
C GLN A 65 -32.85 23.50 -20.41
N TRP A 66 -33.92 22.76 -20.10
CA TRP A 66 -35.09 23.37 -19.47
C TRP A 66 -34.83 23.81 -18.03
N TYR A 67 -33.81 23.26 -17.37
CA TYR A 67 -33.49 23.70 -16.03
C TYR A 67 -32.68 25.00 -16.00
N GLU A 68 -32.27 25.50 -17.17
CA GLU A 68 -31.61 26.79 -17.27
C GLU A 68 -32.48 27.86 -17.92
N LYS A 69 -33.42 27.48 -18.76
CA LYS A 69 -34.34 28.43 -19.38
C LYS A 69 -35.60 28.68 -18.55
N PHE A 70 -35.81 27.91 -17.49
CA PHE A 70 -36.95 28.07 -16.60
C PHE A 70 -36.51 28.24 -15.17
N LYS A 71 -35.34 28.86 -14.97
CA LYS A 71 -34.86 29.13 -13.63
C LYS A 71 -35.71 30.21 -12.97
N PRO A 72 -35.86 30.14 -11.63
CA PRO A 72 -36.60 31.15 -10.90
C PRO A 72 -35.99 32.55 -11.08
N ASN A 73 -36.81 33.56 -11.34
CA ASN A 73 -36.35 34.97 -11.44
C ASN A 73 -36.53 35.62 -10.07
N CYS A 74 -37.57 35.23 -9.32
CA CYS A 74 -37.89 35.79 -7.99
C CYS A 74 -37.69 34.72 -6.91
N LEU A 75 -37.94 35.04 -5.64
CA LEU A 75 -37.83 34.06 -4.56
C LEU A 75 -39.08 33.19 -4.43
N GLU A 76 -40.19 33.58 -5.05
CA GLU A 76 -41.44 32.84 -4.92
C GLU A 76 -41.54 31.67 -5.90
N GLN A 77 -40.63 31.57 -6.87
CA GLN A 77 -40.61 30.46 -7.80
C GLN A 77 -39.59 29.38 -7.43
N VAL A 78 -38.88 29.57 -6.32
CA VAL A 78 -37.87 28.59 -5.90
C VAL A 78 -38.57 27.43 -5.21
N ALA A 79 -38.26 26.21 -5.64
CA ALA A 79 -38.86 25.00 -5.09
C ALA A 79 -38.21 24.71 -3.75
N ILE A 80 -38.75 25.32 -2.70
CA ILE A 80 -38.26 25.14 -1.34
C ILE A 80 -39.44 25.25 -0.38
N HIS A 81 -39.38 24.49 0.70
CA HIS A 81 -40.43 24.55 1.72
C HIS A 81 -40.45 25.93 2.37
N LYS A 82 -41.66 26.36 2.75
CA LYS A 82 -41.83 27.71 3.29
C LYS A 82 -41.07 27.89 4.60
N ARG A 83 -41.09 26.88 5.47
CA ARG A 83 -40.35 26.97 6.73
C ARG A 83 -38.85 27.03 6.49
N LYS A 84 -38.34 26.22 5.56
CA LYS A 84 -36.92 26.24 5.24
C LYS A 84 -36.51 27.60 4.68
N LEU A 85 -37.32 28.14 3.77
CA LEU A 85 -37.04 29.46 3.20
C LEU A 85 -37.06 30.53 4.28
N LYS A 86 -38.02 30.45 5.20
CA LYS A 86 -38.10 31.44 6.28
C LYS A 86 -36.89 31.35 7.20
N ASP A 87 -36.46 30.14 7.53
CA ASP A 87 -35.30 29.97 8.40
C ASP A 87 -34.04 30.50 7.73
N VAL A 88 -33.85 30.20 6.44
CA VAL A 88 -32.69 30.70 5.72
C VAL A 88 -32.74 32.22 5.61
N GLN A 89 -33.94 32.78 5.42
CA GLN A 89 -34.10 34.23 5.38
C GLN A 89 -33.68 34.87 6.68
N GLU A 90 -34.16 34.33 7.81
CA GLU A 90 -33.82 34.88 9.11
C GLU A 90 -32.32 34.78 9.36
N ALA A 91 -31.72 33.63 9.05
CA ALA A 91 -30.29 33.47 9.26
C ALA A 91 -29.49 34.47 8.42
N LEU A 92 -29.79 34.55 7.12
CA LEU A 92 -29.03 35.42 6.23
C LEU A 92 -29.20 36.88 6.62
N ASP A 93 -30.42 37.28 6.99
CA ASP A 93 -30.62 38.65 7.47
C ASP A 93 -29.91 38.89 8.79
N ALA A 94 -29.69 37.84 9.57
CA ALA A 94 -28.93 37.99 10.80
C ALA A 94 -27.44 38.21 10.54
N MET A 95 -26.86 37.49 9.58
CA MET A 95 -25.43 37.64 9.35
C MET A 95 -25.06 38.89 8.54
N PHE A 96 -26.03 39.63 8.00
CA PHE A 96 -25.73 40.87 7.32
C PHE A 96 -25.70 42.07 8.25
N LEU A 97 -26.01 41.88 9.52
CA LEU A 97 -25.94 42.96 10.49
C LEU A 97 -24.48 43.29 10.81
N PRO A 98 -24.20 44.50 11.35
CA PRO A 98 -22.81 44.90 11.63
C PRO A 98 -22.05 43.91 12.50
N ASN A 99 -22.57 43.58 13.68
CA ASN A 99 -21.95 42.62 14.59
C ASN A 99 -22.84 41.38 14.63
N ALA A 100 -22.58 40.45 13.71
CA ALA A 100 -23.39 39.25 13.59
C ALA A 100 -22.85 38.15 14.49
N LYS A 101 -23.74 37.47 15.21
CA LYS A 101 -23.34 36.34 16.03
C LYS A 101 -22.81 35.20 15.17
N HIS A 102 -23.49 34.90 14.07
CA HIS A 102 -23.06 33.88 13.14
C HIS A 102 -22.19 34.50 12.05
N ARG A 103 -21.07 33.86 11.75
CA ARG A 103 -20.16 34.34 10.72
C ARG A 103 -20.16 33.48 9.46
N ILE A 104 -20.38 32.18 9.58
CA ILE A 104 -20.44 31.28 8.43
C ILE A 104 -21.75 30.52 8.49
N LEU A 105 -22.45 30.45 7.35
CA LEU A 105 -23.69 29.71 7.21
C LEU A 105 -23.41 28.46 6.39
N LEU A 106 -23.57 27.30 7.01
CA LEU A 106 -23.33 26.02 6.35
C LEU A 106 -24.67 25.43 5.92
N LEU A 107 -24.74 25.00 4.65
CA LEU A 107 -25.96 24.42 4.09
C LEU A 107 -25.64 23.01 3.62
N SER A 108 -26.17 22.02 4.33
CA SER A 108 -26.00 20.62 3.98
C SER A 108 -27.29 20.06 3.39
N GLY A 109 -27.13 18.97 2.63
CA GLY A 109 -28.27 18.30 2.06
C GLY A 109 -27.93 17.61 0.74
N PRO A 110 -28.89 16.86 0.21
CA PRO A 110 -28.66 16.18 -1.08
C PRO A 110 -28.55 17.17 -2.24
N SER A 111 -28.22 16.65 -3.42
CA SER A 111 -28.06 17.48 -4.60
C SER A 111 -29.40 17.99 -5.10
N GLY A 112 -29.41 19.24 -5.56
CA GLY A 112 -30.60 19.82 -6.14
C GLY A 112 -31.71 20.17 -5.17
N CYS A 113 -31.38 20.42 -3.90
CA CYS A 113 -32.35 20.86 -2.92
C CYS A 113 -32.46 22.38 -2.85
N SER A 114 -32.13 23.08 -3.94
CA SER A 114 -32.14 24.53 -4.00
C SER A 114 -31.25 25.16 -2.94
N LYS A 115 -30.13 24.49 -2.62
CA LYS A 115 -29.20 25.06 -1.65
C LYS A 115 -28.47 26.27 -2.21
N SER A 116 -28.27 26.32 -3.53
CA SER A 116 -27.68 27.48 -4.18
C SER A 116 -28.70 28.25 -5.01
N THR A 117 -29.89 27.69 -5.25
CA THR A 117 -30.96 28.42 -5.92
C THR A 117 -31.69 29.38 -4.99
N VAL A 118 -31.57 29.19 -3.68
CA VAL A 118 -32.16 30.14 -2.74
C VAL A 118 -31.18 31.24 -2.34
N ILE A 119 -29.89 30.93 -2.27
CA ILE A 119 -28.89 31.93 -1.89
C ILE A 119 -28.70 32.96 -3.00
N LYS A 120 -28.65 32.53 -4.25
CA LYS A 120 -28.43 33.43 -5.38
C LYS A 120 -29.63 34.30 -5.70
N GLU A 121 -30.79 34.03 -5.09
CA GLU A 121 -31.94 34.91 -5.19
C GLU A 121 -32.22 35.68 -3.90
N LEU A 122 -31.73 35.20 -2.76
CA LEU A 122 -31.74 36.00 -1.54
C LEU A 122 -30.69 37.09 -1.59
N SER A 123 -29.57 36.86 -2.27
CA SER A 123 -28.56 37.90 -2.42
C SER A 123 -29.10 39.11 -3.18
N LYS A 124 -29.84 38.89 -4.27
CA LYS A 124 -30.38 39.98 -5.07
C LYS A 124 -31.38 40.85 -4.32
N ILE A 125 -31.91 40.37 -3.19
CA ILE A 125 -32.83 41.17 -2.39
C ILE A 125 -32.23 41.61 -1.06
N LEU A 126 -31.12 41.02 -0.61
CA LEU A 126 -30.51 41.38 0.66
C LEU A 126 -29.24 42.20 0.54
N VAL A 127 -28.35 41.85 -0.41
CA VAL A 127 -27.11 42.62 -0.57
C VAL A 127 -27.38 44.07 -0.96
N PRO A 128 -28.26 44.39 -1.95
CA PRO A 128 -28.54 45.81 -2.23
C PRO A 128 -29.55 46.40 -1.26
N LYS A 129 -29.41 46.09 0.01
CA LYS A 129 -30.15 46.71 1.11
C LYS A 129 -29.23 47.16 2.23
N TYR A 130 -28.17 46.41 2.53
CA TYR A 130 -27.18 46.79 3.51
C TYR A 130 -25.90 47.32 2.88
N ARG A 131 -25.77 47.27 1.57
CA ARG A 131 -24.57 47.73 0.88
C ARG A 131 -24.57 49.26 0.82
N GLN A 132 -23.61 49.88 1.50
CA GLN A 132 -23.47 51.32 1.43
C GLN A 132 -23.05 51.75 0.03
N ASN A 133 -23.52 52.93 -0.39
CA ASN A 133 -23.21 53.44 -1.72
C ASN A 133 -22.66 54.86 -1.65
N LYS A 147 -24.92 40.88 -5.89
CA LYS A 147 -25.01 39.40 -6.09
C LYS A 147 -23.97 38.73 -5.19
N VAL A 148 -23.42 37.57 -5.58
CA VAL A 148 -22.47 36.79 -4.73
C VAL A 148 -21.12 36.63 -5.43
N THR A 149 -20.07 36.31 -4.68
CA THR A 149 -18.71 36.11 -5.18
C THR A 149 -18.36 34.64 -5.00
N GLU A 150 -18.60 33.84 -6.03
CA GLU A 150 -18.36 32.41 -5.96
C GLU A 150 -16.86 32.11 -6.09
N PHE A 151 -16.40 31.15 -5.30
CA PHE A 151 -15.02 30.67 -5.43
C PHE A 151 -14.92 29.69 -6.58
N ARG A 152 -13.92 29.90 -7.44
CA ARG A 152 -13.70 29.06 -8.61
C ARG A 152 -12.48 28.17 -8.36
N GLY A 153 -12.71 26.86 -8.28
CA GLY A 153 -11.61 25.94 -8.02
C GLY A 153 -10.63 25.85 -9.17
N ASP A 154 -11.13 25.85 -10.41
CA ASP A 154 -10.28 25.71 -11.59
C ASP A 154 -9.74 27.09 -12.00
N CYS A 155 -8.81 27.58 -11.17
CA CYS A 155 -8.14 28.86 -11.41
C CYS A 155 -6.67 28.66 -11.05
N ILE A 156 -5.85 28.34 -12.06
CA ILE A 156 -4.44 28.03 -11.84
C ILE A 156 -3.65 29.32 -12.08
N VAL A 157 -3.42 30.07 -11.00
CA VAL A 157 -2.59 31.26 -11.07
C VAL A 157 -1.12 30.83 -11.18
N ASN A 158 -0.34 31.57 -11.97
CA ASN A 158 1.12 31.34 -12.09
C ASN A 158 1.75 31.84 -10.79
N ASP A 159 2.67 31.10 -10.19
CA ASP A 159 3.35 31.51 -8.94
C ASP A 159 2.40 31.30 -7.75
N LEU A 160 1.39 30.45 -7.90
CA LEU A 160 0.43 30.14 -6.80
C LEU A 160 0.28 28.63 -6.66
N PRO A 161 0.97 27.98 -5.70
CA PRO A 161 0.76 26.55 -5.47
C PRO A 161 -0.72 26.24 -5.25
N GLN A 162 -1.13 25.04 -5.62
CA GLN A 162 -2.53 24.66 -5.64
C GLN A 162 -3.14 24.47 -4.26
N MET A 163 -2.39 24.77 -3.19
CA MET A 163 -2.94 24.75 -1.84
C MET A 163 -3.23 26.14 -1.29
N GLU A 164 -2.72 27.20 -1.94
CA GLU A 164 -2.91 28.56 -1.48
C GLU A 164 -3.97 29.32 -2.26
N SER A 165 -4.66 28.67 -3.21
CA SER A 165 -5.69 29.36 -3.97
C SER A 165 -6.84 29.79 -3.08
N PHE A 166 -7.32 28.89 -2.21
CA PHE A 166 -8.38 29.26 -1.29
C PHE A 166 -7.91 30.29 -0.26
N SER A 167 -6.64 30.21 0.16
CA SER A 167 -6.12 31.20 1.09
C SER A 167 -6.11 32.59 0.46
N GLU A 168 -5.67 32.68 -0.79
CA GLU A 168 -5.69 33.96 -1.50
C GLU A 168 -7.12 34.45 -1.71
N PHE A 169 -8.04 33.52 -2.02
CA PHE A 169 -9.44 33.89 -2.18
C PHE A 169 -10.01 34.47 -0.89
N LEU A 170 -9.71 33.85 0.25
CA LEU A 170 -10.18 34.36 1.53
C LEU A 170 -9.54 35.70 1.86
N LYS A 171 -8.24 35.86 1.58
CA LYS A 171 -7.57 37.12 1.86
C LYS A 171 -8.14 38.25 1.02
N GLY A 172 -8.46 37.97 -0.25
CA GLY A 172 -9.07 38.99 -1.09
C GLY A 172 -10.55 39.19 -0.85
N ALA A 173 -11.22 38.23 -0.22
CA ALA A 173 -12.65 38.32 0.05
C ALA A 173 -12.97 38.99 1.38
N ARG A 174 -11.97 39.23 2.23
CA ARG A 174 -12.21 39.92 3.49
C ARG A 174 -12.37 41.42 3.32
N TYR A 175 -12.00 41.96 2.15
CA TYR A 175 -12.16 43.38 1.86
C TYR A 175 -13.53 43.71 1.30
N LEU A 176 -14.40 42.71 1.11
CA LEU A 176 -15.75 42.93 0.60
C LEU A 176 -16.65 43.36 1.76
N VAL A 177 -16.56 44.65 2.08
CA VAL A 177 -17.30 45.27 3.18
C VAL A 177 -18.06 46.44 2.57
N MET A 178 -18.70 47.26 3.40
CA MET A 178 -19.56 48.34 2.90
C MET A 178 -18.86 49.17 1.83
N SER A 179 -19.66 49.63 0.86
CA SER A 179 -19.27 50.29 -0.38
C SER A 179 -18.70 49.31 -1.41
N ASN A 180 -18.43 48.06 -1.00
CA ASN A 180 -18.23 46.97 -1.93
C ASN A 180 -18.78 45.66 -1.38
N LEU A 181 -19.92 45.72 -0.68
CA LEU A 181 -20.41 44.57 0.06
C LEU A 181 -20.91 43.47 -0.87
N SER A 182 -20.51 42.24 -0.60
CA SER A 182 -20.94 41.08 -1.37
C SER A 182 -20.86 39.84 -0.49
N LEU A 183 -21.86 38.97 -0.61
CA LEU A 183 -21.89 37.74 0.16
C LEU A 183 -21.07 36.68 -0.58
N ILE A 184 -20.08 36.11 0.10
CA ILE A 184 -19.20 35.12 -0.52
C ILE A 184 -19.84 33.74 -0.42
N LEU A 185 -20.01 33.09 -1.56
CA LEU A 185 -20.60 31.76 -1.62
C LEU A 185 -19.52 30.76 -2.03
N ILE A 186 -19.40 29.67 -1.29
CA ILE A 186 -18.45 28.61 -1.58
C ILE A 186 -19.26 27.36 -1.87
N GLU A 187 -19.58 27.14 -3.15
CA GLU A 187 -20.26 25.92 -3.56
C GLU A 187 -19.29 24.85 -4.01
N ASP A 188 -18.40 25.17 -4.94
CA ASP A 188 -17.36 24.25 -5.38
C ASP A 188 -16.21 24.35 -4.39
N LEU A 189 -16.16 23.43 -3.44
CA LEU A 189 -15.12 23.41 -2.44
C LEU A 189 -13.80 23.02 -3.08
N PRO A 190 -12.66 23.38 -2.44
CA PRO A 190 -11.36 22.93 -2.94
C PRO A 190 -11.23 21.41 -2.91
N ASN A 191 -10.11 20.90 -3.42
CA ASN A 191 -9.92 19.45 -3.55
C ASN A 191 -9.72 18.86 -2.16
N VAL A 192 -10.85 18.65 -1.47
CA VAL A 192 -10.84 18.20 -0.08
C VAL A 192 -10.65 16.70 -0.02
N PHE A 193 -10.47 16.06 -1.17
CA PHE A 193 -10.15 14.64 -1.24
C PHE A 193 -8.67 14.37 -1.04
N HIS A 194 -7.85 15.40 -0.93
CA HIS A 194 -6.43 15.28 -0.64
C HIS A 194 -6.21 15.66 0.82
N ILE A 195 -5.45 14.83 1.53
CA ILE A 195 -5.30 14.95 2.98
C ILE A 195 -4.57 16.23 3.38
N ASP A 196 -3.76 16.81 2.50
CA ASP A 196 -2.96 17.97 2.86
C ASP A 196 -3.68 19.30 2.68
N THR A 197 -4.58 19.40 1.70
CA THR A 197 -5.33 20.64 1.51
C THR A 197 -6.66 20.67 2.22
N ARG A 198 -7.20 19.50 2.61
CA ARG A 198 -8.37 19.51 3.49
C ARG A 198 -8.03 20.11 4.84
N ARG A 199 -6.84 19.82 5.36
CA ARG A 199 -6.39 20.43 6.61
C ARG A 199 -6.23 21.93 6.46
N ARG A 200 -5.69 22.38 5.31
CA ARG A 200 -5.58 23.82 5.07
C ARG A 200 -6.94 24.48 4.96
N PHE A 201 -7.90 23.80 4.32
CA PHE A 201 -9.28 24.29 4.25
C PHE A 201 -9.87 24.47 5.64
N GLN A 202 -9.72 23.45 6.49
CA GLN A 202 -10.24 23.53 7.84
C GLN A 202 -9.56 24.63 8.65
N GLN A 203 -8.24 24.75 8.50
CA GLN A 203 -7.50 25.77 9.24
C GLN A 203 -7.89 27.18 8.80
N LEU A 204 -8.08 27.39 7.50
CA LEU A 204 -8.50 28.70 7.02
C LEU A 204 -9.92 29.03 7.46
N ILE A 205 -10.82 28.03 7.48
CA ILE A 205 -12.18 28.28 7.96
C ILE A 205 -12.15 28.59 9.46
N LEU A 206 -11.29 27.91 10.21
CA LEU A 206 -11.15 28.21 11.64
C LEU A 206 -10.61 29.62 11.85
N GLN A 207 -9.64 30.04 11.01
CA GLN A 207 -9.13 31.40 11.09
C GLN A 207 -10.22 32.42 10.79
N TRP A 208 -11.08 32.13 9.80
CA TRP A 208 -12.20 33.02 9.52
C TRP A 208 -13.17 33.08 10.69
N LEU A 209 -13.46 31.93 11.31
CA LEU A 209 -14.38 31.88 12.44
C LEU A 209 -13.79 32.52 13.69
N TYR A 210 -12.47 32.49 13.85
CA TYR A 210 -11.79 33.11 14.98
C TYR A 210 -11.09 34.40 14.59
N SER A 211 -11.53 35.03 13.51
CA SER A 211 -10.88 36.25 13.03
C SER A 211 -11.10 37.39 14.00
N SER A 212 -10.03 38.14 14.29
CA SER A 212 -10.12 39.31 15.14
C SER A 212 -10.57 40.56 14.41
N GLU A 213 -10.80 40.46 13.10
CA GLU A 213 -11.29 41.60 12.35
C GLU A 213 -12.71 41.96 12.83
N PRO A 214 -12.96 43.21 13.22
CA PRO A 214 -14.28 43.54 13.77
C PRO A 214 -15.39 43.52 12.74
N LEU A 215 -15.04 43.46 11.45
CA LEU A 215 -16.01 43.65 10.37
C LEU A 215 -15.67 42.70 9.24
N LEU A 216 -16.51 41.70 9.02
CA LEU A 216 -16.28 40.73 7.96
C LEU A 216 -17.56 40.50 7.16
N PRO A 217 -17.44 40.19 5.87
CA PRO A 217 -18.63 39.88 5.07
C PRO A 217 -19.22 38.55 5.50
N PRO A 218 -20.51 38.35 5.28
CA PRO A 218 -21.10 37.04 5.55
C PRO A 218 -20.57 35.97 4.62
N LEU A 219 -20.47 34.76 5.14
CA LEU A 219 -19.94 33.62 4.40
C LEU A 219 -20.96 32.49 4.39
N VAL A 220 -21.22 31.94 3.22
CA VAL A 220 -22.15 30.82 3.06
C VAL A 220 -21.41 29.70 2.34
N ILE A 221 -21.41 28.51 2.95
CA ILE A 221 -20.78 27.31 2.38
C ILE A 221 -21.86 26.30 2.13
N CYS A 222 -21.96 25.84 0.88
CA CYS A 222 -22.94 24.84 0.47
C CYS A 222 -22.19 23.54 0.17
N ILE A 223 -22.46 22.51 0.97
CA ILE A 223 -21.83 21.20 0.82
C ILE A 223 -22.93 20.20 0.46
N THR A 224 -22.76 19.51 -0.67
CA THR A 224 -23.72 18.52 -1.12
C THR A 224 -23.40 17.17 -0.50
N GLU A 225 -24.39 16.58 0.16
CA GLU A 225 -24.21 15.28 0.82
C GLU A 225 -24.41 14.18 -0.22
N CYS A 226 -23.30 13.62 -0.71
CA CYS A 226 -23.34 12.55 -1.69
C CYS A 226 -22.38 11.45 -1.27
N GLU A 227 -22.73 10.22 -1.61
CA GLU A 227 -21.90 9.07 -1.27
C GLU A 227 -20.77 8.94 -2.29
N ILE A 228 -19.53 8.89 -1.79
CA ILE A 228 -18.36 8.74 -2.65
C ILE A 228 -18.31 7.29 -3.12
N PRO A 229 -18.27 7.04 -4.42
CA PRO A 229 -18.26 5.66 -4.91
C PRO A 229 -16.95 4.96 -4.60
N GLU A 230 -17.01 3.63 -4.51
CA GLU A 230 -15.85 2.83 -4.18
C GLU A 230 -14.93 2.74 -5.39
N ASN A 231 -13.76 3.35 -5.29
CA ASN A 231 -12.78 3.31 -6.36
C ASN A 231 -11.41 2.84 -5.88
N ASP A 232 -11.01 3.21 -4.68
CA ASP A 232 -9.73 2.76 -4.13
C ASP A 232 -9.83 1.34 -3.61
N ASN A 233 -8.69 0.69 -3.47
CA ASN A 233 -8.59 -0.69 -3.00
C ASN A 233 -7.69 -0.71 -1.76
N ASN A 234 -8.30 -0.46 -0.60
CA ASN A 234 -7.60 -0.45 0.67
C ASN A 234 -8.63 -0.40 1.79
N TYR A 235 -8.33 -1.07 2.90
CA TYR A 235 -9.21 -1.00 4.06
C TYR A 235 -8.90 0.19 4.97
N ARG A 236 -7.91 1.01 4.61
CA ARG A 236 -7.59 2.22 5.35
C ARG A 236 -8.36 3.44 4.84
N LYS A 237 -9.54 3.23 4.25
CA LYS A 237 -10.34 4.34 3.74
C LYS A 237 -10.84 5.20 4.90
N PHE A 238 -10.74 6.51 4.74
CA PHE A 238 -11.14 7.45 5.76
C PHE A 238 -12.59 7.87 5.54
N GLY A 239 -13.04 8.91 6.27
CA GLY A 239 -14.40 9.37 6.12
C GLY A 239 -14.68 9.98 4.75
N ILE A 240 -13.70 10.69 4.20
CA ILE A 240 -13.87 11.33 2.90
C ILE A 240 -13.93 10.33 1.75
N ASP A 241 -13.46 9.10 1.96
CA ASP A 241 -13.53 8.07 0.94
C ASP A 241 -14.80 7.24 1.02
N TYR A 242 -15.70 7.55 1.94
CA TYR A 242 -16.99 6.87 2.05
C TYR A 242 -18.17 7.79 1.78
N THR A 243 -18.22 8.96 2.43
CA THR A 243 -19.32 9.89 2.24
C THR A 243 -18.77 11.31 2.16
N PHE A 244 -19.31 12.08 1.22
CA PHE A 244 -18.93 13.49 1.03
C PHE A 244 -19.98 14.33 1.74
N SER A 245 -19.74 14.58 3.04
CA SER A 245 -20.69 15.30 3.88
C SER A 245 -19.97 16.41 4.63
N ALA A 246 -20.74 17.17 5.41
CA ALA A 246 -20.18 18.27 6.19
C ALA A 246 -19.39 17.78 7.40
N GLU A 247 -19.48 16.51 7.76
CA GLU A 247 -18.70 15.97 8.86
C GLU A 247 -17.33 15.48 8.44
N THR A 248 -17.20 14.98 7.21
CA THR A 248 -15.92 14.49 6.70
C THR A 248 -15.05 15.60 6.13
N ILE A 249 -15.59 16.80 5.93
CA ILE A 249 -14.81 17.94 5.46
C ILE A 249 -14.54 18.92 6.59
N MET A 250 -15.52 19.18 7.44
CA MET A 250 -15.37 20.07 8.59
C MET A 250 -15.18 19.24 9.85
N ASN A 251 -14.20 19.62 10.67
CA ASN A 251 -13.96 18.92 11.92
C ASN A 251 -15.05 19.25 12.94
N LYS A 252 -14.95 18.62 14.11
CA LYS A 252 -15.96 18.81 15.15
C LYS A 252 -15.95 20.24 15.69
N GLU A 253 -14.79 20.89 15.71
CA GLU A 253 -14.70 22.24 16.25
C GLU A 253 -15.44 23.25 15.37
N ILE A 254 -15.29 23.15 14.05
CA ILE A 254 -15.95 24.08 13.15
C ILE A 254 -17.45 23.88 13.17
N LEU A 255 -17.89 22.62 13.14
CA LEU A 255 -19.33 22.32 13.13
C LEU A 255 -20.00 22.78 14.42
N MET A 256 -19.32 22.61 15.55
CA MET A 256 -19.86 23.01 16.85
C MET A 256 -19.44 24.41 17.25
N HIS A 257 -18.84 25.17 16.34
CA HIS A 257 -18.44 26.54 16.64
C HIS A 257 -19.68 27.41 16.90
N PRO A 258 -19.65 28.28 17.91
CA PRO A 258 -20.82 29.11 18.21
C PRO A 258 -21.21 30.06 17.08
N ARG A 259 -20.27 30.44 16.21
CA ARG A 259 -20.54 31.38 15.13
C ARG A 259 -20.75 30.69 13.79
N LEU A 260 -21.25 29.46 13.81
CA LEU A 260 -21.52 28.71 12.58
C LEU A 260 -22.95 28.19 12.65
N LYS A 261 -23.82 28.74 11.80
CA LYS A 261 -25.20 28.30 11.72
C LYS A 261 -25.35 27.30 10.58
N ARG A 262 -25.84 26.10 10.92
CA ARG A 262 -26.00 25.02 9.95
C ARG A 262 -27.48 24.77 9.74
N ILE A 263 -27.95 25.03 8.52
CA ILE A 263 -29.33 24.77 8.13
C ILE A 263 -29.31 23.61 7.14
N LYS A 264 -29.54 22.40 7.65
CA LYS A 264 -29.57 21.23 6.80
C LYS A 264 -30.83 21.21 5.94
N PHE A 265 -30.68 20.74 4.71
CA PHE A 265 -31.76 20.73 3.74
C PHE A 265 -32.31 19.31 3.59
N ASN A 266 -33.49 19.22 2.99
CA ASN A 266 -34.18 17.97 2.73
C ASN A 266 -34.52 17.89 1.24
N PRO A 267 -34.68 16.68 0.71
CA PRO A 267 -35.09 16.55 -0.69
C PRO A 267 -36.45 17.19 -0.94
N ILE A 268 -36.63 17.69 -2.16
CA ILE A 268 -37.85 18.40 -2.51
C ILE A 268 -39.03 17.44 -2.46
N ASN A 269 -40.10 17.85 -1.79
CA ASN A 269 -41.25 16.99 -1.59
C ASN A 269 -42.04 16.84 -2.90
N SER A 270 -43.05 15.98 -2.86
CA SER A 270 -43.82 15.65 -4.05
C SER A 270 -44.90 16.67 -4.39
N THR A 271 -44.96 17.79 -3.65
CA THR A 271 -45.95 18.84 -3.91
C THR A 271 -45.34 20.01 -4.69
N LEU A 272 -44.25 20.59 -4.18
CA LEU A 272 -43.56 21.62 -4.94
C LEU A 272 -42.99 21.08 -6.24
N LEU A 273 -42.53 19.83 -6.24
CA LEU A 273 -42.08 19.19 -7.47
C LEU A 273 -43.22 18.97 -8.45
N LYS A 274 -44.42 18.68 -7.96
CA LYS A 274 -45.58 18.52 -8.82
C LYS A 274 -46.11 19.85 -9.35
N LYS A 275 -45.90 20.94 -8.62
CA LYS A 275 -46.33 22.26 -9.06
C LYS A 275 -45.35 22.92 -10.04
N HIS A 276 -44.05 22.92 -9.70
CA HIS A 276 -43.05 23.58 -10.54
C HIS A 276 -42.79 22.83 -11.84
N LEU A 277 -43.21 21.57 -11.95
CA LEU A 277 -43.12 20.85 -13.21
C LEU A 277 -44.35 21.10 -14.09
N LYS A 278 -45.53 21.20 -13.47
CA LYS A 278 -46.72 21.63 -14.21
C LYS A 278 -46.56 23.05 -14.74
N PHE A 279 -45.82 23.90 -14.00
CA PHE A 279 -45.48 25.22 -14.53
C PHE A 279 -44.74 25.10 -15.86
N ILE A 280 -43.70 24.26 -15.88
CA ILE A 280 -42.90 24.10 -17.09
C ILE A 280 -43.76 23.50 -18.21
N CYS A 281 -44.64 22.57 -17.87
CA CYS A 281 -45.52 21.97 -18.86
C CYS A 281 -46.47 22.99 -19.47
N VAL A 282 -47.09 23.84 -18.64
CA VAL A 282 -48.02 24.82 -19.19
C VAL A 282 -47.28 25.96 -19.90
N GLN A 283 -45.98 26.14 -19.65
CA GLN A 283 -45.20 27.04 -20.50
C GLN A 283 -44.84 26.40 -21.84
N ASN A 284 -44.58 25.10 -21.87
CA ASN A 284 -44.30 24.37 -23.12
C ASN A 284 -45.55 23.77 -23.71
N MET A 285 -46.70 24.34 -23.31
CA MET A 285 -48.01 24.03 -23.87
C MET A 285 -47.98 23.75 -25.36
N LYS A 286 -47.37 24.63 -26.16
CA LYS A 286 -47.39 24.45 -27.61
C LYS A 286 -46.72 23.15 -28.03
N MET A 287 -45.49 22.93 -27.57
CA MET A 287 -44.74 21.75 -27.97
C MET A 287 -45.41 20.47 -27.46
N LEU A 288 -45.97 20.52 -26.25
CA LEU A 288 -46.60 19.33 -25.70
C LEU A 288 -47.94 19.03 -26.38
N LYS A 289 -48.63 20.07 -26.87
CA LYS A 289 -49.89 19.87 -27.57
C LYS A 289 -49.66 19.34 -28.98
N GLU A 290 -48.62 19.81 -29.65
CA GLU A 290 -48.35 19.37 -31.02
C GLU A 290 -48.06 17.86 -31.06
N LYS A 291 -47.29 17.37 -30.09
CA LYS A 291 -47.00 15.94 -29.99
C LYS A 291 -48.04 15.20 -29.17
N ASN A 292 -49.26 15.76 -29.06
CA ASN A 292 -50.40 15.19 -28.31
C ASN A 292 -50.00 14.70 -26.92
N LYS A 293 -49.00 15.35 -26.32
CA LYS A 293 -48.57 15.03 -24.96
C LYS A 293 -49.22 15.99 -23.95
N TRP A 294 -50.55 15.95 -23.91
CA TRP A 294 -51.30 16.75 -22.96
C TRP A 294 -52.43 15.98 -22.28
N ASN A 295 -52.64 14.72 -22.65
CA ASN A 295 -53.59 13.86 -21.97
C ASN A 295 -52.92 12.87 -21.02
N LYS A 296 -51.62 12.65 -21.18
CA LYS A 296 -50.83 11.82 -20.28
C LYS A 296 -49.84 12.64 -19.47
N ARG A 297 -50.14 13.91 -19.25
CA ARG A 297 -49.20 14.82 -18.59
C ARG A 297 -49.09 14.51 -17.10
N GLN A 298 -50.22 14.58 -16.38
CA GLN A 298 -50.20 14.39 -14.94
C GLN A 298 -49.68 13.02 -14.55
N GLU A 299 -49.94 12.00 -15.38
CA GLU A 299 -49.36 10.69 -15.14
C GLU A 299 -47.83 10.71 -15.25
N VAL A 300 -47.27 11.75 -15.86
CA VAL A 300 -45.82 11.88 -15.91
C VAL A 300 -45.28 12.72 -14.76
N ILE A 301 -45.92 13.86 -14.47
CA ILE A 301 -45.44 14.69 -13.35
C ILE A 301 -45.56 13.94 -12.03
N ASP A 302 -46.68 13.24 -11.81
CA ASP A 302 -46.86 12.51 -10.56
C ASP A 302 -45.82 11.40 -10.42
N TYR A 303 -45.55 10.66 -11.50
CA TYR A 303 -44.53 9.62 -11.43
C TYR A 303 -43.15 10.20 -11.15
N ILE A 304 -42.81 11.32 -11.80
CA ILE A 304 -41.51 11.95 -11.58
C ILE A 304 -41.38 12.42 -10.13
N ALA A 305 -42.43 13.06 -9.61
CA ALA A 305 -42.38 13.56 -8.24
C ALA A 305 -42.32 12.42 -7.23
N GLN A 306 -43.06 11.34 -7.48
CA GLN A 306 -43.01 10.18 -6.60
C GLN A 306 -41.67 9.45 -6.67
N GLU A 307 -40.96 9.52 -7.80
CA GLU A 307 -39.67 8.85 -7.91
C GLU A 307 -38.53 9.65 -7.30
N THR A 308 -38.42 10.95 -7.58
CA THR A 308 -37.24 11.70 -7.18
C THR A 308 -37.62 12.91 -6.34
N GLY A 309 -36.63 13.41 -5.61
CA GLY A 309 -36.77 14.64 -4.85
C GLY A 309 -35.77 15.67 -5.34
N ASP A 310 -35.47 15.63 -6.63
CA ASP A 310 -34.46 16.48 -7.26
C ASP A 310 -35.16 17.48 -8.18
N ILE A 311 -34.82 18.76 -8.03
CA ILE A 311 -35.45 19.78 -8.87
C ILE A 311 -34.77 19.88 -10.23
N ARG A 312 -33.52 19.44 -10.37
CA ARG A 312 -32.81 19.50 -11.63
C ARG A 312 -33.03 18.25 -12.48
N SER A 313 -32.88 17.06 -11.87
CA SER A 313 -33.10 15.82 -12.58
C SER A 313 -34.55 15.65 -13.02
N ALA A 314 -35.52 16.13 -12.23
CA ALA A 314 -36.91 16.09 -12.65
C ALA A 314 -37.15 16.90 -13.91
N ILE A 315 -36.59 18.12 -13.96
CA ILE A 315 -36.74 18.95 -15.15
C ILE A 315 -36.01 18.34 -16.33
N THR A 316 -34.84 17.74 -16.09
CA THR A 316 -34.12 17.07 -17.18
C THR A 316 -34.92 15.90 -17.74
N THR A 317 -35.52 15.09 -16.87
CA THR A 317 -36.34 13.98 -17.32
C THR A 317 -37.58 14.48 -18.06
N LEU A 318 -38.19 15.56 -17.57
CA LEU A 318 -39.35 16.13 -18.25
C LEU A 318 -39.00 16.60 -19.65
N GLN A 319 -37.85 17.27 -19.78
CA GLN A 319 -37.41 17.72 -21.10
C GLN A 319 -37.10 16.54 -22.02
N PHE A 320 -36.42 15.51 -21.49
CA PHE A 320 -36.08 14.35 -22.28
C PHE A 320 -37.31 13.56 -22.70
N TRP A 321 -38.39 13.62 -21.92
CA TRP A 321 -39.64 12.95 -22.29
C TRP A 321 -40.48 13.78 -23.27
N ALA A 322 -40.58 15.09 -23.04
CA ALA A 322 -41.37 15.93 -23.92
C ALA A 322 -40.73 16.07 -25.30
N THR A 323 -39.41 16.20 -25.35
CA THR A 323 -38.72 16.31 -26.63
C THR A 323 -38.69 14.99 -27.39
N SER A 324 -38.99 13.87 -26.74
CA SER A 324 -39.01 12.58 -27.38
C SER A 324 -40.24 12.43 -28.28
N SER A 325 -40.22 11.39 -29.11
CA SER A 325 -41.33 11.11 -30.01
C SER A 325 -41.66 9.62 -30.03
N GLY A 326 -41.46 8.93 -28.91
CA GLY A 326 -41.73 7.51 -28.82
C GLY A 326 -42.21 7.07 -27.46
N SER A 327 -42.00 5.80 -27.13
CA SER A 327 -42.44 5.21 -25.87
C SER A 327 -41.24 4.78 -25.03
N LEU A 328 -40.21 5.62 -24.98
CA LEU A 328 -39.03 5.32 -24.17
C LEU A 328 -39.39 5.41 -22.70
N PRO A 329 -39.19 4.36 -21.91
CA PRO A 329 -39.47 4.45 -20.46
C PRO A 329 -38.56 5.47 -19.79
N ILE A 330 -39.18 6.47 -19.17
CA ILE A 330 -38.41 7.54 -18.53
C ILE A 330 -37.69 7.00 -17.30
N SER A 331 -36.62 7.68 -16.92
CA SER A 331 -35.80 7.27 -15.78
C SER A 331 -35.24 8.51 -15.11
N THR A 332 -34.85 8.34 -13.84
CA THR A 332 -34.31 9.42 -13.03
C THR A 332 -33.14 8.87 -12.24
N ARG A 333 -32.31 9.77 -11.71
CA ARG A 333 -31.16 9.36 -10.92
C ARG A 333 -31.59 8.61 -9.66
N GLU A 334 -30.77 7.64 -9.26
CA GLU A 334 -31.08 6.83 -8.10
C GLU A 334 -30.61 7.52 -6.82
N SER A 335 -31.36 7.31 -5.74
CA SER A 335 -31.04 7.86 -4.44
C SER A 335 -30.29 6.83 -3.61
N THR A 336 -29.36 7.31 -2.79
CA THR A 336 -28.54 6.46 -1.93
C THR A 336 -29.24 6.30 -0.59
N ILE A 337 -29.53 5.05 -0.23
CA ILE A 337 -30.18 4.77 1.04
C ILE A 337 -29.19 5.01 2.18
N SER A 338 -29.63 5.78 3.19
CA SER A 338 -28.76 6.19 4.28
C SER A 338 -28.48 5.02 5.23
N TYR A 339 -27.72 5.31 6.29
CA TYR A 339 -27.35 4.28 7.24
C TYR A 339 -28.54 3.83 8.07
N PHE A 340 -29.18 4.77 8.78
CA PHE A 340 -30.38 4.44 9.53
C PHE A 340 -31.52 4.01 8.63
N HIS A 341 -31.61 4.55 7.43
CA HIS A 341 -32.60 4.11 6.45
C HIS A 341 -32.39 2.63 6.10
N ALA A 342 -31.14 2.22 5.86
CA ALA A 342 -30.88 0.83 5.53
C ALA A 342 -31.10 -0.08 6.74
N ILE A 343 -30.77 0.40 7.94
CA ILE A 343 -31.04 -0.38 9.15
C ILE A 343 -32.53 -0.59 9.33
N GLY A 344 -33.33 0.46 9.11
CA GLY A 344 -34.77 0.31 9.18
C GLY A 344 -35.33 -0.59 8.09
N LYS A 345 -34.72 -0.55 6.90
CA LYS A 345 -35.14 -1.45 5.83
C LYS A 345 -34.85 -2.90 6.19
N VAL A 346 -33.71 -3.16 6.81
CA VAL A 346 -33.38 -4.53 7.20
C VAL A 346 -34.29 -5.02 8.32
N ILE A 347 -34.54 -4.16 9.31
CA ILE A 347 -35.28 -4.60 10.50
C ILE A 347 -36.78 -4.68 10.22
N HIS A 348 -37.37 -3.59 9.71
CA HIS A 348 -38.81 -3.51 9.56
C HIS A 348 -39.30 -3.84 8.16
N GLY A 349 -38.44 -3.80 7.15
CA GLY A 349 -38.84 -4.11 5.80
C GLY A 349 -39.27 -2.88 5.01
N SER A 350 -39.23 -3.02 3.69
CA SER A 350 -39.59 -1.94 2.79
C SER A 350 -41.09 -1.96 2.52
N HIS A 351 -41.65 -0.77 2.30
CA HIS A 351 -43.08 -0.62 2.03
C HIS A 351 -43.44 -0.91 0.58
N SER A 352 -42.46 -0.96 -0.33
CA SER A 352 -42.75 -1.15 -1.75
C SER A 352 -42.68 -2.63 -2.14
N THR A 353 -41.55 -3.28 -1.88
CA THR A 353 -41.34 -4.66 -2.28
C THR A 353 -41.67 -5.59 -1.13
N ASN A 354 -42.53 -6.57 -1.39
CA ASN A 354 -42.85 -7.62 -0.43
C ASN A 354 -41.90 -8.80 -0.52
N ASN A 355 -41.02 -8.82 -1.52
CA ASN A 355 -40.02 -9.87 -1.68
C ASN A 355 -38.72 -9.41 -1.01
N ASP A 356 -38.31 -10.12 0.04
CA ASP A 356 -37.12 -9.72 0.78
C ASP A 356 -35.85 -10.00 0.01
N ASN A 357 -35.84 -11.03 -0.84
CA ASN A 357 -34.66 -11.33 -1.65
C ASN A 357 -34.34 -10.19 -2.60
N GLU A 358 -35.37 -9.66 -3.28
CA GLU A 358 -35.17 -8.54 -4.19
C GLU A 358 -34.69 -7.30 -3.45
N MET A 359 -35.28 -7.03 -2.28
CA MET A 359 -34.88 -5.86 -1.51
C MET A 359 -33.43 -5.97 -1.05
N ILE A 360 -33.03 -7.15 -0.57
CA ILE A 360 -31.65 -7.35 -0.13
C ILE A 360 -30.68 -7.23 -1.30
N ASN A 361 -31.03 -7.82 -2.44
CA ASN A 361 -30.16 -7.76 -3.61
C ASN A 361 -30.00 -6.32 -4.09
N ASN A 362 -31.08 -5.55 -4.14
CA ASN A 362 -30.99 -4.16 -4.57
C ASN A 362 -30.25 -3.30 -3.55
N LEU A 363 -30.41 -3.57 -2.25
CA LEU A 363 -29.65 -2.84 -1.23
C LEU A 363 -28.16 -3.13 -1.35
N PHE A 364 -27.79 -4.38 -1.64
CA PHE A 364 -26.39 -4.73 -1.80
C PHE A 364 -25.80 -4.22 -3.11
N GLU A 365 -26.61 -4.11 -4.16
CA GLU A 365 -26.13 -3.61 -5.44
C GLU A 365 -26.23 -2.09 -5.58
N ASN A 366 -26.85 -1.41 -4.63
CA ASN A 366 -26.98 0.04 -4.69
C ASN A 366 -26.26 0.73 -3.54
N SER A 367 -26.09 0.03 -2.43
CA SER A 367 -25.47 0.60 -1.24
C SER A 367 -24.44 -0.36 -0.65
N ASN A 368 -23.57 -0.90 -1.51
CA ASN A 368 -22.54 -1.82 -1.04
C ASN A 368 -21.50 -1.12 -0.19
N ASN A 369 -21.27 0.17 -0.42
CA ASN A 369 -20.29 0.92 0.36
C ASN A 369 -20.69 1.09 1.82
N LEU A 370 -21.97 0.88 2.14
CA LEU A 370 -22.46 0.98 3.51
C LEU A 370 -22.75 -0.38 4.13
N LEU A 371 -23.33 -1.31 3.37
CA LEU A 371 -23.62 -2.64 3.91
C LEU A 371 -22.35 -3.41 4.21
N SER A 372 -21.34 -3.31 3.35
CA SER A 372 -20.09 -4.06 3.53
C SER A 372 -19.14 -3.29 4.44
N LYS A 373 -19.57 -3.14 5.70
CA LYS A 373 -18.79 -2.47 6.72
C LYS A 373 -19.00 -3.19 8.04
N GLU A 374 -18.47 -2.62 9.12
CA GLU A 374 -18.67 -3.15 10.46
C GLU A 374 -19.70 -2.35 11.25
N ASP A 375 -19.82 -1.05 10.97
CA ASP A 375 -20.80 -0.22 11.66
C ASP A 375 -22.23 -0.67 11.37
N PHE A 376 -22.48 -1.22 10.19
CA PHE A 376 -23.83 -1.69 9.88
C PHE A 376 -24.19 -2.92 10.70
N LYS A 377 -23.27 -3.89 10.77
CA LYS A 377 -23.53 -5.07 11.59
C LYS A 377 -23.55 -4.75 13.08
N LEU A 378 -22.86 -3.69 13.49
CA LEU A 378 -22.99 -3.25 14.88
C LEU A 378 -24.32 -2.56 15.14
N GLY A 379 -24.79 -1.77 14.17
CA GLY A 379 -26.08 -1.12 14.30
C GLY A 379 -27.24 -2.10 14.31
N ILE A 380 -27.13 -3.20 13.55
CA ILE A 380 -28.15 -4.23 13.60
C ILE A 380 -28.26 -4.81 15.00
N LEU A 381 -27.10 -5.11 15.61
CA LEU A 381 -27.09 -5.63 16.97
C LEU A 381 -27.58 -4.60 17.99
N GLU A 382 -27.33 -3.32 17.72
CA GLU A 382 -27.75 -2.27 18.65
C GLU A 382 -29.21 -1.86 18.47
N ASN A 383 -29.84 -2.21 17.35
CA ASN A 383 -31.19 -1.74 17.06
C ASN A 383 -32.20 -2.84 16.78
N TYR A 384 -31.82 -4.13 16.85
CA TYR A 384 -32.82 -5.18 16.66
C TYR A 384 -33.81 -5.25 17.82
N ASN A 385 -33.52 -4.61 18.94
CA ASN A 385 -34.42 -4.61 20.08
C ASN A 385 -35.53 -3.57 19.97
N THR A 386 -35.55 -2.77 18.90
CA THR A 386 -36.54 -1.73 18.71
C THR A 386 -37.69 -2.16 17.79
N PHE A 387 -37.75 -3.44 17.44
CA PHE A 387 -38.84 -3.92 16.58
C PHE A 387 -40.18 -3.81 17.28
N ASN A 388 -40.26 -4.32 18.50
CA ASN A 388 -41.47 -4.24 19.32
C ASN A 388 -41.21 -3.53 20.64
N LYS A 389 -40.24 -2.62 20.65
CA LYS A 389 -39.72 -2.00 21.87
C LYS A 389 -39.24 -3.05 22.86
N GLY A 390 -38.68 -4.15 22.35
CA GLY A 390 -38.22 -5.25 23.15
C GLY A 390 -39.24 -6.34 23.42
N GLU A 391 -40.45 -6.21 22.89
CA GLU A 391 -41.53 -7.16 23.17
C GLU A 391 -41.63 -8.22 22.07
N PHE A 392 -40.59 -9.02 21.94
CA PHE A 392 -40.60 -10.19 21.08
C PHE A 392 -39.88 -11.33 21.78
N SER A 393 -40.01 -12.53 21.20
CA SER A 393 -39.49 -13.73 21.84
C SER A 393 -37.97 -13.72 21.91
N ILE A 394 -37.44 -14.28 23.00
CA ILE A 394 -36.00 -14.36 23.17
C ILE A 394 -35.40 -15.41 22.23
N SER A 395 -36.18 -16.40 21.81
CA SER A 395 -35.70 -17.40 20.86
C SER A 395 -35.40 -16.78 19.49
N ASP A 396 -36.06 -15.68 19.14
CA ASP A 396 -35.75 -14.94 17.93
C ASP A 396 -34.52 -14.04 18.11
N ALA A 397 -34.38 -13.44 19.30
CA ALA A 397 -33.19 -12.64 19.58
C ALA A 397 -31.93 -13.50 19.53
N SER A 398 -32.00 -14.71 20.08
CA SER A 398 -30.87 -15.63 19.99
C SER A 398 -30.58 -16.02 18.56
N SER A 399 -31.61 -16.28 17.75
CA SER A 399 -31.41 -16.60 16.35
C SER A 399 -30.87 -15.43 15.54
N ILE A 400 -31.01 -14.21 16.05
CA ILE A 400 -30.39 -13.06 15.39
C ILE A 400 -28.93 -12.91 15.82
N VAL A 401 -28.67 -12.93 17.12
CA VAL A 401 -27.31 -12.72 17.60
C VAL A 401 -26.36 -13.87 17.26
N ASP A 402 -26.83 -15.12 17.25
CA ASP A 402 -25.92 -16.21 16.89
C ASP A 402 -25.51 -16.13 15.42
N CYS A 403 -26.43 -15.73 14.54
CA CYS A 403 -26.04 -15.50 13.15
C CYS A 403 -25.10 -14.31 13.01
N LEU A 404 -25.35 -13.24 13.76
CA LEU A 404 -24.45 -12.09 13.71
C LEU A 404 -23.06 -12.43 14.24
N SER A 405 -22.96 -13.35 15.21
CA SER A 405 -21.67 -13.82 15.70
C SER A 405 -21.00 -14.79 14.74
N GLU A 406 -21.77 -15.64 14.07
CA GLU A 406 -21.22 -16.52 13.04
C GLU A 406 -20.71 -15.74 11.84
N CYS A 407 -21.32 -14.59 11.54
CA CYS A 407 -20.85 -13.73 10.46
C CYS A 407 -19.53 -13.06 10.77
N ASP A 408 -19.23 -12.84 12.05
CA ASP A 408 -17.97 -12.19 12.43
C ASP A 408 -16.77 -13.08 12.20
N ASN A 409 -16.97 -14.40 12.11
CA ASN A 409 -15.88 -15.34 11.88
C ASN A 409 -15.67 -15.65 10.40
N MET A 410 -16.44 -15.03 9.52
CA MET A 410 -16.31 -15.25 8.08
C MET A 410 -15.29 -14.32 7.44
N ASN A 411 -14.62 -13.47 8.23
CA ASN A 411 -13.51 -12.62 7.78
C ASN A 411 -13.94 -11.67 6.67
N GLY A 412 -15.12 -11.09 6.81
CA GLY A 412 -15.57 -10.06 5.87
C GLY A 412 -15.86 -10.56 4.47
N LEU A 413 -16.18 -11.84 4.31
CA LEU A 413 -16.54 -12.35 3.00
C LEU A 413 -17.87 -11.76 2.54
N PRO A 414 -18.08 -11.64 1.23
CA PRO A 414 -19.37 -11.12 0.75
C PRO A 414 -20.56 -12.01 1.10
N GLU A 415 -20.33 -13.28 1.40
CA GLU A 415 -21.39 -14.18 1.82
C GLU A 415 -21.76 -14.02 3.29
N SER A 416 -21.01 -13.21 4.04
CA SER A 416 -21.29 -13.00 5.46
C SER A 416 -22.37 -11.93 5.67
N ASN A 417 -22.20 -10.77 5.03
CA ASN A 417 -23.21 -9.71 5.17
C ASN A 417 -24.53 -10.15 4.56
N GLU A 418 -24.50 -10.85 3.43
CA GLU A 418 -25.71 -11.31 2.78
C GLU A 418 -26.47 -12.35 3.60
N TYR A 419 -25.79 -13.01 4.54
CA TYR A 419 -26.46 -13.93 5.45
C TYR A 419 -26.93 -13.23 6.72
N GLY A 420 -26.09 -12.34 7.27
CA GLY A 420 -26.45 -11.62 8.48
C GLY A 420 -27.50 -10.56 8.28
N LEU A 421 -27.76 -10.14 7.04
CA LEU A 421 -28.86 -9.24 6.75
C LEU A 421 -30.12 -9.97 6.30
N ARG A 422 -30.01 -11.21 5.84
CA ARG A 422 -31.16 -12.00 5.45
C ARG A 422 -31.79 -12.73 6.63
N GLU A 423 -30.96 -13.27 7.54
CA GLU A 423 -31.50 -14.00 8.68
C GLU A 423 -32.29 -13.07 9.60
N VAL A 424 -31.77 -11.86 9.84
CA VAL A 424 -32.49 -10.89 10.68
C VAL A 424 -33.80 -10.49 10.03
N ARG A 425 -33.79 -10.26 8.72
CA ARG A 425 -35.01 -9.87 8.02
C ARG A 425 -36.05 -11.00 8.06
N LYS A 426 -35.61 -12.25 7.86
CA LYS A 426 -36.54 -13.37 7.94
C LYS A 426 -37.11 -13.52 9.34
N THR A 427 -36.26 -13.35 10.37
CA THR A 427 -36.72 -13.46 11.75
C THR A 427 -37.74 -12.39 12.08
N PHE A 428 -37.51 -11.15 11.62
CA PHE A 428 -38.46 -10.08 11.90
C PHE A 428 -39.69 -10.12 10.99
N ARG A 429 -39.61 -10.84 9.88
CA ARG A 429 -40.79 -11.03 9.03
C ARG A 429 -41.70 -12.12 9.58
N ASN A 430 -41.12 -13.19 10.12
CA ASN A 430 -41.93 -14.28 10.67
C ASN A 430 -42.72 -13.86 11.90
N ILE A 431 -42.34 -12.76 12.55
CA ILE A 431 -43.04 -12.26 13.71
C ILE A 431 -43.71 -10.91 13.43
N SER A 432 -43.87 -10.56 12.15
CA SER A 432 -44.38 -9.26 11.75
C SER A 432 -45.91 -9.28 11.78
N LYS A 433 -46.49 -8.58 12.77
CA LYS A 433 -47.93 -8.40 12.86
C LYS A 433 -48.23 -6.92 13.04
N GLN A 434 -49.42 -6.51 12.61
CA GLN A 434 -49.81 -5.13 12.73
C GLN A 434 -50.15 -4.79 14.18
N GLY A 435 -50.22 -3.48 14.47
CA GLY A 435 -50.41 -3.01 15.82
C GLY A 435 -49.14 -2.92 16.65
N HIS A 436 -47.99 -3.23 16.07
CA HIS A 436 -46.72 -3.18 16.80
C HIS A 436 -46.21 -1.75 16.83
N ASN A 437 -45.97 -1.23 18.02
CA ASN A 437 -45.39 0.11 18.20
C ASN A 437 -43.88 -0.04 18.30
N HIS A 438 -43.18 0.24 17.21
CA HIS A 438 -41.74 0.06 17.15
C HIS A 438 -41.03 1.19 17.92
N GLY A 439 -39.72 1.00 18.12
CA GLY A 439 -38.90 1.96 18.82
C GLY A 439 -38.04 2.78 17.87
N THR A 440 -37.23 3.65 18.47
CA THR A 440 -36.33 4.53 17.74
C THR A 440 -34.93 3.93 17.73
N VAL A 441 -34.36 3.78 16.53
CA VAL A 441 -33.03 3.19 16.41
C VAL A 441 -31.97 4.19 16.88
N TYR A 442 -30.76 3.68 17.09
CA TYR A 442 -29.65 4.50 17.57
C TYR A 442 -28.34 3.98 16.99
N PHE A 443 -27.35 4.85 16.97
CA PHE A 443 -26.03 4.48 16.48
C PHE A 443 -25.34 3.54 17.47
N PRO A 444 -24.48 2.64 16.98
CA PRO A 444 -23.73 1.77 17.89
C PRO A 444 -22.88 2.56 18.87
N ARG A 445 -22.73 2.01 20.08
CA ARG A 445 -22.03 2.67 21.17
C ARG A 445 -20.60 2.18 21.33
N GLU A 446 -20.07 1.47 20.34
CA GLU A 446 -18.70 0.98 20.43
C GLU A 446 -17.67 2.11 20.38
N TRP A 447 -18.01 3.23 19.73
CA TRP A 447 -17.10 4.37 19.67
C TRP A 447 -16.84 4.99 21.04
N LYS A 448 -17.82 4.97 21.95
CA LYS A 448 -17.59 5.41 23.31
C LYS A 448 -16.81 4.38 24.12
N VAL A 449 -17.06 3.09 23.88
CA VAL A 449 -16.32 2.03 24.57
C VAL A 449 -14.84 2.11 24.23
N ARG A 450 -14.52 2.35 22.96
CA ARG A 450 -13.11 2.47 22.56
C ARG A 450 -12.44 3.67 23.22
N LYS A 451 -13.16 4.79 23.34
CA LYS A 451 -12.57 5.97 23.97
C LYS A 451 -12.34 5.74 25.47
N LEU A 452 -13.28 5.08 26.14
CA LEU A 452 -13.07 4.72 27.54
C LEU A 452 -11.90 3.75 27.67
N GLN A 453 -11.76 2.83 26.71
CA GLN A 453 -10.62 1.91 26.73
C GLN A 453 -9.31 2.65 26.56
N ASN A 454 -9.27 3.66 25.69
CA ASN A 454 -8.05 4.43 25.50
C ASN A 454 -7.72 5.24 26.75
N SER A 455 -8.75 5.79 27.42
CA SER A 455 -8.52 6.46 28.69
C SER A 455 -7.96 5.50 29.73
N PHE A 456 -8.49 4.27 29.77
CA PHE A 456 -7.96 3.26 30.67
C PHE A 456 -6.51 2.92 30.32
N LYS A 457 -6.19 2.87 29.02
CA LYS A 457 -4.82 2.60 28.59
C LYS A 457 -3.87 3.67 29.09
N VAL A 458 -4.27 4.94 28.95
CA VAL A 458 -3.44 6.05 29.42
C VAL A 458 -3.26 6.00 30.93
N GLN A 459 -4.35 5.74 31.66
CA GLN A 459 -4.27 5.67 33.11
C GLN A 459 -3.38 4.51 33.58
N ALA A 460 -3.48 3.36 32.92
CA ALA A 460 -2.64 2.23 33.28
C ALA A 460 -1.17 2.49 32.93
N GLU A 461 -0.92 3.19 31.83
CA GLU A 461 0.45 3.60 31.51
C GLU A 461 1.01 4.52 32.58
N ASP A 462 0.20 5.47 33.05
CA ASP A 462 0.63 6.34 34.14
C ASP A 462 0.88 5.56 35.42
N TRP A 463 0.02 4.58 35.71
CA TRP A 463 0.21 3.72 36.88
C TRP A 463 1.53 2.97 36.81
N LEU A 464 1.83 2.39 35.64
CA LEU A 464 3.08 1.66 35.47
C LEU A 464 4.28 2.60 35.56
N ASN A 465 4.16 3.81 35.02
CA ASN A 465 5.26 4.76 35.08
C ASN A 465 5.53 5.20 36.52
N VAL A 466 4.47 5.49 37.28
CA VAL A 466 4.66 5.93 38.66
C VAL A 466 5.04 4.78 39.58
N SER A 467 4.75 3.54 39.17
CA SER A 467 5.12 2.38 39.98
C SER A 467 6.52 1.87 39.69
N LEU A 468 7.27 2.55 38.80
CA LEU A 468 8.60 2.09 38.44
C LEU A 468 9.66 3.18 38.57
N TYR A 469 9.27 4.39 38.95
CA TYR A 469 10.24 5.44 39.26
C TYR A 469 10.18 5.88 40.71
N LYS A 470 8.99 5.87 41.33
CA LYS A 470 8.89 6.01 42.77
C LYS A 470 9.10 4.69 43.51
N TYR A 471 9.13 3.58 42.79
CA TYR A 471 9.40 2.26 43.34
C TYR A 471 10.19 1.48 42.30
N ASN A 472 10.33 0.17 42.53
CA ASN A 472 11.02 -0.71 41.59
C ASN A 472 10.21 -1.99 41.46
N ALA A 473 9.29 -2.01 40.51
CA ALA A 473 8.43 -3.16 40.27
C ALA A 473 7.89 -3.10 38.86
N VAL A 474 8.00 -4.20 38.12
CA VAL A 474 7.49 -4.30 36.76
C VAL A 474 6.26 -5.20 36.78
N HIS A 475 5.15 -4.69 36.25
CA HIS A 475 3.91 -5.44 36.19
C HIS A 475 3.28 -5.29 34.81
N SER A 476 2.64 -6.36 34.35
CA SER A 476 2.06 -6.39 33.02
C SER A 476 0.75 -5.64 32.99
N PHE A 477 0.32 -5.30 31.75
CA PHE A 477 -0.95 -4.59 31.58
C PHE A 477 -2.13 -5.47 31.98
N ARG A 478 -2.11 -6.74 31.58
CA ARG A 478 -3.22 -7.64 31.91
C ARG A 478 -3.38 -7.79 33.42
N ASN A 479 -2.26 -7.94 34.14
CA ASN A 479 -2.31 -7.98 35.59
C ASN A 479 -2.85 -6.67 36.15
N ILE A 480 -2.54 -5.54 35.52
CA ILE A 480 -3.08 -4.26 35.97
C ILE A 480 -4.60 -4.27 35.86
N THR A 481 -5.13 -4.59 34.68
CA THR A 481 -6.58 -4.57 34.48
C THR A 481 -7.30 -5.60 35.33
N LEU A 482 -6.66 -6.72 35.66
CA LEU A 482 -7.33 -7.76 36.44
C LEU A 482 -7.25 -7.56 37.94
N GLU A 483 -6.09 -7.16 38.47
CA GLU A 483 -5.89 -7.06 39.94
C GLU A 483 -5.39 -5.69 40.40
N PHE A 484 -4.38 -5.10 39.76
CA PHE A 484 -3.75 -3.83 40.23
C PHE A 484 -4.46 -2.59 39.68
N GLY A 485 -5.65 -2.71 39.11
CA GLY A 485 -6.44 -1.56 38.64
C GLY A 485 -7.50 -1.23 39.67
N TYR A 486 -7.77 -2.14 40.60
CA TYR A 486 -8.74 -1.99 41.67
C TYR A 486 -8.14 -2.13 43.07
N TYR A 487 -7.27 -3.13 43.28
CA TYR A 487 -6.72 -3.35 44.61
C TYR A 487 -5.68 -2.28 44.97
N ALA A 488 -4.80 -1.96 44.03
CA ALA A 488 -3.81 -0.91 44.26
C ALA A 488 -4.44 0.45 44.53
N PRO A 489 -5.48 0.91 43.83
CA PRO A 489 -6.15 2.15 44.24
C PRO A 489 -6.67 2.12 45.66
N LEU A 490 -7.26 1.01 46.10
CA LEU A 490 -7.74 0.92 47.48
C LEU A 490 -6.58 0.98 48.47
N ILE A 491 -5.47 0.28 48.16
CA ILE A 491 -4.32 0.29 49.04
C ILE A 491 -3.73 1.68 49.15
N ARG A 492 -3.59 2.38 48.02
CA ARG A 492 -3.12 3.76 48.04
C ARG A 492 -4.11 4.72 48.67
N LYS A 493 -5.38 4.32 48.76
CA LYS A 493 -6.38 5.19 49.43
C LYS A 493 -6.29 4.99 50.95
N CYS A 494 -5.86 3.81 51.38
CA CYS A 494 -5.80 3.50 52.84
C CYS A 494 -4.37 3.68 53.35
N GLN A 495 -3.40 3.03 52.70
CA GLN A 495 -1.99 3.10 53.15
C GLN A 495 -1.50 4.55 53.12
N SER A 496 -1.84 5.29 52.06
CA SER A 496 -1.30 6.67 51.92
C SER A 496 -2.32 7.71 52.38
N TYR A 497 -3.50 7.77 51.73
CA TYR A 497 -4.48 8.83 52.05
C TYR A 497 -4.96 8.72 53.50
N LYS A 498 -5.39 7.54 53.94
CA LYS A 498 -5.96 7.42 55.31
C LYS A 498 -4.90 7.77 56.36
N LYS A 499 -3.66 7.32 56.15
CA LYS A 499 -2.58 7.58 57.13
C LYS A 499 -1.49 8.44 56.47
N ILE A 533 0.90 13.15 41.60
CA ILE A 533 1.47 12.76 42.88
C ILE A 533 1.42 11.25 43.06
N ASP A 534 0.27 10.66 42.80
CA ASP A 534 0.07 9.21 42.89
C ASP A 534 -1.26 8.89 42.22
N VAL A 535 -1.62 7.61 42.26
CA VAL A 535 -2.91 7.13 41.77
C VAL A 535 -3.69 6.57 42.95
N VAL A 536 -4.90 7.08 43.15
CA VAL A 536 -5.70 6.70 44.31
C VAL A 536 -7.07 6.15 43.93
N ASP A 537 -7.61 6.49 42.78
CA ASP A 537 -8.91 6.02 42.34
C ASP A 537 -8.76 4.83 41.38
N ARG A 538 -9.87 4.14 41.15
CA ARG A 538 -9.86 2.98 40.26
C ARG A 538 -9.47 3.41 38.85
N ILE A 539 -8.68 2.56 38.18
CA ILE A 539 -8.16 2.90 36.87
C ILE A 539 -9.31 2.94 35.86
N GLY A 540 -9.43 4.08 35.17
CA GLY A 540 -10.51 4.24 34.21
C GLY A 540 -11.87 4.38 34.86
N GLY A 541 -11.91 4.69 36.15
CA GLY A 541 -13.15 4.84 36.86
C GLY A 541 -13.70 3.53 37.39
N PRO A 542 -14.63 3.61 38.33
CA PRO A 542 -15.27 2.40 38.86
C PRO A 542 -16.04 1.60 37.81
N ILE A 543 -16.66 0.51 38.24
CA ILE A 543 -17.45 -0.32 37.33
C ILE A 543 -18.89 0.20 37.39
N GLU A 544 -19.06 1.36 38.02
CA GLU A 544 -20.38 1.99 38.23
C GLU A 544 -21.34 1.04 38.94
N LEU B 5 1.30 -13.27 -42.11
CA LEU B 5 0.16 -12.68 -41.41
C LEU B 5 -0.77 -11.98 -42.39
N SER B 6 -1.72 -11.21 -41.86
CA SER B 6 -2.69 -10.51 -42.70
C SER B 6 -3.20 -9.30 -41.94
N LEU B 7 -3.78 -8.37 -42.70
CA LEU B 7 -4.38 -7.16 -42.14
C LEU B 7 -5.86 -7.33 -41.84
N GLN B 8 -6.39 -8.54 -42.01
CA GLN B 8 -7.81 -8.80 -41.78
C GLN B 8 -8.18 -8.58 -40.31
N LEU B 9 -8.98 -7.55 -40.05
CA LEU B 9 -9.36 -7.23 -38.69
C LEU B 9 -10.29 -8.31 -38.13
N PRO B 10 -10.26 -8.51 -36.81
CA PRO B 10 -11.29 -9.36 -36.19
C PRO B 10 -12.68 -8.78 -36.41
N TRP B 11 -13.66 -9.68 -36.52
CA TRP B 11 -15.01 -9.26 -36.90
C TRP B 11 -15.66 -8.37 -35.85
N VAL B 12 -15.16 -8.37 -34.62
CA VAL B 12 -15.64 -7.43 -33.62
C VAL B 12 -15.31 -6.00 -34.03
N GLU B 13 -14.13 -5.78 -34.61
CA GLU B 13 -13.74 -4.48 -35.12
C GLU B 13 -14.06 -4.30 -36.60
N LYS B 14 -14.06 -5.39 -37.37
CA LYS B 14 -14.41 -5.28 -38.79
C LYS B 14 -15.88 -4.95 -38.98
N TYR B 15 -16.75 -5.45 -38.12
CA TYR B 15 -18.19 -5.25 -38.23
C TYR B 15 -18.73 -4.43 -37.08
N ARG B 16 -17.96 -3.45 -36.63
CA ARG B 16 -18.47 -2.47 -35.67
C ARG B 16 -19.37 -1.49 -36.40
N PRO B 17 -20.61 -1.27 -35.95
CA PRO B 17 -21.52 -0.38 -36.67
C PRO B 17 -20.98 1.03 -36.76
N GLN B 18 -21.09 1.62 -37.94
CA GLN B 18 -20.65 2.99 -38.18
C GLN B 18 -21.82 3.96 -38.31
N VAL B 19 -23.06 3.47 -38.25
CA VAL B 19 -24.25 4.30 -38.27
C VAL B 19 -25.19 3.82 -37.16
N LEU B 20 -26.07 4.72 -36.74
CA LEU B 20 -27.02 4.38 -35.68
C LEU B 20 -28.08 3.40 -36.14
N SER B 21 -28.27 3.24 -37.45
CA SER B 21 -29.27 2.30 -37.96
C SER B 21 -28.78 0.86 -37.93
N ASP B 22 -27.48 0.65 -37.73
CA ASP B 22 -26.91 -0.72 -37.72
C ASP B 22 -26.79 -1.25 -36.29
N ILE B 23 -26.97 -0.38 -35.29
CA ILE B 23 -26.90 -0.82 -33.86
C ILE B 23 -28.24 -1.48 -33.50
N VAL B 24 -28.24 -2.80 -33.31
CA VAL B 24 -29.49 -3.55 -33.00
C VAL B 24 -29.79 -3.44 -31.51
N GLY B 25 -30.98 -3.85 -31.09
CA GLY B 25 -31.32 -3.84 -29.65
C GLY B 25 -31.81 -2.50 -29.16
N ASN B 26 -32.34 -2.45 -27.94
CA ASN B 26 -32.83 -1.18 -27.34
C ASN B 26 -33.40 -0.26 -28.42
N LYS B 27 -34.38 -0.73 -29.18
CA LYS B 27 -34.94 0.09 -30.26
C LYS B 27 -35.45 1.43 -29.73
N GLU B 28 -36.12 1.42 -28.58
CA GLU B 28 -36.67 2.66 -28.03
C GLU B 28 -35.60 3.66 -27.64
N THR B 29 -34.38 3.20 -27.39
CA THR B 29 -33.27 4.10 -27.07
C THR B 29 -32.49 4.51 -28.32
N ILE B 30 -32.29 3.59 -29.26
CA ILE B 30 -31.59 3.91 -30.49
C ILE B 30 -32.40 4.91 -31.32
N ASP B 31 -33.73 4.74 -31.34
CA ASP B 31 -34.58 5.70 -32.05
C ASP B 31 -34.50 7.09 -31.43
N ARG B 32 -34.47 7.17 -30.10
CA ARG B 32 -34.31 8.47 -29.45
C ARG B 32 -32.94 9.07 -29.75
N LEU B 33 -31.90 8.24 -29.80
CA LEU B 33 -30.57 8.74 -30.16
C LEU B 33 -30.56 9.28 -31.59
N GLN B 34 -31.25 8.60 -32.51
CA GLN B 34 -31.35 9.10 -33.87
C GLN B 34 -32.13 10.41 -33.92
N GLN B 35 -33.19 10.53 -33.11
CA GLN B 35 -33.94 11.78 -33.03
C GLN B 35 -33.05 12.92 -32.53
N ILE B 36 -32.20 12.64 -31.54
CA ILE B 36 -31.25 13.63 -31.05
C ILE B 36 -30.26 14.00 -32.16
N ALA B 37 -29.78 12.99 -32.90
CA ALA B 37 -28.81 13.23 -33.96
C ALA B 37 -29.39 14.10 -35.08
N LYS B 38 -30.68 13.95 -35.37
CA LYS B 38 -31.32 14.79 -36.38
C LYS B 38 -31.64 16.18 -35.86
N ASP B 39 -32.25 16.27 -34.67
CA ASP B 39 -32.63 17.57 -34.12
C ASP B 39 -31.41 18.40 -33.77
N GLY B 40 -30.44 17.79 -33.08
CA GLY B 40 -29.21 18.47 -32.77
C GLY B 40 -28.96 18.70 -31.29
N ASN B 41 -30.00 19.10 -30.56
CA ASN B 41 -29.87 19.43 -29.15
C ASN B 41 -29.65 18.14 -28.36
N MET B 42 -28.41 17.91 -27.94
CA MET B 42 -28.05 16.70 -27.22
C MET B 42 -27.89 17.01 -25.75
N PRO B 43 -28.75 16.51 -24.87
CA PRO B 43 -28.56 16.73 -23.43
C PRO B 43 -27.41 15.89 -22.90
N HIS B 44 -26.94 16.26 -21.72
CA HIS B 44 -25.97 15.44 -21.02
C HIS B 44 -26.60 14.10 -20.68
N MET B 45 -25.94 13.02 -21.06
CA MET B 45 -26.51 11.68 -20.93
C MET B 45 -25.52 10.73 -20.29
N ILE B 46 -26.06 9.75 -19.57
CA ILE B 46 -25.28 8.67 -18.97
C ILE B 46 -25.84 7.37 -19.51
N ILE B 47 -25.06 6.66 -20.30
CA ILE B 47 -25.47 5.39 -20.89
C ILE B 47 -24.82 4.27 -20.09
N SER B 48 -25.64 3.41 -19.49
CA SER B 48 -25.17 2.34 -18.63
C SER B 48 -25.86 1.04 -18.98
N GLY B 49 -25.17 -0.07 -18.70
CA GLY B 49 -25.72 -1.37 -18.97
C GLY B 49 -24.65 -2.44 -18.83
N MET B 50 -25.04 -3.66 -19.22
CA MET B 50 -24.14 -4.80 -19.19
C MET B 50 -23.09 -4.67 -20.30
N PRO B 51 -21.94 -5.34 -20.16
CA PRO B 51 -20.91 -5.24 -21.19
C PRO B 51 -21.38 -5.80 -22.54
N GLY B 52 -20.93 -5.14 -23.60
CA GLY B 52 -21.11 -5.65 -24.95
C GLY B 52 -22.49 -5.51 -25.56
N ILE B 53 -23.34 -4.63 -25.04
CA ILE B 53 -24.67 -4.44 -25.60
C ILE B 53 -24.75 -3.22 -26.52
N GLY B 54 -23.64 -2.54 -26.76
CA GLY B 54 -23.62 -1.45 -27.72
C GLY B 54 -23.70 -0.07 -27.09
N LYS B 55 -22.96 0.16 -26.02
CA LYS B 55 -22.96 1.44 -25.34
C LYS B 55 -21.92 2.41 -25.87
N THR B 56 -20.79 1.89 -26.37
CA THR B 56 -19.74 2.74 -26.94
C THR B 56 -19.98 3.07 -28.40
N THR B 57 -20.34 2.05 -29.20
CA THR B 57 -20.63 2.27 -30.61
C THR B 57 -21.87 3.12 -30.83
N SER B 58 -22.74 3.24 -29.82
CA SER B 58 -23.87 4.16 -29.92
C SER B 58 -23.45 5.61 -29.72
N VAL B 59 -22.67 5.90 -28.68
CA VAL B 59 -22.22 7.26 -28.42
C VAL B 59 -21.30 7.73 -29.54
N HIS B 60 -20.38 6.88 -30.00
CA HIS B 60 -19.47 7.28 -31.06
C HIS B 60 -20.21 7.59 -32.36
N CYS B 61 -21.17 6.74 -32.73
CA CYS B 61 -21.96 7.01 -33.93
C CYS B 61 -22.83 8.25 -33.79
N LEU B 62 -23.40 8.47 -32.59
CA LEU B 62 -24.19 9.68 -32.36
C LEU B 62 -23.34 10.92 -32.50
N ALA B 63 -22.12 10.91 -31.93
CA ALA B 63 -21.22 12.05 -32.07
C ALA B 63 -20.82 12.26 -33.52
N HIS B 64 -20.52 11.18 -34.23
CA HIS B 64 -20.12 11.29 -35.64
C HIS B 64 -21.23 11.93 -36.47
N GLU B 65 -22.46 11.42 -36.33
CA GLU B 65 -23.57 11.98 -37.10
C GLU B 65 -23.88 13.42 -36.68
N LEU B 66 -23.79 13.71 -35.38
CA LEU B 66 -24.13 15.04 -34.90
C LEU B 66 -23.12 16.09 -35.35
N LEU B 67 -21.85 15.71 -35.48
CA LEU B 67 -20.82 16.71 -35.79
C LEU B 67 -20.33 16.70 -37.22
N GLY B 68 -20.62 15.66 -38.00
CA GLY B 68 -20.27 15.68 -39.41
C GLY B 68 -18.77 15.74 -39.62
N ARG B 69 -18.32 16.76 -40.34
CA ARG B 69 -16.91 16.94 -40.63
C ARG B 69 -16.13 17.59 -39.49
N SER B 70 -16.83 18.06 -38.45
CA SER B 70 -16.18 18.68 -37.30
C SER B 70 -15.91 17.68 -36.19
N TYR B 71 -15.85 16.38 -36.51
CA TYR B 71 -15.64 15.37 -35.48
C TYR B 71 -14.22 15.41 -34.94
N ALA B 72 -13.23 15.74 -35.77
CA ALA B 72 -11.84 15.73 -35.32
C ALA B 72 -11.60 16.80 -34.27
N ASP B 73 -12.22 17.97 -34.43
CA ASP B 73 -12.02 19.10 -33.53
C ASP B 73 -13.31 19.48 -32.80
N GLY B 74 -14.21 18.53 -32.59
CA GLY B 74 -15.45 18.79 -31.89
C GLY B 74 -15.72 17.82 -30.77
N VAL B 75 -14.94 16.74 -30.71
CA VAL B 75 -15.09 15.74 -29.66
C VAL B 75 -13.79 15.64 -28.87
N LEU B 76 -13.90 15.13 -27.65
CA LEU B 76 -12.74 14.88 -26.79
C LEU B 76 -13.03 13.58 -26.04
N GLU B 77 -12.47 12.49 -26.54
CA GLU B 77 -12.69 11.16 -25.97
C GLU B 77 -11.62 10.89 -24.93
N LEU B 78 -12.03 10.77 -23.67
CA LEU B 78 -11.13 10.48 -22.56
C LEU B 78 -11.55 9.15 -21.94
N ASN B 79 -10.73 8.12 -22.13
CA ASN B 79 -11.00 6.79 -21.63
C ASN B 79 -10.16 6.52 -20.38
N ALA B 80 -10.34 5.35 -19.79
CA ALA B 80 -9.58 4.97 -18.61
C ALA B 80 -8.10 4.75 -18.92
N SER B 81 -7.76 4.52 -20.18
CA SER B 81 -6.35 4.41 -20.58
C SER B 81 -5.63 5.75 -20.53
N ASP B 82 -6.35 6.86 -20.43
CA ASP B 82 -5.76 8.17 -20.25
C ASP B 82 -5.81 8.57 -18.77
N ASP B 83 -4.90 9.45 -18.39
CA ASP B 83 -4.81 9.92 -17.01
C ASP B 83 -5.95 10.91 -16.75
N ARG B 84 -7.10 10.35 -16.35
CA ARG B 84 -8.27 11.17 -16.05
C ARG B 84 -8.27 11.60 -14.58
N GLY B 85 -7.22 12.33 -14.23
CA GLY B 85 -7.08 12.89 -12.89
C GLY B 85 -7.77 14.23 -12.78
N ILE B 86 -7.52 14.91 -11.66
CA ILE B 86 -8.11 16.23 -11.46
C ILE B 86 -7.38 17.30 -12.26
N ASP B 87 -6.08 17.13 -12.49
CA ASP B 87 -5.33 18.09 -13.29
C ASP B 87 -5.82 18.09 -14.74
N VAL B 88 -6.09 16.90 -15.29
CA VAL B 88 -6.58 16.82 -16.66
C VAL B 88 -7.96 17.45 -16.77
N VAL B 89 -8.83 17.20 -15.79
CA VAL B 89 -10.15 17.84 -15.79
C VAL B 89 -10.02 19.35 -15.71
N ARG B 90 -9.09 19.84 -14.88
CA ARG B 90 -8.93 21.28 -14.71
C ARG B 90 -8.24 21.96 -15.87
N ASN B 91 -7.50 21.23 -16.70
CA ASN B 91 -6.77 21.85 -17.80
C ASN B 91 -7.31 21.46 -19.18
N GLN B 92 -7.28 20.18 -19.53
CA GLN B 92 -7.61 19.77 -20.90
C GLN B 92 -9.11 19.88 -21.16
N ILE B 93 -9.92 19.37 -20.24
CA ILE B 93 -11.38 19.45 -20.40
C ILE B 93 -11.82 20.90 -20.35
N LYS B 94 -11.21 21.70 -19.47
CA LYS B 94 -11.55 23.11 -19.38
C LYS B 94 -11.22 23.84 -20.67
N HIS B 95 -10.04 23.57 -21.25
CA HIS B 95 -9.65 24.25 -22.49
C HIS B 95 -10.49 23.78 -23.67
N PHE B 96 -10.89 22.51 -23.69
CA PHE B 96 -11.78 22.05 -24.74
C PHE B 96 -13.17 22.66 -24.61
N ALA B 97 -13.65 22.84 -23.39
CA ALA B 97 -14.94 23.50 -23.18
C ALA B 97 -14.88 24.98 -23.55
N GLN B 98 -13.75 25.64 -23.25
CA GLN B 98 -13.57 27.05 -23.56
C GLN B 98 -13.34 27.30 -25.05
N LYS B 99 -13.10 26.26 -25.84
CA LYS B 99 -12.92 26.44 -27.27
C LYS B 99 -14.20 26.98 -27.90
N LYS B 100 -14.02 27.84 -28.90
CA LYS B 100 -15.13 28.55 -29.54
C LYS B 100 -15.32 28.11 -30.98
N LEU B 101 -15.28 26.80 -31.22
CA LEU B 101 -15.54 26.27 -32.55
C LEU B 101 -16.97 26.56 -32.97
N HIS B 102 -17.12 27.07 -34.19
CA HIS B 102 -18.44 27.41 -34.72
C HIS B 102 -19.06 26.18 -35.36
N LEU B 103 -20.29 25.88 -34.98
CA LEU B 103 -21.02 24.69 -35.38
C LEU B 103 -22.35 25.05 -36.00
N PRO B 104 -22.95 24.16 -36.77
CA PRO B 104 -24.32 24.38 -37.23
C PRO B 104 -25.25 24.53 -36.06
N PRO B 105 -26.33 25.32 -36.21
CA PRO B 105 -27.17 25.64 -35.04
C PRO B 105 -27.85 24.41 -34.49
N GLY B 106 -27.80 24.27 -33.16
CA GLY B 106 -28.28 23.10 -32.47
C GLY B 106 -27.18 22.09 -32.13
N LYS B 107 -26.09 22.08 -32.87
CA LYS B 107 -24.99 21.17 -32.61
C LYS B 107 -24.13 21.67 -31.45
N HIS B 108 -23.52 20.73 -30.73
CA HIS B 108 -22.69 21.05 -29.58
C HIS B 108 -21.48 20.14 -29.57
N LYS B 109 -20.40 20.61 -28.93
CA LYS B 109 -19.24 19.77 -28.70
C LYS B 109 -19.58 18.67 -27.69
N ILE B 110 -18.99 17.51 -27.89
CA ILE B 110 -19.29 16.33 -27.09
C ILE B 110 -18.00 15.85 -26.41
N VAL B 111 -18.04 15.70 -25.10
CA VAL B 111 -16.94 15.14 -24.33
C VAL B 111 -17.33 13.71 -23.98
N ILE B 112 -16.78 12.75 -24.72
CA ILE B 112 -17.14 11.34 -24.56
C ILE B 112 -16.21 10.79 -23.47
N LEU B 113 -16.69 10.82 -22.23
CA LEU B 113 -15.94 10.29 -21.09
C LEU B 113 -16.34 8.83 -20.90
N ASP B 114 -15.80 7.98 -21.77
CA ASP B 114 -16.05 6.54 -21.67
C ASP B 114 -15.40 5.96 -20.42
N GLU B 115 -16.04 4.93 -19.87
CA GLU B 115 -15.60 4.27 -18.64
C GLU B 115 -15.48 5.28 -17.49
N ALA B 116 -16.51 6.11 -17.34
CA ALA B 116 -16.52 7.13 -16.30
C ALA B 116 -16.65 6.56 -14.89
N ASP B 117 -16.96 5.26 -14.77
CA ASP B 117 -17.06 4.65 -13.44
C ASP B 117 -15.69 4.57 -12.76
N SER B 118 -14.62 4.48 -13.54
CA SER B 118 -13.27 4.41 -12.98
C SER B 118 -12.70 5.77 -12.62
N MET B 119 -13.39 6.85 -12.93
CA MET B 119 -12.90 8.19 -12.62
C MET B 119 -12.91 8.43 -11.11
N THR B 120 -11.90 9.17 -10.64
CA THR B 120 -11.78 9.47 -9.22
C THR B 120 -12.85 10.45 -8.79
N ALA B 121 -12.91 10.72 -7.48
CA ALA B 121 -13.93 11.58 -6.91
C ALA B 121 -13.65 13.06 -7.13
N GLY B 122 -12.40 13.49 -6.91
CA GLY B 122 -12.08 14.89 -7.11
C GLY B 122 -12.21 15.32 -8.57
N ALA B 123 -11.87 14.42 -9.49
CA ALA B 123 -12.06 14.71 -10.90
C ALA B 123 -13.53 14.92 -11.23
N GLN B 124 -14.41 14.10 -10.65
CA GLN B 124 -15.84 14.27 -10.87
C GLN B 124 -16.36 15.55 -10.21
N GLN B 125 -15.84 15.91 -9.04
CA GLN B 125 -16.27 17.15 -8.40
C GLN B 125 -15.81 18.39 -9.16
N ALA B 126 -14.66 18.31 -9.83
CA ALA B 126 -14.28 19.40 -10.75
C ALA B 126 -15.09 19.37 -12.04
N LEU B 127 -15.44 18.17 -12.51
CA LEU B 127 -16.34 18.04 -13.65
C LEU B 127 -17.70 18.68 -13.35
N ARG B 128 -18.11 18.69 -12.09
CA ARG B 128 -19.34 19.37 -11.70
C ARG B 128 -19.31 20.83 -12.16
N ARG B 129 -18.25 21.55 -11.78
CA ARG B 129 -18.12 22.95 -12.20
C ARG B 129 -17.90 23.05 -13.70
N THR B 130 -17.23 22.06 -14.28
CA THR B 130 -16.94 22.10 -15.71
C THR B 130 -18.23 22.08 -16.53
N MET B 131 -19.16 21.18 -16.19
CA MET B 131 -20.46 21.19 -16.87
C MET B 131 -21.39 22.29 -16.35
N GLU B 132 -21.14 22.84 -15.16
CA GLU B 132 -21.98 23.93 -14.69
C GLU B 132 -21.72 25.22 -15.47
N LEU B 133 -20.44 25.59 -15.62
CA LEU B 133 -20.12 26.85 -16.29
C LEU B 133 -20.24 26.72 -17.80
N TYR B 134 -19.56 25.74 -18.39
CA TYR B 134 -19.56 25.55 -19.83
C TYR B 134 -20.56 24.47 -20.22
N SER B 135 -21.83 24.87 -20.28
CA SER B 135 -22.91 23.99 -20.68
C SER B 135 -23.59 24.43 -21.97
N ASN B 136 -23.38 25.66 -22.41
CA ASN B 136 -24.00 26.17 -23.63
C ASN B 136 -23.26 25.76 -24.90
N SER B 137 -22.03 25.27 -24.78
CA SER B 137 -21.23 24.91 -25.94
C SER B 137 -20.88 23.43 -26.00
N THR B 138 -20.46 22.84 -24.89
CA THR B 138 -20.06 21.44 -24.85
C THR B 138 -21.05 20.62 -24.04
N ARG B 139 -21.16 19.33 -24.40
CA ARG B 139 -22.06 18.40 -23.74
C ARG B 139 -21.27 17.15 -23.36
N PHE B 140 -21.64 16.54 -22.23
CA PHE B 140 -20.90 15.42 -21.68
C PHE B 140 -21.71 14.14 -21.85
N ALA B 141 -21.06 13.11 -22.39
CA ALA B 141 -21.69 11.82 -22.64
C ALA B 141 -20.93 10.76 -21.84
N PHE B 142 -21.43 10.45 -20.66
CA PHE B 142 -20.81 9.44 -19.81
C PHE B 142 -21.26 8.05 -20.25
N ALA B 143 -20.29 7.14 -20.35
CA ALA B 143 -20.55 5.74 -20.67
C ALA B 143 -19.96 4.88 -19.58
N CYS B 144 -20.80 4.07 -18.93
CA CYS B 144 -20.39 3.29 -17.77
C CYS B 144 -21.08 1.94 -17.80
N ASN B 145 -20.66 1.07 -16.88
CA ASN B 145 -21.33 -0.20 -16.65
C ASN B 145 -22.15 -0.20 -15.37
N GLN B 146 -21.95 0.77 -14.49
CA GLN B 146 -22.68 0.88 -13.23
C GLN B 146 -22.91 2.37 -12.97
N SER B 147 -24.19 2.77 -12.92
CA SER B 147 -24.52 4.18 -12.77
C SER B 147 -24.21 4.72 -11.39
N ASN B 148 -24.18 3.87 -10.36
CA ASN B 148 -23.93 4.34 -9.00
C ASN B 148 -22.48 4.76 -8.77
N LYS B 149 -21.58 4.45 -9.70
CA LYS B 149 -20.19 4.86 -9.57
C LYS B 149 -19.94 6.29 -10.01
N ILE B 150 -20.95 6.97 -10.53
CA ILE B 150 -20.88 8.39 -10.82
C ILE B 150 -21.61 9.13 -9.71
N ILE B 151 -20.98 10.19 -9.19
CA ILE B 151 -21.52 10.88 -8.01
C ILE B 151 -22.89 11.46 -8.32
N GLU B 152 -23.72 11.57 -7.28
CA GLU B 152 -25.08 12.06 -7.44
C GLU B 152 -25.18 13.47 -8.04
N PRO B 153 -24.36 14.47 -7.64
CA PRO B 153 -24.44 15.76 -8.32
C PRO B 153 -24.15 15.70 -9.81
N LEU B 154 -23.29 14.78 -10.26
CA LEU B 154 -23.06 14.61 -11.69
C LEU B 154 -24.24 13.93 -12.36
N GLN B 155 -24.87 12.96 -11.70
CA GLN B 155 -26.04 12.30 -12.25
C GLN B 155 -27.26 13.22 -12.30
N SER B 156 -27.29 14.25 -11.46
CA SER B 156 -28.42 15.17 -11.43
C SER B 156 -28.53 15.95 -12.73
N ARG B 157 -27.40 16.41 -13.28
CA ARG B 157 -27.40 17.23 -14.48
C ARG B 157 -27.53 16.41 -15.77
N CYS B 158 -27.49 15.09 -15.68
CA CYS B 158 -27.50 14.23 -16.85
C CYS B 158 -28.87 13.56 -17.02
N ALA B 159 -29.06 12.97 -18.20
CA ALA B 159 -30.24 12.18 -18.51
C ALA B 159 -29.82 10.72 -18.58
N ILE B 160 -30.43 9.88 -17.75
CA ILE B 160 -29.99 8.50 -17.60
C ILE B 160 -30.63 7.65 -18.70
N LEU B 161 -29.80 6.99 -19.49
CA LEU B 161 -30.24 6.11 -20.56
C LEU B 161 -29.75 4.70 -20.23
N ARG B 162 -30.67 3.83 -19.81
CA ARG B 162 -30.32 2.51 -19.32
C ARG B 162 -30.44 1.51 -20.46
N TYR B 163 -29.30 1.09 -21.01
CA TYR B 163 -29.27 0.03 -21.98
C TYR B 163 -29.51 -1.32 -21.29
N SER B 164 -30.20 -2.22 -21.98
CA SER B 164 -30.58 -3.50 -21.43
C SER B 164 -29.89 -4.63 -22.19
N LYS B 165 -30.01 -5.84 -21.64
CA LYS B 165 -29.46 -7.02 -22.28
C LYS B 165 -30.16 -7.27 -23.61
N LEU B 166 -29.38 -7.63 -24.62
CA LEU B 166 -29.92 -7.84 -25.96
C LEU B 166 -30.63 -9.19 -26.02
N SER B 167 -31.77 -9.21 -26.73
CA SER B 167 -32.59 -10.40 -26.83
C SER B 167 -31.98 -11.39 -27.81
N ASP B 168 -32.68 -12.51 -28.03
CA ASP B 168 -32.21 -13.57 -28.91
C ASP B 168 -32.53 -13.31 -30.37
N GLU B 169 -33.29 -12.27 -30.69
CA GLU B 169 -33.63 -11.95 -32.08
C GLU B 169 -32.78 -10.82 -32.65
N ASP B 170 -32.46 -9.80 -31.87
CA ASP B 170 -31.58 -8.73 -32.35
C ASP B 170 -30.17 -9.28 -32.61
N VAL B 171 -29.67 -10.08 -31.68
CA VAL B 171 -28.35 -10.70 -31.86
C VAL B 171 -28.38 -11.64 -33.06
N LEU B 172 -29.49 -12.36 -33.24
CA LEU B 172 -29.64 -13.23 -34.41
C LEU B 172 -29.63 -12.43 -35.71
N LYS B 173 -30.29 -11.27 -35.71
CA LYS B 173 -30.32 -10.43 -36.90
C LYS B 173 -28.92 -9.92 -37.24
N ARG B 174 -28.18 -9.45 -36.23
CA ARG B 174 -26.82 -8.97 -36.49
C ARG B 174 -25.90 -10.10 -36.94
N LEU B 175 -26.05 -11.28 -36.32
CA LEU B 175 -25.26 -12.43 -36.72
C LEU B 175 -25.57 -12.84 -38.16
N LEU B 176 -26.84 -12.81 -38.55
CA LEU B 176 -27.20 -13.11 -39.93
C LEU B 176 -26.64 -12.08 -40.89
N GLN B 177 -26.61 -10.80 -40.50
CA GLN B 177 -25.96 -9.80 -41.33
C GLN B 177 -24.48 -10.11 -41.52
N ILE B 178 -23.80 -10.49 -40.43
CA ILE B 178 -22.37 -10.83 -40.55
C ILE B 178 -22.16 -12.05 -41.42
N ILE B 179 -22.98 -13.08 -41.26
CA ILE B 179 -22.84 -14.33 -42.01
C ILE B 179 -23.15 -14.09 -43.48
N LYS B 180 -24.01 -13.10 -43.76
CA LYS B 180 -24.33 -12.76 -45.17
C LYS B 180 -23.16 -12.00 -45.80
N LEU B 181 -22.39 -11.25 -45.00
CA LEU B 181 -21.28 -10.43 -45.54
C LEU B 181 -19.98 -11.24 -45.52
N GLU B 182 -20.00 -12.45 -44.98
CA GLU B 182 -18.75 -13.25 -44.84
C GLU B 182 -18.95 -14.62 -45.50
N ASP B 183 -20.10 -14.83 -46.15
CA ASP B 183 -20.36 -16.12 -46.85
C ASP B 183 -20.03 -17.29 -45.91
N VAL B 184 -20.70 -17.35 -44.77
CA VAL B 184 -20.41 -18.43 -43.77
C VAL B 184 -21.49 -19.51 -43.84
N LYS B 185 -21.09 -20.78 -43.99
CA LYS B 185 -22.10 -21.83 -43.95
C LYS B 185 -22.56 -22.06 -42.51
N TYR B 186 -23.86 -22.25 -42.33
CA TYR B 186 -24.43 -22.35 -41.00
C TYR B 186 -25.62 -23.29 -41.00
N THR B 187 -26.04 -23.66 -39.79
CA THR B 187 -27.28 -24.39 -39.57
C THR B 187 -28.00 -23.74 -38.41
N ASN B 188 -29.33 -23.85 -38.39
CA ASN B 188 -30.13 -23.12 -37.41
C ASN B 188 -29.77 -23.50 -35.98
N ASP B 189 -29.53 -24.79 -35.72
CA ASP B 189 -29.15 -25.20 -34.38
C ASP B 189 -27.81 -24.62 -33.96
N GLY B 190 -26.87 -24.50 -34.90
CA GLY B 190 -25.59 -23.88 -34.56
C GLY B 190 -25.73 -22.42 -34.18
N LEU B 191 -26.53 -21.68 -34.93
CA LEU B 191 -26.77 -20.29 -34.59
C LEU B 191 -27.49 -20.17 -33.25
N GLU B 192 -28.45 -21.06 -32.97
CA GLU B 192 -29.13 -21.06 -31.69
C GLU B 192 -28.16 -21.35 -30.55
N ALA B 193 -27.22 -22.28 -30.77
CA ALA B 193 -26.19 -22.55 -29.77
C ALA B 193 -25.30 -21.33 -29.54
N ILE B 194 -24.97 -20.61 -30.62
CA ILE B 194 -24.17 -19.40 -30.48
C ILE B 194 -24.92 -18.37 -29.65
N ILE B 195 -26.22 -18.18 -29.91
CA ILE B 195 -27.02 -17.25 -29.12
C ILE B 195 -27.06 -17.70 -27.66
N PHE B 196 -27.23 -18.99 -27.43
CA PHE B 196 -27.31 -19.52 -26.06
C PHE B 196 -26.00 -19.29 -25.31
N THR B 197 -24.87 -19.51 -25.96
CA THR B 197 -23.57 -19.30 -25.33
C THR B 197 -23.17 -17.84 -25.24
N ALA B 198 -23.84 -16.95 -25.99
CA ALA B 198 -23.54 -15.53 -25.95
C ALA B 198 -24.05 -14.86 -24.67
N GLU B 199 -25.21 -15.28 -24.18
CA GLU B 199 -25.86 -14.69 -23.00
C GLU B 199 -26.07 -13.18 -23.17
N GLY B 200 -26.66 -12.83 -24.31
CA GLY B 200 -26.94 -11.43 -24.61
C GLY B 200 -25.71 -10.56 -24.74
N ASP B 201 -24.61 -11.12 -25.23
CA ASP B 201 -23.36 -10.38 -25.44
C ASP B 201 -23.00 -10.50 -26.91
N MET B 202 -23.16 -9.40 -27.66
CA MET B 202 -22.89 -9.43 -29.09
C MET B 202 -21.41 -9.69 -29.37
N ARG B 203 -20.53 -9.10 -28.55
CA ARG B 203 -19.09 -9.30 -28.75
C ARG B 203 -18.70 -10.77 -28.57
N GLN B 204 -19.21 -11.40 -27.52
CA GLN B 204 -18.95 -12.81 -27.26
C GLN B 204 -19.71 -13.74 -28.19
N ALA B 205 -20.68 -13.21 -28.95
CA ALA B 205 -21.31 -13.98 -30.02
C ALA B 205 -20.47 -13.94 -31.29
N ILE B 206 -19.99 -12.74 -31.64
CA ILE B 206 -19.12 -12.59 -32.81
C ILE B 206 -17.83 -13.38 -32.62
N ASN B 207 -17.25 -13.31 -31.42
CA ASN B 207 -16.00 -14.03 -31.17
C ASN B 207 -16.20 -15.55 -31.29
N ASN B 208 -17.28 -16.06 -30.72
CA ASN B 208 -17.56 -17.49 -30.81
C ASN B 208 -17.84 -17.91 -32.24
N LEU B 209 -18.59 -17.10 -32.99
CA LEU B 209 -18.86 -17.43 -34.39
C LEU B 209 -17.57 -17.45 -35.21
N GLN B 210 -16.70 -16.46 -35.00
CA GLN B 210 -15.43 -16.44 -35.72
C GLN B 210 -14.56 -17.63 -35.37
N SER B 211 -14.51 -17.98 -34.08
CA SER B 211 -13.72 -19.14 -33.66
C SER B 211 -14.28 -20.42 -34.28
N THR B 212 -15.60 -20.57 -34.30
CA THR B 212 -16.21 -21.77 -34.87
C THR B 212 -15.94 -21.89 -36.36
N VAL B 213 -16.10 -20.79 -37.10
CA VAL B 213 -15.88 -20.86 -38.55
C VAL B 213 -14.40 -21.03 -38.87
N ALA B 214 -13.51 -20.55 -37.99
CA ALA B 214 -12.09 -20.76 -38.24
C ALA B 214 -11.68 -22.20 -37.94
N GLY B 215 -12.21 -22.78 -36.86
CA GLY B 215 -11.81 -24.11 -36.48
C GLY B 215 -12.47 -25.23 -37.26
N HIS B 216 -13.73 -25.05 -37.65
CA HIS B 216 -14.50 -26.12 -38.29
C HIS B 216 -15.24 -25.70 -39.54
N GLY B 217 -15.54 -24.42 -39.73
CA GLY B 217 -16.20 -23.97 -40.94
C GLY B 217 -17.71 -23.92 -40.85
N LEU B 218 -18.35 -25.08 -40.68
CA LEU B 218 -19.79 -25.16 -40.62
C LEU B 218 -20.27 -24.89 -39.20
N VAL B 219 -21.29 -24.05 -39.07
CA VAL B 219 -21.80 -23.65 -37.75
C VAL B 219 -22.98 -24.56 -37.44
N ASN B 220 -22.68 -25.68 -36.78
CA ASN B 220 -23.69 -26.57 -36.23
C ASN B 220 -23.50 -26.67 -34.73
N ALA B 221 -24.43 -27.38 -34.07
CA ALA B 221 -24.36 -27.53 -32.63
C ALA B 221 -23.09 -28.24 -32.17
N ASP B 222 -22.66 -29.27 -32.89
CA ASP B 222 -21.46 -30.00 -32.51
C ASP B 222 -20.21 -29.14 -32.65
N ASN B 223 -20.05 -28.48 -33.80
CA ASN B 223 -18.86 -27.66 -34.04
C ASN B 223 -18.82 -26.46 -33.11
N VAL B 224 -19.98 -25.96 -32.68
CA VAL B 224 -20.00 -24.85 -31.72
C VAL B 224 -19.67 -25.36 -30.33
N PHE B 225 -20.37 -26.39 -29.86
CA PHE B 225 -20.19 -26.86 -28.49
C PHE B 225 -18.89 -27.61 -28.27
N LYS B 226 -18.15 -27.94 -29.33
CA LYS B 226 -16.84 -28.55 -29.17
C LYS B 226 -15.72 -27.53 -29.07
N ILE B 227 -16.00 -26.24 -29.27
CA ILE B 227 -15.00 -25.19 -29.16
C ILE B 227 -15.33 -24.19 -28.07
N VAL B 228 -16.61 -23.83 -27.91
CA VAL B 228 -17.06 -22.94 -26.84
C VAL B 228 -18.04 -23.71 -25.97
N ASP B 229 -17.83 -23.66 -24.66
CA ASP B 229 -18.60 -24.46 -23.72
C ASP B 229 -19.89 -23.75 -23.33
N SER B 230 -20.80 -24.52 -22.73
CA SER B 230 -22.02 -23.97 -22.17
C SER B 230 -21.66 -23.06 -21.00
N PRO B 231 -22.44 -22.01 -20.76
CA PRO B 231 -22.15 -21.10 -19.64
C PRO B 231 -22.15 -21.83 -18.30
N HIS B 232 -21.06 -21.67 -17.57
CA HIS B 232 -20.89 -22.34 -16.28
C HIS B 232 -21.84 -21.85 -15.18
N PRO B 233 -22.36 -20.61 -15.18
CA PRO B 233 -23.45 -20.30 -14.24
C PRO B 233 -24.68 -21.17 -14.43
N LEU B 234 -25.03 -21.52 -15.67
CA LEU B 234 -26.18 -22.37 -15.93
C LEU B 234 -25.93 -23.83 -15.54
N ILE B 235 -24.68 -24.25 -15.47
CA ILE B 235 -24.35 -25.58 -14.95
C ILE B 235 -24.32 -25.57 -13.42
N VAL B 236 -23.83 -24.48 -12.81
CA VAL B 236 -23.85 -24.35 -11.36
C VAL B 236 -25.30 -24.29 -10.87
N LYS B 237 -26.17 -23.61 -11.60
CA LYS B 237 -27.58 -23.59 -11.25
C LYS B 237 -28.20 -24.98 -11.30
N LYS B 238 -27.86 -25.75 -12.34
CA LYS B 238 -28.34 -27.13 -12.44
C LYS B 238 -27.83 -27.99 -11.29
N MET B 239 -26.57 -27.78 -10.89
CA MET B 239 -26.00 -28.53 -9.78
C MET B 239 -26.66 -28.17 -8.45
N LEU B 240 -26.95 -26.88 -8.24
CA LEU B 240 -27.50 -26.40 -6.97
C LEU B 240 -29.01 -26.60 -6.87
N LEU B 241 -29.69 -26.97 -7.96
CA LEU B 241 -31.13 -27.15 -7.95
C LEU B 241 -31.53 -28.60 -8.20
N ALA B 242 -30.63 -29.55 -7.90
CA ALA B 242 -30.93 -30.95 -8.08
C ALA B 242 -31.77 -31.47 -6.91
N SER B 243 -32.26 -32.70 -7.06
CA SER B 243 -33.07 -33.35 -6.04
C SER B 243 -32.26 -34.25 -5.13
N ASN B 244 -31.47 -35.16 -5.69
CA ASN B 244 -30.64 -36.06 -4.92
C ASN B 244 -29.19 -35.57 -4.89
N LEU B 245 -28.43 -36.11 -3.93
CA LEU B 245 -27.01 -35.80 -3.85
C LEU B 245 -26.19 -36.50 -4.93
N GLU B 246 -26.55 -37.73 -5.30
CA GLU B 246 -25.82 -38.44 -6.34
C GLU B 246 -26.08 -37.89 -7.73
N ASP B 247 -27.09 -37.04 -7.90
CA ASP B 247 -27.34 -36.36 -9.17
C ASP B 247 -26.75 -34.95 -9.20
N SER B 248 -26.46 -34.35 -8.05
CA SER B 248 -25.75 -33.08 -8.01
C SER B 248 -24.24 -33.26 -8.00
N ILE B 249 -23.75 -34.34 -7.36
CA ILE B 249 -22.33 -34.65 -7.37
C ILE B 249 -21.87 -34.98 -8.78
N GLN B 250 -22.72 -35.65 -9.57
CA GLN B 250 -22.36 -35.94 -10.95
C GLN B 250 -22.18 -34.68 -11.78
N ILE B 251 -23.13 -33.74 -11.69
CA ILE B 251 -23.00 -32.47 -12.40
C ILE B 251 -21.84 -31.63 -11.88
N LEU B 252 -21.54 -31.69 -10.57
CA LEU B 252 -20.35 -31.04 -10.08
C LEU B 252 -19.10 -31.64 -10.72
N ARG B 253 -18.87 -32.94 -10.53
CA ARG B 253 -17.62 -33.56 -10.96
C ARG B 253 -17.47 -33.53 -12.48
N THR B 254 -18.35 -34.21 -13.21
CA THR B 254 -18.15 -34.43 -14.64
C THR B 254 -18.35 -33.18 -15.48
N ASP B 255 -18.88 -32.09 -14.91
CA ASP B 255 -19.13 -30.89 -15.66
C ASP B 255 -18.44 -29.65 -15.11
N LEU B 256 -17.74 -29.73 -13.98
CA LEU B 256 -17.00 -28.59 -13.46
C LEU B 256 -15.60 -28.95 -12.95
N TRP B 257 -15.34 -30.21 -12.60
CA TRP B 257 -14.03 -30.60 -12.08
C TRP B 257 -13.14 -31.25 -13.12
N LYS B 258 -13.69 -32.14 -13.95
CA LYS B 258 -12.93 -32.72 -15.04
C LYS B 258 -12.91 -31.83 -16.28
N LYS B 259 -13.65 -30.73 -16.27
CA LYS B 259 -13.63 -29.76 -17.37
C LYS B 259 -12.57 -28.70 -17.21
N GLY B 260 -12.15 -28.41 -15.99
CA GLY B 260 -11.09 -27.46 -15.74
C GLY B 260 -11.45 -26.20 -14.97
N TYR B 261 -12.59 -26.18 -14.28
CA TYR B 261 -13.00 -25.01 -13.51
C TYR B 261 -12.45 -25.09 -12.10
N SER B 262 -11.88 -23.99 -11.62
CA SER B 262 -11.32 -23.94 -10.29
C SER B 262 -12.44 -23.97 -9.24
N SER B 263 -12.10 -24.49 -8.06
CA SER B 263 -13.08 -24.60 -6.98
C SER B 263 -13.55 -23.23 -6.51
N ILE B 264 -12.63 -22.26 -6.44
CA ILE B 264 -13.01 -20.91 -6.02
C ILE B 264 -13.96 -20.28 -7.03
N ASP B 265 -13.75 -20.57 -8.32
CA ASP B 265 -14.68 -20.11 -9.35
C ASP B 265 -16.06 -20.74 -9.16
N ILE B 266 -16.09 -22.03 -8.84
CA ILE B 266 -17.37 -22.72 -8.61
C ILE B 266 -18.11 -22.09 -7.45
N VAL B 267 -17.40 -21.81 -6.34
CA VAL B 267 -18.05 -21.23 -5.17
C VAL B 267 -18.53 -19.81 -5.46
N THR B 268 -17.69 -19.01 -6.13
CA THR B 268 -18.07 -17.64 -6.46
C THR B 268 -19.29 -17.60 -7.36
N THR B 269 -19.36 -18.50 -8.35
CA THR B 269 -20.54 -18.56 -9.20
C THR B 269 -21.74 -19.11 -8.45
N SER B 270 -21.52 -20.03 -7.50
CA SER B 270 -22.62 -20.57 -6.71
C SER B 270 -23.27 -19.51 -5.85
N PHE B 271 -22.46 -18.60 -5.28
CA PHE B 271 -23.03 -17.52 -4.50
C PHE B 271 -23.92 -16.61 -5.35
N ARG B 272 -23.45 -16.26 -6.55
CA ARG B 272 -24.25 -15.42 -7.45
C ARG B 272 -25.53 -16.12 -7.89
N VAL B 273 -25.44 -17.42 -8.19
CA VAL B 273 -26.63 -18.17 -8.59
C VAL B 273 -27.63 -18.26 -7.44
N THR B 274 -27.14 -18.48 -6.23
CA THR B 274 -28.01 -18.53 -5.06
C THR B 274 -28.70 -17.19 -4.82
N LYS B 275 -27.97 -16.09 -5.03
CA LYS B 275 -28.59 -14.77 -4.86
C LYS B 275 -29.75 -14.56 -5.81
N ASN B 276 -29.64 -15.06 -7.05
CA ASN B 276 -30.69 -14.90 -8.05
C ASN B 276 -31.59 -16.12 -8.21
N LEU B 277 -31.42 -17.14 -7.37
CA LEU B 277 -32.23 -18.34 -7.49
C LEU B 277 -33.69 -18.05 -7.13
N ALA B 278 -34.60 -18.57 -7.93
CA ALA B 278 -36.03 -18.36 -7.75
C ALA B 278 -36.70 -19.64 -7.27
N GLN B 279 -37.96 -19.50 -6.86
CA GLN B 279 -38.79 -20.60 -6.35
C GLN B 279 -38.15 -21.29 -5.15
N VAL B 280 -37.37 -20.56 -4.36
CA VAL B 280 -36.65 -21.10 -3.21
C VAL B 280 -37.01 -20.26 -2.00
N LYS B 281 -37.36 -20.93 -0.90
CA LYS B 281 -37.73 -20.22 0.32
C LYS B 281 -36.55 -19.43 0.87
N GLU B 282 -36.84 -18.28 1.49
CA GLU B 282 -35.79 -17.36 1.91
C GLU B 282 -34.90 -17.97 2.99
N SER B 283 -35.48 -18.76 3.90
CA SER B 283 -34.67 -19.44 4.90
C SER B 283 -33.70 -20.41 4.24
N VAL B 284 -34.18 -21.17 3.26
CA VAL B 284 -33.32 -22.08 2.50
C VAL B 284 -32.24 -21.31 1.78
N ARG B 285 -32.59 -20.17 1.19
CA ARG B 285 -31.61 -19.37 0.45
C ARG B 285 -30.53 -18.82 1.37
N LEU B 286 -30.90 -18.30 2.54
CA LEU B 286 -29.90 -17.76 3.45
C LEU B 286 -29.03 -18.87 4.04
N GLU B 287 -29.62 -20.04 4.32
CA GLU B 287 -28.80 -21.16 4.77
C GLU B 287 -27.83 -21.60 3.70
N MET B 288 -28.27 -21.62 2.43
CA MET B 288 -27.38 -21.97 1.34
C MET B 288 -26.26 -20.94 1.19
N ILE B 289 -26.58 -19.66 1.39
CA ILE B 289 -25.55 -18.62 1.35
C ILE B 289 -24.53 -18.85 2.45
N LYS B 290 -24.99 -19.18 3.67
CA LYS B 290 -24.08 -19.44 4.77
C LYS B 290 -23.17 -20.65 4.48
N GLU B 291 -23.76 -21.72 3.95
CA GLU B 291 -22.95 -22.91 3.65
C GLU B 291 -21.98 -22.68 2.50
N ILE B 292 -22.34 -21.84 1.52
CA ILE B 292 -21.43 -21.49 0.45
C ILE B 292 -20.28 -20.64 0.98
N GLY B 293 -20.58 -19.68 1.85
CA GLY B 293 -19.54 -18.86 2.45
C GLY B 293 -18.59 -19.62 3.35
N LEU B 294 -19.10 -20.61 4.10
CA LEU B 294 -18.23 -21.43 4.94
C LEU B 294 -17.24 -22.24 4.12
N THR B 295 -17.66 -22.72 2.93
CA THR B 295 -16.73 -23.40 2.03
C THR B 295 -15.80 -22.42 1.33
N HIS B 296 -16.29 -21.21 1.04
CA HIS B 296 -15.44 -20.17 0.45
C HIS B 296 -14.29 -19.82 1.37
N MET B 297 -14.56 -19.73 2.68
CA MET B 297 -13.50 -19.45 3.64
C MET B 297 -12.46 -20.57 3.66
N ARG B 298 -12.90 -21.83 3.64
CA ARG B 298 -11.97 -22.95 3.63
C ARG B 298 -11.13 -22.97 2.36
N ILE B 299 -11.74 -22.68 1.21
CA ILE B 299 -11.00 -22.66 -0.04
C ILE B 299 -9.99 -21.52 -0.05
N LEU B 300 -10.39 -20.34 0.45
CA LEU B 300 -9.47 -19.22 0.56
C LEU B 300 -8.34 -19.48 1.55
N GLU B 301 -8.56 -20.34 2.54
CA GLU B 301 -7.49 -20.68 3.48
C GLU B 301 -6.54 -21.75 2.95
N GLY B 302 -6.90 -22.43 1.86
CA GLY B 302 -5.97 -23.37 1.25
C GLY B 302 -6.58 -24.68 0.79
N VAL B 303 -7.62 -25.15 1.45
CA VAL B 303 -8.19 -26.47 1.16
C VAL B 303 -9.23 -26.26 0.06
N GLY B 304 -8.75 -26.17 -1.17
CA GLY B 304 -9.62 -26.10 -2.34
C GLY B 304 -9.80 -27.44 -3.02
N THR B 305 -10.36 -28.42 -2.32
CA THR B 305 -10.47 -29.77 -2.85
C THR B 305 -11.91 -30.08 -3.26
N TYR B 306 -12.06 -31.18 -4.02
CA TYR B 306 -13.37 -31.62 -4.46
C TYR B 306 -14.20 -32.16 -3.29
N LEU B 307 -13.54 -32.66 -2.25
CA LEU B 307 -14.25 -33.15 -1.07
C LEU B 307 -14.99 -32.02 -0.36
N GLN B 308 -14.38 -30.83 -0.30
CA GLN B 308 -15.05 -29.69 0.31
C GLN B 308 -16.28 -29.26 -0.48
N LEU B 309 -16.19 -29.28 -1.81
CA LEU B 309 -17.36 -28.97 -2.64
C LEU B 309 -18.46 -30.02 -2.47
N ALA B 310 -18.06 -31.29 -2.35
CA ALA B 310 -19.04 -32.35 -2.10
C ALA B 310 -19.72 -32.15 -0.75
N SER B 311 -18.96 -31.76 0.26
CA SER B 311 -19.55 -31.48 1.58
C SER B 311 -20.48 -30.29 1.52
N MET B 312 -20.13 -29.25 0.76
CA MET B 312 -21.01 -28.10 0.61
C MET B 312 -22.32 -28.51 -0.05
N LEU B 313 -22.25 -29.34 -1.09
CA LEU B 313 -23.46 -29.81 -1.75
C LEU B 313 -24.29 -30.69 -0.81
N ALA B 314 -23.62 -31.53 0.00
CA ALA B 314 -24.33 -32.36 0.97
C ALA B 314 -25.05 -31.52 2.01
N LYS B 315 -24.40 -30.46 2.51
CA LYS B 315 -25.06 -29.57 3.47
C LYS B 315 -26.19 -28.79 2.83
N ILE B 316 -26.05 -28.41 1.55
CA ILE B 316 -27.15 -27.76 0.84
C ILE B 316 -28.34 -28.70 0.72
N HIS B 317 -28.09 -29.97 0.42
CA HIS B 317 -29.20 -30.93 0.36
C HIS B 317 -29.79 -31.19 1.74
N LYS B 318 -28.96 -31.17 2.79
CA LYS B 318 -29.46 -31.32 4.16
C LYS B 318 -30.41 -30.17 4.51
N LEU B 319 -30.02 -28.95 4.19
CA LEU B 319 -30.90 -27.81 4.44
C LEU B 319 -32.11 -27.81 3.50
N ASN B 320 -32.00 -28.49 2.35
CA ASN B 320 -33.13 -28.57 1.43
C ASN B 320 -34.20 -29.54 1.92
N ASN B 321 -33.78 -30.71 2.43
CA ASN B 321 -34.76 -31.78 2.65
C ASN B 321 -35.67 -31.48 3.85
N LYS B 322 -35.11 -31.01 4.97
CA LYS B 322 -35.93 -30.66 6.12
C LYS B 322 -35.72 -29.23 6.59
N ALA B 323 -34.49 -28.77 6.71
CA ALA B 323 -34.20 -27.47 7.28
C ALA B 323 -34.58 -26.33 6.33
N SER C 9 23.56 -27.64 -22.32
CA SER C 9 23.17 -27.00 -21.07
C SER C 9 21.72 -27.31 -20.73
N LYS C 10 20.98 -27.86 -21.70
CA LYS C 10 19.60 -28.23 -21.48
C LYS C 10 19.45 -29.51 -20.65
N GLU C 11 20.53 -30.27 -20.49
CA GLU C 11 20.51 -31.47 -19.67
C GLU C 11 20.75 -31.17 -18.19
N ASN C 12 21.05 -29.92 -17.84
CA ASN C 12 21.23 -29.50 -16.47
C ASN C 12 19.99 -28.77 -15.93
N LEU C 13 18.86 -28.88 -16.63
CA LEU C 13 17.58 -28.30 -16.35
C LEU C 13 16.65 -29.32 -15.69
N PRO C 14 15.72 -28.87 -14.85
CA PRO C 14 14.70 -29.80 -14.35
C PRO C 14 13.83 -30.32 -15.49
N TRP C 15 13.32 -31.54 -15.31
CA TRP C 15 12.52 -32.18 -16.35
C TRP C 15 11.28 -31.39 -16.70
N VAL C 16 10.75 -30.59 -15.76
CA VAL C 16 9.59 -29.76 -16.04
C VAL C 16 9.92 -28.72 -17.11
N GLU C 17 11.06 -28.06 -16.98
CA GLU C 17 11.47 -27.04 -17.94
C GLU C 17 12.29 -27.59 -19.11
N LYS C 18 12.87 -28.78 -18.94
CA LYS C 18 13.64 -29.38 -20.03
C LYS C 18 12.72 -29.85 -21.17
N TYR C 19 11.54 -30.33 -20.84
CA TYR C 19 10.61 -30.89 -21.81
C TYR C 19 9.47 -29.91 -22.13
N ARG C 20 9.77 -28.63 -22.14
CA ARG C 20 8.78 -27.63 -22.52
C ARG C 20 8.55 -27.68 -24.03
N PRO C 21 7.31 -27.82 -24.49
CA PRO C 21 7.05 -27.87 -25.94
C PRO C 21 7.49 -26.59 -26.63
N GLU C 22 8.41 -26.74 -27.58
CA GLU C 22 8.92 -25.61 -28.34
C GLU C 22 8.04 -25.26 -29.53
N THR C 23 7.34 -26.23 -30.10
CA THR C 23 6.44 -26.02 -31.21
C THR C 23 5.02 -26.41 -30.80
N LEU C 24 4.06 -26.01 -31.63
CA LEU C 24 2.65 -26.30 -31.35
C LEU C 24 2.32 -27.78 -31.54
N ASP C 25 3.17 -28.55 -32.22
CA ASP C 25 2.93 -29.97 -32.41
C ASP C 25 3.34 -30.81 -31.21
N GLU C 26 4.03 -30.22 -30.23
CA GLU C 26 4.44 -30.93 -29.03
C GLU C 26 3.51 -30.68 -27.85
N VAL C 27 2.43 -29.93 -28.05
CA VAL C 27 1.45 -29.69 -27.00
C VAL C 27 0.37 -30.76 -27.10
N TYR C 28 0.36 -31.68 -26.14
CA TYR C 28 -0.58 -32.79 -26.15
C TYR C 28 -1.79 -32.46 -25.29
N GLY C 29 -2.85 -33.23 -25.49
CA GLY C 29 -4.07 -33.09 -24.72
C GLY C 29 -5.05 -32.11 -25.33
N GLN C 30 -4.69 -30.83 -25.34
CA GLN C 30 -5.54 -29.80 -25.92
C GLN C 30 -5.46 -29.90 -27.43
N ASN C 31 -6.52 -30.39 -28.05
CA ASN C 31 -6.58 -30.55 -29.50
C ASN C 31 -7.52 -29.56 -30.17
N GLU C 32 -8.71 -29.34 -29.61
CA GLU C 32 -9.64 -28.39 -30.19
C GLU C 32 -9.17 -26.94 -30.06
N VAL C 33 -8.22 -26.69 -29.16
CA VAL C 33 -7.65 -25.35 -29.01
C VAL C 33 -6.45 -25.16 -29.94
N ILE C 34 -5.58 -26.15 -30.02
CA ILE C 34 -4.42 -26.07 -30.91
C ILE C 34 -4.87 -26.05 -32.36
N THR C 35 -5.80 -26.93 -32.73
CA THR C 35 -6.31 -26.97 -34.10
C THR C 35 -7.16 -25.75 -34.45
N THR C 36 -7.54 -24.94 -33.47
CA THR C 36 -8.21 -23.68 -33.76
C THR C 36 -7.23 -22.52 -33.88
N VAL C 37 -6.25 -22.44 -32.99
CA VAL C 37 -5.27 -21.37 -33.07
C VAL C 37 -4.37 -21.55 -34.30
N ARG C 38 -4.12 -22.79 -34.72
CA ARG C 38 -3.34 -23.00 -35.94
C ARG C 38 -4.09 -22.53 -37.17
N LYS C 39 -5.40 -22.77 -37.24
CA LYS C 39 -6.20 -22.23 -38.33
C LYS C 39 -6.28 -20.71 -38.26
N PHE C 40 -6.31 -20.16 -37.04
CA PHE C 40 -6.26 -18.70 -36.88
C PHE C 40 -4.96 -18.13 -37.47
N VAL C 41 -3.83 -18.80 -37.20
CA VAL C 41 -2.55 -18.33 -37.72
C VAL C 41 -2.48 -18.48 -39.24
N ASP C 42 -2.90 -19.63 -39.74
CA ASP C 42 -2.82 -19.87 -41.19
C ASP C 42 -3.74 -18.93 -41.96
N GLU C 43 -4.93 -18.66 -41.44
CA GLU C 43 -5.83 -17.71 -42.07
C GLU C 43 -5.24 -16.30 -42.05
N GLY C 44 -4.58 -15.93 -40.96
CA GLY C 44 -3.95 -14.63 -40.82
C GLY C 44 -4.59 -13.73 -39.78
N LYS C 45 -5.75 -14.07 -39.26
CA LYS C 45 -6.44 -13.27 -38.26
C LYS C 45 -6.35 -13.97 -36.91
N LEU C 46 -5.74 -13.30 -35.94
CA LEU C 46 -5.66 -13.81 -34.57
C LEU C 46 -6.43 -12.89 -33.65
N PRO C 47 -7.57 -13.31 -33.12
CA PRO C 47 -8.34 -12.45 -32.22
C PRO C 47 -7.68 -12.38 -30.84
N HIS C 48 -8.25 -11.53 -29.99
CA HIS C 48 -7.80 -11.43 -28.61
C HIS C 48 -8.17 -12.71 -27.87
N LEU C 49 -7.15 -13.43 -27.38
CA LEU C 49 -7.33 -14.76 -26.85
C LEU C 49 -7.30 -14.75 -25.33
N LEU C 50 -8.08 -15.65 -24.74
CA LEU C 50 -8.05 -15.91 -23.30
C LEU C 50 -7.87 -17.41 -23.09
N PHE C 51 -6.83 -17.77 -22.34
CA PHE C 51 -6.52 -19.17 -22.07
C PHE C 51 -6.84 -19.46 -20.61
N TYR C 52 -7.73 -20.43 -20.38
CA TYR C 52 -8.21 -20.77 -19.06
C TYR C 52 -8.08 -22.27 -18.83
N GLY C 53 -7.65 -22.65 -17.63
CA GLY C 53 -7.52 -24.04 -17.28
C GLY C 53 -6.76 -24.26 -15.99
N PRO C 54 -6.69 -25.52 -15.55
CA PRO C 54 -5.93 -25.85 -14.34
C PRO C 54 -4.44 -25.66 -14.57
N PRO C 55 -3.66 -25.52 -13.50
CA PRO C 55 -2.21 -25.38 -13.66
C PRO C 55 -1.59 -26.62 -14.29
N GLY C 56 -0.54 -26.41 -15.07
CA GLY C 56 0.15 -27.51 -15.71
C GLY C 56 -0.55 -28.09 -16.92
N THR C 57 -1.52 -27.37 -17.50
CA THR C 57 -2.23 -27.86 -18.67
C THR C 57 -1.55 -27.53 -19.98
N GLY C 58 -0.74 -26.47 -20.02
CA GLY C 58 0.00 -26.16 -21.22
C GLY C 58 -0.39 -24.85 -21.86
N LYS C 59 -0.81 -23.88 -21.06
CA LYS C 59 -1.22 -22.59 -21.60
C LYS C 59 -0.02 -21.71 -21.93
N THR C 60 0.88 -21.53 -20.96
CA THR C 60 2.08 -20.72 -21.17
C THR C 60 3.02 -21.32 -22.21
N SER C 61 2.98 -22.63 -22.43
CA SER C 61 3.72 -23.24 -23.52
C SER C 61 3.03 -23.02 -24.86
N THR C 62 1.70 -23.16 -24.89
CA THR C 62 0.95 -23.00 -26.14
C THR C 62 1.09 -21.58 -26.69
N ILE C 63 0.97 -20.58 -25.82
CA ILE C 63 1.02 -19.21 -26.32
C ILE C 63 2.42 -18.85 -26.82
N VAL C 64 3.46 -19.32 -26.11
CA VAL C 64 4.83 -19.03 -26.55
C VAL C 64 5.15 -19.75 -27.85
N ALA C 65 4.74 -21.01 -28.00
CA ALA C 65 4.92 -21.71 -29.26
C ALA C 65 4.15 -21.06 -30.40
N LEU C 66 2.92 -20.60 -30.14
CA LEU C 66 2.12 -19.91 -31.15
C LEU C 66 2.80 -18.62 -31.60
N ALA C 67 3.30 -17.84 -30.65
CA ALA C 67 3.99 -16.60 -31.00
C ALA C 67 5.29 -16.87 -31.73
N ARG C 68 5.99 -17.95 -31.36
CA ARG C 68 7.20 -18.33 -32.08
C ARG C 68 6.89 -18.73 -33.51
N GLU C 69 5.79 -19.44 -33.73
CA GLU C 69 5.38 -19.78 -35.08
C GLU C 69 4.97 -18.54 -35.87
N ILE C 70 4.30 -17.60 -35.22
CA ILE C 70 3.84 -16.40 -35.91
C ILE C 70 5.01 -15.52 -36.33
N TYR C 71 5.94 -15.27 -35.41
CA TYR C 71 6.98 -14.28 -35.62
C TYR C 71 8.33 -14.88 -36.00
N GLY C 72 8.56 -16.16 -35.73
CA GLY C 72 9.84 -16.77 -36.07
C GLY C 72 11.00 -16.20 -35.28
N LYS C 73 11.88 -15.47 -35.94
CA LYS C 73 13.04 -14.87 -35.30
C LYS C 73 12.78 -13.47 -34.78
N ASN C 74 11.60 -12.90 -35.05
CA ASN C 74 11.21 -11.60 -34.51
C ASN C 74 10.36 -11.73 -33.26
N TYR C 75 10.58 -12.79 -32.47
CA TYR C 75 9.83 -12.96 -31.23
C TYR C 75 10.19 -11.89 -30.21
N SER C 76 11.47 -11.52 -30.13
CA SER C 76 11.94 -10.64 -29.07
C SER C 76 11.36 -9.23 -29.18
N ASN C 77 11.29 -8.68 -30.40
CA ASN C 77 10.88 -7.30 -30.59
C ASN C 77 9.39 -7.15 -30.90
N MET C 78 8.63 -8.24 -30.93
CA MET C 78 7.21 -8.18 -31.25
C MET C 78 6.34 -8.84 -30.18
N VAL C 79 6.93 -9.29 -29.08
CA VAL C 79 6.18 -9.90 -27.99
C VAL C 79 6.52 -9.16 -26.70
N LEU C 80 5.49 -8.69 -25.99
CA LEU C 80 5.64 -8.05 -24.70
C LEU C 80 5.01 -8.96 -23.66
N GLU C 81 5.83 -9.84 -23.07
CA GLU C 81 5.35 -10.82 -22.09
C GLU C 81 5.46 -10.20 -20.70
N LEU C 82 4.31 -9.96 -20.08
CA LEU C 82 4.23 -9.40 -18.73
C LEU C 82 3.52 -10.39 -17.83
N ASN C 83 4.12 -10.63 -16.66
CA ASN C 83 3.56 -11.61 -15.73
C ASN C 83 3.44 -11.03 -14.32
N ALA C 84 3.13 -11.90 -13.34
CA ALA C 84 2.95 -11.44 -11.97
C ALA C 84 4.25 -10.98 -11.33
N SER C 85 5.39 -11.32 -11.92
CA SER C 85 6.69 -10.86 -11.41
C SER C 85 6.98 -9.41 -11.78
N ASP C 86 6.09 -8.76 -12.52
CA ASP C 86 6.23 -7.36 -12.88
C ASP C 86 5.10 -6.56 -12.25
N ASP C 87 5.38 -5.29 -11.96
CA ASP C 87 4.43 -4.41 -11.29
C ASP C 87 3.37 -3.93 -12.29
N ARG C 88 2.51 -4.87 -12.69
CA ARG C 88 1.48 -4.60 -13.69
C ARG C 88 0.33 -3.81 -13.06
N GLY C 89 0.64 -2.54 -12.73
CA GLY C 89 -0.36 -1.62 -12.21
C GLY C 89 -0.98 -0.79 -13.31
N ILE C 90 -1.79 0.18 -12.89
CA ILE C 90 -2.41 1.09 -13.85
C ILE C 90 -1.37 1.98 -14.52
N ASP C 91 -0.32 2.38 -13.79
CA ASP C 91 0.74 3.18 -14.39
C ASP C 91 1.48 2.39 -15.47
N VAL C 92 1.77 1.11 -15.22
CA VAL C 92 2.41 0.30 -16.24
C VAL C 92 1.48 0.08 -17.42
N VAL C 93 0.19 -0.16 -17.15
CA VAL C 93 -0.79 -0.34 -18.23
C VAL C 93 -0.83 0.90 -19.11
N ARG C 94 -0.72 2.09 -18.53
CA ARG C 94 -0.79 3.32 -19.30
C ARG C 94 0.55 3.79 -19.86
N ASN C 95 1.67 3.24 -19.39
CA ASN C 95 2.98 3.77 -19.74
C ASN C 95 3.89 2.78 -20.47
N GLN C 96 3.56 1.50 -20.50
CA GLN C 96 4.34 0.52 -21.26
C GLN C 96 3.48 -0.20 -22.29
N ILE C 97 2.36 -0.77 -21.86
CA ILE C 97 1.48 -1.49 -22.77
C ILE C 97 0.92 -0.55 -23.83
N LYS C 98 0.50 0.65 -23.42
CA LYS C 98 -0.10 1.61 -24.34
C LYS C 98 0.87 2.06 -25.43
N ASP C 99 2.12 2.34 -25.09
CA ASP C 99 3.09 2.74 -26.10
C ASP C 99 3.72 1.58 -26.84
N PHE C 100 3.61 0.35 -26.32
CA PHE C 100 3.95 -0.81 -27.13
C PHE C 100 2.88 -1.07 -28.18
N ALA C 101 1.61 -0.84 -27.83
CA ALA C 101 0.53 -0.99 -28.79
C ALA C 101 0.45 0.17 -29.77
N SER C 102 0.84 1.37 -29.34
CA SER C 102 0.69 2.55 -30.19
C SER C 102 1.72 2.58 -31.31
N THR C 103 2.97 2.21 -31.00
CA THR C 103 4.04 2.29 -31.99
C THR C 103 3.83 1.29 -33.12
N ARG C 104 4.34 1.64 -34.30
CA ARG C 104 4.15 0.82 -35.48
C ARG C 104 4.93 -0.49 -35.37
N GLN C 105 4.50 -1.47 -36.16
CA GLN C 105 5.12 -2.78 -36.16
C GLN C 105 6.54 -2.71 -36.71
N ILE C 106 7.40 -3.57 -36.18
CA ILE C 106 8.83 -3.56 -36.56
C ILE C 106 9.00 -4.63 -37.64
N PHE C 107 8.83 -4.20 -38.89
CA PHE C 107 9.18 -4.94 -40.10
C PHE C 107 8.39 -6.20 -40.37
N SER C 108 7.47 -6.59 -39.50
CA SER C 108 6.79 -7.86 -39.70
C SER C 108 5.56 -7.74 -40.58
N LYS C 109 5.11 -6.52 -40.88
CA LYS C 109 3.94 -6.22 -41.71
C LYS C 109 2.64 -6.69 -41.08
N GLY C 110 2.68 -7.32 -39.91
CA GLY C 110 1.49 -7.80 -39.25
C GLY C 110 1.21 -7.07 -37.95
N PHE C 111 0.74 -7.81 -36.95
CA PHE C 111 0.37 -7.27 -35.66
C PHE C 111 1.41 -7.61 -34.60
N LYS C 112 1.38 -6.86 -33.51
CA LYS C 112 2.19 -7.14 -32.33
C LYS C 112 1.36 -7.96 -31.34
N LEU C 113 2.06 -8.63 -30.43
CA LEU C 113 1.41 -9.48 -29.44
C LEU C 113 1.84 -9.04 -28.04
N ILE C 114 0.86 -8.88 -27.17
CA ILE C 114 1.08 -8.53 -25.76
C ILE C 114 0.52 -9.68 -24.93
N ILE C 115 1.40 -10.43 -24.29
CA ILE C 115 1.03 -11.61 -23.52
C ILE C 115 1.01 -11.22 -22.06
N LEU C 116 -0.16 -11.31 -21.43
CA LEU C 116 -0.34 -10.98 -20.01
C LEU C 116 -0.58 -12.28 -19.25
N ASP C 117 0.51 -12.90 -18.81
CA ASP C 117 0.41 -14.12 -18.02
C ASP C 117 0.06 -13.78 -16.58
N GLU C 118 -0.69 -14.68 -15.95
CA GLU C 118 -1.17 -14.52 -14.57
C GLU C 118 -1.94 -13.20 -14.41
N ALA C 119 -2.84 -12.94 -15.36
CA ALA C 119 -3.64 -11.73 -15.34
C ALA C 119 -4.66 -11.70 -14.22
N ASP C 120 -4.91 -12.84 -13.56
CA ASP C 120 -5.79 -12.85 -12.41
C ASP C 120 -5.19 -12.11 -11.21
N ALA C 121 -3.87 -11.90 -11.20
CA ALA C 121 -3.21 -11.13 -10.15
C ALA C 121 -3.23 -9.63 -10.42
N MET C 122 -3.72 -9.21 -11.59
CA MET C 122 -3.81 -7.79 -11.90
C MET C 122 -4.99 -7.16 -11.16
N THR C 123 -4.81 -5.90 -10.77
CA THR C 123 -5.85 -5.18 -10.06
C THR C 123 -6.98 -4.79 -11.01
N ASN C 124 -8.14 -4.48 -10.43
CA ASN C 124 -9.28 -4.06 -11.23
C ASN C 124 -9.04 -2.70 -11.89
N ALA C 125 -8.26 -1.82 -11.23
CA ALA C 125 -7.92 -0.54 -11.85
C ALA C 125 -7.05 -0.73 -13.08
N ALA C 126 -6.11 -1.67 -13.04
CA ALA C 126 -5.27 -1.97 -14.20
C ALA C 126 -5.99 -2.82 -15.25
N GLN C 127 -7.10 -3.45 -14.88
CA GLN C 127 -7.87 -4.25 -15.84
C GLN C 127 -8.97 -3.45 -16.52
N ASN C 128 -9.47 -2.40 -15.88
CA ASN C 128 -10.46 -1.51 -16.50
C ASN C 128 -9.82 -0.45 -17.39
N ALA C 129 -8.50 -0.32 -17.35
CA ALA C 129 -7.78 0.58 -18.26
C ALA C 129 -7.24 -0.13 -19.49
N LEU C 130 -7.12 -1.46 -19.45
CA LEU C 130 -6.67 -2.23 -20.60
C LEU C 130 -7.77 -2.48 -21.62
N ARG C 131 -9.03 -2.25 -21.25
CA ARG C 131 -10.15 -2.56 -22.13
C ARG C 131 -10.12 -1.69 -23.39
N ARG C 132 -10.00 -0.38 -23.21
CA ARG C 132 -9.94 0.51 -24.37
C ARG C 132 -8.60 0.45 -25.08
N VAL C 133 -7.54 0.02 -24.40
CA VAL C 133 -6.29 -0.25 -25.09
C VAL C 133 -6.46 -1.43 -26.05
N ILE C 134 -7.14 -2.49 -25.60
CA ILE C 134 -7.43 -3.63 -26.45
C ILE C 134 -8.33 -3.21 -27.61
N GLU C 135 -9.38 -2.44 -27.33
CA GLU C 135 -10.35 -2.09 -28.36
C GLU C 135 -9.77 -1.14 -29.40
N ARG C 136 -8.99 -0.15 -28.96
CA ARG C 136 -8.54 0.90 -29.87
C ARG C 136 -7.48 0.39 -30.84
N TYR C 137 -6.49 -0.35 -30.34
CA TYR C 137 -5.34 -0.78 -31.13
C TYR C 137 -5.47 -2.23 -31.60
N THR C 138 -6.70 -2.69 -31.86
CA THR C 138 -6.91 -4.06 -32.31
C THR C 138 -6.27 -4.30 -33.67
N LYS C 139 -6.18 -3.26 -34.51
CA LYS C 139 -5.68 -3.44 -35.87
C LYS C 139 -4.23 -3.90 -35.90
N ASN C 140 -3.38 -3.32 -35.05
CA ASN C 140 -1.95 -3.57 -35.12
C ASN C 140 -1.38 -4.27 -33.89
N THR C 141 -2.19 -4.58 -32.89
CA THR C 141 -1.73 -5.36 -31.75
C THR C 141 -2.84 -6.27 -31.26
N ARG C 142 -2.44 -7.38 -30.64
CA ARG C 142 -3.36 -8.36 -30.09
C ARG C 142 -2.97 -8.66 -28.65
N PHE C 143 -3.94 -9.15 -27.88
CA PHE C 143 -3.75 -9.42 -26.46
C PHE C 143 -4.11 -10.87 -26.17
N CYS C 144 -3.24 -11.55 -25.44
CA CYS C 144 -3.52 -12.89 -24.92
C CYS C 144 -3.48 -12.84 -23.40
N VAL C 145 -4.53 -13.38 -22.78
CA VAL C 145 -4.67 -13.35 -21.33
C VAL C 145 -4.67 -14.79 -20.84
N LEU C 146 -3.74 -15.09 -19.92
CA LEU C 146 -3.61 -16.42 -19.34
C LEU C 146 -3.98 -16.36 -17.87
N ALA C 147 -4.90 -17.22 -17.45
CA ALA C 147 -5.34 -17.23 -16.06
C ALA C 147 -5.90 -18.60 -15.72
N ASN C 148 -5.85 -18.93 -14.42
CA ASN C 148 -6.46 -20.15 -13.92
C ASN C 148 -7.66 -19.88 -13.02
N TYR C 149 -7.87 -18.64 -12.59
CA TYR C 149 -9.03 -18.24 -11.81
C TYR C 149 -9.74 -17.11 -12.55
N ALA C 150 -10.88 -17.42 -13.14
CA ALA C 150 -11.62 -16.46 -13.96
C ALA C 150 -12.48 -15.51 -13.14
N HIS C 151 -12.60 -15.74 -11.82
CA HIS C 151 -13.40 -14.87 -10.98
C HIS C 151 -12.70 -13.56 -10.62
N LYS C 152 -11.39 -13.47 -10.85
CA LYS C 152 -10.65 -12.24 -10.60
C LYS C 152 -10.55 -11.35 -11.83
N LEU C 153 -11.08 -11.80 -12.97
CA LEU C 153 -11.09 -10.99 -14.19
C LEU C 153 -12.39 -10.19 -14.27
N THR C 154 -12.26 -8.95 -14.70
CA THR C 154 -13.44 -8.12 -14.87
C THR C 154 -14.30 -8.66 -16.01
N PRO C 155 -15.63 -8.56 -15.91
CA PRO C 155 -16.50 -9.12 -16.97
C PRO C 155 -16.27 -8.51 -18.34
N ALA C 156 -15.95 -7.22 -18.43
CA ALA C 156 -15.70 -6.61 -19.74
C ALA C 156 -14.42 -7.14 -20.37
N LEU C 157 -13.37 -7.33 -19.58
CA LEU C 157 -12.15 -7.95 -20.09
C LEU C 157 -12.39 -9.39 -20.51
N LEU C 158 -13.28 -10.09 -19.80
CA LEU C 158 -13.68 -11.43 -20.20
C LEU C 158 -14.52 -11.44 -21.47
N SER C 159 -15.23 -10.35 -21.75
CA SER C 159 -16.04 -10.23 -22.95
C SER C 159 -15.21 -9.81 -24.17
N ARG C 160 -14.13 -9.05 -23.96
CA ARG C 160 -13.31 -8.59 -25.07
C ARG C 160 -12.37 -9.66 -25.61
N CYS C 161 -12.19 -10.76 -24.90
CA CYS C 161 -11.23 -11.79 -25.27
C CYS C 161 -11.96 -13.08 -25.61
N THR C 162 -11.55 -13.72 -26.71
CA THR C 162 -12.08 -15.03 -27.06
C THR C 162 -11.58 -16.06 -26.06
N ARG C 163 -12.49 -16.88 -25.55
CA ARG C 163 -12.18 -17.81 -24.46
C ARG C 163 -11.86 -19.19 -25.03
N PHE C 164 -10.73 -19.74 -24.60
CA PHE C 164 -10.35 -21.11 -24.92
C PHE C 164 -10.08 -21.83 -23.60
N ARG C 165 -10.78 -22.95 -23.39
CA ARG C 165 -10.67 -23.70 -22.14
C ARG C 165 -9.64 -24.82 -22.30
N PHE C 166 -8.61 -24.80 -21.47
CA PHE C 166 -7.60 -25.84 -21.44
C PHE C 166 -8.06 -26.91 -20.45
N GLN C 167 -8.55 -28.02 -20.97
CA GLN C 167 -9.05 -29.10 -20.13
C GLN C 167 -7.90 -29.78 -19.41
N PRO C 168 -8.17 -30.45 -18.29
CA PRO C 168 -7.14 -31.29 -17.68
C PRO C 168 -6.66 -32.36 -18.65
N LEU C 169 -5.37 -32.65 -18.59
CA LEU C 169 -4.75 -33.49 -19.60
C LEU C 169 -5.31 -34.91 -19.53
N PRO C 170 -5.79 -35.46 -20.64
CA PRO C 170 -6.31 -36.83 -20.63
C PRO C 170 -5.19 -37.85 -20.42
N GLN C 171 -5.62 -39.09 -20.19
CA GLN C 171 -4.66 -40.16 -19.94
C GLN C 171 -3.81 -40.44 -21.17
N GLU C 172 -4.40 -40.40 -22.37
CA GLU C 172 -3.67 -40.73 -23.59
C GLU C 172 -2.54 -39.74 -23.85
N ALA C 173 -2.78 -38.44 -23.67
CA ALA C 173 -1.75 -37.43 -23.87
C ALA C 173 -0.62 -37.56 -22.86
N ILE C 174 -0.96 -37.81 -21.60
CA ILE C 174 0.05 -38.00 -20.56
C ILE C 174 0.90 -39.23 -20.88
N GLU C 175 0.27 -40.30 -21.34
CA GLU C 175 1.03 -41.51 -21.68
C GLU C 175 1.90 -41.30 -22.92
N ARG C 176 1.44 -40.53 -23.90
CA ARG C 176 2.29 -40.28 -25.07
C ARG C 176 3.45 -39.35 -24.75
N ARG C 177 3.28 -38.40 -23.83
CA ARG C 177 4.42 -37.63 -23.37
C ARG C 177 5.36 -38.45 -22.50
N ILE C 178 4.81 -39.37 -21.71
CA ILE C 178 5.63 -40.26 -20.89
C ILE C 178 6.49 -41.14 -21.78
N ALA C 179 5.94 -41.60 -22.90
CA ALA C 179 6.72 -42.39 -23.84
C ALA C 179 7.91 -41.61 -24.39
N ASN C 180 7.69 -40.35 -24.76
CA ASN C 180 8.79 -39.52 -25.26
C ASN C 180 9.84 -39.28 -24.19
N VAL C 181 9.42 -39.02 -22.95
CA VAL C 181 10.36 -38.81 -21.86
C VAL C 181 11.18 -40.08 -21.61
N LEU C 182 10.52 -41.24 -21.62
CA LEU C 182 11.23 -42.51 -21.45
C LEU C 182 12.22 -42.76 -22.57
N VAL C 183 11.84 -42.43 -23.80
CA VAL C 183 12.75 -42.59 -24.93
C VAL C 183 13.97 -41.68 -24.78
N HIS C 184 13.77 -40.43 -24.39
CA HIS C 184 14.88 -39.50 -24.28
C HIS C 184 15.80 -39.85 -23.12
N GLU C 185 15.24 -40.30 -21.99
CA GLU C 185 16.04 -40.61 -20.82
C GLU C 185 16.49 -42.07 -20.76
N LYS C 186 16.12 -42.88 -21.76
CA LYS C 186 16.46 -44.30 -21.82
C LYS C 186 16.00 -45.02 -20.54
N LEU C 187 14.78 -44.73 -20.12
CA LEU C 187 14.19 -45.32 -18.93
C LEU C 187 13.12 -46.33 -19.33
N LYS C 188 12.69 -47.12 -18.34
CA LYS C 188 11.64 -48.11 -18.52
C LYS C 188 10.61 -47.96 -17.41
N LEU C 189 9.34 -48.02 -17.79
CA LEU C 189 8.23 -47.86 -16.86
C LEU C 189 7.32 -49.07 -16.96
N SER C 190 6.99 -49.68 -15.83
CA SER C 190 6.11 -50.82 -15.80
C SER C 190 4.69 -50.40 -16.19
N PRO C 191 3.93 -51.30 -16.82
CA PRO C 191 2.54 -50.96 -17.15
C PRO C 191 1.68 -50.63 -15.93
N ASN C 192 1.95 -51.25 -14.78
CA ASN C 192 1.21 -50.95 -13.57
C ASN C 192 1.68 -49.66 -12.90
N ALA C 193 2.85 -49.14 -13.28
CA ALA C 193 3.34 -47.89 -12.73
C ALA C 193 2.88 -46.68 -13.53
N GLU C 194 2.68 -46.84 -14.84
CA GLU C 194 2.15 -45.75 -15.65
C GLU C 194 0.75 -45.37 -15.22
N LYS C 195 -0.08 -46.37 -14.90
CA LYS C 195 -1.43 -46.09 -14.43
C LYS C 195 -1.40 -45.35 -13.10
N ALA C 196 -0.50 -45.75 -12.20
CA ALA C 196 -0.38 -45.05 -10.91
C ALA C 196 0.08 -43.61 -11.10
N LEU C 197 1.05 -43.40 -12.01
CA LEU C 197 1.50 -42.04 -12.29
C LEU C 197 0.38 -41.19 -12.86
N ILE C 198 -0.40 -41.74 -13.79
CA ILE C 198 -1.51 -41.00 -14.38
C ILE C 198 -2.57 -40.68 -13.33
N GLU C 199 -2.87 -41.65 -12.45
CA GLU C 199 -3.87 -41.44 -11.41
C GLU C 199 -3.43 -40.37 -10.42
N LEU C 200 -2.17 -40.40 -9.98
CA LEU C 200 -1.68 -39.38 -9.07
C LEU C 200 -1.47 -38.04 -9.77
N SER C 201 -1.44 -38.04 -11.10
CA SER C 201 -1.14 -36.81 -11.84
C SER C 201 -2.24 -35.78 -11.70
N ASN C 202 -3.50 -36.23 -11.72
CA ASN C 202 -4.67 -35.34 -11.69
C ASN C 202 -4.66 -34.34 -12.83
N GLY C 203 -4.21 -34.77 -14.00
CA GLY C 203 -4.21 -33.91 -15.18
C GLY C 203 -3.13 -32.86 -15.22
N ASP C 204 -1.96 -33.14 -14.63
CA ASP C 204 -0.85 -32.20 -14.59
C ASP C 204 0.39 -32.90 -15.13
N MET C 205 1.01 -32.32 -16.16
CA MET C 205 2.25 -32.85 -16.72
C MET C 205 3.46 -32.50 -15.87
N ARG C 206 3.40 -31.38 -15.13
CA ARG C 206 4.50 -31.03 -14.24
C ARG C 206 4.66 -32.08 -13.15
N ARG C 207 3.55 -32.61 -12.64
CA ARG C 207 3.63 -33.72 -11.69
C ARG C 207 4.23 -34.96 -12.33
N VAL C 208 3.88 -35.23 -13.60
CA VAL C 208 4.47 -36.36 -14.32
C VAL C 208 5.98 -36.24 -14.34
N LEU C 209 6.49 -35.08 -14.74
CA LEU C 209 7.92 -34.91 -14.89
C LEU C 209 8.64 -34.90 -13.55
N ASN C 210 8.05 -34.22 -12.55
CA ASN C 210 8.67 -34.15 -11.23
C ASN C 210 8.67 -35.49 -10.52
N VAL C 211 7.70 -36.36 -10.80
CA VAL C 211 7.72 -37.70 -10.21
C VAL C 211 8.65 -38.62 -10.98
N LEU C 212 8.69 -38.50 -12.32
CA LEU C 212 9.57 -39.37 -13.10
C LEU C 212 11.04 -39.08 -12.84
N GLN C 213 11.38 -37.80 -12.63
CA GLN C 213 12.78 -37.47 -12.31
C GLN C 213 13.21 -38.09 -10.99
N SER C 214 12.34 -38.01 -9.97
CA SER C 214 12.66 -38.62 -8.67
C SER C 214 12.66 -40.14 -8.77
N CYS C 215 11.84 -40.71 -9.65
CA CYS C 215 11.86 -42.15 -9.86
C CYS C 215 13.17 -42.59 -10.50
N LYS C 216 13.67 -41.83 -11.47
CA LYS C 216 14.97 -42.13 -12.05
C LYS C 216 16.08 -42.00 -11.00
N ALA C 217 16.00 -40.97 -10.16
CA ALA C 217 16.99 -40.81 -9.09
C ALA C 217 16.90 -41.94 -8.08
N THR C 218 15.71 -42.50 -7.87
CA THR C 218 15.54 -43.58 -6.90
C THR C 218 16.22 -44.87 -7.38
N LEU C 219 16.15 -45.15 -8.69
CA LEU C 219 16.73 -46.37 -9.22
C LEU C 219 18.24 -46.41 -9.02
N ASP C 220 18.73 -47.57 -8.57
CA ASP C 220 20.17 -47.73 -8.39
C ASP C 220 20.91 -47.68 -9.72
N ASN C 221 20.43 -48.43 -10.71
CA ASN C 221 20.97 -48.40 -12.06
C ASN C 221 19.88 -47.96 -13.02
N PRO C 222 19.87 -46.69 -13.44
CA PRO C 222 18.80 -46.20 -14.31
C PRO C 222 18.86 -46.67 -15.75
N ASP C 223 19.79 -47.57 -16.10
CA ASP C 223 19.92 -48.08 -17.45
C ASP C 223 19.46 -49.52 -17.60
N GLU C 224 19.29 -50.24 -16.50
CA GLU C 224 18.85 -51.63 -16.54
C GLU C 224 17.60 -51.88 -15.73
N ASP C 225 17.44 -51.23 -14.59
CA ASP C 225 16.28 -51.43 -13.74
C ASP C 225 15.05 -50.74 -14.33
N GLU C 226 13.88 -51.14 -13.83
CA GLU C 226 12.60 -50.61 -14.29
C GLU C 226 11.89 -49.93 -13.13
N ILE C 227 11.18 -48.85 -13.45
CA ILE C 227 10.42 -48.10 -12.45
C ILE C 227 9.09 -48.83 -12.25
N SER C 228 9.00 -49.64 -11.20
CA SER C 228 7.78 -50.35 -10.90
C SER C 228 6.84 -49.45 -10.08
N ASP C 229 5.69 -50.00 -9.70
CA ASP C 229 4.76 -49.25 -8.86
C ASP C 229 5.33 -48.99 -7.48
N ASP C 230 6.13 -49.93 -6.95
CA ASP C 230 6.75 -49.74 -5.65
C ASP C 230 7.67 -48.53 -5.65
N VAL C 231 8.44 -48.35 -6.73
CA VAL C 231 9.36 -47.21 -6.82
C VAL C 231 8.58 -45.90 -6.80
N ILE C 232 7.48 -45.83 -7.57
CA ILE C 232 6.68 -44.62 -7.63
C ILE C 232 6.07 -44.31 -6.27
N TYR C 233 5.47 -45.33 -5.64
CA TYR C 233 4.79 -45.11 -4.36
C TYR C 233 5.77 -44.78 -3.25
N GLU C 234 7.00 -45.31 -3.32
CA GLU C 234 8.00 -44.97 -2.32
C GLU C 234 8.55 -43.56 -2.54
N CYS C 235 8.76 -43.18 -3.80
CA CYS C 235 9.32 -41.86 -4.10
C CYS C 235 8.33 -40.74 -3.76
N CYS C 236 7.07 -40.91 -4.15
CA CYS C 236 6.06 -39.88 -3.90
C CYS C 236 5.38 -40.02 -2.55
N GLY C 237 5.68 -41.08 -1.80
CA GLY C 237 5.14 -41.27 -0.47
C GLY C 237 3.64 -41.40 -0.43
N ALA C 238 3.08 -42.17 -1.35
CA ALA C 238 1.64 -42.38 -1.41
C ALA C 238 1.28 -43.79 -0.97
N PRO C 239 0.10 -43.98 -0.37
CA PRO C 239 -0.32 -45.34 0.00
C PRO C 239 -0.53 -46.22 -1.22
N ARG C 240 -0.23 -47.50 -1.06
CA ARG C 240 -0.47 -48.46 -2.11
C ARG C 240 -1.96 -48.66 -2.32
N PRO C 241 -2.39 -49.10 -3.50
CA PRO C 241 -3.82 -49.38 -3.72
C PRO C 241 -4.37 -50.49 -2.84
N SER C 242 -3.51 -51.37 -2.31
CA SER C 242 -3.96 -52.40 -1.39
C SER C 242 -4.06 -51.88 0.05
N ASP C 243 -3.17 -50.98 0.45
CA ASP C 243 -3.22 -50.37 1.77
C ASP C 243 -4.39 -49.40 1.94
N LEU C 244 -4.99 -48.95 0.83
CA LEU C 244 -6.16 -48.10 0.91
C LEU C 244 -7.46 -48.90 1.03
N LYS C 245 -7.45 -50.16 0.60
CA LYS C 245 -8.61 -51.02 0.77
C LYS C 245 -8.54 -51.89 2.02
N ALA C 246 -7.33 -52.25 2.48
CA ALA C 246 -7.23 -53.00 3.73
C ALA C 246 -7.71 -52.17 4.92
N VAL C 247 -7.34 -50.90 4.97
CA VAL C 247 -7.79 -50.02 6.05
C VAL C 247 -9.30 -49.86 6.02
N LEU C 248 -9.86 -49.67 4.81
CA LEU C 248 -11.30 -49.52 4.70
C LEU C 248 -12.04 -50.81 5.08
N LYS C 249 -11.49 -51.97 4.71
CA LYS C 249 -12.07 -53.24 5.12
C LYS C 249 -12.06 -53.39 6.64
N SER C 250 -10.95 -53.01 7.28
CA SER C 250 -10.87 -53.05 8.73
C SER C 250 -11.88 -52.11 9.37
N ILE C 251 -12.05 -50.91 8.81
CA ILE C 251 -12.97 -49.94 9.39
C ILE C 251 -14.42 -50.38 9.22
N LEU C 252 -14.77 -50.91 8.04
CA LEU C 252 -16.16 -51.25 7.73
C LEU C 252 -16.55 -52.67 8.08
N GLU C 253 -15.62 -53.52 8.52
CA GLU C 253 -15.94 -54.91 8.81
C GLU C 253 -15.42 -55.41 10.15
N ASP C 254 -14.40 -54.79 10.73
CA ASP C 254 -13.84 -55.24 11.98
C ASP C 254 -14.38 -54.39 13.13
N ASP C 255 -13.88 -54.64 14.33
CA ASP C 255 -14.32 -53.92 15.53
C ASP C 255 -13.52 -52.63 15.68
N TRP C 256 -13.67 -51.98 16.83
CA TRP C 256 -12.98 -50.73 17.13
C TRP C 256 -11.61 -50.95 17.73
N GLY C 257 -11.19 -52.19 17.95
CA GLY C 257 -9.91 -52.47 18.55
C GLY C 257 -8.86 -52.90 17.54
N THR C 258 -9.29 -53.58 16.48
CA THR C 258 -8.38 -54.04 15.44
C THR C 258 -8.31 -53.09 14.25
N ALA C 259 -9.36 -52.30 14.00
CA ALA C 259 -9.29 -51.30 12.95
C ALA C 259 -8.24 -50.24 13.27
N HIS C 260 -8.17 -49.81 14.53
CA HIS C 260 -7.14 -48.86 14.95
C HIS C 260 -5.74 -49.45 14.79
N TYR C 261 -5.57 -50.72 15.15
CA TYR C 261 -4.27 -51.38 14.98
C TYR C 261 -3.90 -51.48 13.51
N THR C 262 -4.85 -51.84 12.65
CA THR C 262 -4.57 -51.93 11.22
C THR C 262 -4.20 -50.56 10.64
N LEU C 263 -4.93 -49.52 11.05
CA LEU C 263 -4.63 -48.17 10.57
C LEU C 263 -3.24 -47.72 10.99
N ASN C 264 -2.90 -47.92 12.27
CA ASN C 264 -1.60 -47.50 12.76
C ASN C 264 -0.45 -48.38 12.24
N LYS C 265 -0.74 -49.62 11.84
CA LYS C 265 0.28 -50.44 11.20
C LYS C 265 0.49 -50.02 9.75
N VAL C 266 -0.58 -49.67 9.05
CA VAL C 266 -0.45 -49.19 7.67
C VAL C 266 0.27 -47.85 7.63
N ARG C 267 -0.01 -46.99 8.61
CA ARG C 267 0.64 -45.68 8.68
C ARG C 267 2.06 -45.74 9.22
N SER C 268 2.52 -46.90 9.69
CA SER C 268 3.87 -47.05 10.20
C SER C 268 4.76 -47.96 9.37
N ALA C 269 4.19 -48.84 8.53
CA ALA C 269 5.01 -49.70 7.69
C ALA C 269 5.84 -48.89 6.70
N LYS C 270 5.22 -47.88 6.08
CA LYS C 270 5.90 -47.03 5.12
C LYS C 270 5.80 -45.55 5.48
N GLY C 271 5.31 -45.22 6.66
CA GLY C 271 5.20 -43.82 7.06
C GLY C 271 4.20 -43.03 6.25
N LEU C 272 3.06 -43.63 5.91
CA LEU C 272 2.06 -42.94 5.12
C LEU C 272 1.38 -41.84 5.93
N ALA C 273 0.94 -40.81 5.23
CA ALA C 273 0.27 -39.66 5.84
C ALA C 273 -1.23 -39.91 5.92
N LEU C 274 -1.86 -39.27 6.92
CA LEU C 274 -3.29 -39.45 7.13
C LEU C 274 -4.10 -38.83 6.00
N ILE C 275 -3.66 -37.69 5.47
CA ILE C 275 -4.45 -36.99 4.47
C ILE C 275 -4.49 -37.77 3.15
N ASP C 276 -3.39 -38.45 2.81
CA ASP C 276 -3.39 -39.27 1.60
C ASP C 276 -4.36 -40.43 1.73
N LEU C 277 -4.38 -41.09 2.89
CA LEU C 277 -5.33 -42.17 3.12
C LEU C 277 -6.76 -41.65 3.10
N ILE C 278 -6.99 -40.46 3.65
CA ILE C 278 -8.34 -39.89 3.63
C ILE C 278 -8.79 -39.65 2.19
N GLU C 279 -7.93 -39.04 1.38
CA GLU C 279 -8.29 -38.74 0.00
C GLU C 279 -8.32 -39.97 -0.89
N GLY C 280 -7.71 -41.08 -0.48
CA GLY C 280 -7.84 -42.32 -1.21
C GLY C 280 -9.11 -43.07 -0.85
N ILE C 281 -9.41 -43.11 0.46
CA ILE C 281 -10.64 -43.75 0.93
C ILE C 281 -11.87 -43.00 0.42
N VAL C 282 -11.77 -41.67 0.29
CA VAL C 282 -12.88 -40.91 -0.27
C VAL C 282 -13.16 -41.34 -1.71
N LYS C 283 -12.10 -41.48 -2.52
CA LYS C 283 -12.27 -41.91 -3.90
C LYS C 283 -12.80 -43.34 -3.98
N ILE C 284 -12.34 -44.22 -3.07
CA ILE C 284 -12.84 -45.59 -3.06
C ILE C 284 -14.32 -45.62 -2.70
N LEU C 285 -14.72 -44.85 -1.68
CA LEU C 285 -16.12 -44.85 -1.24
C LEU C 285 -17.04 -44.10 -2.20
N GLU C 286 -16.49 -43.22 -3.04
CA GLU C 286 -17.33 -42.53 -4.02
C GLU C 286 -17.95 -43.51 -5.02
N ASP C 287 -17.30 -44.64 -5.27
CA ASP C 287 -17.85 -45.65 -6.16
C ASP C 287 -18.83 -46.59 -5.47
N TYR C 288 -19.03 -46.45 -4.16
CA TYR C 288 -19.94 -47.31 -3.44
C TYR C 288 -21.39 -46.97 -3.78
N GLU C 289 -22.26 -47.95 -3.59
CA GLU C 289 -23.67 -47.86 -3.95
C GLU C 289 -24.57 -47.58 -2.74
N LEU C 290 -24.09 -46.76 -1.81
CA LEU C 290 -24.79 -46.43 -0.58
C LEU C 290 -26.24 -46.04 -0.83
N GLN C 291 -27.16 -46.74 -0.17
CA GLN C 291 -28.59 -46.66 -0.46
C GLN C 291 -29.39 -45.97 0.64
N ASN C 292 -28.79 -44.99 1.31
CA ASN C 292 -29.47 -44.24 2.35
C ASN C 292 -29.52 -42.74 2.10
N GLU C 293 -28.59 -42.19 1.30
CA GLU C 293 -28.51 -40.77 0.94
C GLU C 293 -28.11 -39.93 2.15
N GLU C 294 -28.07 -40.55 3.33
CA GLU C 294 -27.57 -39.90 4.54
C GLU C 294 -26.19 -40.39 4.93
N THR C 295 -25.85 -41.63 4.58
CA THR C 295 -24.49 -42.13 4.79
C THR C 295 -23.48 -41.31 4.02
N ARG C 296 -23.78 -41.03 2.75
CA ARG C 296 -22.90 -40.20 1.94
C ARG C 296 -22.77 -38.79 2.50
N VAL C 297 -23.90 -38.22 2.93
CA VAL C 297 -23.88 -36.86 3.49
C VAL C 297 -23.02 -36.81 4.74
N HIS C 298 -23.22 -37.78 5.66
CA HIS C 298 -22.43 -37.81 6.88
C HIS C 298 -20.94 -38.01 6.57
N LEU C 299 -20.63 -38.93 5.65
CA LEU C 299 -19.24 -39.19 5.30
C LEU C 299 -18.58 -37.94 4.73
N LEU C 300 -19.24 -37.26 3.81
CA LEU C 300 -18.66 -36.06 3.22
C LEU C 300 -18.50 -34.95 4.26
N THR C 301 -19.56 -34.66 5.02
CA THR C 301 -19.52 -33.55 5.95
C THR C 301 -18.60 -33.80 7.14
N LYS C 302 -18.27 -35.05 7.44
CA LYS C 302 -17.32 -35.34 8.50
C LYS C 302 -15.89 -35.45 8.00
N LEU C 303 -15.66 -36.13 6.87
CA LEU C 303 -14.33 -36.24 6.32
C LEU C 303 -13.79 -34.91 5.82
N ALA C 304 -14.65 -34.02 5.32
CA ALA C 304 -14.21 -32.67 4.97
C ALA C 304 -13.76 -31.87 6.19
N ASP C 305 -14.46 -31.99 7.32
CA ASP C 305 -14.04 -31.34 8.55
C ASP C 305 -12.72 -31.91 9.07
N ILE C 306 -12.56 -33.24 8.98
CA ILE C 306 -11.28 -33.85 9.38
C ILE C 306 -10.16 -33.38 8.46
N GLU C 307 -10.43 -33.28 7.16
CA GLU C 307 -9.43 -32.79 6.22
C GLU C 307 -9.06 -31.34 6.51
N TYR C 308 -10.05 -30.50 6.85
CA TYR C 308 -9.77 -29.12 7.19
C TYR C 308 -8.97 -29.01 8.49
N SER C 309 -9.27 -29.85 9.47
CA SER C 309 -8.52 -29.83 10.72
C SER C 309 -7.10 -30.36 10.56
N ILE C 310 -6.89 -31.30 9.63
CA ILE C 310 -5.54 -31.81 9.38
C ILE C 310 -4.65 -30.71 8.83
N SER C 311 -5.19 -29.87 7.96
CA SER C 311 -4.42 -28.79 7.34
C SER C 311 -3.94 -27.75 8.33
N LYS C 312 -4.52 -27.70 9.54
CA LYS C 312 -4.10 -26.74 10.56
C LYS C 312 -3.32 -27.39 11.69
N GLY C 313 -2.97 -28.67 11.56
CA GLY C 313 -2.21 -29.35 12.60
C GLY C 313 -3.07 -30.14 13.55
N GLY C 314 -2.66 -30.22 14.82
CA GLY C 314 -3.39 -30.95 15.83
C GLY C 314 -2.83 -32.34 16.05
N ASN C 315 -3.49 -33.07 16.95
CA ASN C 315 -3.08 -34.43 17.28
C ASN C 315 -3.37 -35.36 16.11
N ASP C 316 -2.36 -36.13 15.69
CA ASP C 316 -2.52 -37.01 14.55
C ASP C 316 -3.35 -38.25 14.90
N GLN C 317 -3.13 -38.83 16.09
CA GLN C 317 -3.86 -40.02 16.49
C GLN C 317 -5.35 -39.71 16.69
N ILE C 318 -5.65 -38.54 17.24
CA ILE C 318 -7.05 -38.17 17.46
C ILE C 318 -7.80 -38.07 16.13
N GLN C 319 -7.18 -37.43 15.13
CA GLN C 319 -7.79 -37.36 13.81
C GLN C 319 -7.86 -38.72 13.13
N GLY C 320 -6.85 -39.56 13.31
CA GLY C 320 -6.91 -40.91 12.76
C GLY C 320 -8.04 -41.74 13.32
N SER C 321 -8.29 -41.63 14.62
CA SER C 321 -9.46 -42.27 15.23
C SER C 321 -10.76 -41.60 14.81
N ALA C 322 -10.74 -40.28 14.56
CA ALA C 322 -11.92 -39.58 14.09
C ALA C 322 -12.34 -40.05 12.70
N VAL C 323 -11.37 -40.37 11.83
CA VAL C 323 -11.71 -40.95 10.53
C VAL C 323 -12.43 -42.27 10.70
N ILE C 324 -11.91 -43.14 11.58
CA ILE C 324 -12.55 -44.44 11.81
C ILE C 324 -13.97 -44.25 12.36
N GLY C 325 -14.12 -43.34 13.33
CA GLY C 325 -15.43 -43.03 13.86
C GLY C 325 -16.41 -42.46 12.86
N ALA C 326 -15.97 -41.53 12.01
CA ALA C 326 -16.82 -40.95 10.99
C ALA C 326 -17.24 -41.94 9.91
N ILE C 327 -16.34 -42.86 9.54
CA ILE C 327 -16.72 -43.90 8.58
C ILE C 327 -17.62 -44.96 9.22
N LYS C 328 -17.41 -45.28 10.50
CA LYS C 328 -18.22 -46.31 11.15
C LYS C 328 -19.62 -45.80 11.47
N ALA C 329 -19.74 -44.58 12.00
CA ALA C 329 -21.04 -44.07 12.42
C ALA C 329 -21.95 -43.74 11.26
N SER C 330 -21.36 -43.60 10.07
CA SER C 330 -22.14 -43.25 8.84
C SER C 330 -22.81 -44.49 8.28
N PHE C 331 -22.08 -45.61 8.19
CA PHE C 331 -22.64 -46.84 7.58
C PHE C 331 -23.69 -47.44 8.52
N GLU C 332 -23.73 -46.99 9.77
CA GLU C 332 -24.78 -47.47 10.70
C GLU C 332 -26.15 -47.04 10.14
N ASN C 333 -26.19 -45.88 9.50
CA ASN C 333 -27.43 -45.41 8.80
C ASN C 333 -27.79 -46.43 7.72
N GLU C 334 -26.84 -46.75 6.83
CA GLU C 334 -27.14 -47.67 5.70
C GLU C 334 -27.69 -48.98 6.27
N THR C 335 -27.12 -49.46 7.37
CA THR C 335 -27.63 -50.71 8.01
C THR C 335 -28.71 -50.35 9.03
N GLN D 24 28.58 -26.77 26.30
CA GLN D 24 28.97 -26.27 24.99
C GLN D 24 27.79 -25.60 24.28
N GLN D 25 26.87 -26.42 23.79
CA GLN D 25 25.72 -25.95 23.05
C GLN D 25 24.55 -26.89 23.34
N PRO D 26 23.32 -26.44 23.11
CA PRO D 26 22.18 -27.37 23.26
C PRO D 26 22.31 -28.56 22.33
N TRP D 27 21.84 -29.72 22.80
CA TRP D 27 22.01 -30.97 22.07
C TRP D 27 21.29 -30.95 20.73
N VAL D 28 20.24 -30.12 20.59
CA VAL D 28 19.56 -30.03 19.31
C VAL D 28 20.46 -29.38 18.26
N GLU D 29 21.25 -28.38 18.65
CA GLU D 29 22.17 -27.73 17.73
C GLU D 29 23.50 -28.45 17.62
N LYS D 30 23.94 -29.11 18.71
CA LYS D 30 25.20 -29.84 18.66
C LYS D 30 25.12 -31.03 17.71
N TYR D 31 23.99 -31.74 17.70
CA TYR D 31 23.81 -32.94 16.91
C TYR D 31 22.96 -32.69 15.66
N ARG D 32 22.93 -31.45 15.18
CA ARG D 32 22.30 -31.16 13.91
C ARG D 32 23.10 -31.82 12.79
N PRO D 33 22.44 -32.48 11.83
CA PRO D 33 23.18 -33.15 10.75
C PRO D 33 24.00 -32.14 9.94
N LYS D 34 25.23 -32.54 9.61
CA LYS D 34 26.14 -31.71 8.83
C LYS D 34 26.26 -32.17 7.39
N ASN D 35 26.05 -33.46 7.12
CA ASN D 35 26.03 -34.00 5.78
C ASN D 35 24.79 -34.87 5.63
N LEU D 36 24.52 -35.27 4.39
CA LEU D 36 23.28 -35.98 4.07
C LEU D 36 23.27 -37.43 4.57
N ASP D 37 24.34 -37.89 5.22
CA ASP D 37 24.38 -39.25 5.74
C ASP D 37 23.96 -39.34 7.20
N GLU D 38 23.63 -38.22 7.84
CA GLU D 38 23.14 -38.23 9.21
C GLU D 38 21.66 -37.87 9.33
N VAL D 39 21.02 -37.48 8.23
CA VAL D 39 19.57 -37.26 8.23
C VAL D 39 18.90 -38.64 8.17
N THR D 40 18.28 -39.04 9.26
CA THR D 40 17.76 -40.39 9.40
C THR D 40 16.28 -40.46 9.06
N ALA D 41 15.86 -41.65 8.61
CA ALA D 41 14.46 -42.05 8.42
C ALA D 41 13.81 -41.37 7.21
N GLN D 42 14.49 -40.40 6.62
CA GLN D 42 14.04 -39.81 5.35
C GLN D 42 14.91 -40.34 4.22
N ASP D 43 14.67 -41.61 3.89
CA ASP D 43 15.44 -42.29 2.85
C ASP D 43 14.81 -42.20 1.47
N HIS D 44 13.62 -41.61 1.36
CA HIS D 44 12.98 -41.41 0.07
C HIS D 44 13.23 -40.03 -0.50
N ALA D 45 13.67 -39.07 0.32
CA ALA D 45 13.97 -37.73 -0.13
C ALA D 45 15.46 -37.38 -0.06
N VAL D 46 16.25 -38.15 0.67
CA VAL D 46 17.69 -37.91 0.75
C VAL D 46 18.43 -38.61 -0.39
N THR D 47 17.95 -39.78 -0.79
CA THR D 47 18.60 -40.51 -1.89
C THR D 47 18.49 -39.74 -3.20
N VAL D 48 17.35 -39.10 -3.44
CA VAL D 48 17.20 -38.29 -4.65
C VAL D 48 18.16 -37.12 -4.65
N LEU D 49 18.27 -36.42 -3.51
CA LEU D 49 19.18 -35.29 -3.42
C LEU D 49 20.64 -35.72 -3.51
N LYS D 50 20.96 -36.94 -3.05
CA LYS D 50 22.32 -37.44 -3.17
C LYS D 50 22.62 -37.89 -4.61
N LYS D 51 21.61 -38.40 -5.32
CA LYS D 51 21.79 -38.68 -6.74
C LYS D 51 21.96 -37.39 -7.53
N THR D 52 21.32 -36.31 -7.07
CA THR D 52 21.52 -34.98 -7.64
C THR D 52 22.97 -34.51 -7.54
N LEU D 53 23.73 -35.01 -6.56
CA LEU D 53 25.13 -34.62 -6.40
C LEU D 53 25.93 -34.93 -7.66
N LYS D 54 25.72 -36.10 -8.25
CA LYS D 54 26.47 -36.51 -9.42
C LYS D 54 26.04 -35.73 -10.66
N SER D 55 24.72 -35.56 -10.83
CA SER D 55 24.16 -34.85 -11.97
C SER D 55 24.09 -33.36 -11.66
N ALA D 56 23.35 -32.61 -12.49
CA ALA D 56 23.14 -31.19 -12.25
C ALA D 56 21.69 -30.79 -12.56
N ASN D 57 20.75 -31.73 -12.41
CA ASN D 57 19.36 -31.51 -12.77
C ASN D 57 18.47 -31.41 -11.53
N LEU D 58 18.93 -30.71 -10.50
CA LEU D 58 18.15 -30.52 -9.29
C LEU D 58 16.87 -29.77 -9.60
N PRO D 59 15.70 -30.33 -9.31
CA PRO D 59 14.44 -29.63 -9.55
C PRO D 59 14.12 -28.68 -8.40
N HIS D 60 13.07 -27.89 -8.61
CA HIS D 60 12.56 -27.05 -7.54
C HIS D 60 11.91 -27.93 -6.48
N MET D 61 12.30 -27.73 -5.23
CA MET D 61 11.93 -28.61 -4.14
C MET D 61 10.90 -27.97 -3.22
N LEU D 62 9.94 -28.77 -2.79
CA LEU D 62 8.92 -28.36 -1.81
C LEU D 62 9.00 -29.32 -0.64
N PHE D 63 9.66 -28.91 0.43
CA PHE D 63 9.84 -29.73 1.62
C PHE D 63 8.71 -29.44 2.59
N TYR D 64 7.89 -30.46 2.89
CA TYR D 64 6.78 -30.30 3.80
C TYR D 64 6.66 -31.54 4.69
N GLY D 65 6.19 -31.32 5.91
CA GLY D 65 6.05 -32.38 6.88
C GLY D 65 5.80 -31.86 8.28
N PRO D 66 5.75 -32.76 9.25
CA PRO D 66 5.56 -32.35 10.65
C PRO D 66 6.75 -31.54 11.15
N PRO D 67 6.54 -30.70 12.17
CA PRO D 67 7.67 -29.93 12.72
C PRO D 67 8.74 -30.83 13.31
N GLY D 68 9.98 -30.38 13.19
CA GLY D 68 11.12 -31.13 13.69
C GLY D 68 11.37 -32.44 12.98
N THR D 69 11.24 -32.45 11.65
CA THR D 69 11.47 -33.65 10.85
C THR D 69 12.80 -33.63 10.11
N GLY D 70 13.46 -32.49 10.00
CA GLY D 70 14.78 -32.44 9.42
C GLY D 70 14.87 -31.74 8.07
N LYS D 71 13.83 -30.99 7.70
CA LYS D 71 13.83 -30.30 6.42
C LYS D 71 14.93 -29.23 6.37
N THR D 72 14.99 -28.39 7.39
CA THR D 72 16.05 -27.38 7.50
C THR D 72 17.41 -28.01 7.71
N SER D 73 17.48 -29.19 8.34
CA SER D 73 18.73 -29.92 8.47
C SER D 73 19.10 -30.68 7.20
N THR D 74 18.16 -30.87 6.28
CA THR D 74 18.46 -31.52 5.01
C THR D 74 18.89 -30.52 3.94
N ILE D 75 18.20 -29.37 3.85
CA ILE D 75 18.57 -28.39 2.84
C ILE D 75 19.93 -27.76 3.18
N LEU D 76 20.18 -27.49 4.46
CA LEU D 76 21.44 -26.89 4.87
C LEU D 76 22.62 -27.84 4.72
N ALA D 77 22.38 -29.14 4.66
CA ALA D 77 23.42 -30.12 4.37
C ALA D 77 23.60 -30.36 2.88
N LEU D 78 22.51 -30.40 2.12
CA LEU D 78 22.61 -30.54 0.67
C LEU D 78 23.32 -29.35 0.07
N THR D 79 23.03 -28.14 0.56
CA THR D 79 23.73 -26.95 0.09
C THR D 79 25.22 -27.05 0.34
N LYS D 80 25.61 -27.53 1.54
CA LYS D 80 27.02 -27.71 1.86
C LYS D 80 27.68 -28.68 0.89
N GLU D 81 27.09 -29.88 0.75
CA GLU D 81 27.65 -30.88 -0.15
C GLU D 81 27.72 -30.38 -1.60
N LEU D 82 26.75 -29.56 -2.02
CA LEU D 82 26.72 -29.08 -3.39
C LEU D 82 27.80 -28.04 -3.65
N TYR D 83 27.97 -27.09 -2.74
CA TYR D 83 28.79 -25.93 -3.03
C TYR D 83 30.10 -25.86 -2.27
N GLY D 84 30.12 -26.14 -0.97
CA GLY D 84 31.29 -25.89 -0.17
C GLY D 84 31.13 -24.61 0.62
N PRO D 85 31.85 -24.51 1.75
CA PRO D 85 31.71 -23.32 2.61
C PRO D 85 32.06 -22.02 1.91
N ASP D 86 33.08 -22.00 1.06
CA ASP D 86 33.50 -20.76 0.41
C ASP D 86 32.48 -20.30 -0.62
N LEU D 87 31.93 -21.23 -1.41
CA LEU D 87 30.92 -20.88 -2.41
C LEU D 87 29.54 -20.71 -1.81
N MET D 88 29.36 -21.07 -0.53
CA MET D 88 28.04 -20.99 0.09
C MET D 88 27.55 -19.55 0.19
N LYS D 89 28.43 -18.63 0.61
CA LYS D 89 27.99 -17.24 0.76
C LYS D 89 27.63 -16.59 -0.56
N SER D 90 28.16 -17.09 -1.67
CA SER D 90 27.93 -16.46 -2.96
C SER D 90 26.84 -17.13 -3.79
N ARG D 91 26.58 -18.42 -3.57
CA ARG D 91 25.61 -19.14 -4.39
C ARG D 91 24.34 -19.53 -3.62
N ILE D 92 24.12 -18.96 -2.44
CA ILE D 92 22.96 -19.30 -1.61
C ILE D 92 22.31 -18.02 -1.12
N LEU D 93 21.00 -17.91 -1.29
CA LEU D 93 20.19 -16.85 -0.69
C LEU D 93 19.09 -17.50 0.13
N GLU D 94 19.06 -17.21 1.43
CA GLU D 94 18.10 -17.79 2.35
C GLU D 94 17.17 -16.69 2.85
N LEU D 95 15.87 -16.90 2.70
CA LEU D 95 14.85 -15.98 3.20
C LEU D 95 13.86 -16.76 4.04
N ASN D 96 13.79 -16.44 5.33
CA ASN D 96 12.89 -17.07 6.28
C ASN D 96 11.74 -16.10 6.59
N ALA D 97 10.90 -16.50 7.54
CA ALA D 97 9.81 -15.62 7.97
C ALA D 97 10.27 -14.47 8.84
N SER D 98 11.54 -14.47 9.27
CA SER D 98 12.05 -13.44 10.17
C SER D 98 12.41 -12.14 9.45
N ASP D 99 12.33 -12.09 8.12
CA ASP D 99 12.56 -10.88 7.36
C ASP D 99 11.38 -10.63 6.44
N GLU D 100 11.30 -9.42 5.91
CA GLU D 100 10.18 -9.02 5.06
C GLU D 100 10.20 -9.82 3.76
N ARG D 101 9.06 -10.42 3.43
CA ARG D 101 8.87 -11.20 2.21
C ARG D 101 7.57 -10.81 1.52
N GLY D 102 7.34 -9.51 1.39
CA GLY D 102 6.15 -9.02 0.74
C GLY D 102 6.24 -9.15 -0.77
N ILE D 103 5.19 -8.64 -1.44
CA ILE D 103 5.14 -8.71 -2.89
C ILE D 103 6.28 -7.90 -3.50
N SER D 104 6.60 -6.74 -2.92
CA SER D 104 7.70 -5.92 -3.42
C SER D 104 9.03 -6.64 -3.25
N ILE D 105 9.25 -7.29 -2.10
CA ILE D 105 10.50 -7.99 -1.87
C ILE D 105 10.68 -9.12 -2.87
N VAL D 106 9.62 -9.90 -3.11
CA VAL D 106 9.69 -10.98 -4.10
C VAL D 106 9.94 -10.41 -5.49
N ARG D 107 9.34 -9.26 -5.80
CA ARG D 107 9.47 -8.70 -7.14
C ARG D 107 10.83 -8.06 -7.38
N GLU D 108 11.55 -7.62 -6.34
CA GLU D 108 12.86 -7.00 -6.57
C GLU D 108 14.01 -7.88 -6.11
N LYS D 109 14.08 -8.27 -4.83
CA LYS D 109 15.28 -8.92 -4.32
C LYS D 109 15.43 -10.34 -4.87
N VAL D 110 14.36 -11.13 -4.78
CA VAL D 110 14.41 -12.51 -5.28
C VAL D 110 14.61 -12.52 -6.79
N LYS D 111 13.93 -11.63 -7.50
CA LYS D 111 14.06 -11.57 -8.95
C LYS D 111 15.47 -11.16 -9.36
N ASN D 112 16.07 -10.21 -8.65
CA ASN D 112 17.43 -9.78 -8.99
C ASN D 112 18.46 -10.83 -8.64
N PHE D 113 18.24 -11.59 -7.55
CA PHE D 113 19.15 -12.69 -7.25
C PHE D 113 19.02 -13.80 -8.28
N ALA D 114 17.80 -14.09 -8.75
CA ALA D 114 17.62 -15.09 -9.79
C ALA D 114 18.23 -14.63 -11.12
N ARG D 115 18.15 -13.33 -11.42
CA ARG D 115 18.75 -12.80 -12.64
C ARG D 115 20.27 -12.76 -12.56
N LEU D 116 20.84 -12.88 -11.36
CA LEU D 116 22.28 -12.80 -11.21
C LEU D 116 22.96 -14.00 -11.88
N THR D 117 24.08 -13.72 -12.55
CA THR D 117 24.85 -14.78 -13.20
C THR D 117 25.49 -15.68 -12.15
N VAL D 118 25.73 -16.93 -12.54
CA VAL D 118 26.35 -17.90 -11.63
C VAL D 118 27.81 -17.52 -11.40
N SER D 119 28.18 -17.39 -10.13
CA SER D 119 29.55 -17.04 -9.78
C SER D 119 30.51 -18.15 -10.19
N LYS D 120 31.70 -17.74 -10.61
CA LYS D 120 32.71 -18.70 -11.06
C LYS D 120 33.35 -19.37 -9.84
N PRO D 121 33.31 -20.70 -9.74
CA PRO D 121 33.97 -21.37 -8.61
C PRO D 121 35.48 -21.27 -8.72
N SER D 122 36.13 -21.33 -7.56
CA SER D 122 37.58 -21.34 -7.51
C SER D 122 38.12 -22.72 -7.90
N LYS D 123 39.45 -22.79 -8.05
CA LYS D 123 40.08 -24.05 -8.40
C LYS D 123 39.87 -25.10 -7.32
N HIS D 124 40.02 -24.70 -6.05
CA HIS D 124 39.77 -25.61 -4.94
C HIS D 124 38.32 -26.08 -4.91
N ASP D 125 37.39 -25.16 -5.15
CA ASP D 125 35.97 -25.52 -5.14
C ASP D 125 35.64 -26.52 -6.23
N LEU D 126 36.19 -26.31 -7.43
CA LEU D 126 35.94 -27.24 -8.53
C LEU D 126 36.62 -28.58 -8.28
N GLU D 127 37.82 -28.56 -7.69
CA GLU D 127 38.57 -29.79 -7.47
C GLU D 127 38.03 -30.62 -6.31
N ASN D 128 37.28 -30.01 -5.39
CA ASN D 128 36.75 -30.72 -4.23
C ASN D 128 35.24 -30.92 -4.30
N TYR D 129 34.49 -29.86 -4.53
CA TYR D 129 33.03 -29.90 -4.52
C TYR D 129 32.48 -30.01 -5.93
N PRO D 130 31.29 -30.59 -6.11
CA PRO D 130 30.74 -30.73 -7.46
C PRO D 130 30.50 -29.40 -8.16
N CYS D 131 30.16 -28.35 -7.42
CA CYS D 131 29.96 -26.99 -7.94
C CYS D 131 28.97 -26.98 -9.09
N PRO D 132 27.67 -27.15 -8.83
CA PRO D 132 26.70 -27.14 -9.91
C PRO D 132 26.60 -25.76 -10.53
N PRO D 133 26.23 -25.67 -11.83
CA PRO D 133 26.12 -24.39 -12.52
C PRO D 133 24.81 -23.65 -12.26
N TYR D 134 24.41 -23.58 -11.00
CA TYR D 134 23.21 -22.84 -10.62
C TYR D 134 23.31 -22.46 -9.14
N LYS D 135 22.46 -21.52 -8.74
CA LYS D 135 22.34 -21.11 -7.35
C LYS D 135 21.00 -21.57 -6.79
N ILE D 136 20.90 -21.57 -5.47
CA ILE D 136 19.71 -22.06 -4.78
C ILE D 136 19.14 -20.92 -3.94
N ILE D 137 17.85 -20.67 -4.11
CA ILE D 137 17.12 -19.69 -3.30
C ILE D 137 16.24 -20.48 -2.34
N ILE D 138 16.58 -20.44 -1.06
CA ILE D 138 15.85 -21.17 -0.04
C ILE D 138 14.82 -20.22 0.59
N LEU D 139 13.55 -20.61 0.51
CA LEU D 139 12.46 -19.85 1.11
C LEU D 139 11.88 -20.69 2.24
N ASP D 140 12.49 -20.57 3.42
CA ASP D 140 12.03 -21.30 4.59
C ASP D 140 10.76 -20.66 5.15
N GLU D 141 9.91 -21.51 5.72
CA GLU D 141 8.62 -21.10 6.27
C GLU D 141 7.78 -20.36 5.22
N ALA D 142 7.67 -20.98 4.05
CA ALA D 142 6.92 -20.40 2.93
C ALA D 142 5.41 -20.42 3.16
N ASP D 143 4.93 -21.16 4.16
CA ASP D 143 3.51 -21.17 4.46
C ASP D 143 3.02 -19.87 5.07
N SER D 144 3.93 -19.05 5.61
CA SER D 144 3.59 -17.75 6.17
C SER D 144 3.63 -16.65 5.12
N MET D 145 3.70 -17.00 3.84
CA MET D 145 3.76 -16.03 2.75
C MET D 145 2.36 -15.82 2.18
N THR D 146 2.06 -14.56 1.86
CA THR D 146 0.76 -14.23 1.28
C THR D 146 0.64 -14.82 -0.12
N ALA D 147 -0.60 -15.09 -0.53
CA ALA D 147 -0.86 -15.66 -1.84
C ALA D 147 -0.52 -14.69 -2.98
N ASP D 148 -0.47 -13.38 -2.70
CA ASP D 148 -0.09 -12.43 -3.73
C ASP D 148 1.41 -12.45 -3.97
N ALA D 149 2.21 -12.54 -2.91
CA ALA D 149 3.67 -12.63 -3.08
C ALA D 149 4.09 -13.98 -3.63
N GLN D 150 3.30 -15.03 -3.37
CA GLN D 150 3.61 -16.34 -3.92
C GLN D 150 3.34 -16.41 -5.41
N SER D 151 2.45 -15.56 -5.92
CA SER D 151 2.14 -15.56 -7.35
C SER D 151 3.24 -14.94 -8.18
N ALA D 152 4.08 -14.09 -7.58
CA ALA D 152 5.19 -13.46 -8.29
C ALA D 152 6.38 -14.39 -8.49
N LEU D 153 6.40 -15.54 -7.82
CA LEU D 153 7.47 -16.51 -8.00
C LEU D 153 7.19 -17.48 -9.15
N ARG D 154 5.95 -17.53 -9.64
CA ARG D 154 5.57 -18.58 -10.60
C ARG D 154 6.39 -18.48 -11.88
N ARG D 155 6.62 -17.27 -12.38
CA ARG D 155 7.47 -17.10 -13.55
C ARG D 155 8.94 -16.91 -13.20
N THR D 156 9.26 -16.52 -11.97
CA THR D 156 10.65 -16.41 -11.56
C THR D 156 11.33 -17.77 -11.47
N MET D 157 10.62 -18.78 -10.99
CA MET D 157 11.18 -20.13 -10.94
C MET D 157 11.15 -20.85 -12.29
N GLU D 158 10.56 -20.26 -13.32
CA GLU D 158 10.49 -20.90 -14.63
C GLU D 158 11.31 -20.20 -15.70
N THR D 159 11.45 -18.88 -15.65
CA THR D 159 12.27 -18.16 -16.63
C THR D 159 13.76 -18.37 -16.36
N TYR D 160 14.15 -18.36 -15.09
CA TYR D 160 15.54 -18.51 -14.69
C TYR D 160 15.78 -19.86 -14.02
N SER D 161 15.07 -20.89 -14.48
CA SER D 161 15.19 -22.23 -13.91
C SER D 161 16.54 -22.88 -14.21
N GLY D 162 17.25 -22.42 -15.23
CA GLY D 162 18.56 -22.91 -15.56
C GLY D 162 19.71 -22.15 -14.96
N VAL D 163 19.44 -21.08 -14.20
CA VAL D 163 20.48 -20.27 -13.59
C VAL D 163 20.32 -20.31 -12.07
N THR D 164 19.07 -20.46 -11.62
CA THR D 164 18.77 -20.50 -10.19
C THR D 164 17.81 -21.64 -9.90
N ARG D 165 17.82 -22.08 -8.64
CA ARG D 165 16.94 -23.13 -8.15
C ARG D 165 16.23 -22.63 -6.91
N PHE D 166 15.05 -23.21 -6.64
CA PHE D 166 14.21 -22.79 -5.54
C PHE D 166 13.91 -23.98 -4.62
N CYS D 167 13.93 -23.71 -3.32
CA CYS D 167 13.57 -24.70 -2.30
C CYS D 167 12.59 -24.05 -1.34
N LEU D 168 11.36 -24.57 -1.30
CA LEU D 168 10.32 -24.05 -0.42
C LEU D 168 10.13 -25.03 0.73
N ILE D 169 10.21 -24.51 1.96
CA ILE D 169 10.06 -25.31 3.18
C ILE D 169 8.84 -24.80 3.93
N CYS D 170 7.97 -25.72 4.32
CA CYS D 170 6.75 -25.36 5.04
C CYS D 170 6.30 -26.55 5.85
N ASN D 171 5.41 -26.28 6.82
CA ASN D 171 4.78 -27.34 7.60
C ASN D 171 3.37 -27.66 7.13
N TYR D 172 2.68 -26.70 6.50
CA TYR D 172 1.33 -26.88 5.98
C TYR D 172 1.39 -26.67 4.47
N VAL D 173 1.34 -27.77 3.72
CA VAL D 173 1.44 -27.69 2.27
C VAL D 173 0.20 -27.04 1.65
N THR D 174 -0.93 -27.03 2.37
CA THR D 174 -2.14 -26.42 1.84
C THR D 174 -2.03 -24.90 1.74
N ARG D 175 -1.12 -24.28 2.49
CA ARG D 175 -0.95 -22.84 2.44
C ARG D 175 -0.07 -22.39 1.28
N ILE D 176 0.51 -23.32 0.53
CA ILE D 176 1.21 -23.02 -0.71
C ILE D 176 0.23 -23.14 -1.85
N ILE D 177 0.18 -22.12 -2.71
CA ILE D 177 -0.81 -22.10 -3.79
C ILE D 177 -0.53 -23.24 -4.77
N ASP D 178 -1.60 -23.73 -5.38
CA ASP D 178 -1.48 -24.83 -6.34
C ASP D 178 -0.54 -24.54 -7.50
N PRO D 179 -0.54 -23.35 -8.14
CA PRO D 179 0.47 -23.09 -9.17
C PRO D 179 1.90 -23.24 -8.68
N LEU D 180 2.19 -22.81 -7.45
CA LEU D 180 3.53 -22.98 -6.90
C LEU D 180 3.82 -24.43 -6.54
N ALA D 181 2.82 -25.15 -6.02
CA ALA D 181 3.01 -26.55 -5.70
C ALA D 181 3.18 -27.42 -6.93
N SER D 182 2.70 -26.96 -8.09
CA SER D 182 2.85 -27.74 -9.31
C SER D 182 4.28 -27.72 -9.84
N ARG D 183 4.94 -26.54 -9.77
CA ARG D 183 6.28 -26.41 -10.33
C ARG D 183 7.36 -26.98 -9.42
N CYS D 184 7.05 -27.23 -8.15
CA CYS D 184 8.03 -27.71 -7.19
C CYS D 184 7.84 -29.21 -6.95
N SER D 185 8.94 -29.95 -7.01
CA SER D 185 8.90 -31.37 -6.66
C SER D 185 8.63 -31.51 -5.17
N LYS D 186 7.63 -32.33 -4.82
CA LYS D 186 7.16 -32.44 -3.46
C LYS D 186 7.88 -33.58 -2.75
N PHE D 187 8.56 -33.27 -1.65
CA PHE D 187 9.23 -34.25 -0.82
C PHE D 187 8.61 -34.19 0.57
N ARG D 188 7.87 -35.22 0.95
CA ARG D 188 7.20 -35.28 2.24
C ARG D 188 8.15 -35.91 3.25
N PHE D 189 8.43 -35.19 4.34
CA PHE D 189 9.29 -35.69 5.40
C PHE D 189 8.45 -36.46 6.40
N LYS D 190 8.76 -37.74 6.58
CA LYS D 190 7.95 -38.60 7.44
C LYS D 190 8.15 -38.24 8.92
N ALA D 191 7.14 -38.57 9.72
CA ALA D 191 7.20 -38.36 11.15
C ALA D 191 8.22 -39.31 11.77
N LEU D 192 9.01 -38.80 12.72
CA LEU D 192 10.08 -39.56 13.35
C LEU D 192 9.54 -40.21 14.63
N ASP D 193 9.04 -41.43 14.50
CA ASP D 193 8.52 -42.18 15.63
C ASP D 193 9.66 -42.96 16.28
N ALA D 194 9.31 -43.90 17.17
CA ALA D 194 10.30 -44.66 17.91
C ALA D 194 10.86 -45.85 17.13
N SER D 195 10.40 -46.06 15.90
CA SER D 195 10.88 -47.18 15.08
C SER D 195 11.96 -46.79 14.09
N ASN D 196 11.89 -45.59 13.52
CA ASN D 196 12.84 -45.16 12.51
C ASN D 196 13.82 -44.10 13.01
N ALA D 197 13.54 -43.48 14.17
CA ALA D 197 14.44 -42.49 14.75
C ALA D 197 15.08 -42.97 16.04
N ILE D 198 14.96 -44.26 16.35
CA ILE D 198 15.55 -44.78 17.59
C ILE D 198 17.07 -44.79 17.51
N ASP D 199 17.63 -45.05 16.33
CA ASP D 199 19.07 -45.17 16.19
C ASP D 199 19.77 -43.84 16.46
N ARG D 200 19.21 -42.73 15.95
CA ARG D 200 19.82 -41.43 16.19
C ARG D 200 19.81 -41.06 17.67
N LEU D 201 18.69 -41.33 18.35
CA LEU D 201 18.61 -41.03 19.78
C LEU D 201 19.57 -41.91 20.58
N ARG D 202 19.68 -43.18 20.22
CA ARG D 202 20.61 -44.08 20.92
C ARG D 202 22.07 -43.72 20.64
N PHE D 203 22.36 -43.16 19.47
CA PHE D 203 23.71 -42.68 19.18
C PHE D 203 24.03 -41.43 19.98
N ILE D 204 23.06 -40.50 20.07
CA ILE D 204 23.29 -39.26 20.81
C ILE D 204 23.42 -39.56 22.30
N SER D 205 22.60 -40.46 22.83
CA SER D 205 22.67 -40.82 24.24
C SER D 205 24.02 -41.46 24.59
N GLU D 206 24.50 -42.36 23.72
CA GLU D 206 25.79 -42.99 23.98
C GLU D 206 26.94 -41.99 23.83
N GLN D 207 26.81 -41.03 22.91
CA GLN D 207 27.84 -40.02 22.75
C GLN D 207 27.91 -39.06 23.93
N GLU D 208 26.82 -38.93 24.70
CA GLU D 208 26.81 -38.08 25.89
C GLU D 208 26.86 -38.90 27.17
N ASN D 209 27.11 -40.22 27.07
CA ASN D 209 27.23 -41.11 28.22
C ASN D 209 25.99 -41.05 29.12
N VAL D 210 24.82 -41.04 28.49
CA VAL D 210 23.56 -41.02 29.22
C VAL D 210 23.15 -42.46 29.53
N LYS D 211 23.01 -42.78 30.81
CA LYS D 211 22.62 -44.11 31.25
C LYS D 211 21.10 -44.14 31.39
N CYS D 212 20.45 -44.93 30.55
CA CYS D 212 19.00 -45.02 30.53
C CYS D 212 18.55 -46.47 30.76
N ASP D 213 17.35 -46.61 31.28
CA ASP D 213 16.76 -47.92 31.52
C ASP D 213 16.23 -48.51 30.21
N ASP D 214 15.78 -49.76 30.27
CA ASP D 214 15.18 -50.41 29.12
C ASP D 214 13.72 -50.01 29.03
N GLY D 215 13.32 -49.52 27.86
CA GLY D 215 12.01 -48.92 27.68
C GLY D 215 12.15 -47.43 27.45
N VAL D 216 13.15 -46.82 28.09
CA VAL D 216 13.47 -45.43 27.79
C VAL D 216 14.10 -45.34 26.40
N LEU D 217 14.03 -44.12 25.83
CA LEU D 217 14.41 -43.79 24.46
C LEU D 217 13.41 -44.34 23.46
N GLU D 218 12.46 -45.13 23.95
CA GLU D 218 11.26 -45.50 23.21
C GLU D 218 10.01 -44.84 23.75
N ARG D 219 10.05 -44.34 24.98
CA ARG D 219 8.99 -43.51 25.53
C ARG D 219 9.20 -42.03 25.22
N ILE D 220 10.45 -41.59 25.15
CA ILE D 220 10.75 -40.22 24.76
C ILE D 220 10.30 -39.95 23.33
N LEU D 221 10.49 -40.92 22.44
CA LEU D 221 10.07 -40.80 21.05
C LEU D 221 8.58 -41.02 20.85
N ASP D 222 7.87 -41.52 21.87
CA ASP D 222 6.42 -41.66 21.83
C ASP D 222 5.69 -40.46 22.41
N ILE D 223 6.22 -39.89 23.50
CA ILE D 223 5.66 -38.64 24.03
C ILE D 223 5.83 -37.52 23.01
N SER D 224 7.02 -37.42 22.41
CA SER D 224 7.29 -36.48 21.32
C SER D 224 6.83 -37.14 20.02
N ALA D 225 5.62 -36.81 19.59
CA ALA D 225 5.00 -37.46 18.43
C ALA D 225 5.59 -36.88 17.16
N GLY D 226 6.47 -37.64 16.51
CA GLY D 226 7.04 -37.23 15.24
C GLY D 226 7.90 -35.98 15.32
N ASP D 227 8.72 -35.86 16.36
CA ASP D 227 9.55 -34.67 16.55
C ASP D 227 10.83 -35.10 17.25
N LEU D 228 11.92 -35.18 16.49
CA LEU D 228 13.21 -35.51 17.07
C LEU D 228 13.81 -34.36 17.89
N ARG D 229 13.47 -33.12 17.57
CA ARG D 229 13.95 -31.98 18.35
C ARG D 229 13.46 -32.06 19.80
N ARG D 230 12.17 -32.32 20.00
CA ARG D 230 11.63 -32.49 21.34
C ARG D 230 12.19 -33.74 22.01
N GLY D 231 12.39 -34.82 21.25
CA GLY D 231 12.96 -36.04 21.81
C GLY D 231 14.40 -35.90 22.23
N ILE D 232 15.15 -34.98 21.62
CA ILE D 232 16.51 -34.70 22.06
C ILE D 232 16.54 -33.71 23.22
N THR D 233 15.69 -32.68 23.18
CA THR D 233 15.60 -31.74 24.30
C THR D 233 15.13 -32.42 25.59
N LEU D 234 14.16 -33.34 25.49
CA LEU D 234 13.72 -34.07 26.67
C LEU D 234 14.82 -34.96 27.23
N LEU D 235 15.60 -35.61 26.36
CA LEU D 235 16.72 -36.42 26.84
C LEU D 235 17.77 -35.54 27.53
N GLN D 236 18.04 -34.36 26.96
CA GLN D 236 18.99 -33.44 27.59
C GLN D 236 18.47 -32.98 28.96
N SER D 237 17.18 -32.69 29.05
CA SER D 237 16.60 -32.27 30.32
C SER D 237 16.66 -33.38 31.35
N ALA D 238 16.37 -34.62 30.94
CA ALA D 238 16.45 -35.76 31.85
C ALA D 238 17.87 -36.04 32.29
N SER D 239 18.86 -35.81 31.42
CA SER D 239 20.26 -36.00 31.79
C SER D 239 20.76 -34.89 32.71
N LYS D 240 20.31 -33.65 32.51
CA LYS D 240 20.78 -32.54 33.32
C LYS D 240 20.35 -32.65 34.78
N GLY D 241 19.28 -33.40 35.06
CA GLY D 241 18.88 -33.64 36.44
C GLY D 241 19.57 -34.85 37.02
N ALA D 242 19.80 -35.86 36.17
CA ALA D 242 20.51 -37.06 36.61
C ALA D 242 21.94 -36.72 37.01
N GLN D 243 22.60 -35.84 36.27
CA GLN D 243 23.92 -35.38 36.66
C GLN D 243 23.88 -34.32 37.75
N TYR D 244 22.69 -33.85 38.13
CA TYR D 244 22.57 -32.94 39.27
C TYR D 244 22.40 -33.68 40.59
N LEU D 245 21.59 -34.75 40.59
CA LEU D 245 21.49 -35.57 41.80
C LEU D 245 22.82 -36.23 42.14
N GLY D 246 23.53 -36.74 41.13
CA GLY D 246 24.83 -37.30 41.34
C GLY D 246 24.86 -38.72 41.87
N ASP D 247 23.71 -39.37 41.99
CA ASP D 247 23.66 -40.75 42.47
C ASP D 247 24.11 -41.77 41.42
N GLY D 248 24.26 -41.35 40.17
CA GLY D 248 24.70 -42.26 39.12
C GLY D 248 23.73 -43.36 38.82
N LYS D 249 22.44 -43.02 38.73
CA LYS D 249 21.39 -43.98 38.45
C LYS D 249 20.91 -43.83 37.02
N ASN D 250 20.23 -44.88 36.54
CA ASN D 250 19.70 -44.90 35.19
C ASN D 250 18.37 -44.15 35.15
N ILE D 251 18.16 -43.37 34.08
CA ILE D 251 16.91 -42.64 33.93
C ILE D 251 15.79 -43.62 33.66
N THR D 252 14.71 -43.52 34.43
CA THR D 252 13.57 -44.41 34.32
C THR D 252 12.49 -43.80 33.45
N SER D 253 11.40 -44.54 33.26
CA SER D 253 10.31 -44.15 32.38
C SER D 253 9.30 -43.24 33.03
N THR D 254 9.41 -42.99 34.33
CA THR D 254 8.53 -42.05 35.01
C THR D 254 9.07 -40.63 35.06
N GLN D 255 10.39 -40.49 35.23
CA GLN D 255 11.00 -39.17 35.17
C GLN D 255 10.78 -38.52 33.81
N VAL D 256 10.91 -39.30 32.73
CA VAL D 256 10.75 -38.76 31.38
C VAL D 256 9.38 -38.13 31.21
N GLU D 257 8.33 -38.81 31.68
CA GLU D 257 7.00 -38.21 31.68
C GLU D 257 6.90 -37.05 32.65
N GLU D 258 7.68 -37.08 33.74
CA GLU D 258 7.60 -36.01 34.72
C GLU D 258 8.14 -34.68 34.18
N LEU D 259 9.21 -34.71 33.38
CA LEU D 259 9.67 -33.49 32.73
C LEU D 259 9.06 -33.28 31.34
N ALA D 260 8.15 -34.14 30.90
CA ALA D 260 7.50 -33.95 29.60
C ALA D 260 6.14 -33.27 29.71
N GLY D 261 5.48 -33.37 30.86
CA GLY D 261 4.15 -32.85 31.04
C GLY D 261 3.03 -33.87 30.93
N VAL D 262 3.36 -35.16 30.84
CA VAL D 262 2.34 -36.20 30.75
C VAL D 262 1.65 -36.35 32.11
N VAL D 263 0.33 -36.33 32.10
CA VAL D 263 -0.45 -36.49 33.33
C VAL D 263 -0.20 -37.90 33.88
N PRO D 264 0.06 -38.05 35.18
CA PRO D 264 0.27 -39.38 35.74
C PRO D 264 -0.98 -40.24 35.64
N HIS D 265 -0.77 -41.55 35.60
CA HIS D 265 -1.87 -42.49 35.43
C HIS D 265 -2.76 -42.62 36.67
N ASP D 266 -2.45 -41.91 37.76
CA ASP D 266 -3.31 -41.87 38.93
C ASP D 266 -4.26 -40.68 38.95
N ILE D 267 -3.93 -39.58 38.26
CA ILE D 267 -4.83 -38.45 38.13
C ILE D 267 -5.79 -38.64 36.96
N LEU D 268 -5.31 -39.18 35.83
CA LEU D 268 -6.18 -39.49 34.72
C LEU D 268 -7.18 -40.59 35.10
N ILE D 269 -6.78 -41.53 35.95
CA ILE D 269 -7.72 -42.53 36.44
C ILE D 269 -8.80 -41.86 37.28
N GLU D 270 -8.43 -40.91 38.13
CA GLU D 270 -9.43 -40.17 38.90
C GLU D 270 -10.37 -39.41 37.98
N ILE D 271 -9.83 -38.84 36.90
CA ILE D 271 -10.65 -38.14 35.91
C ILE D 271 -11.66 -39.11 35.29
N VAL D 272 -11.19 -40.30 34.92
CA VAL D 272 -12.06 -41.28 34.26
C VAL D 272 -13.16 -41.75 35.21
N GLU D 273 -12.78 -42.12 36.43
CA GLU D 273 -13.76 -42.60 37.40
C GLU D 273 -14.68 -41.51 37.93
N LYS D 274 -14.30 -40.24 37.80
CA LYS D 274 -15.25 -39.16 38.06
C LYS D 274 -16.14 -38.89 36.86
N VAL D 275 -15.67 -39.18 35.65
CA VAL D 275 -16.52 -39.11 34.46
C VAL D 275 -17.59 -40.19 34.51
N LYS D 276 -17.23 -41.38 35.00
CA LYS D 276 -18.18 -42.49 35.06
C LYS D 276 -19.40 -42.15 35.92
N SER D 277 -19.20 -41.36 36.97
CA SER D 277 -20.30 -40.86 37.79
C SER D 277 -20.68 -39.49 37.25
N GLY D 278 -21.82 -39.42 36.55
CA GLY D 278 -22.17 -38.25 35.77
C GLY D 278 -22.64 -37.03 36.54
N ASP D 279 -22.25 -36.91 37.81
CA ASP D 279 -22.61 -35.73 38.59
C ASP D 279 -21.84 -34.52 38.08
N PHE D 280 -22.56 -33.49 37.66
CA PHE D 280 -21.93 -32.31 37.06
C PHE D 280 -21.05 -31.58 38.07
N ASP D 281 -21.52 -31.43 39.31
CA ASP D 281 -20.82 -30.59 40.28
C ASP D 281 -19.47 -31.18 40.67
N GLU D 282 -19.42 -32.49 40.89
CA GLU D 282 -18.15 -33.12 41.28
C GLU D 282 -17.15 -33.09 40.14
N ILE D 283 -17.62 -33.27 38.90
CA ILE D 283 -16.73 -33.17 37.74
C ILE D 283 -16.20 -31.75 37.61
N LYS D 284 -17.07 -30.75 37.79
CA LYS D 284 -16.63 -29.36 37.71
C LYS D 284 -15.59 -29.04 38.80
N LYS D 285 -15.84 -29.51 40.02
CA LYS D 285 -14.89 -29.28 41.10
C LYS D 285 -13.54 -29.95 40.84
N TYR D 286 -13.57 -31.20 40.34
CA TYR D 286 -12.30 -31.88 40.07
C TYR D 286 -11.56 -31.25 38.91
N VAL D 287 -12.29 -30.75 37.90
CA VAL D 287 -11.62 -30.05 36.79
C VAL D 287 -11.03 -28.73 37.27
N ASN D 288 -11.72 -28.04 38.17
CA ASN D 288 -11.17 -26.82 38.75
C ASN D 288 -9.89 -27.11 39.54
N THR D 289 -9.87 -28.20 40.29
CA THR D 289 -8.65 -28.60 40.98
C THR D 289 -7.55 -29.01 40.01
N PHE D 290 -7.92 -29.71 38.94
CA PHE D 290 -6.96 -30.23 37.97
C PHE D 290 -6.28 -29.09 37.22
N MET D 291 -7.04 -28.06 36.83
CA MET D 291 -6.47 -26.95 36.09
C MET D 291 -5.51 -26.12 36.94
N LYS D 292 -5.57 -26.25 38.26
CA LYS D 292 -4.62 -25.57 39.13
C LYS D 292 -3.24 -26.23 39.11
N SER D 293 -3.16 -27.48 38.69
CA SER D 293 -1.88 -28.17 38.63
C SER D 293 -1.05 -27.80 37.40
N GLY D 294 -1.62 -27.05 36.47
CA GLY D 294 -0.88 -26.57 35.32
C GLY D 294 -0.78 -27.53 34.15
N TRP D 295 -1.52 -28.64 34.18
CA TRP D 295 -1.48 -29.59 33.08
C TRP D 295 -2.07 -28.97 31.81
N SER D 296 -1.39 -29.18 30.69
CA SER D 296 -1.88 -28.71 29.40
C SER D 296 -3.00 -29.64 28.92
N ALA D 297 -4.12 -29.04 28.48
CA ALA D 297 -5.28 -29.82 28.10
C ALA D 297 -5.00 -30.71 26.90
N ALA D 298 -4.11 -30.28 26.00
CA ALA D 298 -3.78 -31.05 24.81
C ALA D 298 -3.14 -32.38 25.12
N SER D 299 -2.59 -32.56 26.33
CA SER D 299 -2.03 -33.85 26.73
C SER D 299 -3.03 -34.75 27.42
N VAL D 300 -3.87 -34.20 28.30
CA VAL D 300 -4.91 -35.00 28.95
C VAL D 300 -5.96 -35.47 27.94
N VAL D 301 -6.29 -34.63 26.94
CA VAL D 301 -7.20 -35.08 25.89
C VAL D 301 -6.60 -36.24 25.10
N ASN D 302 -5.31 -36.15 24.78
CA ASN D 302 -4.65 -37.26 24.08
C ASN D 302 -4.64 -38.53 24.91
N GLN D 303 -4.30 -38.43 26.19
CA GLN D 303 -4.28 -39.60 27.06
C GLN D 303 -5.66 -40.21 27.22
N LEU D 304 -6.69 -39.36 27.35
CA LEU D 304 -8.06 -39.86 27.38
C LEU D 304 -8.43 -40.55 26.09
N HIS D 305 -7.96 -40.03 24.95
CA HIS D 305 -8.20 -40.69 23.68
C HIS D 305 -7.60 -42.09 23.66
N GLU D 306 -6.34 -42.21 24.11
CA GLU D 306 -5.72 -43.53 24.17
C GLU D 306 -6.49 -44.47 25.08
N TYR D 307 -6.85 -43.98 26.27
CA TYR D 307 -7.53 -44.83 27.25
C TYR D 307 -8.89 -45.30 26.73
N TYR D 308 -9.66 -44.41 26.11
CA TYR D 308 -11.00 -44.76 25.67
C TYR D 308 -10.98 -45.62 24.40
N ILE D 309 -10.07 -45.33 23.47
CA ILE D 309 -10.02 -46.12 22.24
C ILE D 309 -9.47 -47.51 22.51
N THR D 310 -8.41 -47.62 23.30
CA THR D 310 -7.77 -48.92 23.51
C THR D 310 -8.53 -49.81 24.48
N ASN D 311 -9.46 -49.26 25.25
CA ASN D 311 -10.21 -50.06 26.22
C ASN D 311 -11.18 -50.99 25.51
N ASP D 312 -11.37 -52.18 26.10
CA ASP D 312 -12.29 -53.18 25.57
C ASP D 312 -13.60 -53.23 26.33
N ASN D 313 -13.80 -52.35 27.31
CA ASN D 313 -15.04 -52.32 28.09
C ASN D 313 -16.08 -51.37 27.50
N PHE D 314 -15.80 -50.77 26.35
CA PHE D 314 -16.70 -49.81 25.72
C PHE D 314 -17.14 -50.35 24.36
N ASP D 315 -18.41 -50.14 24.04
CA ASP D 315 -18.99 -50.69 22.82
C ASP D 315 -18.63 -49.84 21.60
N THR D 316 -19.19 -50.20 20.45
CA THR D 316 -18.86 -49.51 19.21
C THR D 316 -19.44 -48.10 19.18
N ASN D 317 -20.67 -47.93 19.66
CA ASN D 317 -21.31 -46.61 19.63
C ASN D 317 -20.58 -45.61 20.52
N PHE D 318 -20.17 -46.06 21.71
CA PHE D 318 -19.45 -45.18 22.62
C PHE D 318 -18.15 -44.69 22.01
N LYS D 319 -17.39 -45.59 21.37
CA LYS D 319 -16.13 -45.18 20.76
C LYS D 319 -16.38 -44.31 19.52
N ASN D 320 -17.43 -44.61 18.75
CA ASN D 320 -17.76 -43.80 17.59
C ASN D 320 -18.10 -42.37 17.98
N GLN D 321 -18.81 -42.19 19.09
CA GLN D 321 -19.08 -40.85 19.58
C GLN D 321 -17.89 -40.19 20.27
N ILE D 322 -17.08 -40.97 20.98
CA ILE D 322 -15.94 -40.41 21.69
C ILE D 322 -14.88 -39.93 20.71
N SER D 323 -14.76 -40.59 19.54
CA SER D 323 -13.80 -40.14 18.54
C SER D 323 -14.14 -38.75 18.04
N TRP D 324 -15.42 -38.51 17.72
CA TRP D 324 -15.83 -37.20 17.26
C TRP D 324 -15.76 -36.16 18.38
N LEU D 325 -16.09 -36.55 19.60
CA LEU D 325 -15.99 -35.61 20.72
C LEU D 325 -14.55 -35.16 20.95
N LEU D 326 -13.62 -36.11 20.96
CA LEU D 326 -12.22 -35.76 21.15
C LEU D 326 -11.67 -34.99 19.96
N PHE D 327 -12.12 -35.31 18.75
CA PHE D 327 -11.70 -34.56 17.58
C PHE D 327 -12.16 -33.11 17.66
N THR D 328 -13.42 -32.89 18.05
CA THR D 328 -13.94 -31.53 18.19
C THR D 328 -13.19 -30.77 19.28
N THR D 329 -12.92 -31.44 20.42
CA THR D 329 -12.19 -30.78 21.50
C THR D 329 -10.78 -30.40 21.07
N ASP D 330 -10.09 -31.31 20.37
CA ASP D 330 -8.74 -31.02 19.91
C ASP D 330 -8.73 -29.90 18.88
N SER D 331 -9.71 -29.90 17.97
CA SER D 331 -9.79 -28.84 16.97
C SER D 331 -10.06 -27.49 17.62
N ARG D 332 -10.91 -27.46 18.64
CA ARG D 332 -11.18 -26.21 19.35
C ARG D 332 -9.96 -25.75 20.13
N LEU D 333 -9.23 -26.69 20.73
CA LEU D 333 -8.03 -26.31 21.50
C LEU D 333 -6.91 -25.84 20.58
N ASN D 334 -6.85 -26.36 19.35
CA ASN D 334 -5.82 -25.94 18.41
C ASN D 334 -5.96 -24.48 17.99
N ASN D 335 -7.16 -23.91 18.09
CA ASN D 335 -7.41 -22.54 17.68
C ASN D 335 -7.01 -21.51 18.75
N GLY D 336 -6.56 -21.95 19.91
CA GLY D 336 -6.15 -21.04 20.96
C GLY D 336 -7.29 -20.61 21.85
N THR D 337 -8.01 -21.57 22.40
CA THR D 337 -9.16 -21.31 23.27
C THR D 337 -8.82 -21.65 24.71
N ASN D 338 -9.74 -21.31 25.60
CA ASN D 338 -9.55 -21.59 27.02
C ASN D 338 -9.57 -23.08 27.29
N GLU D 339 -8.55 -23.57 27.98
CA GLU D 339 -8.43 -25.01 28.21
C GLU D 339 -9.44 -25.50 29.25
N HIS D 340 -9.74 -24.68 30.25
CA HIS D 340 -10.66 -25.09 31.31
C HIS D 340 -12.05 -25.34 30.75
N ILE D 341 -12.57 -24.39 29.96
CA ILE D 341 -13.93 -24.50 29.43
C ILE D 341 -14.05 -25.70 28.50
N GLN D 342 -13.09 -25.84 27.58
CA GLN D 342 -13.14 -26.95 26.63
C GLN D 342 -13.00 -28.30 27.33
N LEU D 343 -12.09 -28.40 28.31
CA LEU D 343 -11.92 -29.65 29.03
C LEU D 343 -13.17 -30.01 29.83
N LEU D 344 -13.77 -29.03 30.51
CA LEU D 344 -14.98 -29.31 31.27
C LEU D 344 -16.12 -29.72 30.35
N ASN D 345 -16.27 -29.04 29.21
CA ASN D 345 -17.31 -29.42 28.25
C ASN D 345 -17.09 -30.83 27.73
N LEU D 346 -15.84 -31.17 27.40
CA LEU D 346 -15.53 -32.50 26.90
C LEU D 346 -15.86 -33.57 27.94
N LEU D 347 -15.43 -33.36 29.18
CA LEU D 347 -15.66 -34.38 30.21
C LEU D 347 -17.14 -34.51 30.54
N VAL D 348 -17.87 -33.39 30.56
CA VAL D 348 -19.32 -33.45 30.79
C VAL D 348 -20.01 -34.19 29.66
N LYS D 349 -19.58 -33.95 28.42
CA LYS D 349 -20.16 -34.68 27.29
C LYS D 349 -19.86 -36.17 27.38
N ILE D 350 -18.64 -36.54 27.81
CA ILE D 350 -18.31 -37.94 27.98
C ILE D 350 -19.19 -38.57 29.06
N SER D 351 -19.43 -37.84 30.15
CA SER D 351 -20.26 -38.34 31.24
C SER D 351 -21.70 -38.58 30.84
N GLN D 352 -22.16 -38.01 29.71
CA GLN D 352 -23.53 -38.18 29.24
C GLN D 352 -23.63 -39.16 28.07
N LEU D 353 -22.58 -39.93 27.83
CA LEU D 353 -22.61 -40.95 26.77
C LEU D 353 -23.12 -42.28 27.31
N SER E 2 4.93 0.01 50.69
CA SER E 2 5.01 -0.58 49.36
C SER E 2 4.02 -1.74 49.23
N LEU E 3 3.83 -2.20 47.99
CA LEU E 3 3.01 -3.37 47.75
C LEU E 3 3.67 -4.61 48.34
N TRP E 4 2.91 -5.39 49.11
CA TRP E 4 3.46 -6.58 49.74
C TRP E 4 3.78 -7.68 48.75
N VAL E 5 3.26 -7.60 47.52
CA VAL E 5 3.62 -8.56 46.49
C VAL E 5 5.08 -8.39 46.08
N ASP E 6 5.52 -7.14 45.91
CA ASP E 6 6.85 -6.84 45.41
C ASP E 6 7.84 -6.54 46.52
N LYS E 7 7.44 -6.66 47.78
CA LYS E 7 8.34 -6.47 48.91
C LYS E 7 8.74 -7.78 49.57
N TYR E 8 8.03 -8.87 49.29
CA TYR E 8 8.39 -10.20 49.81
C TYR E 8 8.64 -11.18 48.68
N ARG E 9 8.87 -10.69 47.47
CA ARG E 9 9.16 -11.56 46.34
C ARG E 9 10.54 -12.20 46.53
N PRO E 10 10.65 -13.52 46.44
CA PRO E 10 11.97 -14.16 46.55
C PRO E 10 12.90 -13.70 45.45
N LYS E 11 14.17 -13.52 45.80
CA LYS E 11 15.19 -13.03 44.88
C LYS E 11 16.30 -14.05 44.68
N SER E 12 16.02 -15.32 44.94
CA SER E 12 17.00 -16.38 44.76
C SER E 12 16.25 -17.70 44.62
N LEU E 13 16.96 -18.72 44.12
CA LEU E 13 16.36 -20.04 43.98
C LEU E 13 16.17 -20.74 45.31
N ASN E 14 16.89 -20.33 46.36
CA ASN E 14 16.73 -20.91 47.68
C ASN E 14 15.66 -20.23 48.50
N ALA E 15 15.22 -19.04 48.09
CA ALA E 15 14.19 -18.25 48.79
C ALA E 15 12.81 -18.55 48.20
N LEU E 16 12.72 -19.44 47.22
CA LEU E 16 11.44 -19.82 46.56
C LEU E 16 10.89 -21.06 47.24
N SER E 17 9.96 -20.90 48.19
CA SER E 17 9.28 -22.03 48.89
C SER E 17 7.84 -22.28 48.42
N HIS E 18 7.59 -23.06 47.36
CA HIS E 18 6.24 -23.51 46.93
C HIS E 18 6.36 -24.97 46.51
N ASN E 19 7.03 -25.22 45.37
CA ASN E 19 7.18 -26.59 44.82
C ASN E 19 8.65 -26.98 44.92
N GLU E 20 8.98 -27.99 45.73
CA GLU E 20 10.37 -28.46 45.91
C GLU E 20 10.84 -29.15 44.63
N GLU E 21 9.93 -29.75 43.88
CA GLU E 21 10.26 -30.49 42.64
C GLU E 21 10.64 -29.52 41.52
N LEU E 22 10.03 -28.33 41.48
CA LEU E 22 10.29 -27.33 40.40
C LEU E 22 11.58 -26.58 40.75
N THR E 23 11.89 -26.40 42.03
CA THR E 23 13.16 -25.77 42.41
C THR E 23 14.34 -26.70 42.15
N ASN E 24 14.17 -27.99 42.42
CA ASN E 24 15.24 -28.96 42.18
C ASN E 24 15.49 -29.16 40.69
N PHE E 25 14.53 -28.85 39.83
CA PHE E 25 14.74 -28.91 38.38
C PHE E 25 15.37 -27.63 37.85
N LEU E 26 14.95 -26.48 38.38
CA LEU E 26 15.59 -25.22 38.01
C LEU E 26 17.04 -25.17 38.46
N LYS E 27 17.37 -25.73 39.63
CA LYS E 27 18.75 -25.82 40.08
C LYS E 27 19.56 -26.72 39.15
N SER E 28 18.98 -27.83 38.70
CA SER E 28 19.66 -28.69 37.74
C SER E 28 19.92 -27.95 36.43
N LEU E 29 18.94 -27.15 35.98
CA LEU E 29 19.15 -26.33 34.79
C LEU E 29 20.27 -25.32 35.00
N SER E 30 20.33 -24.70 36.18
CA SER E 30 21.33 -23.68 36.47
C SER E 30 22.70 -24.25 36.81
N ASP E 31 22.82 -25.56 37.02
CA ASP E 31 24.11 -26.15 37.34
C ASP E 31 25.11 -25.97 36.21
N GLN E 32 24.66 -26.19 34.97
CA GLN E 32 25.49 -26.01 33.77
C GLN E 32 24.79 -25.02 32.86
N PRO E 33 25.03 -23.72 33.03
CA PRO E 33 24.33 -22.72 32.21
C PRO E 33 24.75 -22.68 30.76
N ARG E 34 25.84 -23.35 30.39
CA ARG E 34 26.34 -23.27 29.01
C ARG E 34 25.34 -23.86 28.02
N ASP E 35 24.75 -25.00 28.35
CA ASP E 35 23.83 -25.71 27.45
C ASP E 35 22.38 -25.50 27.83
N LEU E 36 22.03 -24.30 28.29
CA LEU E 36 20.64 -24.01 28.66
C LEU E 36 19.78 -23.92 27.41
N PRO E 37 18.73 -24.74 27.29
CA PRO E 37 17.84 -24.66 26.13
C PRO E 37 16.85 -23.51 26.29
N HIS E 38 16.12 -23.25 25.21
CA HIS E 38 15.03 -22.29 25.27
C HIS E 38 13.91 -22.85 26.14
N LEU E 39 13.39 -22.02 27.04
CA LEU E 39 12.44 -22.47 28.05
C LEU E 39 11.08 -21.83 27.84
N LEU E 40 10.03 -22.61 28.08
CA LEU E 40 8.64 -22.13 28.01
C LEU E 40 7.96 -22.52 29.32
N LEU E 41 7.74 -21.53 30.19
CA LEU E 41 7.10 -21.75 31.49
C LEU E 41 5.61 -21.52 31.35
N TYR E 42 4.82 -22.55 31.66
CA TYR E 42 3.37 -22.49 31.56
C TYR E 42 2.75 -22.97 32.86
N GLY E 43 1.67 -22.30 33.28
CA GLY E 43 0.97 -22.65 34.48
C GLY E 43 -0.10 -21.63 34.81
N PRO E 44 -0.81 -21.84 35.92
CA PRO E 44 -1.85 -20.88 36.33
C PRO E 44 -1.25 -19.53 36.70
N ASN E 45 -2.05 -18.48 36.50
CA ASN E 45 -1.62 -17.13 36.82
C ASN E 45 -1.43 -16.96 38.31
N GLY E 46 -0.40 -16.20 38.69
CA GLY E 46 -0.09 -15.95 40.09
C GLY E 46 0.73 -17.03 40.75
N THR E 47 1.13 -18.07 40.02
CA THR E 47 1.96 -19.12 40.61
C THR E 47 3.33 -18.58 41.02
N GLY E 48 3.92 -17.72 40.18
CA GLY E 48 5.25 -17.21 40.44
C GLY E 48 6.24 -17.61 39.37
N LYS E 49 5.74 -17.77 38.14
CA LYS E 49 6.61 -18.14 37.03
C LYS E 49 7.65 -17.06 36.74
N LYS E 50 7.26 -15.80 36.79
CA LYS E 50 8.20 -14.70 36.61
C LYS E 50 9.24 -14.66 37.73
N THR E 51 8.83 -14.90 38.97
CA THR E 51 9.78 -14.95 40.09
C THR E 51 10.77 -16.10 39.92
N ARG E 52 10.31 -17.26 39.47
CA ARG E 52 11.21 -18.38 39.24
C ARG E 52 12.14 -18.12 38.06
N CYS E 53 11.65 -17.43 37.03
CA CYS E 53 12.54 -17.03 35.93
C CYS E 53 13.62 -16.08 36.43
N MET E 54 13.24 -15.13 37.29
CA MET E 54 14.22 -14.21 37.87
C MET E 54 15.22 -14.95 38.74
N ALA E 55 14.76 -15.94 39.51
CA ALA E 55 15.67 -16.72 40.35
C ALA E 55 16.63 -17.56 39.50
N LEU E 56 16.14 -18.13 38.39
CA LEU E 56 17.01 -18.86 37.48
C LEU E 56 18.05 -17.94 36.86
N LEU E 57 17.65 -16.73 36.47
CA LEU E 57 18.61 -15.77 35.93
C LEU E 57 19.61 -15.34 36.99
N GLU E 58 19.19 -15.24 38.25
CA GLU E 58 20.11 -14.92 39.33
C GLU E 58 21.11 -16.06 39.54
N SER E 59 20.64 -17.30 39.47
CA SER E 59 21.54 -18.44 39.65
C SER E 59 22.49 -18.62 38.47
N ILE E 60 22.11 -18.15 37.28
CA ILE E 60 22.96 -18.30 36.10
C ILE E 60 23.95 -17.14 36.00
N PHE E 61 23.45 -15.92 35.96
CA PHE E 61 24.25 -14.73 35.71
C PHE E 61 24.71 -14.04 36.99
N GLY E 62 24.42 -14.60 38.15
CA GLY E 62 24.75 -13.97 39.41
C GLY E 62 23.75 -12.88 39.76
N PRO E 63 23.97 -12.21 40.89
CA PRO E 63 23.12 -11.06 41.24
C PRO E 63 23.32 -9.91 40.27
N GLY E 64 22.39 -8.97 40.32
CA GLY E 64 22.37 -7.86 39.39
C GLY E 64 21.35 -8.01 38.26
N VAL E 65 20.52 -9.06 38.30
CA VAL E 65 19.44 -9.19 37.32
C VAL E 65 18.18 -8.48 37.77
N TYR E 66 18.15 -7.95 38.99
CA TYR E 66 16.98 -7.27 39.53
C TYR E 66 17.06 -5.76 39.42
N ARG E 67 18.17 -5.21 38.93
CA ARG E 67 18.31 -3.78 38.67
C ARG E 67 17.86 -3.53 37.24
N LEU E 68 16.61 -3.10 37.07
CA LEU E 68 16.00 -2.97 35.76
C LEU E 68 16.04 -1.52 35.30
N LYS E 69 16.60 -1.30 34.11
CA LYS E 69 16.60 0.00 33.46
C LYS E 69 15.57 -0.02 32.33
N ILE E 70 14.77 1.03 32.23
CA ILE E 70 13.65 1.08 31.31
C ILE E 70 13.99 2.08 30.21
N ASP E 71 14.03 1.59 28.97
CA ASP E 71 14.28 2.42 27.79
C ASP E 71 13.18 2.15 26.77
N VAL E 72 12.74 3.21 26.10
CA VAL E 72 11.66 3.13 25.12
C VAL E 72 12.27 3.12 23.73
N ARG E 73 11.96 2.08 22.95
CA ARG E 73 12.47 1.93 21.60
C ARG E 73 11.37 2.27 20.59
N GLN E 74 11.76 2.88 19.48
CA GLN E 74 10.82 3.34 18.48
C GLN E 74 10.88 2.44 17.25
N PHE E 75 9.72 2.03 16.76
CA PHE E 75 9.59 1.16 15.60
C PHE E 75 8.62 1.79 14.62
N VAL E 76 8.97 1.71 13.33
CA VAL E 76 8.19 2.33 12.26
C VAL E 76 7.63 1.22 11.38
N THR E 77 6.32 1.26 11.14
CA THR E 77 5.66 0.28 10.31
C THR E 77 5.70 0.72 8.85
N ALA E 78 4.99 -0.01 7.97
CA ALA E 78 4.95 0.36 6.56
C ALA E 78 4.27 1.70 6.35
N SER E 79 3.21 1.98 7.11
CA SER E 79 2.45 3.21 6.97
C SER E 79 3.05 4.38 7.76
N ASN E 80 4.24 4.19 8.34
CA ASN E 80 4.94 5.23 9.11
C ASN E 80 4.08 5.73 10.27
N ARG E 81 3.48 4.80 11.00
CA ARG E 81 2.66 5.13 12.15
C ARG E 81 3.48 5.57 13.36
N LYS E 82 4.79 5.28 13.38
CA LYS E 82 5.69 5.62 14.47
C LYS E 82 5.19 5.03 15.79
N LEU E 83 5.18 3.70 15.83
CA LEU E 83 4.69 2.98 17.00
C LEU E 83 5.71 3.08 18.14
N GLU E 84 5.32 2.57 19.31
CA GLU E 84 6.12 2.72 20.51
C GLU E 84 6.07 1.45 21.34
N LEU E 85 7.13 1.22 22.13
CA LEU E 85 7.21 0.06 23.00
C LEU E 85 8.28 0.32 24.06
N ASN E 86 7.93 0.10 25.32
CA ASN E 86 8.91 0.17 26.40
C ASN E 86 9.67 -1.14 26.51
N VAL E 87 10.97 -1.05 26.70
CA VAL E 87 11.84 -2.22 26.75
C VAL E 87 12.52 -2.22 28.11
N VAL E 88 11.98 -3.03 29.03
CA VAL E 88 12.59 -3.20 30.34
C VAL E 88 13.81 -4.10 30.16
N SER E 89 14.97 -3.61 30.56
CA SER E 89 16.22 -4.33 30.37
C SER E 89 17.06 -4.24 31.63
N SER E 90 18.18 -4.96 31.62
CA SER E 90 19.10 -5.05 32.75
C SER E 90 20.40 -5.67 32.25
N PRO E 91 21.46 -5.68 33.05
CA PRO E 91 22.63 -6.51 32.69
C PRO E 91 22.24 -7.98 32.56
N TYR E 92 22.84 -8.63 31.55
CA TYR E 92 22.78 -10.08 31.33
C TYR E 92 21.43 -10.59 30.84
N HIS E 93 20.41 -9.75 30.78
CA HIS E 93 19.12 -10.22 30.30
C HIS E 93 18.29 -9.05 29.79
N LEU E 94 17.27 -9.37 29.01
CA LEU E 94 16.37 -8.39 28.41
C LEU E 94 14.95 -8.88 28.55
N GLU E 95 13.98 -7.99 28.77
CA GLU E 95 12.55 -8.38 28.96
C GLU E 95 11.66 -7.62 28.00
N ILE E 96 10.80 -8.32 27.25
CA ILE E 96 9.90 -7.69 26.24
C ILE E 96 8.51 -8.31 26.34
N THR E 97 7.45 -7.54 26.12
CA THR E 97 6.04 -8.03 26.10
C THR E 97 5.47 -7.58 24.75
N PRO E 98 6.06 -8.00 23.61
CA PRO E 98 5.67 -7.50 22.29
C PRO E 98 4.16 -7.41 22.08
N SER E 99 3.39 -8.30 22.70
CA SER E 99 1.92 -8.37 22.52
C SER E 99 1.28 -7.03 22.84
N ASP E 100 1.89 -6.23 23.72
CA ASP E 100 1.39 -4.88 24.09
C ASP E 100 1.40 -3.98 22.86
N MET E 101 2.46 -4.04 22.04
CA MET E 101 2.58 -3.22 20.81
C MET E 101 1.29 -3.35 20.00
N GLY E 102 0.66 -4.53 20.04
CA GLY E 102 -0.60 -4.77 19.30
C GLY E 102 -0.41 -5.88 18.28
N ASN E 103 -0.97 -5.70 17.08
CA ASN E 103 -0.83 -6.69 15.99
C ASN E 103 0.52 -6.46 15.31
N ASN E 104 1.21 -5.37 15.64
CA ASN E 104 2.52 -5.07 15.08
C ASN E 104 3.66 -5.62 15.92
N ASP E 105 3.40 -6.67 16.70
CA ASP E 105 4.46 -7.33 17.47
C ASP E 105 5.51 -7.97 16.57
N ARG E 106 5.16 -8.24 15.31
CA ARG E 106 6.15 -8.74 14.35
C ARG E 106 7.26 -7.72 14.16
N ILE E 107 6.92 -6.44 14.13
CA ILE E 107 7.90 -5.37 13.90
C ILE E 107 8.87 -5.20 15.06
N VAL E 108 8.54 -5.72 16.24
CA VAL E 108 9.49 -5.70 17.35
C VAL E 108 10.23 -7.00 17.51
N ILE E 109 9.60 -8.16 17.25
CA ILE E 109 10.37 -9.41 17.32
C ILE E 109 11.26 -9.59 16.09
N GLN E 110 11.06 -8.79 15.04
CA GLN E 110 11.95 -8.81 13.89
C GLN E 110 13.04 -7.75 13.97
N GLU E 111 12.99 -6.86 14.96
CA GLU E 111 14.00 -5.83 15.13
C GLU E 111 14.81 -6.03 16.40
N LEU E 112 14.17 -6.08 17.57
CA LEU E 112 14.93 -6.28 18.81
C LEU E 112 15.53 -7.68 18.85
N LEU E 113 14.74 -8.70 18.53
CA LEU E 113 15.20 -10.08 18.58
C LEU E 113 16.12 -10.44 17.42
N LYS E 114 16.23 -9.59 16.40
CA LYS E 114 17.20 -9.79 15.34
C LYS E 114 18.40 -8.86 15.44
N GLU E 115 18.35 -7.85 16.32
CA GLU E 115 19.50 -6.99 16.56
C GLU E 115 20.28 -7.38 17.80
N VAL E 116 19.62 -7.97 18.82
CA VAL E 116 20.37 -8.45 19.97
C VAL E 116 20.86 -9.87 19.77
N ALA E 117 20.30 -10.60 18.81
CA ALA E 117 20.79 -11.92 18.46
C ALA E 117 21.95 -11.86 17.47
N GLN E 118 22.24 -10.69 16.92
CA GLN E 118 23.34 -10.49 15.99
C GLN E 118 24.42 -9.57 16.57
N MET E 119 24.50 -9.51 17.90
CA MET E 119 25.51 -8.69 18.58
C MET E 119 26.69 -9.50 19.07
N GLU E 120 26.47 -10.78 19.40
CA GLU E 120 27.47 -11.76 19.80
C GLU E 120 28.01 -11.49 21.21
N GLN E 121 27.69 -10.32 21.76
CA GLN E 121 28.02 -9.93 23.14
C GLN E 121 29.48 -10.25 23.48
N VAL E 122 30.39 -9.71 22.68
CA VAL E 122 31.81 -9.91 22.89
C VAL E 122 32.34 -8.70 23.69
N ASP E 123 32.57 -8.91 24.98
CA ASP E 123 33.04 -7.84 25.85
C ASP E 123 34.49 -8.10 26.18
N PHE E 124 35.08 -7.21 26.97
CA PHE E 124 36.52 -7.15 27.08
C PHE E 124 36.98 -7.52 28.48
N LEU E 131 36.57 -12.21 26.87
CA LEU E 131 36.35 -12.65 25.50
C LEU E 131 35.16 -13.59 25.41
N ALA E 132 34.63 -13.98 26.56
CA ALA E 132 33.49 -14.89 26.60
C ALA E 132 32.26 -14.23 25.99
N HIS E 133 31.79 -14.79 24.88
CA HIS E 133 30.64 -14.22 24.19
C HIS E 133 29.37 -14.38 25.02
N ARG E 134 29.22 -15.52 25.71
CA ARG E 134 28.06 -15.82 26.55
C ARG E 134 26.75 -15.71 25.76
N TYR E 135 25.64 -15.60 26.47
CA TYR E 135 24.35 -15.38 25.84
C TYR E 135 23.52 -14.46 26.71
N LYS E 136 22.61 -13.72 26.08
CA LYS E 136 21.68 -12.83 26.76
C LYS E 136 20.30 -13.47 26.78
N CYS E 137 19.71 -13.57 27.96
CA CYS E 137 18.41 -14.22 28.12
C CYS E 137 17.31 -13.21 27.87
N VAL E 138 16.41 -13.51 26.95
CA VAL E 138 15.30 -12.64 26.59
C VAL E 138 14.02 -13.28 27.11
N ILE E 139 13.32 -12.57 27.99
CA ILE E 139 12.07 -13.05 28.57
C ILE E 139 10.92 -12.39 27.83
N ILE E 140 10.05 -13.20 27.24
CA ILE E 140 8.90 -12.72 26.49
C ILE E 140 7.66 -12.96 27.35
N ASN E 141 7.23 -11.92 28.05
CA ASN E 141 6.02 -12.03 28.86
C ASN E 141 4.79 -12.12 27.97
N GLU E 142 3.83 -12.94 28.39
CA GLU E 142 2.61 -13.22 27.64
C GLU E 142 2.95 -13.73 26.23
N ALA E 143 3.60 -14.88 26.20
CA ALA E 143 3.94 -15.53 24.94
C ALA E 143 2.72 -16.08 24.21
N ASN E 144 1.59 -16.21 24.89
CA ASN E 144 0.36 -16.72 24.29
C ASN E 144 -0.44 -15.65 23.56
N SER E 145 -0.05 -14.38 23.68
CA SER E 145 -0.79 -13.29 23.06
C SER E 145 -0.26 -12.91 21.69
N LEU E 146 0.76 -13.62 21.19
CA LEU E 146 1.30 -13.30 19.88
C LEU E 146 0.30 -13.62 18.77
N THR E 147 0.39 -12.87 17.67
CA THR E 147 -0.59 -12.92 16.60
C THR E 147 -0.25 -13.96 15.54
N LYS E 148 0.49 -15.00 15.90
CA LYS E 148 0.83 -16.14 15.04
C LYS E 148 1.74 -15.75 13.88
N ASP E 149 2.06 -14.45 13.76
CA ASP E 149 3.10 -13.98 12.85
C ASP E 149 4.36 -13.59 13.59
N ALA E 150 4.24 -13.21 14.86
CA ALA E 150 5.43 -12.97 15.68
C ALA E 150 6.16 -14.27 15.99
N GLN E 151 5.42 -15.39 16.10
CA GLN E 151 6.05 -16.68 16.36
C GLN E 151 6.71 -17.26 15.13
N ALA E 152 6.12 -17.05 13.94
CA ALA E 152 6.70 -17.57 12.70
C ALA E 152 8.01 -16.87 12.37
N ALA E 153 8.16 -15.60 12.75
CA ALA E 153 9.40 -14.87 12.58
C ALA E 153 10.33 -15.02 13.79
N LEU E 154 9.90 -15.75 14.81
CA LEU E 154 10.71 -16.02 15.99
C LEU E 154 11.33 -17.41 15.99
N ARG E 155 10.66 -18.40 15.39
CA ARG E 155 11.17 -19.77 15.42
C ARG E 155 12.57 -19.86 14.80
N ARG E 156 12.71 -19.39 13.56
CA ARG E 156 14.02 -19.40 12.89
C ARG E 156 14.99 -18.45 13.57
N THR E 157 14.49 -17.35 14.15
CA THR E 157 15.36 -16.40 14.82
C THR E 157 16.06 -17.03 16.02
N MET E 158 15.31 -17.74 16.87
CA MET E 158 15.95 -18.36 18.02
C MET E 158 16.61 -19.70 17.68
N GLU E 159 16.25 -20.31 16.55
CA GLU E 159 16.95 -21.52 16.14
C GLU E 159 18.34 -21.18 15.58
N LYS E 160 18.43 -20.15 14.76
CA LYS E 160 19.70 -19.84 14.09
C LYS E 160 20.70 -19.21 15.04
N TYR E 161 20.25 -18.29 15.90
CA TYR E 161 21.15 -17.50 16.76
C TYR E 161 21.17 -18.01 18.19
N SER E 162 21.00 -19.32 18.39
CA SER E 162 20.93 -19.86 19.74
C SER E 162 22.27 -19.75 20.49
N LYS E 163 23.37 -19.51 19.77
CA LYS E 163 24.67 -19.43 20.42
C LYS E 163 24.77 -18.22 21.33
N ASN E 164 24.26 -17.06 20.90
CA ASN E 164 24.43 -15.82 21.63
C ASN E 164 23.15 -15.33 22.31
N ILE E 165 22.05 -16.06 22.21
CA ILE E 165 20.79 -15.63 22.81
C ILE E 165 20.03 -16.86 23.28
N ARG E 166 19.31 -16.70 24.39
CA ARG E 166 18.43 -17.73 24.93
C ARG E 166 17.09 -17.08 25.25
N LEU E 167 16.00 -17.81 24.98
CA LEU E 167 14.66 -17.30 25.17
C LEU E 167 13.94 -18.08 26.27
N ILE E 168 13.45 -17.36 27.26
CA ILE E 168 12.64 -17.94 28.34
C ILE E 168 11.29 -17.25 28.28
N MET E 169 10.35 -17.83 27.56
CA MET E 169 9.04 -17.24 27.37
C MET E 169 8.10 -17.65 28.50
N VAL E 170 7.41 -16.68 29.07
CA VAL E 170 6.48 -16.89 30.19
C VAL E 170 5.07 -16.73 29.66
N CYS E 171 4.23 -17.72 29.90
CA CYS E 171 2.87 -17.71 29.39
C CYS E 171 1.99 -18.61 30.27
N ASP E 172 0.68 -18.44 30.12
CA ASP E 172 -0.31 -19.30 30.76
C ASP E 172 -1.22 -19.88 29.69
N SER E 173 -1.56 -21.17 29.83
CA SER E 173 -2.45 -21.86 28.91
C SER E 173 -1.92 -21.81 27.47
N MET E 174 -0.82 -22.53 27.27
CA MET E 174 -0.07 -22.43 26.02
C MET E 174 -0.74 -23.16 24.87
N SER E 175 -2.03 -22.90 24.67
CA SER E 175 -2.77 -23.39 23.51
C SER E 175 -2.53 -22.53 22.27
N PRO E 176 -2.60 -21.17 22.33
CA PRO E 176 -2.42 -20.39 21.09
C PRO E 176 -0.97 -20.25 20.67
N ILE E 177 -0.07 -21.00 21.29
CA ILE E 177 1.32 -21.05 20.86
C ILE E 177 1.46 -22.14 19.81
N ILE E 178 2.07 -21.80 18.67
CA ILE E 178 2.16 -22.74 17.55
C ILE E 178 3.07 -23.90 17.91
N ALA E 179 2.86 -25.02 17.22
CA ALA E 179 3.68 -26.21 17.46
C ALA E 179 5.18 -26.00 17.20
N PRO E 180 5.62 -25.29 16.14
CA PRO E 180 7.07 -25.09 15.99
C PRO E 180 7.74 -24.41 17.17
N ILE E 181 7.08 -23.44 17.81
CA ILE E 181 7.67 -22.77 18.96
C ILE E 181 7.80 -23.74 20.13
N LYS E 182 6.76 -24.54 20.38
CA LYS E 182 6.81 -25.50 21.48
C LYS E 182 7.81 -26.62 21.20
N SER E 183 8.10 -26.89 19.93
CA SER E 183 9.06 -27.93 19.59
C SER E 183 10.48 -27.51 19.92
N ARG E 184 10.82 -26.22 19.73
CA ARG E 184 12.16 -25.73 19.99
C ARG E 184 12.36 -25.26 21.42
N CYS E 185 11.33 -25.35 22.26
CA CYS E 185 11.40 -24.84 23.63
C CYS E 185 11.15 -25.98 24.62
N LEU E 186 11.93 -26.01 25.70
CA LEU E 186 11.76 -27.00 26.81
C LEU E 186 10.60 -26.53 27.67
N LEU E 187 9.52 -27.29 27.76
CA LEU E 187 8.28 -26.87 28.46
C LEU E 187 8.41 -27.13 29.96
N ILE E 188 8.39 -26.08 30.80
CA ILE E 188 8.51 -26.19 32.28
C ILE E 188 7.15 -25.88 32.91
N ARG E 189 6.45 -26.89 33.44
CA ARG E 189 5.16 -26.71 34.09
C ARG E 189 5.35 -26.16 35.51
N CYS E 190 4.52 -25.19 35.87
CA CYS E 190 4.57 -24.54 37.17
C CYS E 190 3.21 -24.69 37.85
N PRO E 191 3.00 -25.75 38.62
CA PRO E 191 1.71 -25.92 39.30
C PRO E 191 1.49 -24.87 40.37
N ALA E 192 0.21 -24.52 40.56
CA ALA E 192 -0.15 -23.55 41.58
C ALA E 192 -0.05 -24.18 42.97
N PRO E 193 0.32 -23.40 43.98
CA PRO E 193 0.44 -23.95 45.33
C PRO E 193 -0.91 -24.34 45.91
N SER E 194 -0.87 -25.32 46.81
CA SER E 194 -2.07 -25.68 47.56
C SER E 194 -2.34 -24.63 48.65
N ASP E 195 -3.49 -24.78 49.30
CA ASP E 195 -3.88 -23.80 50.32
C ASP E 195 -2.91 -23.79 51.51
N SER E 196 -2.26 -24.92 51.78
CA SER E 196 -1.32 -24.98 52.88
C SER E 196 -0.10 -24.09 52.63
N GLU E 197 0.47 -24.18 51.43
CA GLU E 197 1.63 -23.35 51.11
C GLU E 197 1.28 -21.87 51.08
N ILE E 198 0.11 -21.53 50.52
CA ILE E 198 -0.33 -20.13 50.51
C ILE E 198 -0.54 -19.63 51.93
N SER E 199 -1.13 -20.46 52.80
CA SER E 199 -1.32 -20.06 54.19
C SER E 199 0.03 -19.86 54.89
N THR E 200 1.01 -20.72 54.60
CA THR E 200 2.34 -20.55 55.19
C THR E 200 2.99 -19.26 54.73
N ILE E 201 2.88 -18.94 53.43
CA ILE E 201 3.45 -17.69 52.92
C ILE E 201 2.77 -16.50 53.57
N LEU E 202 1.43 -16.53 53.66
CA LEU E 202 0.70 -15.43 54.30
C LEU E 202 1.10 -15.29 55.77
N SER E 203 1.35 -16.43 56.44
CA SER E 203 1.87 -16.38 57.81
C SER E 203 3.22 -15.67 57.86
N ASP E 204 4.09 -15.97 56.90
CA ASP E 204 5.38 -15.29 56.84
C ASP E 204 5.19 -13.78 56.71
N VAL E 205 4.28 -13.35 55.83
CA VAL E 205 4.04 -11.92 55.64
C VAL E 205 3.50 -11.30 56.92
N VAL E 206 2.53 -11.96 57.57
CA VAL E 206 1.89 -11.32 58.72
C VAL E 206 2.82 -11.26 59.93
N THR E 207 3.70 -12.24 60.12
CA THR E 207 4.68 -12.10 61.20
C THR E 207 5.76 -11.09 60.84
N ASN E 208 6.10 -10.96 59.55
CA ASN E 208 7.08 -9.94 59.17
C ASN E 208 6.49 -8.54 59.27
N GLU E 209 5.24 -8.36 58.83
CA GLU E 209 4.60 -7.05 58.87
C GLU E 209 4.03 -6.72 60.25
N ARG E 210 4.05 -7.66 61.19
CA ARG E 210 3.63 -7.49 62.57
C ARG E 210 2.14 -7.17 62.72
N ILE E 211 1.33 -7.43 61.69
CA ILE E 211 -0.11 -7.24 61.84
C ILE E 211 -0.67 -8.31 62.77
N GLN E 212 -1.68 -7.95 63.54
CA GLN E 212 -2.24 -8.85 64.55
C GLN E 212 -3.42 -9.59 63.94
N LEU E 213 -3.23 -10.86 63.65
CA LEU E 213 -4.32 -11.70 63.18
C LEU E 213 -4.83 -12.56 64.33
N GLU E 214 -6.08 -12.96 64.22
CA GLU E 214 -6.70 -13.89 65.15
C GLU E 214 -7.52 -14.89 64.35
N THR E 215 -7.58 -16.15 64.82
CA THR E 215 -8.16 -17.26 64.05
C THR E 215 -7.44 -17.46 62.72
N LYS E 216 -6.24 -18.04 62.76
CA LYS E 216 -5.35 -18.27 61.61
C LYS E 216 -6.08 -18.83 60.39
N ASP E 217 -7.23 -19.47 60.60
CA ASP E 217 -8.17 -19.87 59.56
C ASP E 217 -8.43 -18.78 58.52
N ILE E 218 -8.25 -17.51 58.89
CA ILE E 218 -8.46 -16.40 57.96
C ILE E 218 -7.50 -16.50 56.77
N LEU E 219 -6.24 -16.85 57.04
CA LEU E 219 -5.29 -17.03 55.94
C LEU E 219 -5.70 -18.19 55.04
N LYS E 220 -6.26 -19.25 55.63
CA LYS E 220 -6.82 -20.32 54.82
C LYS E 220 -7.97 -19.80 53.96
N ARG E 221 -8.83 -18.96 54.52
CA ARG E 221 -9.94 -18.39 53.76
C ARG E 221 -9.44 -17.58 52.58
N ILE E 222 -8.39 -16.78 52.80
CA ILE E 222 -7.78 -16.00 51.72
C ILE E 222 -7.20 -16.94 50.67
N ALA E 223 -6.59 -18.05 51.10
CA ALA E 223 -6.01 -18.99 50.16
C ALA E 223 -7.08 -19.63 49.27
N GLN E 224 -8.21 -20.04 49.87
CA GLN E 224 -9.28 -20.63 49.06
C GLN E 224 -9.97 -19.58 48.19
N ALA E 225 -10.02 -18.33 48.64
CA ALA E 225 -10.66 -17.30 47.82
C ALA E 225 -9.78 -16.85 46.67
N SER E 226 -8.45 -16.90 46.82
CA SER E 226 -7.56 -16.49 45.74
C SER E 226 -7.51 -17.50 44.60
N ASN E 227 -7.93 -18.74 44.83
CA ASN E 227 -7.95 -19.79 43.83
C ASN E 227 -6.54 -20.04 43.25
N GLY E 228 -5.59 -20.28 44.16
CA GLY E 228 -4.22 -20.57 43.76
C GLY E 228 -3.52 -19.40 43.08
N ASN E 229 -3.68 -18.20 43.63
CA ASN E 229 -3.07 -17.00 43.08
C ASN E 229 -2.38 -16.26 44.22
N LEU E 230 -1.04 -16.33 44.25
CA LEU E 230 -0.28 -15.68 45.31
C LEU E 230 -0.41 -14.17 45.24
N ARG E 231 -0.39 -13.60 44.02
CA ARG E 231 -0.56 -12.16 43.87
C ARG E 231 -1.93 -11.72 44.38
N VAL E 232 -2.99 -12.43 43.98
CA VAL E 232 -4.32 -12.09 44.43
C VAL E 232 -4.43 -12.25 45.94
N SER E 233 -3.88 -13.34 46.48
CA SER E 233 -3.97 -13.57 47.92
C SER E 233 -3.25 -12.47 48.70
N LEU E 234 -2.07 -12.06 48.24
CA LEU E 234 -1.33 -11.01 48.94
C LEU E 234 -2.04 -9.67 48.84
N LEU E 235 -2.61 -9.35 47.68
CA LEU E 235 -3.37 -8.10 47.55
C LEU E 235 -4.60 -8.12 48.46
N MET E 236 -5.29 -9.25 48.53
CA MET E 236 -6.44 -9.40 49.42
C MET E 236 -6.02 -9.22 50.88
N LEU E 237 -4.90 -9.82 51.27
CA LEU E 237 -4.43 -9.71 52.64
C LEU E 237 -4.10 -8.26 52.98
N GLU E 238 -3.41 -7.57 52.07
CA GLU E 238 -3.05 -6.17 52.32
C GLU E 238 -4.29 -5.30 52.41
N SER E 239 -5.25 -5.49 51.50
CA SER E 239 -6.48 -4.70 51.52
C SER E 239 -7.28 -4.95 52.79
N MET E 240 -7.38 -6.21 53.21
CA MET E 240 -8.13 -6.54 54.42
C MET E 240 -7.45 -5.99 55.67
N ALA E 241 -6.11 -6.08 55.74
CA ALA E 241 -5.40 -5.54 56.88
C ALA E 241 -5.51 -4.02 56.95
N LEU E 242 -5.43 -3.35 55.80
CA LEU E 242 -5.53 -1.89 55.78
C LEU E 242 -6.95 -1.42 56.11
N ASN E 243 -7.96 -2.14 55.61
CA ASN E 243 -9.35 -1.76 55.88
C ASN E 243 -9.78 -2.11 57.29
N ASN E 244 -9.12 -3.07 57.93
CA ASN E 244 -9.44 -3.46 59.31
C ASN E 244 -8.42 -2.93 60.29
N GLU E 245 -7.53 -2.01 59.87
CA GLU E 245 -6.52 -1.39 60.72
C GLU E 245 -5.59 -2.44 61.34
N LEU E 246 -5.00 -3.25 60.46
CA LEU E 246 -3.96 -4.22 60.82
C LEU E 246 -4.48 -5.21 61.88
N ALA E 247 -5.74 -5.62 61.74
CA ALA E 247 -6.35 -6.53 62.71
C ALA E 247 -7.34 -7.41 61.95
N LEU E 248 -6.91 -8.64 61.63
CA LEU E 248 -7.74 -9.58 60.89
C LEU E 248 -8.73 -10.22 61.86
N LYS E 249 -9.92 -9.62 61.95
CA LYS E 249 -10.98 -10.19 62.76
C LYS E 249 -11.60 -11.38 62.04
N SER E 250 -12.19 -12.29 62.83
CA SER E 250 -12.77 -13.51 62.27
C SER E 250 -13.87 -13.24 61.25
N SER E 251 -14.56 -12.10 61.38
CA SER E 251 -15.59 -11.70 60.42
C SER E 251 -15.09 -10.64 59.45
N SER E 252 -13.80 -10.65 59.14
CA SER E 252 -13.26 -9.71 58.17
C SER E 252 -13.81 -10.02 56.80
N PRO E 253 -14.36 -9.04 56.08
CA PRO E 253 -14.94 -9.32 54.76
C PRO E 253 -13.85 -9.63 53.74
N ILE E 254 -13.97 -10.78 53.08
CA ILE E 254 -13.04 -11.17 52.03
C ILE E 254 -13.36 -10.31 50.82
N ILE E 255 -12.55 -9.28 50.58
CA ILE E 255 -12.81 -8.35 49.48
C ILE E 255 -12.50 -9.03 48.15
N LYS E 256 -13.28 -8.71 47.14
CA LYS E 256 -13.13 -9.31 45.82
C LYS E 256 -13.07 -8.20 44.78
N PRO E 257 -12.47 -8.47 43.62
CA PRO E 257 -12.45 -7.45 42.55
C PRO E 257 -13.86 -7.02 42.15
N ASP E 258 -13.99 -5.74 41.82
CA ASP E 258 -15.30 -5.18 41.52
C ASP E 258 -15.91 -5.80 40.28
N TRP E 259 -15.10 -6.06 39.26
CA TRP E 259 -15.62 -6.69 38.04
C TRP E 259 -16.13 -8.10 38.32
N ILE E 260 -15.55 -8.80 39.29
CA ILE E 260 -16.06 -10.11 39.68
C ILE E 260 -17.46 -9.98 40.25
N ILE E 261 -17.68 -8.99 41.13
CA ILE E 261 -19.00 -8.78 41.71
C ILE E 261 -20.00 -8.37 40.63
N VAL E 262 -19.56 -7.56 39.66
CA VAL E 262 -20.45 -7.14 38.59
C VAL E 262 -20.83 -8.31 37.69
N ILE E 263 -19.86 -9.20 37.42
CA ILE E 263 -20.17 -10.41 36.65
C ILE E 263 -21.12 -11.31 37.42
N HIS E 264 -20.96 -11.40 38.73
CA HIS E 264 -21.88 -12.18 39.55
C HIS E 264 -23.30 -11.58 39.49
N LYS E 265 -23.40 -10.26 39.54
CA LYS E 265 -24.70 -9.61 39.42
C LYS E 265 -25.29 -9.84 38.04
N LEU E 266 -24.45 -9.86 37.01
CA LEU E 266 -24.92 -10.18 35.66
C LEU E 266 -25.48 -11.60 35.60
N THR E 267 -24.79 -12.56 36.24
CA THR E 267 -25.29 -13.93 36.28
C THR E 267 -26.62 -14.00 37.01
N ARG E 268 -26.76 -13.25 38.11
CA ARG E 268 -28.02 -13.24 38.84
C ARG E 268 -29.14 -12.65 37.99
N LYS E 269 -28.85 -11.58 37.24
CA LYS E 269 -29.84 -11.00 36.34
C LYS E 269 -30.24 -11.98 35.25
N ILE E 270 -29.27 -12.70 34.69
CA ILE E 270 -29.56 -13.68 33.64
C ILE E 270 -30.43 -14.80 34.19
N VAL E 271 -30.10 -15.30 35.38
CA VAL E 271 -30.90 -16.37 35.99
C VAL E 271 -32.31 -15.90 36.31
N LYS E 272 -32.45 -14.68 36.85
CA LYS E 272 -33.76 -14.19 37.27
C LYS E 272 -34.59 -13.73 36.08
N GLU E 273 -34.07 -12.79 35.30
CA GLU E 273 -34.81 -12.18 34.20
C GLU E 273 -34.27 -12.71 32.88
N ARG E 274 -35.18 -13.21 32.03
CA ARG E 274 -34.83 -13.74 30.72
C ARG E 274 -35.76 -13.09 29.70
N SER E 275 -35.34 -11.94 29.17
CA SER E 275 -36.13 -11.21 28.19
C SER E 275 -35.19 -10.41 27.29
N VAL E 276 -35.77 -9.76 26.28
CA VAL E 276 -34.97 -8.96 25.36
C VAL E 276 -34.44 -7.72 26.07
N ASN E 277 -35.27 -7.06 26.89
CA ASN E 277 -34.82 -5.89 27.64
C ASN E 277 -33.72 -6.26 28.63
N SER E 278 -33.87 -7.41 29.30
CA SER E 278 -32.79 -7.90 30.15
C SER E 278 -31.53 -8.19 29.35
N LEU E 279 -31.69 -8.65 28.10
CA LEU E 279 -30.53 -8.86 27.23
C LEU E 279 -29.86 -7.55 26.89
N ILE E 280 -30.63 -6.48 26.69
CA ILE E 280 -30.04 -5.18 26.41
C ILE E 280 -29.31 -4.64 27.65
N GLU E 281 -29.87 -4.87 28.83
CA GLU E 281 -29.18 -4.50 30.06
C GLU E 281 -27.88 -5.29 30.21
N CYS E 282 -27.91 -6.57 29.84
CA CYS E 282 -26.69 -7.38 29.86
C CYS E 282 -25.67 -6.85 28.87
N ARG E 283 -26.11 -6.37 27.70
CA ARG E 283 -25.19 -5.73 26.76
C ARG E 283 -24.58 -4.47 27.34
N ALA E 284 -25.38 -3.68 28.04
CA ALA E 284 -24.84 -2.48 28.69
C ALA E 284 -23.76 -2.86 29.71
N VAL E 285 -24.02 -3.90 30.50
CA VAL E 285 -23.04 -4.35 31.48
C VAL E 285 -21.78 -4.87 30.78
N LEU E 286 -21.96 -5.61 29.68
CA LEU E 286 -20.82 -6.14 28.93
C LEU E 286 -19.98 -5.01 28.32
N TYR E 287 -20.64 -3.97 27.79
CA TYR E 287 -19.92 -2.83 27.25
C TYR E 287 -19.16 -2.09 28.35
N ASP E 288 -19.78 -1.97 29.52
CA ASP E 288 -19.10 -1.35 30.66
C ASP E 288 -17.86 -2.15 31.05
N LEU E 289 -17.97 -3.48 31.07
CA LEU E 289 -16.81 -4.32 31.37
C LEU E 289 -15.74 -4.21 30.29
N LEU E 290 -16.16 -4.15 29.02
CA LEU E 290 -15.20 -4.07 27.92
C LEU E 290 -14.49 -2.73 27.89
N ALA E 291 -15.14 -1.67 28.35
CA ALA E 291 -14.52 -0.35 28.40
C ALA E 291 -13.36 -0.29 29.39
N HIS E 292 -13.22 -1.28 30.25
CA HIS E 292 -12.19 -1.31 31.28
C HIS E 292 -11.01 -2.21 30.90
N CYS E 293 -10.88 -2.53 29.61
CA CYS E 293 -9.76 -3.33 29.08
C CYS E 293 -9.68 -4.69 29.76
N ILE E 294 -10.83 -5.29 30.02
CA ILE E 294 -10.91 -6.65 30.54
C ILE E 294 -11.05 -7.60 29.35
N PRO E 295 -10.17 -8.58 29.19
CA PRO E 295 -10.24 -9.46 28.01
C PRO E 295 -11.57 -10.22 27.96
N ALA E 296 -12.10 -10.36 26.75
CA ALA E 296 -13.41 -10.97 26.58
C ALA E 296 -13.40 -12.46 26.90
N ASN E 297 -12.28 -13.14 26.67
CA ASN E 297 -12.18 -14.55 27.02
C ASN E 297 -12.29 -14.74 28.53
N ILE E 298 -11.64 -13.87 29.31
CA ILE E 298 -11.72 -13.94 30.76
C ILE E 298 -13.14 -13.62 31.24
N ILE E 299 -13.78 -12.65 30.59
CA ILE E 299 -15.16 -12.32 30.94
C ILE E 299 -16.09 -13.50 30.68
N LEU E 300 -15.92 -14.16 29.52
CA LEU E 300 -16.74 -15.32 29.21
C LEU E 300 -16.48 -16.46 30.19
N LYS E 301 -15.22 -16.68 30.55
CA LYS E 301 -14.89 -17.74 31.50
C LYS E 301 -15.52 -17.47 32.87
N GLU E 302 -15.41 -16.23 33.35
CA GLU E 302 -16.00 -15.88 34.64
C GLU E 302 -17.52 -15.99 34.60
N LEU E 303 -18.14 -15.53 33.51
CA LEU E 303 -19.58 -15.63 33.37
C LEU E 303 -20.04 -17.08 33.38
N THR E 304 -19.33 -17.95 32.66
CA THR E 304 -19.69 -19.35 32.60
C THR E 304 -19.54 -20.01 33.96
N PHE E 305 -18.39 -19.82 34.61
CA PHE E 305 -18.14 -20.48 35.88
C PHE E 305 -18.88 -19.85 37.05
N SER E 306 -19.50 -18.68 36.85
CA SER E 306 -20.42 -18.15 37.85
C SER E 306 -21.86 -18.57 37.60
N LEU E 307 -22.23 -18.79 36.33
CA LEU E 307 -23.54 -19.36 36.03
C LEU E 307 -23.61 -20.84 36.38
N LEU E 308 -22.48 -21.55 36.36
CA LEU E 308 -22.46 -22.95 36.74
C LEU E 308 -22.48 -23.16 38.25
N ASP E 309 -22.28 -22.10 39.03
CA ASP E 309 -22.32 -22.18 40.49
C ASP E 309 -23.71 -21.92 41.06
N VAL E 310 -24.69 -21.61 40.21
CA VAL E 310 -26.05 -21.38 40.70
C VAL E 310 -26.68 -22.71 41.10
N GLU E 311 -27.22 -22.75 42.31
CA GLU E 311 -27.78 -23.99 42.85
C GLU E 311 -29.21 -24.25 42.40
N THR E 312 -29.84 -23.31 41.68
CA THR E 312 -31.19 -23.50 41.18
C THR E 312 -31.23 -24.07 39.77
N LEU E 313 -30.08 -24.38 39.18
CA LEU E 313 -30.01 -24.90 37.82
C LEU E 313 -29.73 -26.40 37.86
N ASN E 314 -30.45 -27.14 37.02
CA ASN E 314 -30.29 -28.59 36.96
C ASN E 314 -29.09 -28.96 36.09
N THR E 315 -28.90 -30.28 35.91
CA THR E 315 -27.76 -30.76 35.14
C THR E 315 -27.88 -30.42 33.66
N THR E 316 -29.10 -30.49 33.12
CA THR E 316 -29.30 -30.18 31.70
C THR E 316 -28.96 -28.73 31.39
N ASN E 317 -29.40 -27.81 32.24
CA ASN E 317 -29.10 -26.40 32.02
C ASN E 317 -27.60 -26.13 32.11
N LYS E 318 -26.93 -26.75 33.08
CA LYS E 318 -25.49 -26.56 33.22
C LYS E 318 -24.72 -27.14 32.04
N SER E 319 -25.16 -28.30 31.54
CA SER E 319 -24.52 -28.88 30.35
C SER E 319 -24.72 -27.99 29.13
N SER E 320 -25.93 -27.45 28.96
CA SER E 320 -26.17 -26.52 27.87
C SER E 320 -25.31 -25.27 28.01
N ILE E 321 -25.16 -24.78 29.24
CA ILE E 321 -24.34 -23.58 29.48
C ILE E 321 -22.89 -23.84 29.12
N ILE E 322 -22.35 -24.99 29.53
CA ILE E 322 -20.95 -25.26 29.23
C ILE E 322 -20.74 -25.53 27.73
N GLU E 323 -21.73 -26.16 27.07
CA GLU E 323 -21.62 -26.36 25.63
C GLU E 323 -21.62 -25.04 24.87
N TYR E 324 -22.55 -24.15 25.22
CA TYR E 324 -22.58 -22.82 24.61
C TYR E 324 -21.31 -22.04 24.95
N SER E 325 -20.77 -22.21 26.15
CA SER E 325 -19.55 -21.53 26.53
C SER E 325 -18.39 -21.97 25.66
N SER E 326 -18.24 -23.28 25.45
CA SER E 326 -17.17 -23.76 24.58
C SER E 326 -17.35 -23.27 23.15
N VAL E 327 -18.58 -23.34 22.63
CA VAL E 327 -18.85 -22.94 21.25
C VAL E 327 -18.53 -21.46 21.06
N PHE E 328 -19.02 -20.61 21.96
CA PHE E 328 -18.82 -19.18 21.80
C PHE E 328 -17.40 -18.75 22.17
N ASP E 329 -16.70 -19.51 23.01
CA ASP E 329 -15.28 -19.23 23.24
C ASP E 329 -14.47 -19.52 21.98
N GLU E 330 -14.78 -20.63 21.30
CA GLU E 330 -14.11 -20.91 20.02
C GLU E 330 -14.47 -19.85 18.98
N ARG E 331 -15.73 -19.39 18.99
CA ARG E 331 -16.15 -18.34 18.08
C ARG E 331 -15.41 -17.02 18.34
N LEU E 332 -15.23 -16.68 19.62
CA LEU E 332 -14.54 -15.45 19.97
C LEU E 332 -13.06 -15.54 19.66
N SER E 333 -12.48 -16.74 19.78
CA SER E 333 -11.06 -16.90 19.46
C SER E 333 -10.77 -16.66 17.98
N LEU E 334 -11.76 -16.88 17.12
CA LEU E 334 -11.60 -16.70 15.68
C LEU E 334 -12.47 -15.56 15.15
N GLY E 335 -12.67 -14.52 15.96
CA GLY E 335 -13.51 -13.40 15.58
C GLY E 335 -12.79 -12.08 15.75
N ASN E 336 -13.50 -11.01 15.38
CA ASN E 336 -12.99 -9.65 15.48
C ASN E 336 -13.69 -8.84 16.56
N LYS E 337 -15.02 -8.81 16.55
CA LYS E 337 -15.79 -8.10 17.56
C LYS E 337 -16.33 -9.11 18.56
N ALA E 338 -15.98 -8.93 19.84
CA ALA E 338 -16.37 -9.90 20.85
C ALA E 338 -17.76 -9.65 21.42
N ILE E 339 -18.34 -8.48 21.16
CA ILE E 339 -19.67 -8.18 21.69
C ILE E 339 -20.71 -9.10 21.08
N PHE E 340 -20.55 -9.45 19.80
CA PHE E 340 -21.46 -10.38 19.16
C PHE E 340 -21.44 -11.74 19.84
N HIS E 341 -20.24 -12.25 20.13
CA HIS E 341 -20.12 -13.56 20.76
C HIS E 341 -20.64 -13.54 22.19
N LEU E 342 -20.35 -12.47 22.94
CA LEU E 342 -20.84 -12.39 24.32
C LEU E 342 -22.36 -12.31 24.36
N GLU E 343 -22.96 -11.48 23.50
CA GLU E 343 -24.41 -11.43 23.41
C GLU E 343 -25.01 -12.76 22.97
N GLY E 344 -24.37 -13.43 22.02
CA GLY E 344 -24.87 -14.72 21.59
C GLY E 344 -24.88 -15.74 22.72
N PHE E 345 -23.79 -15.77 23.50
CA PHE E 345 -23.73 -16.69 24.63
C PHE E 345 -24.79 -16.36 25.66
N ILE E 346 -24.96 -15.08 25.98
CA ILE E 346 -25.95 -14.69 26.99
C ILE E 346 -27.36 -15.02 26.51
N ALA E 347 -27.66 -14.74 25.24
CA ALA E 347 -28.98 -15.04 24.69
C ALA E 347 -29.24 -16.55 24.66
N LYS E 348 -28.23 -17.34 24.31
CA LYS E 348 -28.39 -18.79 24.31
C LYS E 348 -28.63 -19.32 25.71
N VAL E 349 -27.93 -18.77 26.70
CA VAL E 349 -28.15 -19.17 28.10
C VAL E 349 -29.57 -18.81 28.53
N MET E 350 -30.03 -17.61 28.17
CA MET E 350 -31.38 -17.19 28.53
C MET E 350 -32.43 -18.08 27.89
N CYS E 351 -32.21 -18.46 26.62
CA CYS E 351 -33.16 -19.33 25.94
C CYS E 351 -33.17 -20.74 26.53
N CYS E 352 -31.99 -21.24 26.92
CA CYS E 352 -31.92 -22.60 27.46
C CYS E 352 -32.46 -22.68 28.88
N LEU E 353 -32.29 -21.61 29.66
CA LEU E 353 -32.74 -21.62 31.08
C LEU E 353 -34.27 -21.71 31.13
N ASP E 354 -34.96 -20.92 30.28
CA ASP E 354 -36.45 -20.92 30.28
C ASP E 354 -36.97 -21.90 29.23
N MET F 1 23.26 29.56 40.48
CA MET F 1 22.64 29.43 39.17
C MET F 1 23.07 30.56 38.23
N LYS F 2 23.87 31.48 38.76
CA LYS F 2 24.35 32.62 37.99
C LYS F 2 25.42 32.17 37.02
N LEU F 3 25.17 32.34 35.72
CA LEU F 3 26.08 31.89 34.68
C LEU F 3 26.35 33.08 33.76
N LYS F 4 27.63 33.36 33.50
CA LYS F 4 28.01 34.48 32.64
C LYS F 4 29.38 34.19 32.04
N LEU F 5 29.51 34.43 30.74
CA LEU F 5 30.75 34.12 30.03
C LEU F 5 30.97 35.16 28.95
N ILE F 6 32.24 35.34 28.58
CA ILE F 6 32.63 36.31 27.56
C ILE F 6 33.56 35.62 26.57
N VAL F 7 33.22 35.68 25.28
CA VAL F 7 33.98 35.04 24.22
C VAL F 7 34.49 36.13 23.28
N ASN F 8 35.73 35.98 22.82
CA ASN F 8 36.32 36.87 21.82
C ASN F 8 36.95 36.01 20.73
N GLY F 9 36.30 35.97 19.56
CA GLY F 9 36.82 35.15 18.47
C GLY F 9 38.12 35.66 17.91
N CYS F 10 38.26 36.98 17.78
CA CYS F 10 39.47 37.55 17.20
C CYS F 10 40.67 37.44 18.14
N GLU F 11 40.42 37.46 19.45
CA GLU F 11 41.52 37.38 20.41
C GLU F 11 42.22 36.02 20.34
N ALA F 12 41.46 34.94 20.24
CA ALA F 12 42.01 33.59 20.16
C ALA F 12 41.30 32.84 19.04
N PRO F 13 41.97 32.57 17.91
CA PRO F 13 41.27 31.94 16.78
C PRO F 13 41.05 30.44 16.92
N ASP F 14 42.00 29.75 17.56
CA ASP F 14 41.96 28.27 17.69
C ASP F 14 40.79 27.82 18.57
N ASP F 15 40.75 28.23 19.84
CA ASP F 15 39.69 27.84 20.79
C ASP F 15 38.33 28.26 20.21
N TYR F 16 38.29 29.41 19.52
CA TYR F 16 37.06 29.95 18.90
C TYR F 16 36.61 29.03 17.75
N LYS F 17 37.54 28.58 16.90
CA LYS F 17 37.21 27.74 15.72
C LYS F 17 36.81 26.35 16.21
N LEU F 18 37.34 25.90 17.35
CA LEU F 18 36.96 24.59 17.95
C LEU F 18 35.51 24.74 18.43
N LEU F 19 35.15 25.92 18.96
CA LEU F 19 33.75 26.19 19.38
C LEU F 19 32.88 26.12 18.11
N ARG F 20 33.35 26.65 16.99
CA ARG F 20 32.63 26.55 15.69
C ARG F 20 32.58 25.08 15.28
N THR F 21 33.63 24.30 15.55
CA THR F 21 33.72 22.86 15.19
C THR F 21 32.74 22.06 16.03
N THR F 22 32.50 22.46 17.28
CA THR F 22 31.58 21.75 18.22
C THR F 22 30.13 22.05 17.87
N ILE F 23 29.82 23.31 17.56
CA ILE F 23 28.44 23.77 17.31
C ILE F 23 27.93 23.21 15.98
N ASN F 24 28.78 23.23 14.94
CA ASN F 24 28.37 22.69 13.65
C ASN F 24 28.08 21.19 13.74
N THR F 25 28.90 20.46 14.52
CA THR F 25 28.69 19.03 14.64
C THR F 25 27.40 18.72 15.39
N VAL F 26 27.14 19.43 16.49
CA VAL F 26 25.90 19.17 17.23
C VAL F 26 24.67 19.67 16.48
N ALA F 27 24.85 20.62 15.55
CA ALA F 27 23.74 21.00 14.67
C ALA F 27 23.49 19.94 13.62
N SER F 28 24.55 19.37 13.04
CA SER F 28 24.39 18.38 11.98
C SER F 28 23.90 17.05 12.52
N LEU F 29 24.22 16.71 13.77
CA LEU F 29 23.85 15.40 14.29
C LEU F 29 22.35 15.30 14.51
N ARG F 30 21.81 16.11 15.42
CA ARG F 30 20.39 16.09 15.74
C ARG F 30 20.03 17.39 16.43
N LYS F 31 18.72 17.63 16.51
CA LYS F 31 18.23 18.83 17.19
C LYS F 31 18.47 18.72 18.70
N THR F 32 18.63 19.89 19.33
CA THR F 32 18.90 20.07 20.76
C THR F 32 20.26 19.51 21.17
N ALA F 33 20.83 20.07 22.24
CA ALA F 33 22.13 19.64 22.73
C ALA F 33 22.19 19.86 24.24
N ILE F 34 23.14 19.17 24.86
CA ILE F 34 23.32 19.22 26.32
C ILE F 34 24.61 19.97 26.61
N LEU F 35 24.51 21.00 27.45
CA LEU F 35 25.65 21.84 27.82
C LEU F 35 25.80 21.80 29.33
N ARG F 36 26.83 21.10 29.82
CA ARG F 36 27.15 21.09 31.23
C ARG F 36 28.30 22.06 31.50
N PHE F 37 28.03 23.06 32.35
CA PHE F 37 29.01 24.12 32.65
C PHE F 37 29.69 23.78 33.97
N ASN F 38 30.64 22.85 33.91
CA ASN F 38 31.47 22.58 35.08
C ASN F 38 32.35 23.79 35.38
N SER F 39 32.71 23.94 36.66
CA SER F 39 33.41 25.14 37.10
C SER F 39 34.78 25.31 36.45
N GLU F 40 35.35 24.24 35.89
CA GLU F 40 36.65 24.32 35.25
C GLU F 40 36.64 23.95 33.77
N ARG F 41 35.51 23.51 33.23
CA ARG F 41 35.51 22.93 31.89
C ARG F 41 34.06 22.85 31.39
N LEU F 42 33.90 22.98 30.07
CA LEU F 42 32.62 22.80 29.41
C LEU F 42 32.62 21.53 28.57
N THR F 43 31.44 20.92 28.43
CA THR F 43 31.27 19.71 27.64
C THR F 43 29.93 19.78 26.92
N ILE F 44 29.96 19.74 25.59
CA ILE F 44 28.78 19.86 24.76
C ILE F 44 28.37 18.46 24.29
N ILE F 45 27.16 18.05 24.63
CA ILE F 45 26.71 16.67 24.50
C ILE F 45 25.47 16.59 23.63
N SER F 46 25.44 15.59 22.73
CA SER F 46 24.28 15.26 21.91
C SER F 46 23.99 13.77 22.11
N THR F 47 23.17 13.45 23.12
CA THR F 47 22.80 12.07 23.39
C THR F 47 21.47 11.75 22.76
N PRO F 48 21.41 10.86 21.76
CA PRO F 48 20.10 10.44 21.21
C PRO F 48 19.25 9.66 22.20
N LYS F 49 19.85 9.07 23.23
CA LYS F 49 19.10 8.28 24.20
C LYS F 49 18.25 9.17 25.10
N ASP F 64 22.09 2.89 18.94
CA ASP F 64 22.80 2.64 17.70
C ASP F 64 23.41 3.93 17.15
N THR F 65 22.66 5.02 17.26
CA THR F 65 23.15 6.32 16.82
C THR F 65 24.31 6.79 17.69
N GLY F 66 25.24 7.51 17.07
CA GLY F 66 26.47 7.86 17.75
C GLY F 66 26.29 8.96 18.77
N GLN F 67 27.29 9.09 19.65
CA GLN F 67 27.34 10.12 20.67
C GLN F 67 28.64 10.89 20.55
N LEU F 68 28.57 12.21 20.68
CA LEU F 68 29.73 13.09 20.69
C LEU F 68 29.96 13.66 22.08
N TRP F 69 31.23 13.68 22.50
CA TRP F 69 31.63 14.19 23.80
C TRP F 69 32.83 15.12 23.60
N CYS F 70 32.56 16.41 23.46
CA CYS F 70 33.59 17.42 23.22
C CYS F 70 33.91 18.15 24.52
N THR F 71 35.18 18.19 24.89
CA THR F 71 35.64 18.85 26.11
C THR F 71 36.13 20.25 25.76
N ILE F 72 35.56 21.26 26.43
CA ILE F 72 35.92 22.65 26.24
C ILE F 72 36.45 23.18 27.57
N PRO F 73 37.70 23.64 27.64
CA PRO F 73 38.24 24.12 28.92
C PRO F 73 37.63 25.45 29.35
N HIS F 74 38.11 25.99 30.48
CA HIS F 74 37.64 27.27 30.98
C HIS F 74 38.49 28.44 30.51
N ASP F 75 39.70 28.19 30.03
CA ASP F 75 40.59 29.26 29.58
C ASP F 75 40.25 29.76 28.18
N VAL F 76 39.35 29.08 27.47
CA VAL F 76 39.03 29.47 26.10
C VAL F 76 38.30 30.81 26.07
N PHE F 77 37.44 31.05 27.06
CA PHE F 77 36.69 32.29 27.15
C PHE F 77 37.43 33.31 28.01
N ARG F 78 37.19 34.59 27.74
CA ARG F 78 37.83 35.68 28.52
C ARG F 78 37.29 35.61 29.95
N LEU F 79 36.00 35.27 30.12
CA LEU F 79 35.36 35.24 31.45
C LEU F 79 34.60 33.91 31.62
N TYR F 80 34.74 33.25 32.77
CA TYR F 80 34.09 31.94 33.03
C TYR F 80 33.51 31.94 34.45
N THR F 81 32.75 32.97 34.83
CA THR F 81 32.09 33.01 36.14
C THR F 81 30.92 32.04 36.16
N VAL F 82 31.01 31.00 36.97
CA VAL F 82 29.98 29.96 37.07
C VAL F 82 29.80 29.58 38.53
N ILE F 83 28.61 29.80 39.07
CA ILE F 83 28.27 29.39 40.44
C ILE F 83 26.91 28.70 40.40
N SER F 84 26.78 27.63 41.19
CA SER F 84 25.50 26.95 41.35
C SER F 84 25.51 26.20 42.67
N ALA F 85 24.33 25.80 43.12
CA ALA F 85 24.20 25.07 44.37
C ALA F 85 24.56 23.59 44.22
N ARG F 86 24.71 23.09 43.01
CA ARG F 86 25.05 21.70 42.79
C ARG F 86 26.54 21.48 42.98
N GLU F 87 26.98 20.24 42.80
CA GLU F 87 28.38 19.90 43.03
C GLU F 87 29.26 20.49 41.94
N LEU F 88 30.37 21.11 42.35
CA LEU F 88 31.36 21.70 41.44
C LEU F 88 30.76 22.74 40.51
N ASN F 89 29.72 23.44 40.99
CA ASN F 89 29.06 24.52 40.24
C ASN F 89 28.61 24.04 38.86
N THR F 90 27.96 22.88 38.83
CA THR F 90 27.52 22.29 37.58
C THR F 90 26.03 22.56 37.36
N ILE F 91 25.70 23.29 36.30
CA ILE F 91 24.34 23.42 35.82
C ILE F 91 24.30 22.99 34.36
N THR F 92 23.26 22.26 33.98
CA THR F 92 23.20 21.60 32.68
C THR F 92 22.02 22.15 31.89
N MET F 93 22.28 22.59 30.67
CA MET F 93 21.28 23.19 29.81
C MET F 93 20.82 22.21 28.73
N GLU F 94 19.58 22.40 28.28
CA GLU F 94 19.07 21.78 27.06
C GLU F 94 18.59 22.90 26.16
N CYS F 95 19.27 23.07 25.02
CA CYS F 95 19.04 24.22 24.14
C CYS F 95 18.88 23.76 22.70
N ASN F 96 17.91 24.36 22.01
CA ASN F 96 17.73 24.12 20.59
C ASN F 96 18.92 24.68 19.84
N CYS F 97 19.59 23.84 19.05
CA CYS F 97 20.85 24.23 18.44
C CYS F 97 20.68 25.20 17.28
N ASP F 98 19.49 25.25 16.67
CA ASP F 98 19.31 26.10 15.49
C ASP F 98 19.46 27.58 15.83
N SER F 99 18.88 28.01 16.95
CA SER F 99 18.92 29.42 17.31
C SER F 99 20.34 29.87 17.66
N LEU F 100 21.05 29.09 18.47
CA LEU F 100 22.42 29.44 18.81
C LEU F 100 23.34 29.34 17.59
N LEU F 101 23.08 28.39 16.70
CA LEU F 101 23.85 28.33 15.46
C LEU F 101 23.63 29.57 14.60
N SER F 102 22.38 30.04 14.53
CA SER F 102 22.09 31.27 13.79
C SER F 102 22.78 32.47 14.41
N VAL F 103 22.75 32.58 15.75
CA VAL F 103 23.40 33.70 16.43
C VAL F 103 24.91 33.65 16.18
N PHE F 104 25.48 32.45 16.24
CA PHE F 104 26.91 32.26 16.02
C PHE F 104 27.30 32.61 14.59
N LYS F 105 26.47 32.23 13.62
CA LYS F 105 26.70 32.63 12.22
C LYS F 105 26.60 34.14 12.07
N ARG F 106 25.68 34.76 12.80
CA ARG F 106 25.57 36.22 12.78
C ARG F 106 26.85 36.86 13.27
N TYR F 107 27.44 36.33 14.33
CA TYR F 107 28.72 36.88 14.80
C TYR F 107 29.85 36.60 13.80
N ASP F 108 29.80 35.44 13.14
CA ASP F 108 30.79 35.16 12.10
C ASP F 108 30.74 36.22 11.00
N ARG F 109 29.53 36.57 10.57
CA ARG F 109 29.39 37.64 9.59
C ARG F 109 29.75 39.00 10.17
N VAL F 110 29.53 39.19 11.47
CA VAL F 110 29.90 40.44 12.13
C VAL F 110 31.41 40.65 12.07
N MET F 111 32.18 39.62 12.43
CA MET F 111 33.63 39.72 12.37
C MET F 111 34.17 39.65 10.95
N ASN F 112 33.43 39.04 10.02
CA ASN F 112 33.88 39.01 8.63
C ASN F 112 33.79 40.39 8.00
N GLN F 113 32.76 41.16 8.33
CA GLN F 113 32.64 42.52 7.82
C GLN F 113 33.66 43.47 8.43
N GLY F 114 34.33 43.07 9.52
CA GLY F 114 35.35 43.89 10.14
C GLY F 114 34.94 44.43 11.49
N SER F 115 35.38 43.76 12.56
CA SER F 115 35.05 44.15 13.92
C SER F 115 35.91 43.31 14.86
N SER F 116 35.92 43.71 16.14
CA SER F 116 36.62 42.95 17.17
C SER F 116 35.82 42.88 18.46
N SER F 117 34.50 42.98 18.39
CA SER F 117 33.68 43.00 19.58
C SER F 117 33.58 41.60 20.21
N ASN F 118 33.26 41.58 21.49
CA ASN F 118 33.15 40.36 22.26
C ASN F 118 31.69 39.96 22.45
N MET F 119 31.50 38.70 22.86
CA MET F 119 30.17 38.18 23.18
C MET F 119 29.96 38.24 24.69
N THR F 120 28.89 38.92 25.10
CA THR F 120 28.44 38.89 26.48
C THR F 120 27.26 37.92 26.57
N ILE F 121 27.48 36.76 27.17
CA ILE F 121 26.46 35.74 27.33
C ILE F 121 26.15 35.62 28.81
N LYS F 122 24.90 35.89 29.18
CA LYS F 122 24.45 35.84 30.57
C LYS F 122 23.21 34.97 30.68
N LEU F 123 23.10 34.24 31.79
CA LEU F 123 21.95 33.38 32.05
C LEU F 123 20.88 34.22 32.73
N GLN F 124 19.92 34.71 31.95
CA GLN F 124 18.84 35.55 32.45
C GLN F 124 17.56 34.73 32.46
N SER F 125 16.92 34.65 33.63
CA SER F 125 15.68 33.89 33.77
C SER F 125 14.49 34.69 33.27
N PRO F 152 11.74 24.08 35.13
CA PRO F 152 12.57 25.29 35.05
C PRO F 152 13.10 25.57 33.65
N ILE F 153 12.63 26.67 33.04
CA ILE F 153 13.02 27.07 31.69
C ILE F 153 13.65 28.45 31.77
N CYS F 154 14.85 28.59 31.21
CA CYS F 154 15.55 29.86 31.21
C CYS F 154 16.02 30.23 29.81
N ALA F 155 16.83 31.28 29.70
CA ALA F 155 17.35 31.72 28.42
C ALA F 155 18.72 32.36 28.62
N LEU F 156 19.49 32.42 27.55
CA LEU F 156 20.81 33.02 27.56
C LEU F 156 20.76 34.38 26.86
N GLY F 157 21.23 35.42 27.53
CA GLY F 157 21.28 36.74 26.95
C GLY F 157 22.53 36.96 26.11
N ILE F 158 22.57 36.35 24.93
CA ILE F 158 23.73 36.44 24.05
C ILE F 158 23.63 37.77 23.30
N THR F 159 24.36 38.77 23.78
CA THR F 159 24.37 40.10 23.19
C THR F 159 25.79 40.47 22.76
N PHE F 160 25.91 41.09 21.60
CA PHE F 160 27.19 41.54 21.08
C PHE F 160 26.97 42.81 20.26
N GLU F 161 28.07 43.35 19.74
CA GLU F 161 28.05 44.62 19.02
C GLU F 161 28.66 44.45 17.64
N GLU F 162 28.22 45.30 16.71
CA GLU F 162 28.75 45.33 15.35
C GLU F 162 28.84 46.77 14.88
N ILE F 163 29.90 47.07 14.11
CA ILE F 163 30.15 48.41 13.60
C ILE F 163 30.25 48.32 12.08
N VAL F 164 29.44 49.13 11.39
CA VAL F 164 29.49 49.23 9.94
C VAL F 164 30.29 50.47 9.57
N HIS F 165 30.75 50.51 8.32
CA HIS F 165 31.53 51.64 7.82
C HIS F 165 31.05 52.05 6.44
N ASN F 198 31.61 53.82 11.68
CA ASN F 198 31.59 54.08 13.11
C ASN F 198 30.16 54.19 13.63
N LYS F 199 29.38 53.12 13.41
CA LYS F 199 27.99 53.07 13.84
C LYS F 199 27.82 51.97 14.89
N VAL F 200 26.93 52.23 15.85
CA VAL F 200 26.68 51.31 16.94
C VAL F 200 25.38 50.57 16.66
N ILE F 201 25.48 49.25 16.45
CA ILE F 201 24.33 48.38 16.24
C ILE F 201 24.42 47.26 17.26
N MET F 202 23.44 47.19 18.17
CA MET F 202 23.44 46.18 19.21
C MET F 202 22.59 45.00 18.77
N HIS F 203 23.16 43.80 18.83
CA HIS F 203 22.47 42.57 18.47
C HIS F 203 22.15 41.82 19.76
N SER F 204 20.85 41.72 20.06
CA SER F 204 20.37 41.06 21.27
C SER F 204 19.60 39.81 20.88
N PHE F 205 19.90 38.69 21.54
CA PHE F 205 19.25 37.42 21.26
C PHE F 205 18.93 36.71 22.56
N LYS F 206 17.87 35.91 22.53
CA LYS F 206 17.43 35.13 23.69
C LYS F 206 17.04 33.74 23.20
N VAL F 207 17.83 32.75 23.54
CA VAL F 207 17.59 31.36 23.14
C VAL F 207 16.93 30.64 24.32
N PRO F 208 15.70 30.19 24.19
CA PRO F 208 15.04 29.49 25.32
C PRO F 208 15.68 28.14 25.58
N VAL F 209 16.04 27.91 26.84
CA VAL F 209 16.67 26.67 27.27
C VAL F 209 15.91 26.12 28.47
N LYS F 210 16.16 24.86 28.78
CA LYS F 210 15.58 24.18 29.94
C LYS F 210 16.69 23.77 30.89
N LEU F 211 16.36 23.75 32.18
CA LEU F 211 17.31 23.39 33.23
C LEU F 211 17.23 21.90 33.51
N LEU F 212 18.29 21.17 33.17
CA LEU F 212 18.36 19.75 33.50
C LEU F 212 18.60 19.57 34.99
N PHE F 213 17.91 18.60 35.57
CA PHE F 213 18.07 18.31 36.99
C PHE F 213 19.36 17.53 37.24
N ARG F 214 19.83 17.60 38.50
CA ARG F 214 21.04 16.87 38.87
C ARG F 214 20.83 15.37 38.74
N ALA F 215 19.66 14.87 39.15
CA ALA F 215 19.34 13.47 38.94
C ALA F 215 19.27 13.13 37.47
N GLN F 216 18.78 14.06 36.65
CA GLN F 216 18.82 13.86 35.20
C GLN F 216 20.23 14.02 34.65
N ASP F 217 21.04 14.87 35.28
CA ASP F 217 22.41 15.07 34.81
C ASP F 217 23.27 13.83 35.03
N THR F 218 23.13 13.17 36.17
CA THR F 218 23.94 11.98 36.43
C THR F 218 23.50 10.79 35.60
N ARG F 219 22.34 10.84 34.97
CA ARG F 219 21.93 9.77 34.05
C ARG F 219 22.72 9.80 32.76
N ILE F 220 23.39 10.91 32.45
CA ILE F 220 24.20 11.04 31.24
C ILE F 220 25.66 10.91 31.63
N GLN F 221 26.33 9.90 31.08
CA GLN F 221 27.77 9.68 31.36
C GLN F 221 28.49 9.37 30.04
N GLU F 222 29.79 9.66 29.96
CA GLU F 222 30.53 9.47 28.68
C GLU F 222 30.71 7.97 28.40
N PRO F 223 30.43 7.49 27.17
CA PRO F 223 30.64 6.08 26.84
C PRO F 223 32.10 5.67 27.09
N MET F 224 32.31 4.43 27.52
CA MET F 224 33.69 3.96 27.84
C MET F 224 34.25 3.19 26.65
N ILE F 225 35.55 3.37 26.35
CA ILE F 225 36.20 2.63 25.23
C ILE F 225 37.50 1.99 25.74
N ASN F 226 37.68 0.69 25.52
CA ASN F 226 38.90 -0.03 25.98
C ASN F 226 39.61 -0.63 24.77
N TYR F 227 40.91 -0.93 24.91
CA TYR F 227 41.67 -1.58 23.81
C TYR F 227 42.59 -2.63 24.42
N ILE F 228 42.03 -3.64 25.07
CA ILE F 228 42.84 -4.72 25.74
C ILE F 228 43.98 -5.09 24.79
N GLN F 229 43.69 -5.35 23.52
CA GLN F 229 44.73 -5.64 22.48
C GLN F 229 44.14 -5.18 21.14
N LEU F 230 43.36 -4.09 21.15
CA LEU F 230 42.69 -3.55 19.93
C LEU F 230 43.67 -2.65 19.18
N MET F 231 43.18 -1.69 18.38
CA MET F 231 44.10 -0.90 17.54
C MET F 231 43.66 0.53 17.23
N MET F 232 44.32 1.53 17.81
CA MET F 232 44.18 2.92 17.44
C MET F 232 45.23 3.31 16.40
N TYR F 233 44.81 4.08 15.41
CA TYR F 233 45.68 4.52 14.32
C TYR F 233 45.80 6.04 14.36
N LYS F 234 47.01 6.54 14.14
CA LYS F 234 47.27 7.98 14.11
C LYS F 234 47.01 8.48 12.70
N LEU F 235 45.91 9.20 12.51
CA LEU F 235 45.58 9.77 11.21
C LEU F 235 46.54 10.92 10.91
N PRO F 236 47.15 10.97 9.74
CA PRO F 236 48.08 12.06 9.41
C PRO F 236 47.36 13.40 9.42
N PRO F 237 48.06 14.46 9.85
CA PRO F 237 47.41 15.78 9.94
C PRO F 237 47.05 16.32 8.56
N ILE F 238 45.97 17.12 8.53
CA ILE F 238 45.48 17.65 7.26
C ILE F 238 46.40 18.73 6.70
N SER F 239 47.29 19.28 7.51
CA SER F 239 48.24 20.29 7.02
C SER F 239 49.44 19.67 6.33
N GLY F 240 49.64 18.35 6.45
CA GLY F 240 50.76 17.69 5.82
C GLY F 240 50.51 17.38 4.36
N GLU F 241 51.49 16.71 3.75
CA GLU F 241 51.39 16.32 2.35
C GLU F 241 50.27 15.32 2.14
N PHE F 242 50.14 14.34 3.05
CA PHE F 242 49.15 13.27 2.91
C PHE F 242 47.80 13.62 3.52
N GLY F 243 47.66 14.81 4.12
CA GLY F 243 46.40 15.18 4.73
C GLY F 243 45.27 15.30 3.73
N SER F 244 45.51 15.97 2.61
CA SER F 244 44.51 16.08 1.56
C SER F 244 44.20 14.72 0.94
N ALA F 245 45.22 13.88 0.78
CA ALA F 245 45.00 12.53 0.25
C ALA F 245 44.11 11.71 1.17
N PHE F 246 44.35 11.79 2.48
CA PHE F 246 43.51 11.05 3.42
C PHE F 246 42.10 11.63 3.49
N HIS F 247 41.97 12.95 3.37
CA HIS F 247 40.64 13.56 3.32
C HIS F 247 39.88 13.07 2.10
N GLY F 248 40.54 13.01 0.94
CA GLY F 248 39.91 12.44 -0.24
C GLY F 248 39.56 10.97 -0.05
N PHE F 249 40.42 10.23 0.66
CA PHE F 249 40.11 8.84 0.99
C PHE F 249 38.81 8.74 1.77
N ILE F 250 38.66 9.57 2.80
CA ILE F 250 37.47 9.49 3.65
C ILE F 250 36.23 9.94 2.88
N ARG F 251 36.36 10.96 2.02
CA ARG F 251 35.21 11.48 1.29
C ARG F 251 34.89 10.71 0.01
N ARG F 252 35.74 9.75 -0.39
CA ARG F 252 35.49 9.00 -1.62
C ARG F 252 34.20 8.18 -1.51
N VAL F 253 33.97 7.55 -0.36
CA VAL F 253 32.75 6.77 -0.16
C VAL F 253 31.51 7.63 -0.08
N GLU F 254 31.66 8.93 0.18
CA GLU F 254 30.51 9.82 0.33
C GLU F 254 29.90 10.23 -1.00
N ARG F 255 30.57 9.94 -2.11
CA ARG F 255 30.08 10.31 -3.43
C ARG F 255 28.92 9.43 -3.89
N TYR F 256 28.85 8.19 -3.42
CA TYR F 256 27.81 7.25 -3.84
C TYR F 256 26.51 7.56 -3.12
N SER F 257 25.41 7.61 -3.87
CA SER F 257 24.12 7.90 -3.27
C SER F 257 23.56 6.70 -2.51
N ASN F 258 23.67 5.50 -3.09
CA ASN F 258 23.04 4.31 -2.53
C ASN F 258 24.03 3.51 -1.68
N VAL F 259 24.47 4.14 -0.59
CA VAL F 259 25.32 3.49 0.39
C VAL F 259 24.77 3.80 1.79
N ASN F 260 24.64 2.77 2.61
CA ASN F 260 24.17 2.93 3.98
C ASN F 260 25.06 2.28 5.03
N HIS F 261 25.92 1.33 4.65
CA HIS F 261 26.81 0.65 5.58
C HIS F 261 28.22 0.63 4.98
N ILE F 262 29.21 0.94 5.81
CA ILE F 262 30.62 0.86 5.44
C ILE F 262 31.32 -0.10 6.39
N HIS F 263 32.15 -0.99 5.88
CA HIS F 263 32.86 -2.00 6.71
C HIS F 263 34.34 -1.61 6.83
N LEU F 264 34.72 -0.99 7.95
CA LEU F 264 36.14 -0.56 8.17
C LEU F 264 36.98 -1.80 8.43
N MET F 265 38.27 -1.78 8.11
CA MET F 265 39.18 -2.94 8.30
C MET F 265 40.47 -2.46 8.98
N GLY F 266 41.11 -3.32 9.79
CA GLY F 266 42.35 -2.97 10.52
C GLY F 266 43.42 -4.06 10.41
N VAL F 267 44.56 -3.76 9.77
CA VAL F 267 45.68 -4.73 9.61
C VAL F 267 46.98 -4.11 10.13
N LYS F 268 47.74 -4.84 10.94
CA LYS F 268 49.02 -4.36 11.53
C LYS F 268 50.08 -5.44 11.34
N VAL F 279 50.63 -0.72 8.17
CA VAL F 279 49.30 -0.36 8.66
C VAL F 279 48.41 0.06 7.51
N GLU F 280 47.33 -0.68 7.28
CA GLU F 280 46.39 -0.40 6.21
C GLU F 280 44.98 -0.35 6.76
N LEU F 281 44.19 0.61 6.26
CA LEU F 281 42.76 0.66 6.53
C LEU F 281 42.03 0.80 5.20
N LYS F 282 40.92 0.05 5.05
CA LYS F 282 40.17 0.00 3.81
C LYS F 282 38.69 0.23 4.09
N ILE F 283 38.04 0.93 3.17
CA ILE F 283 36.61 1.16 3.21
C ILE F 283 35.96 0.14 2.28
N ILE F 284 35.22 -0.79 2.85
CA ILE F 284 34.60 -1.88 2.11
C ILE F 284 33.08 -1.75 2.26
N VAL F 285 32.38 -1.76 1.14
CA VAL F 285 30.92 -1.75 1.11
C VAL F 285 30.49 -2.90 0.20
N ASN F 286 30.11 -4.02 0.80
CA ASN F 286 29.66 -5.18 0.06
C ASN F 286 28.16 -5.32 0.17
N GLU F 287 27.49 -5.51 -0.96
CA GLU F 287 26.04 -5.61 -1.00
C GLU F 287 25.66 -6.78 -1.90
N LEU F 288 24.37 -6.86 -2.26
CA LEU F 288 23.87 -8.00 -3.01
C LEU F 288 24.51 -8.09 -4.39
N ASP F 289 24.68 -6.95 -5.07
CA ASP F 289 25.12 -6.96 -6.46
C ASP F 289 26.30 -6.04 -6.73
N TRP F 290 26.85 -5.38 -5.72
CA TRP F 290 28.00 -4.50 -5.94
C TRP F 290 28.87 -4.47 -4.69
N HIS F 291 30.19 -4.28 -4.84
CA HIS F 291 31.12 -4.35 -3.68
C HIS F 291 32.24 -3.31 -3.76
N LEU F 292 32.12 -2.20 -3.02
CA LEU F 292 33.20 -1.19 -2.95
C LEU F 292 34.34 -1.78 -2.11
N GLU F 293 35.57 -1.35 -2.36
CA GLU F 293 36.76 -1.81 -1.59
C GLU F 293 37.82 -0.73 -1.75
N ILE F 294 37.60 0.45 -1.18
CA ILE F 294 38.54 1.58 -1.37
C ILE F 294 39.74 1.33 -0.45
N CYS F 295 40.94 1.76 -0.86
CA CYS F 295 42.18 1.49 -0.10
C CYS F 295 43.01 2.76 0.09
N TRP F 296 43.86 2.79 1.11
CA TRP F 296 44.81 3.87 1.37
C TRP F 296 46.21 3.31 1.24
N ASN F 297 46.92 3.70 0.18
CA ASN F 297 48.25 3.20 -0.09
C ASN F 297 49.35 4.09 0.46
N GLY F 298 49.00 5.22 1.09
CA GLY F 298 49.97 6.11 1.65
C GLY F 298 50.48 5.64 3.00
N PRO F 299 51.46 6.37 3.53
CA PRO F 299 52.01 6.01 4.85
C PRO F 299 50.99 6.25 5.96
N LEU F 300 51.06 5.40 6.98
CA LEU F 300 50.19 5.51 8.15
C LEU F 300 51.01 5.23 9.40
N ASP F 301 50.52 5.75 10.53
CA ASP F 301 51.20 5.60 11.81
C ASP F 301 50.24 5.05 12.84
N SER F 302 50.73 4.13 13.68
CA SER F 302 49.97 3.57 14.78
C SER F 302 50.88 3.56 16.01
N VAL F 303 50.56 4.39 17.00
CA VAL F 303 51.41 4.51 18.18
C VAL F 303 51.19 3.29 19.05
N ILE F 304 52.12 3.02 19.97
CA ILE F 304 52.02 1.88 20.87
C ILE F 304 52.67 2.22 22.21
N SER F 404 46.38 -9.53 13.68
CA SER F 404 45.20 -8.99 14.36
C SER F 404 44.29 -8.24 13.39
N THR F 405 43.01 -8.63 13.37
CA THR F 405 42.02 -8.05 12.48
C THR F 405 41.01 -7.23 13.27
N HIS F 406 40.59 -6.10 12.70
CA HIS F 406 39.67 -5.17 13.35
C HIS F 406 38.70 -4.63 12.31
N GLU F 407 37.47 -5.15 12.35
CA GLU F 407 36.42 -4.77 11.41
C GLU F 407 35.18 -4.34 12.17
N VAL F 408 34.47 -3.35 11.62
CA VAL F 408 33.21 -2.83 12.25
C VAL F 408 32.28 -2.38 11.12
N ILE F 409 30.97 -2.46 11.32
CA ILE F 409 29.97 -1.99 10.33
C ILE F 409 29.41 -0.66 10.85
N ILE F 410 29.50 0.42 10.07
CA ILE F 410 29.09 1.78 10.53
C ILE F 410 28.09 2.37 9.53
N ARG F 411 27.38 3.43 9.90
CA ARG F 411 26.47 4.11 9.00
C ARG F 411 27.20 5.20 8.22
N CYS F 412 26.60 5.61 7.09
CA CYS F 412 27.23 6.59 6.23
C CYS F 412 27.18 7.99 6.83
N LYS F 413 26.09 8.33 7.54
CA LYS F 413 25.98 9.66 8.15
C LYS F 413 27.05 9.87 9.21
N ASP F 414 27.34 8.83 10.00
CA ASP F 414 28.42 8.93 10.96
C ASP F 414 29.77 9.12 10.27
N TRP F 415 29.95 8.52 9.09
CA TRP F 415 31.17 8.75 8.33
C TRP F 415 31.24 10.20 7.83
N LYS F 416 30.10 10.78 7.45
CA LYS F 416 30.08 12.20 7.08
C LYS F 416 30.47 13.07 8.27
N VAL F 417 29.94 12.76 9.45
CA VAL F 417 30.31 13.50 10.66
C VAL F 417 31.80 13.35 10.94
N CYS F 418 32.35 12.15 10.72
CA CYS F 418 33.77 11.93 10.89
C CYS F 418 34.58 12.77 9.91
N SER F 419 34.12 12.85 8.65
CA SER F 419 34.77 13.70 7.66
C SER F 419 34.80 15.15 8.11
N LYS F 420 33.65 15.65 8.58
CA LYS F 420 33.58 17.04 9.02
C LYS F 420 34.46 17.29 10.23
N LEU F 421 34.53 16.32 11.15
CA LEU F 421 35.37 16.48 12.32
C LEU F 421 36.85 16.48 11.96
N TYR F 422 37.26 15.61 11.04
CA TYR F 422 38.66 15.57 10.62
C TYR F 422 39.05 16.80 9.83
N ALA F 423 38.12 17.37 9.05
CA ALA F 423 38.44 18.52 8.22
C ALA F 423 38.87 19.73 9.05
N ALA F 424 38.39 19.83 10.29
CA ALA F 424 38.71 20.96 11.15
C ALA F 424 39.72 20.65 12.24
N PHE F 425 40.31 19.45 12.22
CA PHE F 425 41.27 19.03 13.25
C PHE F 425 42.58 18.64 12.61
N GLU F 426 43.68 19.05 13.24
CA GLU F 426 45.00 18.60 12.80
C GLU F 426 45.36 17.25 13.43
N GLU F 427 45.12 17.10 14.73
CA GLU F 427 45.39 15.86 15.44
C GLU F 427 44.11 15.05 15.51
N VAL F 428 44.06 13.94 14.77
CA VAL F 428 42.90 13.06 14.72
C VAL F 428 43.36 11.65 15.04
N VAL F 429 42.64 10.99 15.94
CA VAL F 429 42.98 9.65 16.42
C VAL F 429 41.82 8.72 16.04
N LEU F 430 42.15 7.64 15.35
CA LEU F 430 41.17 6.65 14.92
C LEU F 430 41.46 5.31 15.61
N ALA F 431 40.46 4.79 16.32
CA ALA F 431 40.57 3.49 16.98
C ALA F 431 39.41 2.62 16.54
N ILE F 432 39.71 1.37 16.17
CA ILE F 432 38.74 0.44 15.62
C ILE F 432 38.67 -0.78 16.53
N SER F 433 37.45 -1.15 16.93
CA SER F 433 37.21 -2.34 17.73
C SER F 433 36.59 -3.42 16.85
N HIS F 434 36.96 -4.67 17.11
CA HIS F 434 36.47 -5.81 16.33
C HIS F 434 35.01 -6.06 16.66
N ASP F 435 34.12 -5.60 15.79
CA ASP F 435 32.69 -5.89 15.86
C ASP F 435 32.07 -5.41 17.17
N GLU F 436 32.62 -4.38 17.78
CA GLU F 436 32.06 -3.80 18.99
C GLU F 436 31.65 -2.34 18.82
N SER F 437 32.56 -1.48 18.39
CA SER F 437 32.30 -0.05 18.29
C SER F 437 33.42 0.60 17.48
N CYS F 438 33.26 1.89 17.21
CA CYS F 438 34.28 2.71 16.59
C CYS F 438 34.30 4.06 17.28
N VAL F 439 35.49 4.64 17.42
CA VAL F 439 35.66 5.91 18.13
C VAL F 439 36.47 6.84 17.24
N PHE F 440 35.96 8.07 17.07
CA PHE F 440 36.63 9.12 16.31
C PHE F 440 37.11 10.17 17.30
N HIS F 441 38.40 10.14 17.63
CA HIS F 441 38.97 11.01 18.63
C HIS F 441 39.66 12.19 17.96
N CYS F 442 39.29 13.40 18.37
CA CYS F 442 39.86 14.64 17.87
C CYS F 442 40.44 15.44 19.02
N SER F 443 41.61 16.03 18.81
CA SER F 443 42.31 16.78 19.85
C SER F 443 42.99 18.00 19.26
N LEU F 444 42.94 19.10 19.99
CA LEU F 444 43.65 20.33 19.65
C LEU F 444 44.64 20.63 20.76
N ASP F 445 45.91 20.77 20.40
CA ASP F 445 46.97 21.06 21.38
C ASP F 445 47.01 22.57 21.61
N ARG F 446 46.31 23.01 22.66
CA ARG F 446 46.27 24.43 22.99
C ARG F 446 47.52 24.91 23.72
N GLY F 447 48.36 24.00 24.19
CA GLY F 447 49.58 24.38 24.90
C GLY F 447 50.67 24.89 23.98
N ARG F 459 48.63 24.31 29.31
CA ARG F 459 47.24 24.61 29.01
C ARG F 459 46.45 23.34 28.71
N GLU F 460 45.21 23.29 29.18
CA GLU F 460 44.35 22.14 28.92
C GLU F 460 44.00 22.08 27.44
N ARG F 461 44.06 20.86 26.88
CA ARG F 461 43.79 20.66 25.47
C ARG F 461 42.32 20.35 25.25
N GLY F 462 41.73 20.97 24.22
CA GLY F 462 40.35 20.70 23.86
C GLY F 462 40.26 19.46 23.00
N GLN F 463 39.39 18.52 23.38
CA GLN F 463 39.27 17.25 22.70
C GLN F 463 37.81 17.00 22.32
N ILE F 464 37.62 16.36 21.18
CA ILE F 464 36.30 15.96 20.69
C ILE F 464 36.32 14.45 20.47
N ILE F 465 35.41 13.73 21.12
CA ILE F 465 35.30 12.29 20.99
C ILE F 465 33.92 11.95 20.43
N TYR F 466 33.89 11.19 19.34
CA TYR F 466 32.65 10.74 18.71
C TYR F 466 32.52 9.22 18.89
N TYR F 467 31.78 8.84 19.92
CA TYR F 467 31.50 7.43 20.15
C TYR F 467 30.51 6.93 19.11
N ILE F 468 30.85 5.85 18.43
CA ILE F 468 30.01 5.24 17.40
C ILE F 468 29.81 3.78 17.75
N ALA F 469 28.54 3.36 17.82
CA ALA F 469 28.23 1.95 18.16
C ALA F 469 28.25 1.10 16.87
N ASN G 9 43.31 -9.63 -16.58
CA ASN G 9 42.02 -10.25 -16.88
C ASN G 9 41.83 -10.41 -18.38
N LYS G 10 40.65 -10.88 -18.78
CA LYS G 10 40.35 -11.06 -20.20
C LYS G 10 40.20 -9.73 -20.93
N PHE G 11 39.87 -8.65 -20.22
CA PHE G 11 39.75 -7.34 -20.83
C PHE G 11 40.18 -6.30 -19.79
N SER G 12 40.87 -5.26 -20.27
CA SER G 12 41.33 -4.19 -19.39
C SER G 12 41.41 -2.90 -20.20
N ALA G 13 40.95 -1.81 -19.60
CA ALA G 13 40.96 -0.51 -20.27
C ALA G 13 41.12 0.58 -19.21
N SER G 14 42.09 1.46 -19.42
CA SER G 14 42.38 2.55 -18.50
C SER G 14 42.41 3.87 -19.25
N THR G 15 42.05 4.94 -18.54
CA THR G 15 42.05 6.28 -19.13
C THR G 15 42.10 7.30 -17.98
N VAL G 16 42.33 8.55 -18.36
CA VAL G 16 42.27 9.66 -17.41
C VAL G 16 41.16 10.65 -17.74
N HIS G 17 40.66 10.66 -18.98
CA HIS G 17 39.62 11.60 -19.40
C HIS G 17 38.27 11.12 -18.88
N LEU G 18 38.11 11.23 -17.56
CA LEU G 18 36.88 10.80 -16.91
C LEU G 18 35.70 11.69 -17.27
N GLU G 19 35.94 12.94 -17.67
CA GLU G 19 34.85 13.83 -18.08
C GLU G 19 34.16 13.29 -19.33
N HIS G 20 34.92 12.73 -20.27
CA HIS G 20 34.33 12.21 -21.50
C HIS G 20 33.46 11.00 -21.22
N ILE G 21 33.94 10.08 -20.38
CA ILE G 21 33.16 8.90 -20.01
C ILE G 21 31.93 9.32 -19.23
N THR G 22 32.07 10.31 -18.35
CA THR G 22 30.92 10.81 -17.59
C THR G 22 29.87 11.43 -18.50
N THR G 23 30.30 12.19 -19.51
CA THR G 23 29.34 12.76 -20.46
C THR G 23 28.66 11.67 -21.28
N ALA G 24 29.42 10.65 -21.69
CA ALA G 24 28.81 9.53 -22.42
C ALA G 24 27.78 8.83 -21.56
N LEU G 25 28.08 8.61 -20.29
CA LEU G 25 27.17 7.85 -19.38
C LEU G 25 25.93 8.70 -19.07
N SER G 26 26.05 10.03 -18.99
CA SER G 26 24.91 10.92 -18.63
C SER G 26 23.88 10.93 -19.75
N CYS G 27 24.24 10.46 -20.94
CA CYS G 27 23.32 10.41 -22.12
C CYS G 27 22.44 9.17 -22.00
N LEU G 28 22.75 8.26 -21.07
CA LEU G 28 21.98 7.01 -20.86
C LEU G 28 21.04 7.24 -19.68
N THR G 29 21.23 8.31 -18.92
CA THR G 29 20.37 8.66 -17.75
C THR G 29 18.95 9.05 -18.22
N PRO G 30 18.75 9.81 -19.32
CA PRO G 30 17.40 10.12 -19.81
C PRO G 30 16.52 8.88 -19.98
N PHE G 31 17.11 7.68 -20.14
CA PHE G 31 16.37 6.43 -20.36
C PHE G 31 16.09 5.73 -19.02
N GLY G 32 15.83 6.46 -17.94
CA GLY G 32 15.44 5.83 -16.67
C GLY G 32 16.37 6.16 -15.52
N SER G 33 17.55 5.54 -15.47
CA SER G 33 18.54 5.75 -14.39
C SER G 33 18.21 4.80 -13.24
N LYS G 34 17.32 3.83 -13.48
CA LYS G 34 16.98 2.80 -12.47
C LYS G 34 16.59 1.53 -13.22
N ASP G 35 17.51 0.98 -14.01
CA ASP G 35 17.27 -0.28 -14.75
C ASP G 35 18.62 -0.91 -15.12
N ASP G 36 18.69 -1.66 -16.21
CA ASP G 36 19.89 -2.37 -16.63
C ASP G 36 20.46 -1.76 -17.91
N VAL G 37 21.79 -1.77 -18.00
CA VAL G 37 22.51 -1.33 -19.20
C VAL G 37 23.34 -2.50 -19.70
N LEU G 38 23.27 -2.76 -21.01
CA LEU G 38 23.95 -3.88 -21.63
C LEU G 38 25.18 -3.38 -22.38
N ILE G 39 26.33 -4.02 -22.12
CA ILE G 39 27.63 -3.53 -22.57
C ILE G 39 28.23 -4.52 -23.56
N PHE G 40 28.65 -4.00 -24.71
CA PHE G 40 29.44 -4.77 -25.67
C PHE G 40 30.91 -4.44 -25.48
N ILE G 41 31.76 -5.47 -25.50
CA ILE G 41 33.20 -5.30 -25.39
C ILE G 41 33.84 -6.09 -26.53
N ASP G 42 34.32 -5.38 -27.56
CA ASP G 42 35.06 -5.98 -28.66
C ASP G 42 36.33 -5.18 -28.89
N ALA G 43 37.04 -5.52 -29.97
CA ALA G 43 38.33 -4.88 -30.24
C ALA G 43 38.18 -3.41 -30.58
N ASP G 44 37.08 -3.03 -31.22
CA ASP G 44 36.87 -1.63 -31.59
C ASP G 44 36.74 -0.74 -30.35
N GLY G 45 36.02 -1.21 -29.34
CA GLY G 45 35.83 -0.43 -28.14
C GLY G 45 34.76 -1.05 -27.25
N LEU G 46 34.18 -0.22 -26.39
CA LEU G 46 33.12 -0.65 -25.49
C LEU G 46 31.94 0.30 -25.60
N SER G 47 30.74 -0.26 -25.62
CA SER G 47 29.52 0.48 -25.88
C SER G 47 28.48 0.20 -24.80
N PHE G 48 27.48 1.08 -24.72
CA PHE G 48 26.37 0.92 -23.79
C PHE G 48 25.07 0.96 -24.60
N VAL G 49 24.45 -0.20 -24.79
CA VAL G 49 23.17 -0.29 -25.49
C VAL G 49 22.04 -0.31 -24.46
N ARG G 50 21.12 0.64 -24.61
CA ARG G 50 20.02 0.79 -23.66
C ARG G 50 18.72 0.93 -24.42
N GLU G 51 17.70 0.16 -24.03
CA GLU G 51 16.40 0.17 -24.69
C GLU G 51 15.29 0.31 -23.65
N ASN G 52 14.23 1.02 -24.04
CA ASN G 52 13.08 1.23 -23.17
C ASN G 52 11.81 0.82 -23.91
N ASN G 53 11.10 -0.16 -23.35
CA ASN G 53 9.78 -0.58 -23.82
C ASN G 53 9.76 -1.04 -25.27
N HIS G 54 10.91 -1.44 -25.81
CA HIS G 54 11.08 -1.90 -27.19
C HIS G 54 10.62 -0.85 -28.20
N VAL G 55 10.59 0.42 -27.81
CA VAL G 55 10.18 1.49 -28.72
C VAL G 55 11.31 2.48 -28.99
N ILE G 56 12.36 2.51 -28.18
CA ILE G 56 13.50 3.39 -28.39
C ILE G 56 14.74 2.68 -27.88
N LYS G 57 15.85 2.89 -28.60
CA LYS G 57 17.13 2.27 -28.25
C LYS G 57 18.25 3.28 -28.43
N ILE G 58 19.13 3.40 -27.44
CA ILE G 58 20.29 4.28 -27.53
C ILE G 58 21.54 3.43 -27.40
N GLN G 59 22.56 3.77 -28.19
CA GLN G 59 23.79 3.01 -28.24
C GLN G 59 24.97 3.97 -28.27
N LEU G 60 25.86 3.86 -27.29
CA LEU G 60 27.08 4.64 -27.26
C LEU G 60 28.16 3.95 -28.09
N LEU G 61 29.32 4.61 -28.19
CA LEU G 61 30.48 4.02 -28.83
C LEU G 61 31.73 4.71 -28.28
N LEU G 62 32.41 4.04 -27.35
CA LEU G 62 33.68 4.51 -26.82
C LEU G 62 34.80 3.74 -27.52
N SER G 63 35.53 4.43 -28.39
CA SER G 63 36.56 3.79 -29.19
C SER G 63 37.73 3.35 -28.31
N ARG G 64 38.53 2.42 -28.85
CA ARG G 64 39.71 1.96 -28.13
C ARG G 64 40.77 3.05 -28.04
N GLU G 65 40.81 3.95 -29.02
CA GLU G 65 41.75 5.06 -28.97
C GLU G 65 41.36 6.11 -27.93
N LEU G 66 40.10 6.09 -27.48
CA LEU G 66 39.69 6.99 -26.41
C LEU G 66 40.46 6.71 -25.13
N PHE G 67 40.60 5.43 -24.77
CA PHE G 67 41.39 5.05 -23.62
C PHE G 67 42.85 4.94 -24.01
N MET G 68 43.73 5.24 -23.04
CA MET G 68 45.16 5.06 -23.30
C MET G 68 45.53 3.60 -23.45
N SER G 69 44.82 2.69 -22.78
CA SER G 69 45.09 1.27 -22.87
C SER G 69 43.81 0.54 -23.23
N TYR G 70 43.93 -0.41 -24.16
CA TYR G 70 42.80 -1.27 -24.53
C TYR G 70 43.38 -2.57 -25.04
N SER G 71 43.37 -3.60 -24.21
CA SER G 71 44.03 -4.86 -24.51
C SER G 71 43.09 -5.88 -25.16
N TYR G 72 42.01 -6.24 -24.47
CA TYR G 72 41.01 -7.18 -24.97
C TYR G 72 41.65 -8.53 -25.32
N ARG G 73 42.12 -9.20 -24.27
CA ARG G 73 42.76 -10.52 -24.42
C ARG G 73 41.79 -11.63 -24.82
N ASN G 74 40.51 -11.32 -25.03
CA ASN G 74 39.52 -12.33 -25.39
C ASN G 74 39.70 -12.72 -26.84
N GLU G 75 40.58 -13.70 -27.09
CA GLU G 75 40.78 -14.21 -28.44
C GLU G 75 39.67 -15.15 -28.86
N THR G 76 39.00 -15.81 -27.90
CA THR G 76 38.02 -16.83 -28.24
C THR G 76 36.74 -16.23 -28.83
N GLU G 77 36.23 -15.17 -28.21
CA GLU G 77 34.95 -14.58 -28.59
C GLU G 77 35.16 -13.20 -29.19
N ASP G 78 34.37 -12.89 -30.22
CA ASP G 78 34.49 -11.60 -30.90
C ASP G 78 34.01 -10.46 -30.02
N HIS G 79 32.98 -10.69 -29.22
CA HIS G 79 32.46 -9.65 -28.33
C HIS G 79 31.95 -10.29 -27.05
N MET G 80 31.86 -9.47 -26.01
CA MET G 80 31.41 -9.91 -24.68
C MET G 80 30.24 -9.05 -24.26
N LYS G 81 29.12 -9.68 -23.92
CA LYS G 81 27.90 -8.98 -23.52
C LYS G 81 27.68 -9.17 -22.02
N LEU G 82 27.56 -8.06 -21.31
CA LEU G 82 27.30 -8.07 -19.87
C LEU G 82 26.20 -7.07 -19.55
N CYS G 83 25.42 -7.38 -18.50
CA CYS G 83 24.26 -6.60 -18.12
C CYS G 83 24.38 -6.20 -16.65
N VAL G 84 24.43 -4.90 -16.38
CA VAL G 84 24.56 -4.35 -15.04
C VAL G 84 23.58 -3.21 -14.87
N LYS G 85 23.34 -2.84 -13.60
CA LYS G 85 22.47 -1.71 -13.30
C LYS G 85 23.18 -0.39 -13.60
N ILE G 86 22.45 0.50 -14.27
CA ILE G 86 23.04 1.71 -14.85
C ILE G 86 23.41 2.76 -13.80
N ASN G 87 22.63 2.87 -12.71
CA ASN G 87 22.81 3.99 -11.79
C ASN G 87 24.18 3.99 -11.12
N HIS G 88 24.73 2.79 -10.88
CA HIS G 88 25.97 2.69 -10.13
C HIS G 88 27.16 3.22 -10.92
N ILE G 89 27.24 2.94 -12.22
CA ILE G 89 28.33 3.50 -13.02
C ILE G 89 28.17 5.02 -13.13
N LEU G 90 26.93 5.49 -13.22
CA LEU G 90 26.68 6.93 -13.25
C LEU G 90 27.18 7.61 -12.00
N ASP G 91 26.95 6.99 -10.83
CA ASP G 91 27.43 7.56 -9.59
C ASP G 91 28.94 7.43 -9.45
N SER G 92 29.53 6.37 -10.01
CA SER G 92 30.96 6.12 -9.79
C SER G 92 31.83 7.07 -10.60
N VAL G 93 31.55 7.22 -11.89
CA VAL G 93 32.45 7.94 -12.80
C VAL G 93 32.33 9.44 -12.59
N SER G 94 31.43 9.86 -11.70
CA SER G 94 31.25 11.28 -11.41
C SER G 94 32.27 11.76 -10.40
N VAL G 95 33.56 11.51 -10.66
CA VAL G 95 34.62 11.99 -9.79
C VAL G 95 35.00 13.43 -10.10
N MET G 96 34.61 13.93 -11.28
CA MET G 96 34.85 15.29 -11.77
C MET G 96 36.33 15.57 -12.02
N ASN G 97 37.20 14.60 -11.69
CA ASN G 97 38.64 14.67 -11.93
C ASN G 97 39.23 15.99 -11.44
N ARG G 98 39.01 16.27 -10.16
CA ARG G 98 39.55 17.48 -9.56
C ARG G 98 40.99 17.23 -9.12
N ASN G 99 41.64 18.29 -8.63
CA ASN G 99 43.05 18.26 -8.23
C ASN G 99 43.93 17.81 -9.41
N SER G 100 44.00 18.71 -10.40
CA SER G 100 44.63 18.41 -11.68
C SER G 100 46.10 18.00 -11.54
N ASP G 101 46.74 18.31 -10.41
CA ASP G 101 48.10 17.83 -10.18
C ASP G 101 48.15 16.31 -10.15
N ASP G 102 47.17 15.69 -9.48
CA ASP G 102 47.05 14.23 -9.43
C ASP G 102 45.75 13.85 -10.14
N ILE G 103 45.85 13.49 -11.42
CA ILE G 103 44.68 13.14 -12.21
C ILE G 103 44.18 11.76 -11.79
N VAL G 104 42.89 11.65 -11.54
CA VAL G 104 42.28 10.38 -11.15
C VAL G 104 42.29 9.45 -12.35
N GLU G 105 42.96 8.29 -12.20
CA GLU G 105 43.11 7.36 -13.32
C GLU G 105 42.01 6.30 -13.29
N CYS G 106 41.33 6.14 -14.41
CA CYS G 106 40.30 5.13 -14.57
C CYS G 106 40.94 3.78 -14.88
N THR G 107 40.20 2.71 -14.57
CA THR G 107 40.62 1.35 -14.92
C THR G 107 39.37 0.49 -15.02
N LEU G 108 39.01 0.12 -16.24
CA LEU G 108 37.87 -0.76 -16.50
C LEU G 108 38.37 -2.14 -16.89
N SER G 109 37.79 -3.17 -16.29
CA SER G 109 38.21 -4.54 -16.56
C SER G 109 37.03 -5.48 -16.40
N TYR G 110 37.14 -6.64 -17.04
CA TYR G 110 36.10 -7.66 -16.97
C TYR G 110 36.73 -9.00 -17.32
N ASP G 111 36.84 -9.89 -16.34
CA ASP G 111 37.56 -11.14 -16.54
C ASP G 111 36.77 -12.17 -17.33
N GLY G 112 35.45 -12.02 -17.43
CA GLY G 112 34.63 -12.92 -18.20
C GLY G 112 33.34 -13.23 -17.48
N HIS G 113 32.66 -14.28 -17.94
CA HIS G 113 31.39 -14.68 -17.35
C HIS G 113 31.58 -15.13 -15.92
N GLY G 114 30.68 -14.70 -15.05
CA GLY G 114 30.78 -14.92 -13.63
C GLY G 114 31.59 -13.87 -12.90
N SER G 115 32.59 -13.30 -13.55
CA SER G 115 33.39 -12.23 -12.98
C SER G 115 32.60 -10.91 -12.98
N PRO G 116 32.84 -10.06 -11.99
CA PRO G 116 32.17 -8.77 -11.95
C PRO G 116 32.93 -7.71 -12.75
N PHE G 117 32.19 -6.70 -13.20
CA PHE G 117 32.77 -5.57 -13.90
C PHE G 117 33.45 -4.65 -12.90
N VAL G 118 34.73 -4.36 -13.12
CA VAL G 118 35.56 -3.65 -12.15
C VAL G 118 35.82 -2.25 -12.64
N LEU G 119 35.71 -1.28 -11.73
CA LEU G 119 35.99 0.13 -12.00
C LEU G 119 36.98 0.60 -10.94
N ILE G 120 38.26 0.45 -11.22
CA ILE G 120 39.32 0.86 -10.30
C ILE G 120 39.69 2.31 -10.60
N PHE G 121 39.58 3.17 -9.60
CA PHE G 121 39.95 4.58 -9.72
C PHE G 121 41.19 4.83 -8.88
N GLU G 122 42.22 5.39 -9.50
CA GLU G 122 43.50 5.64 -8.85
C GLU G 122 43.69 7.13 -8.65
N ASP G 123 43.85 7.55 -7.40
CA ASP G 123 44.13 8.94 -7.04
C ASP G 123 45.55 9.09 -6.52
N SER G 124 46.50 8.41 -7.18
CA SER G 124 47.91 8.36 -6.81
C SER G 124 48.09 7.70 -5.46
N PHE G 125 47.64 8.35 -4.39
CA PHE G 125 47.70 7.78 -3.05
C PHE G 125 46.47 6.96 -2.70
N ILE G 126 45.45 6.95 -3.56
CA ILE G 126 44.20 6.26 -3.31
C ILE G 126 43.89 5.35 -4.49
N SER G 127 43.58 4.09 -4.20
CA SER G 127 43.22 3.10 -5.21
C SER G 127 41.92 2.43 -4.78
N GLU G 128 40.79 3.03 -5.15
CA GLU G 128 39.49 2.45 -4.86
C GLU G 128 39.11 1.47 -5.96
N ARG G 129 38.21 0.55 -5.61
CA ARG G 129 37.80 -0.51 -6.54
C ARG G 129 36.34 -0.83 -6.33
N VAL G 130 35.56 -0.79 -7.41
CA VAL G 130 34.14 -1.11 -7.38
C VAL G 130 33.90 -2.31 -8.30
N GLU G 131 33.18 -3.31 -7.81
CA GLU G 131 32.89 -4.52 -8.55
C GLU G 131 31.40 -4.59 -8.81
N TYR G 132 31.03 -4.69 -10.09
CA TYR G 132 29.63 -4.80 -10.49
C TYR G 132 29.35 -6.22 -10.98
N SER G 133 28.54 -6.96 -10.23
CA SER G 133 28.16 -8.30 -10.62
C SER G 133 27.17 -8.23 -11.79
N THR G 134 27.48 -8.95 -12.86
CA THR G 134 26.65 -8.92 -14.06
C THR G 134 25.39 -9.75 -13.89
N TYR G 135 24.37 -9.41 -14.67
CA TYR G 135 23.10 -10.09 -14.67
C TYR G 135 22.93 -10.92 -15.94
N LEU G 136 21.97 -11.84 -15.90
CA LEU G 136 21.69 -12.66 -17.07
C LEU G 136 21.11 -11.81 -18.18
N ILE G 137 21.54 -12.09 -19.42
CA ILE G 137 21.12 -11.29 -20.57
C ILE G 137 19.67 -11.60 -20.90
N LYS G 138 18.85 -10.56 -20.99
CA LYS G 138 17.47 -10.72 -21.41
C LYS G 138 17.40 -11.09 -22.88
N ASP G 139 16.40 -11.90 -23.23
CA ASP G 139 16.23 -12.40 -24.59
C ASP G 139 15.56 -11.32 -25.44
N PHE G 140 16.35 -10.31 -25.79
CA PHE G 140 15.90 -9.25 -26.68
C PHE G 140 16.97 -8.99 -27.73
N ASP G 141 16.54 -8.71 -28.96
CA ASP G 141 17.44 -8.49 -30.07
C ASP G 141 17.60 -6.99 -30.30
N THR G 142 18.83 -6.49 -30.20
CA THR G 142 19.10 -5.09 -30.46
C THR G 142 18.99 -4.74 -31.93
N ASN G 143 19.03 -5.74 -32.82
CA ASN G 143 18.89 -5.52 -34.25
C ASN G 143 17.47 -5.13 -34.65
N GLY G 144 16.47 -5.37 -33.79
CA GLY G 144 15.11 -5.01 -34.13
C GLY G 144 14.92 -3.52 -34.28
N LEU G 145 15.44 -2.74 -33.33
CA LEU G 145 15.31 -1.28 -33.36
C LEU G 145 16.45 -0.69 -34.20
N GLU G 146 16.44 -1.03 -35.49
CA GLU G 146 17.42 -0.52 -36.43
C GLU G 146 16.71 -0.08 -37.71
N LEU G 147 17.34 0.87 -38.40
CA LEU G 147 16.79 1.50 -39.59
C LEU G 147 17.34 0.86 -40.85
N ASP G 148 16.58 0.99 -41.94
CA ASP G 148 17.02 0.45 -43.22
C ASP G 148 18.23 1.21 -43.74
N ARG G 149 18.96 0.56 -44.63
CA ARG G 149 19.98 1.23 -45.42
C ARG G 149 19.58 1.39 -46.87
N GLU G 150 18.34 1.00 -47.23
CA GLU G 150 17.85 1.10 -48.59
C GLU G 150 16.47 1.76 -48.70
N ARG G 151 15.79 2.02 -47.58
CA ARG G 151 14.43 2.54 -47.60
C ARG G 151 14.32 3.92 -46.98
N ILE G 152 15.42 4.67 -46.93
CA ILE G 152 15.43 5.96 -46.26
C ILE G 152 14.46 6.90 -46.97
N SER G 153 13.45 7.37 -46.23
CA SER G 153 12.50 8.33 -46.80
C SER G 153 13.10 9.72 -46.87
N PHE G 154 13.88 10.11 -45.87
CA PHE G 154 14.52 11.42 -45.86
C PHE G 154 15.77 11.36 -44.99
N GLU G 155 16.74 12.19 -45.32
CA GLU G 155 18.00 12.27 -44.57
C GLU G 155 18.33 13.74 -44.36
N ALA G 156 18.48 14.15 -43.11
CA ALA G 156 18.74 15.53 -42.76
C ALA G 156 19.90 15.63 -41.78
N ILE G 157 20.72 16.67 -41.95
CA ILE G 157 21.82 16.97 -41.04
C ILE G 157 21.54 18.32 -40.41
N ILE G 158 21.44 18.34 -39.07
CA ILE G 158 21.09 19.54 -38.33
C ILE G 158 22.15 19.76 -37.26
N LYS G 159 22.53 21.02 -37.07
CA LYS G 159 23.52 21.36 -36.04
C LYS G 159 22.94 21.09 -34.65
N GLY G 160 23.84 20.83 -33.70
CA GLY G 160 23.41 20.42 -32.37
C GLY G 160 22.70 21.50 -31.59
N GLU G 161 23.16 22.75 -31.70
CA GLU G 161 22.64 23.81 -30.86
C GLU G 161 21.21 24.16 -31.20
N ALA G 162 20.90 24.31 -32.49
CA ALA G 162 19.53 24.63 -32.91
C ALA G 162 18.57 23.51 -32.54
N LEU G 163 18.97 22.27 -32.76
CA LEU G 163 18.12 21.15 -32.39
C LEU G 163 17.89 21.11 -30.87
N HIS G 164 18.95 21.33 -30.09
CA HIS G 164 18.81 21.32 -28.64
C HIS G 164 17.88 22.42 -28.18
N SER G 165 17.97 23.61 -28.78
CA SER G 165 17.04 24.69 -28.45
C SER G 165 15.61 24.31 -28.82
N ALA G 166 15.42 23.64 -29.95
CA ALA G 166 14.09 23.21 -30.36
C ALA G 166 13.49 22.23 -29.35
N LEU G 167 14.28 21.24 -28.94
CA LEU G 167 13.77 20.28 -27.95
C LEU G 167 13.52 20.94 -26.60
N LYS G 168 14.37 21.90 -26.21
CA LYS G 168 14.13 22.61 -24.96
C LYS G 168 12.82 23.39 -25.02
N ASP G 169 12.56 24.07 -26.14
CA ASP G 169 11.29 24.79 -26.29
C ASP G 169 10.11 23.84 -26.27
N LEU G 170 10.25 22.69 -26.94
CA LEU G 170 9.16 21.70 -26.95
C LEU G 170 8.88 21.19 -25.55
N LYS G 171 9.92 20.92 -24.77
CA LYS G 171 9.73 20.50 -23.38
C LYS G 171 9.06 21.59 -22.56
N GLU G 172 9.47 22.85 -22.76
CA GLU G 172 8.88 23.94 -21.99
C GLU G 172 7.41 24.17 -22.34
N ILE G 173 7.01 23.91 -23.59
CA ILE G 173 5.63 24.12 -23.99
C ILE G 173 4.82 22.85 -23.80
N GLY G 174 5.39 21.87 -23.10
CA GLY G 174 4.71 20.62 -22.83
C GLY G 174 4.93 19.56 -23.90
N CYS G 175 4.28 19.72 -25.05
CA CYS G 175 4.48 18.86 -26.22
C CYS G 175 4.20 17.39 -25.88
N LYS G 176 2.91 17.11 -25.62
CA LYS G 176 2.51 15.73 -25.37
C LYS G 176 2.71 14.86 -26.60
N GLU G 177 2.68 15.44 -27.79
CA GLU G 177 2.93 14.72 -29.04
C GLU G 177 3.72 15.62 -29.97
N CYS G 178 4.47 14.99 -30.88
CA CYS G 178 5.34 15.72 -31.80
C CYS G 178 5.21 15.15 -33.20
N TYR G 179 5.43 16.02 -34.19
CA TYR G 179 5.43 15.67 -35.60
C TYR G 179 6.72 16.18 -36.25
N VAL G 180 7.10 15.55 -37.35
CA VAL G 180 8.30 15.89 -38.09
C VAL G 180 7.93 16.17 -39.54
N TYR G 181 8.38 17.30 -40.07
CA TYR G 181 8.18 17.64 -41.47
C TYR G 181 9.51 17.57 -42.21
N ALA G 182 9.46 17.10 -43.46
CA ALA G 182 10.64 17.10 -44.33
C ALA G 182 10.16 17.20 -45.76
N LYS G 183 10.16 18.42 -46.30
CA LYS G 183 9.74 18.68 -47.67
C LYS G 183 10.85 19.42 -48.41
N THR G 184 11.21 18.93 -49.59
CA THR G 184 12.23 19.55 -50.43
C THR G 184 11.55 20.17 -51.65
N GLU G 185 11.92 21.40 -51.97
CA GLU G 185 11.36 22.12 -53.10
C GLU G 185 12.38 22.21 -54.22
N ALA G 186 11.89 22.32 -55.46
CA ALA G 186 12.75 22.30 -56.64
C ALA G 186 13.66 23.52 -56.73
N ASN G 187 13.34 24.60 -56.02
CA ASN G 187 14.15 25.81 -56.04
C ASN G 187 15.21 25.82 -54.94
N ASP G 188 15.69 24.64 -54.54
CA ASP G 188 16.72 24.44 -53.51
C ASP G 188 16.25 24.84 -52.12
N GLU G 189 14.95 25.09 -51.94
CA GLU G 189 14.42 25.42 -50.62
C GLU G 189 14.13 24.14 -49.85
N ASN G 190 14.67 24.05 -48.63
CA ASN G 190 14.48 22.90 -47.77
C ASN G 190 13.82 23.36 -46.48
N VAL G 191 12.71 22.71 -46.11
CA VAL G 191 11.96 23.05 -44.91
C VAL G 191 12.00 21.87 -43.95
N PHE G 192 12.17 22.17 -42.67
CA PHE G 192 12.22 21.14 -41.63
C PHE G 192 11.69 21.75 -40.34
N ALA G 193 10.55 21.24 -39.87
CA ALA G 193 9.92 21.78 -38.68
C ALA G 193 9.51 20.64 -37.76
N LEU G 194 9.43 20.95 -36.47
CA LEU G 194 9.00 20.00 -35.45
C LEU G 194 7.65 20.48 -34.93
N ILE G 195 6.60 20.07 -35.60
CA ILE G 195 5.26 20.44 -35.20
C ILE G 195 4.83 19.61 -34.00
N SER G 196 4.22 20.24 -33.00
CA SER G 196 3.86 19.57 -31.74
C SER G 196 2.42 19.83 -31.31
N LYS G 197 1.78 18.85 -30.68
CA LYS G 197 0.43 19.02 -30.10
C LYS G 197 0.61 19.13 -28.60
N SER G 198 0.42 20.30 -28.03
CA SER G 198 0.63 20.55 -26.58
C SER G 198 -0.61 21.21 -25.98
N GLN G 199 -0.54 21.64 -24.73
CA GLN G 199 -1.63 22.37 -24.08
C GLN G 199 -1.92 23.69 -24.80
N LEU G 200 -0.89 24.32 -25.35
CA LEU G 200 -1.09 25.57 -26.09
C LEU G 200 -1.95 25.34 -27.32
N GLY G 201 -1.74 24.22 -28.00
CA GLY G 201 -2.46 23.93 -29.22
C GLY G 201 -1.53 23.39 -30.28
N PHE G 202 -1.44 24.10 -31.39
CA PHE G 202 -0.63 23.68 -32.53
C PHE G 202 0.57 24.61 -32.63
N SER G 203 1.77 24.08 -32.40
CA SER G 203 2.99 24.88 -32.38
C SER G 203 3.98 24.32 -33.39
N LYS G 204 4.70 25.21 -34.07
CA LYS G 204 5.64 24.83 -35.11
C LYS G 204 6.99 25.48 -34.85
N ILE G 205 8.06 24.69 -34.90
CA ILE G 205 9.42 25.21 -34.78
C ILE G 205 10.15 24.92 -36.08
N LYS G 206 10.16 25.88 -37.00
CA LYS G 206 10.75 25.69 -38.31
C LYS G 206 12.25 25.94 -38.24
N LEU G 207 13.04 24.94 -38.64
CA LEU G 207 14.48 25.12 -38.72
C LEU G 207 14.84 25.96 -39.94
N PRO G 208 15.82 26.85 -39.82
CA PRO G 208 16.19 27.68 -40.97
C PRO G 208 16.80 26.87 -42.10
N SER G 209 16.62 27.37 -43.32
CA SER G 209 17.11 26.68 -44.51
C SER G 209 18.58 26.96 -44.79
N ASN G 210 19.24 27.80 -44.00
CA ASN G 210 20.65 28.09 -44.24
C ASN G 210 21.51 26.86 -43.97
N ARG G 211 22.65 26.80 -44.65
CA ARG G 211 23.54 25.66 -44.53
C ARG G 211 24.25 25.61 -43.18
N SER G 212 24.21 26.69 -42.39
CA SER G 212 24.80 26.67 -41.07
C SER G 212 23.97 25.88 -40.07
N ILE G 213 22.69 25.65 -40.36
CA ILE G 213 21.79 24.89 -39.50
C ILE G 213 21.28 23.64 -40.20
N LEU G 214 20.78 23.79 -41.42
CA LEU G 214 20.35 22.66 -42.24
C LEU G 214 21.42 22.43 -43.30
N GLU G 215 22.43 21.63 -42.95
CA GLU G 215 23.53 21.37 -43.87
C GLU G 215 23.06 20.65 -45.13
N LYS G 216 22.21 19.63 -44.97
CA LYS G 216 21.75 18.86 -46.12
C LYS G 216 20.44 18.20 -45.76
N LEU G 217 19.40 18.46 -46.55
CA LEU G 217 18.10 17.82 -46.39
C LEU G 217 17.72 17.19 -47.73
N GLN G 218 17.61 15.87 -47.77
CA GLN G 218 17.32 15.14 -48.99
C GLN G 218 16.16 14.20 -48.73
N VAL G 219 15.07 14.35 -49.49
CA VAL G 219 13.88 13.53 -49.36
C VAL G 219 13.86 12.52 -50.49
N PHE G 220 13.72 11.24 -50.15
CA PHE G 220 13.79 10.15 -51.11
C PHE G 220 12.40 9.55 -51.32
N ASP G 221 12.36 8.58 -52.23
CA ASP G 221 11.12 7.86 -52.60
C ASP G 221 11.11 6.47 -51.98
N GLY G 222 11.64 6.32 -50.78
CA GLY G 222 11.71 5.02 -50.16
C GLY G 222 12.79 4.12 -50.72
N ASP G 223 13.65 4.64 -51.60
CA ASP G 223 14.74 3.87 -52.20
C ASP G 223 16.11 4.39 -51.81
N SER G 224 16.18 5.51 -51.09
CA SER G 224 17.43 6.14 -50.65
C SER G 224 18.33 6.56 -51.81
N THR G 225 17.78 6.65 -53.02
CA THR G 225 18.53 7.10 -54.19
C THR G 225 17.84 8.22 -54.95
N THR G 226 16.51 8.20 -55.05
CA THR G 226 15.78 9.21 -55.79
C THR G 226 15.64 10.48 -54.98
N VAL G 227 15.71 11.62 -55.67
CA VAL G 227 15.50 12.91 -55.03
C VAL G 227 14.21 13.53 -55.57
N ILE G 228 13.10 13.30 -54.88
CA ILE G 228 11.81 13.82 -55.29
C ILE G 228 11.55 15.15 -54.59
N ASP G 229 11.15 16.15 -55.36
CA ASP G 229 10.86 17.48 -54.84
C ASP G 229 9.36 17.71 -54.80
N GLY G 230 8.92 18.47 -53.81
CA GLY G 230 7.51 18.73 -53.61
C GLY G 230 6.77 17.71 -52.76
N PHE G 231 7.43 16.65 -52.33
CA PHE G 231 6.84 15.64 -51.46
C PHE G 231 7.21 15.91 -50.01
N ALA G 232 6.39 15.40 -49.10
CA ALA G 232 6.52 15.62 -47.68
C ALA G 232 6.69 14.30 -46.94
N VAL G 233 7.53 14.31 -45.92
CA VAL G 233 7.74 13.16 -45.05
C VAL G 233 7.18 13.49 -43.69
N ILE G 234 6.25 12.66 -43.21
CA ILE G 234 5.55 12.88 -41.95
C ILE G 234 5.93 11.76 -40.98
N GLY G 235 6.40 12.15 -39.80
CA GLY G 235 6.67 11.20 -38.74
C GLY G 235 6.01 11.58 -37.44
N PHE G 236 5.05 10.77 -36.98
CA PHE G 236 4.34 11.03 -35.74
C PHE G 236 5.02 10.27 -34.62
N PHE G 237 5.77 10.98 -33.77
CA PHE G 237 6.53 10.38 -32.70
C PHE G 237 6.04 10.89 -31.36
N ASP G 238 5.94 9.98 -30.39
CA ASP G 238 5.64 10.38 -29.02
C ASP G 238 6.82 11.16 -28.46
N PHE G 239 6.53 12.33 -27.87
CA PHE G 239 7.61 13.17 -27.37
C PHE G 239 8.27 12.59 -26.13
N THR G 240 7.65 11.61 -25.48
CA THR G 240 8.32 10.91 -24.39
C THR G 240 9.59 10.23 -24.88
N SER G 241 9.52 9.58 -26.04
CA SER G 241 10.70 9.00 -26.65
C SER G 241 11.57 10.05 -27.35
N PHE G 242 10.96 11.11 -27.88
CA PHE G 242 11.74 12.11 -28.62
C PHE G 242 12.56 12.99 -27.67
N ASP G 243 12.16 13.07 -26.40
CA ASP G 243 12.89 13.89 -25.44
C ASP G 243 14.17 13.21 -24.95
N LYS G 244 14.31 11.91 -25.22
CA LYS G 244 15.50 11.19 -24.79
C LYS G 244 16.77 11.66 -25.52
N ILE G 245 16.61 12.32 -26.66
CA ILE G 245 17.76 12.81 -27.41
C ILE G 245 18.16 14.23 -27.02
N ARG G 246 17.42 14.87 -26.12
CA ARG G 246 17.71 16.25 -25.76
C ARG G 246 19.07 16.36 -25.07
N LYS G 247 19.35 15.46 -24.11
CA LYS G 247 20.63 15.50 -23.42
C LYS G 247 21.77 15.08 -24.34
N SER G 248 21.48 14.23 -25.33
CA SER G 248 22.51 13.84 -26.29
C SER G 248 22.83 14.97 -27.26
N THR G 249 21.87 15.85 -27.52
CA THR G 249 22.10 16.99 -28.40
C THR G 249 22.81 18.14 -27.71
N LYS G 250 22.99 18.08 -26.40
CA LYS G 250 23.69 19.13 -25.66
C LYS G 250 25.21 19.02 -25.79
N ILE G 251 25.72 17.89 -26.29
CA ILE G 251 27.15 17.68 -26.46
C ILE G 251 27.54 17.48 -27.91
N ALA G 252 26.59 17.62 -28.84
CA ALA G 252 26.81 17.32 -30.24
C ALA G 252 27.01 18.59 -31.06
N SER G 253 27.80 18.47 -32.11
CA SER G 253 28.01 19.55 -33.07
C SER G 253 27.10 19.44 -34.29
N LYS G 254 26.89 18.22 -34.80
CA LYS G 254 25.99 17.98 -35.90
C LYS G 254 25.19 16.72 -35.61
N VAL G 255 23.92 16.72 -36.01
CA VAL G 255 23.00 15.61 -35.77
C VAL G 255 22.46 15.14 -37.11
N LEU G 256 22.53 13.82 -37.33
CA LEU G 256 22.03 13.20 -38.55
C LEU G 256 20.67 12.56 -38.29
N PHE G 257 19.68 12.91 -39.10
CA PHE G 257 18.31 12.41 -38.96
C PHE G 257 17.98 11.58 -40.19
N ARG G 258 17.54 10.34 -39.96
CA ARG G 258 17.18 9.44 -41.04
C ARG G 258 15.95 8.64 -40.66
N MET G 259 14.96 8.59 -41.54
CA MET G 259 13.73 7.83 -41.34
C MET G 259 13.40 7.05 -42.61
N ASP G 260 12.74 5.91 -42.44
CA ASP G 260 12.32 5.07 -43.55
C ASP G 260 10.80 5.00 -43.65
N VAL G 261 10.31 4.17 -44.58
CA VAL G 261 8.89 3.98 -44.78
C VAL G 261 8.26 3.06 -43.74
N HIS G 262 9.06 2.44 -42.88
CA HIS G 262 8.57 1.53 -41.85
C HIS G 262 8.46 2.19 -40.49
N GLY G 263 8.56 3.52 -40.42
CA GLY G 263 8.34 4.24 -39.19
C GLY G 263 9.37 4.04 -38.09
N VAL G 264 10.65 4.08 -38.42
CA VAL G 264 11.72 4.11 -37.44
C VAL G 264 12.62 5.31 -37.75
N LEU G 265 13.00 6.03 -36.70
CA LEU G 265 13.83 7.23 -36.82
C LEU G 265 15.17 6.99 -36.12
N SER G 266 16.26 7.31 -36.81
CA SER G 266 17.61 7.12 -36.28
C SER G 266 18.25 8.49 -36.05
N VAL G 267 18.33 8.90 -34.79
CA VAL G 267 19.05 10.12 -34.42
C VAL G 267 20.51 9.75 -34.20
N ASN G 268 21.39 10.25 -35.06
CA ASN G 268 22.80 9.93 -35.03
C ASN G 268 23.55 11.12 -34.44
N ILE G 269 23.85 11.05 -33.15
CA ILE G 269 24.58 12.12 -32.49
C ILE G 269 26.06 12.02 -32.84
N LEU G 270 26.59 13.10 -33.40
CA LEU G 270 28.00 13.18 -33.80
C LEU G 270 28.67 14.18 -32.87
N SER G 271 29.51 13.67 -31.97
CA SER G 271 30.13 14.47 -30.93
C SER G 271 31.53 14.89 -31.36
N GLN G 272 31.75 16.18 -31.49
CA GLN G 272 33.08 16.72 -31.78
C GLN G 272 33.38 17.91 -30.88
N LEU G 297 42.08 15.06 -24.30
CA LEU G 297 41.46 14.07 -25.17
C LEU G 297 42.43 13.61 -26.25
N PRO G 298 42.37 12.32 -26.60
CA PRO G 298 43.28 11.80 -27.64
C PRO G 298 42.97 12.38 -29.01
N LYS G 299 43.93 12.23 -29.91
CA LYS G 299 43.77 12.71 -31.28
C LYS G 299 43.26 11.64 -32.22
N ASP G 300 43.57 10.36 -31.95
CA ASP G 300 43.20 9.30 -32.89
C ASP G 300 41.71 8.97 -32.81
N TYR G 301 41.13 9.01 -31.61
CA TYR G 301 39.74 8.61 -31.46
C TYR G 301 38.81 9.62 -32.13
N PRO G 302 37.73 9.15 -32.79
CA PRO G 302 36.81 10.07 -33.46
C PRO G 302 35.85 10.79 -32.52
N GLY G 303 35.32 10.08 -31.55
CA GLY G 303 34.32 10.64 -30.66
C GLY G 303 33.33 9.58 -30.22
N ILE G 304 32.30 10.03 -29.51
CA ILE G 304 31.23 9.16 -29.05
C ILE G 304 30.16 9.13 -30.14
N VAL G 305 30.01 7.99 -30.79
CA VAL G 305 28.95 7.79 -31.77
C VAL G 305 27.70 7.33 -31.01
N ILE G 306 26.77 8.26 -30.80
CA ILE G 306 25.54 7.98 -30.07
C ILE G 306 24.40 7.88 -31.07
N GLU G 307 23.78 6.70 -31.13
CA GLU G 307 22.70 6.42 -32.06
C GLU G 307 21.44 6.14 -31.27
N VAL G 308 20.39 6.92 -31.53
CA VAL G 308 19.13 6.81 -30.80
C VAL G 308 18.07 6.44 -31.83
N CYS G 309 17.77 5.15 -31.95
CA CYS G 309 16.71 4.68 -32.83
C CYS G 309 15.35 4.81 -32.13
N MET G 310 14.35 5.25 -32.89
CA MET G 310 13.04 5.56 -32.34
C MET G 310 11.95 5.07 -33.29
N LEU G 311 10.87 4.54 -32.73
CA LEU G 311 9.75 4.03 -33.51
C LEU G 311 8.66 5.09 -33.64
N GLU G 312 8.03 5.11 -34.81
CA GLU G 312 6.93 6.04 -35.08
C GLU G 312 5.62 5.48 -34.54
N LYS G 313 4.73 6.39 -34.13
CA LYS G 313 3.40 6.00 -33.72
C LYS G 313 2.56 5.58 -34.93
N GLU G 314 1.52 4.79 -34.66
CA GLU G 314 0.70 4.26 -35.74
C GLU G 314 -0.10 5.35 -36.44
N SER G 315 -0.59 6.34 -35.66
CA SER G 315 -1.39 7.45 -36.18
C SER G 315 -2.65 6.94 -36.90
N ILE G 316 -3.53 6.34 -36.10
CA ILE G 316 -4.81 5.85 -36.62
C ILE G 316 -5.62 6.98 -37.23
N ASP G 317 -5.46 8.19 -36.72
CA ASP G 317 -6.12 9.36 -37.30
C ASP G 317 -5.57 9.63 -38.69
N GLU G 318 -6.44 10.07 -39.59
CA GLU G 318 -6.07 10.42 -40.95
C GLU G 318 -6.18 11.90 -41.26
N ALA G 319 -7.07 12.63 -40.58
CA ALA G 319 -7.18 14.07 -40.78
C ALA G 319 -6.08 14.85 -40.08
N ALA G 320 -5.37 14.22 -39.14
CA ALA G 320 -4.27 14.90 -38.46
C ALA G 320 -3.15 15.26 -39.43
N GLN G 321 -2.79 14.34 -40.32
CA GLN G 321 -1.76 14.62 -41.32
C GLN G 321 -2.22 15.69 -42.30
N THR G 322 -3.51 15.68 -42.67
CA THR G 322 -4.05 16.73 -43.51
C THR G 322 -3.95 18.09 -42.83
N GLU G 323 -4.24 18.15 -41.53
CA GLU G 323 -4.11 19.39 -40.79
C GLU G 323 -2.65 19.84 -40.69
N ILE G 324 -1.73 18.89 -40.51
CA ILE G 324 -0.29 19.19 -40.54
C ILE G 324 0.08 19.84 -41.86
N GLU G 325 -0.38 19.24 -42.97
CA GLU G 325 -0.07 19.77 -44.29
C GLU G 325 -0.64 21.17 -44.47
N LEU G 326 -1.89 21.37 -44.06
CA LEU G 326 -2.53 22.68 -44.20
C LEU G 326 -1.82 23.73 -43.35
N LEU G 327 -1.39 23.36 -42.14
CA LEU G 327 -0.65 24.29 -41.31
C LEU G 327 0.69 24.64 -41.97
N MET G 328 1.32 23.67 -42.62
CA MET G 328 2.59 23.99 -43.26
C MET G 328 2.38 24.83 -44.51
N GLU G 329 1.21 24.73 -45.14
CA GLU G 329 0.92 25.61 -46.29
C GLU G 329 0.77 27.06 -45.83
N THR G 330 0.06 27.29 -44.73
CA THR G 330 -0.15 28.65 -44.24
C THR G 330 -0.39 28.68 -42.74
N SER H 2 -6.32 41.38 -39.73
CA SER H 2 -7.11 42.31 -38.95
C SER H 2 -6.25 43.08 -37.96
N PHE H 3 -5.19 42.42 -37.47
CA PHE H 3 -4.29 43.02 -36.50
C PHE H 3 -2.93 42.35 -36.64
N LYS H 4 -1.87 43.16 -36.60
CA LYS H 4 -0.51 42.65 -36.63
C LYS H 4 0.40 43.61 -35.88
N ALA H 5 1.12 43.10 -34.89
CA ALA H 5 2.07 43.90 -34.11
C ALA H 5 3.36 43.14 -33.95
N THR H 6 4.47 43.88 -33.97
CA THR H 6 5.81 43.29 -33.88
C THR H 6 6.62 44.02 -32.80
N ILE H 7 7.55 43.29 -32.20
CA ILE H 7 8.48 43.83 -31.21
C ILE H 7 9.89 43.47 -31.66
N THR H 8 10.75 44.48 -31.77
CA THR H 8 12.12 44.29 -32.25
C THR H 8 13.10 45.02 -31.34
N GLU H 9 12.85 44.97 -30.03
CA GLU H 9 13.76 45.53 -29.04
C GLU H 9 13.85 44.59 -27.85
N SER H 10 15.04 44.51 -27.26
CA SER H 10 15.25 43.60 -26.13
C SER H 10 14.46 44.04 -24.91
N GLY H 11 14.58 45.32 -24.52
CA GLY H 11 13.86 45.81 -23.37
C GLY H 11 12.36 45.80 -23.55
N LYS H 12 11.89 46.07 -24.77
CA LYS H 12 10.46 45.99 -25.05
C LYS H 12 9.94 44.57 -24.87
N GLN H 13 10.70 43.58 -25.35
CA GLN H 13 10.32 42.19 -25.13
C GLN H 13 10.35 41.83 -23.65
N ASN H 14 11.34 42.35 -22.91
CA ASN H 14 11.43 42.07 -21.48
C ASN H 14 10.22 42.60 -20.74
N ILE H 15 9.85 43.87 -20.99
CA ILE H 15 8.71 44.45 -20.31
C ILE H 15 7.41 43.78 -20.75
N TRP H 16 7.31 43.39 -22.03
CA TRP H 16 6.14 42.67 -22.50
C TRP H 16 5.97 41.34 -21.76
N PHE H 17 7.07 40.60 -21.57
CA PHE H 17 7.03 39.32 -20.83
C PHE H 17 6.67 39.54 -19.35
N ARG H 18 7.31 40.48 -18.67
CA ARG H 18 7.06 40.75 -17.22
C ARG H 18 5.73 41.47 -17.08
N ALA H 19 5.21 42.09 -18.16
CA ALA H 19 3.88 42.72 -18.15
C ALA H 19 2.86 41.60 -18.19
N ILE H 20 3.02 40.63 -19.08
CA ILE H 20 2.06 39.49 -19.26
C ILE H 20 2.22 38.50 -18.11
N TYR H 21 3.43 38.26 -17.61
CA TYR H 21 3.69 37.29 -16.51
C TYR H 21 2.88 37.69 -15.30
N VAL H 22 2.79 38.99 -15.04
CA VAL H 22 2.05 39.55 -13.92
C VAL H 22 0.55 39.43 -14.15
N LEU H 23 0.08 39.72 -15.37
CA LEU H 23 -1.34 39.56 -15.65
C LEU H 23 -1.77 38.10 -15.61
N SER H 24 -0.84 37.17 -15.86
CA SER H 24 -1.13 35.75 -15.74
C SER H 24 -1.18 35.29 -14.29
N THR H 25 -0.36 35.89 -13.43
CA THR H 25 -0.42 35.56 -12.00
C THR H 25 -1.44 36.38 -11.24
N ILE H 26 -2.15 37.28 -11.91
CA ILE H 26 -3.32 37.91 -11.29
C ILE H 26 -4.59 37.12 -11.59
N GLN H 27 -4.78 36.73 -12.84
CA GLN H 27 -5.91 35.89 -13.23
C GLN H 27 -5.42 34.83 -14.22
N ASP H 28 -6.12 33.70 -14.24
CA ASP H 28 -5.69 32.57 -15.07
C ASP H 28 -5.68 32.94 -16.55
N ASP H 29 -6.69 33.67 -17.01
CA ASP H 29 -6.81 34.08 -18.40
C ASP H 29 -6.62 35.58 -18.52
N ILE H 30 -5.85 35.99 -19.53
CA ILE H 30 -5.56 37.40 -19.79
C ILE H 30 -6.43 37.88 -20.94
N LYS H 31 -7.12 38.99 -20.73
CA LYS H 31 -7.98 39.59 -21.74
C LYS H 31 -7.24 40.75 -22.40
N ILE H 32 -7.14 40.70 -23.72
CA ILE H 32 -6.41 41.69 -24.50
C ILE H 32 -7.37 42.35 -25.48
N THR H 33 -7.39 43.69 -25.48
CA THR H 33 -8.21 44.46 -26.39
C THR H 33 -7.31 45.20 -27.37
N VAL H 34 -7.65 45.13 -28.65
CA VAL H 34 -6.87 45.76 -29.71
C VAL H 34 -7.61 47.01 -30.16
N THR H 35 -6.94 48.15 -30.09
CA THR H 35 -7.48 49.43 -30.52
C THR H 35 -6.72 49.94 -31.73
N THR H 36 -7.20 51.04 -32.29
CA THR H 36 -6.55 51.66 -33.43
C THR H 36 -5.29 52.43 -33.04
N ASN H 37 -5.13 52.81 -31.78
CA ASN H 37 -4.01 53.61 -31.33
C ASN H 37 -3.12 52.93 -30.30
N GLU H 38 -3.58 51.85 -29.66
CA GLU H 38 -2.78 51.19 -28.63
C GLU H 38 -3.27 49.76 -28.47
N LEU H 39 -2.45 48.96 -27.79
CA LEU H 39 -2.80 47.60 -27.40
C LEU H 39 -2.93 47.54 -25.88
N ILE H 40 -4.07 47.04 -25.41
CA ILE H 40 -4.41 47.03 -23.99
C ILE H 40 -4.50 45.59 -23.52
N ALA H 41 -3.73 45.26 -22.48
CA ALA H 41 -3.79 43.97 -21.83
C ALA H 41 -4.10 44.18 -20.36
N TRP H 42 -5.17 43.53 -19.87
CA TRP H 42 -5.64 43.75 -18.51
C TRP H 42 -6.03 42.42 -17.89
N SER H 43 -6.10 42.41 -16.56
CA SER H 43 -6.43 41.21 -15.81
C SER H 43 -7.19 41.61 -14.55
N MET H 44 -8.29 40.91 -14.28
CA MET H 44 -9.13 41.18 -13.13
C MET H 44 -9.14 39.98 -12.19
N ASN H 45 -9.10 40.26 -10.88
CA ASN H 45 -9.13 39.21 -9.88
C ASN H 45 -10.49 38.51 -9.88
N GLU H 46 -10.50 37.26 -9.38
CA GLU H 46 -11.75 36.52 -9.28
C GLU H 46 -12.68 37.14 -8.27
N THR H 47 -12.13 37.78 -7.23
CA THR H 47 -12.93 38.50 -6.25
C THR H 47 -13.25 39.92 -6.69
N ASP H 48 -12.77 40.35 -7.86
CA ASP H 48 -12.97 41.71 -8.36
C ASP H 48 -12.45 42.75 -7.39
N THR H 49 -11.30 42.46 -6.77
CA THR H 49 -10.70 43.36 -5.80
C THR H 49 -9.43 44.03 -6.29
N THR H 50 -8.72 43.44 -7.25
CA THR H 50 -7.54 44.07 -7.82
C THR H 50 -7.56 43.92 -9.34
N LEU H 51 -7.16 44.98 -10.03
CA LEU H 51 -7.10 45.00 -11.49
C LEU H 51 -5.81 45.69 -11.92
N CYS H 52 -5.07 45.07 -12.84
CA CYS H 52 -3.89 45.67 -13.44
C CYS H 52 -4.13 45.77 -14.94
N GLN H 53 -3.88 46.95 -15.50
CA GLN H 53 -4.10 47.21 -16.92
C GLN H 53 -2.81 47.77 -17.51
N VAL H 54 -2.25 47.13 -18.54
CA VAL H 54 -1.04 47.63 -19.25
C VAL H 54 -1.52 48.12 -20.62
N ARG H 55 -0.94 49.18 -21.17
CA ARG H 55 -1.39 49.74 -22.48
C ARG H 55 -0.16 50.03 -23.36
N PHE H 56 0.21 49.10 -24.23
CA PHE H 56 1.38 49.24 -25.13
C PHE H 56 0.98 50.11 -26.31
N GLN H 57 1.42 51.36 -26.34
CA GLN H 57 1.08 52.31 -27.40
C GLN H 57 1.44 51.73 -28.77
N LYS H 58 0.94 52.41 -29.81
CA LYS H 58 1.31 52.04 -31.17
C LYS H 58 2.79 52.23 -31.42
N SER H 59 3.38 53.29 -30.85
CA SER H 59 4.81 53.52 -30.98
C SER H 59 5.64 52.47 -30.28
N PHE H 60 5.06 51.74 -29.32
CA PHE H 60 5.79 50.65 -28.66
C PHE H 60 6.13 49.53 -29.63
N PHE H 61 5.33 49.36 -30.68
CA PHE H 61 5.55 48.32 -31.67
C PHE H 61 6.16 48.95 -32.93
N GLU H 62 7.19 48.29 -33.47
CA GLU H 62 7.79 48.78 -34.70
C GLU H 62 6.79 48.75 -35.86
N GLU H 63 6.01 47.68 -35.96
CA GLU H 63 4.92 47.57 -36.92
C GLU H 63 3.63 47.40 -36.16
N TYR H 64 2.63 48.22 -36.47
CA TYR H 64 1.32 48.14 -35.82
C TYR H 64 0.25 48.40 -36.88
N GLU H 65 -0.51 47.36 -37.22
CA GLU H 65 -1.56 47.44 -38.22
C GLU H 65 -2.86 46.96 -37.60
N PHE H 66 -3.93 47.74 -37.77
CA PHE H 66 -5.25 47.38 -37.27
C PHE H 66 -6.27 47.59 -38.37
N LYS H 67 -6.99 46.53 -38.73
CA LYS H 67 -8.03 46.59 -39.77
C LYS H 67 -9.31 45.96 -39.20
N PRO H 68 -10.03 46.69 -38.34
CA PRO H 68 -11.27 46.13 -37.78
C PRO H 68 -12.38 45.97 -38.80
N HIS H 69 -12.32 46.67 -39.95
CA HIS H 69 -13.35 46.54 -40.96
C HIS H 69 -13.35 45.15 -41.58
N GLU H 70 -12.16 44.57 -41.78
CA GLU H 70 -12.05 43.24 -42.36
C GLU H 70 -12.56 42.17 -41.41
N GLY H 77 -17.15 39.95 -29.14
CA GLY H 77 -16.23 40.19 -30.25
C GLY H 77 -15.90 41.66 -30.43
N VAL H 78 -16.27 42.21 -31.58
CA VAL H 78 -16.02 43.62 -31.88
C VAL H 78 -17.04 44.48 -31.14
N GLN H 79 -16.55 45.45 -30.37
CA GLN H 79 -17.39 46.36 -29.63
C GLN H 79 -17.16 47.78 -30.13
N VAL H 80 -18.24 48.49 -30.43
CA VAL H 80 -18.18 49.85 -30.95
C VAL H 80 -18.38 50.81 -29.80
N ILE H 81 -17.42 51.69 -29.58
CA ILE H 81 -17.49 52.68 -28.52
C ILE H 81 -17.27 54.07 -29.08
N LYS H 90 -14.20 51.11 -33.13
CA LYS H 90 -14.10 49.68 -33.38
C LYS H 90 -12.98 49.05 -32.56
N LEU H 91 -13.34 48.39 -31.47
CA LEU H 91 -12.40 47.75 -30.57
C LEU H 91 -12.66 46.24 -30.55
N TYR H 92 -11.61 45.46 -30.74
CA TYR H 92 -11.69 44.01 -30.70
C TYR H 92 -11.00 43.50 -29.44
N SER H 93 -11.71 42.68 -28.67
CA SER H 93 -11.21 42.15 -27.42
C SER H 93 -11.29 40.63 -27.44
N PHE H 94 -10.26 39.97 -26.93
CA PHE H 94 -10.22 38.52 -26.86
C PHE H 94 -9.58 38.09 -25.54
N ARG H 95 -9.92 36.89 -25.11
CA ARG H 95 -9.41 36.31 -23.87
C ARG H 95 -8.51 35.13 -24.19
N VAL H 96 -7.28 35.17 -23.66
CA VAL H 96 -6.29 34.13 -23.90
C VAL H 96 -5.74 33.68 -22.56
N ASN H 97 -5.34 32.40 -22.50
CA ASN H 97 -4.80 31.84 -21.26
C ASN H 97 -3.49 32.53 -20.89
N GLY H 98 -3.39 32.94 -19.63
CA GLY H 98 -2.19 33.63 -19.18
C GLY H 98 -0.97 32.74 -19.14
N ARG H 99 -1.13 31.50 -18.66
CA ARG H 99 0.00 30.57 -18.59
C ARG H 99 0.49 30.19 -19.99
N HIS H 100 -0.44 30.01 -20.93
CA HIS H 100 -0.05 29.69 -22.30
C HIS H 100 0.65 30.86 -22.97
N LEU H 101 0.24 32.09 -22.65
CA LEU H 101 0.85 33.26 -23.27
C LEU H 101 2.21 33.56 -22.66
N THR H 102 2.38 33.33 -21.35
CA THR H 102 3.64 33.66 -20.70
C THR H 102 4.75 32.67 -21.03
N THR H 103 4.41 31.48 -21.52
CA THR H 103 5.41 30.53 -21.97
C THR H 103 5.81 30.75 -23.43
N ILE H 104 5.16 31.68 -24.12
CA ILE H 104 5.53 32.04 -25.48
C ILE H 104 6.46 33.26 -25.49
N SER H 105 6.14 34.26 -24.68
CA SER H 105 6.92 35.50 -24.64
C SER H 105 8.17 35.40 -23.78
N ARG H 106 8.41 34.25 -23.15
CA ARG H 106 9.61 34.08 -22.34
C ARG H 106 10.86 34.12 -23.22
N LYS H 107 11.92 34.71 -22.70
CA LYS H 107 13.17 34.79 -23.45
C LYS H 107 13.96 33.50 -23.28
N PRO H 108 14.21 32.75 -24.35
CA PRO H 108 15.02 31.54 -24.22
C PRO H 108 16.46 31.87 -23.85
N ASP H 109 17.07 30.98 -23.06
CA ASP H 109 18.45 31.19 -22.63
C ASP H 109 19.41 30.65 -23.69
N GLY H 110 20.35 31.49 -24.10
CA GLY H 110 21.29 31.16 -25.15
C GLY H 110 20.91 31.67 -26.53
N ASP H 111 19.68 32.14 -26.70
CA ASP H 111 19.21 32.67 -27.97
C ASP H 111 18.49 33.99 -27.73
N GLY H 112 18.50 34.84 -28.76
CA GLY H 112 17.85 36.13 -28.66
C GLY H 112 16.70 36.29 -29.64
N ILE H 113 15.57 36.79 -29.16
CA ILE H 113 14.40 37.00 -30.00
C ILE H 113 14.62 38.25 -30.84
N LYS H 114 14.85 38.06 -32.14
CA LYS H 114 15.04 39.20 -33.04
C LYS H 114 13.73 39.82 -33.48
N SER H 115 12.61 39.13 -33.29
CA SER H 115 11.30 39.65 -33.69
C SER H 115 10.22 38.83 -32.99
N PHE H 116 9.33 39.53 -32.30
CA PHE H 116 8.17 38.90 -31.66
C PHE H 116 6.92 39.48 -32.31
N THR H 117 6.27 38.70 -33.17
CA THR H 117 5.12 39.15 -33.92
C THR H 117 3.85 38.58 -33.31
N ILE H 118 2.91 39.46 -32.97
CA ILE H 118 1.61 39.08 -32.44
C ILE H 118 0.55 39.57 -33.44
N ALA H 119 -0.27 38.65 -33.93
CA ALA H 119 -1.23 38.99 -34.97
C ALA H 119 -2.45 38.10 -34.87
N VAL H 120 -3.56 38.59 -35.43
CA VAL H 120 -4.80 37.82 -35.54
C VAL H 120 -5.53 38.28 -36.80
N ASN H 121 -5.83 37.34 -37.69
CA ASN H 121 -6.51 37.63 -38.96
C ASN H 121 -7.81 36.85 -38.99
N ASN H 122 -8.89 37.49 -38.56
CA ASN H 122 -10.22 36.88 -38.52
C ASN H 122 -11.00 37.34 -39.74
N THR H 123 -10.84 36.60 -40.84
CA THR H 123 -11.55 36.87 -42.09
C THR H 123 -12.31 35.62 -42.51
N SER H 124 -13.01 35.72 -43.64
CA SER H 124 -13.69 34.55 -44.18
C SER H 124 -12.72 33.60 -44.87
N THR H 125 -11.65 34.15 -45.46
CA THR H 125 -10.70 33.33 -46.22
C THR H 125 -9.77 32.53 -45.32
N CYS H 126 -9.52 32.99 -44.10
CA CYS H 126 -8.56 32.32 -43.23
C CYS H 126 -9.09 30.93 -42.86
N PRO H 127 -8.21 29.93 -42.76
CA PRO H 127 -8.67 28.57 -42.47
C PRO H 127 -9.16 28.43 -41.04
N GLU H 128 -9.94 27.35 -40.82
CA GLU H 128 -10.42 27.04 -39.49
C GLU H 128 -9.29 26.66 -38.54
N SER H 129 -8.16 26.21 -39.08
CA SER H 129 -6.99 25.96 -38.23
C SER H 129 -6.45 27.24 -37.61
N LEU H 130 -6.72 28.40 -38.22
CA LEU H 130 -6.35 29.69 -37.66
C LEU H 130 -7.54 30.48 -37.16
N ALA H 131 -8.77 30.06 -37.47
CA ALA H 131 -9.95 30.74 -36.95
C ALA H 131 -10.07 30.50 -35.45
N ASN H 132 -10.32 31.57 -34.71
CA ASN H 132 -10.33 31.55 -33.24
C ASN H 132 -9.01 31.06 -32.67
N ARG H 133 -7.92 31.28 -33.41
CA ARG H 133 -6.58 30.89 -32.98
C ARG H 133 -5.67 32.10 -33.13
N LEU H 134 -5.13 32.58 -32.02
CA LEU H 134 -4.19 33.70 -32.05
C LEU H 134 -2.88 33.26 -32.70
N ILE H 135 -2.31 34.14 -33.52
CA ILE H 135 -1.10 33.81 -34.28
C ILE H 135 0.05 34.59 -33.68
N VAL H 136 1.05 33.87 -33.18
CA VAL H 136 2.27 34.46 -32.65
C VAL H 136 3.46 33.83 -33.38
N VAL H 137 4.28 34.67 -33.99
CA VAL H 137 5.46 34.22 -34.72
C VAL H 137 6.69 34.83 -34.06
N ILE H 138 7.65 33.97 -33.71
CA ILE H 138 8.88 34.39 -33.05
C ILE H 138 10.06 34.03 -33.93
N GLU H 139 10.91 35.01 -34.22
CA GLU H 139 12.14 34.80 -34.98
C GLU H 139 13.31 35.01 -34.04
N MET H 140 14.15 33.98 -33.90
CA MET H 140 15.30 34.05 -33.01
C MET H 140 16.53 34.58 -33.76
N ASP H 141 17.57 34.89 -32.99
CA ASP H 141 18.82 35.33 -33.58
C ASP H 141 19.47 34.20 -34.39
N SER H 142 19.16 32.95 -34.07
CA SER H 142 19.61 31.80 -34.82
C SER H 142 18.73 31.52 -36.04
N LEU H 143 17.91 32.49 -36.45
CA LEU H 143 17.01 32.45 -37.60
C LEU H 143 15.93 31.39 -37.48
N ILE H 144 15.76 30.78 -36.31
CA ILE H 144 14.73 29.76 -36.14
C ILE H 144 13.37 30.44 -35.99
N VAL H 145 12.41 29.99 -36.79
CA VAL H 145 11.06 30.53 -36.77
C VAL H 145 10.19 29.61 -35.94
N LYS H 146 9.69 30.12 -34.82
CA LYS H 146 8.81 29.37 -33.92
C LYS H 146 7.44 30.03 -33.94
N GLU H 147 6.46 29.36 -34.52
CA GLU H 147 5.10 29.87 -34.62
C GLU H 147 4.20 29.09 -33.67
N TYR H 148 3.36 29.82 -32.94
CA TYR H 148 2.41 29.25 -32.01
C TYR H 148 1.00 29.69 -32.37
N CYS H 149 0.03 28.84 -32.06
CA CYS H 149 -1.39 29.14 -32.32
C CYS H 149 -2.21 28.88 -31.07
N PRO H 150 -2.08 29.73 -30.04
CA PRO H 150 -2.96 29.60 -28.88
C PRO H 150 -4.38 30.04 -29.22
N GLN H 151 -5.35 29.32 -28.68
CA GLN H 151 -6.75 29.69 -28.89
C GLN H 151 -7.11 30.91 -28.07
N PHE H 152 -8.10 31.66 -28.56
CA PHE H 152 -8.61 32.83 -27.86
C PHE H 152 -10.13 32.84 -27.87
N GLN H 153 -10.70 33.52 -26.89
CA GLN H 153 -12.15 33.67 -26.76
C GLN H 153 -12.51 35.14 -26.84
N PRO H 154 -13.24 35.58 -27.86
CA PRO H 154 -13.62 37.00 -27.94
C PRO H 154 -14.59 37.36 -26.82
N ILE H 155 -14.26 38.42 -26.09
CA ILE H 155 -15.04 38.90 -24.96
C ILE H 155 -15.36 40.37 -25.16
N LYS H 156 -16.06 40.95 -24.19
CA LYS H 156 -16.45 42.36 -24.22
C LYS H 156 -15.61 43.13 -23.21
N TYR H 157 -14.90 44.14 -23.69
CA TYR H 157 -14.08 44.97 -22.80
C TYR H 157 -14.98 45.90 -21.99
N ASP H 158 -14.61 46.09 -20.72
CA ASP H 158 -15.35 47.00 -19.79
C ASP H 158 -14.33 47.95 -19.15
N PRO H 159 -14.27 49.25 -19.52
CA PRO H 159 -13.24 50.16 -19.00
C PRO H 159 -13.49 50.65 -17.57
N ILE H 160 -12.43 50.97 -16.82
CA ILE H 160 -12.54 51.46 -15.42
C ILE H 160 -12.45 53.00 -15.44
N ILE H 161 -13.35 53.68 -14.72
CA ILE H 161 -13.40 55.17 -14.68
C ILE H 161 -12.46 55.64 -13.57
N ILE H 162 -12.02 54.71 -12.71
CA ILE H 162 -11.07 55.07 -11.61
C ILE H 162 -10.01 56.02 -12.16
N ASN H 163 -9.62 55.83 -13.43
CA ASN H 163 -8.55 56.67 -14.04
C ASN H 163 -8.96 58.15 -14.00
N LEU H 164 -10.24 58.45 -14.21
CA LEU H 164 -10.70 59.87 -14.11
C LEU H 164 -11.58 60.03 -12.87
N LYS H 165 -11.98 58.92 -12.24
CA LYS H 165 -12.79 58.97 -10.99
C LYS H 165 -11.97 59.68 -9.91
N TYR H 166 -10.71 59.27 -9.73
CA TYR H 166 -9.83 59.91 -8.73
C TYR H 166 -8.38 59.91 -9.25
N LYS H 167 -8.21 60.15 -10.56
CA LYS H 167 -6.86 60.18 -11.17
C LYS H 167 -5.82 60.52 -10.09
N ILE H 227 -8.26 64.04 -2.43
CA ILE H 227 -7.59 63.03 -3.25
C ILE H 227 -6.08 63.23 -3.24
N ASN H 228 -5.46 62.95 -2.09
CA ASN H 228 -4.03 63.16 -1.93
C ASN H 228 -3.24 62.26 -2.88
N TYR H 229 -2.13 62.80 -3.39
CA TYR H 229 -1.33 62.15 -4.42
C TYR H 229 0.08 61.93 -3.91
N ILE H 230 0.61 60.74 -4.17
CA ILE H 230 1.93 60.34 -3.70
C ILE H 230 2.78 59.95 -4.91
N CYS H 231 3.96 60.56 -5.03
CA CYS H 231 4.92 60.23 -6.06
C CYS H 231 6.25 59.91 -5.40
N CYS H 232 6.65 58.64 -5.48
CA CYS H 232 7.91 58.20 -4.88
C CYS H 232 8.67 57.32 -5.88
N ASN H 233 9.99 57.39 -5.80
CA ASN H 233 10.83 56.55 -6.65
C ASN H 233 10.66 55.09 -6.26
N SER H 234 10.63 54.22 -7.27
CA SER H 234 10.30 52.82 -7.06
C SER H 234 11.51 51.95 -6.72
N THR H 235 12.71 52.52 -6.63
CA THR H 235 13.89 51.71 -6.36
C THR H 235 13.89 51.17 -4.93
N LEU H 236 13.86 52.07 -3.95
CA LEU H 236 13.87 51.67 -2.55
C LEU H 236 12.60 50.91 -2.18
N LEU H 237 11.45 51.32 -2.71
CA LEU H 237 10.21 50.59 -2.45
C LEU H 237 10.25 49.20 -3.07
N LYS H 238 10.84 49.07 -4.26
CA LYS H 238 11.01 47.75 -4.87
C LYS H 238 11.91 46.86 -4.02
N ASN H 239 13.01 47.43 -3.50
CA ASN H 239 13.89 46.65 -2.63
C ASN H 239 13.15 46.21 -1.37
N PHE H 240 12.39 47.11 -0.77
CA PHE H 240 11.63 46.77 0.43
C PHE H 240 10.58 45.69 0.16
N LEU H 241 9.88 45.80 -0.96
CA LEU H 241 8.84 44.82 -1.28
C LEU H 241 9.45 43.47 -1.62
N ASP H 242 10.60 43.45 -2.29
CA ASP H 242 11.28 42.19 -2.56
C ASP H 242 11.82 41.58 -1.27
N ASN H 243 12.19 42.41 -0.29
CA ASN H 243 12.57 41.89 1.01
C ASN H 243 11.40 41.19 1.68
N CYS H 244 10.20 41.77 1.59
CA CYS H 244 9.01 41.14 2.15
C CYS H 244 8.58 39.94 1.32
N ASN H 245 7.89 39.01 1.97
CA ASN H 245 7.43 37.79 1.34
C ASN H 245 5.91 37.70 1.43
N VAL H 246 5.29 37.20 0.36
CA VAL H 246 3.84 37.05 0.32
C VAL H 246 3.35 35.76 0.97
N ASN H 247 4.26 34.87 1.37
CA ASN H 247 3.85 33.61 1.96
C ASN H 247 3.21 33.82 3.33
N VAL H 248 3.79 34.70 4.14
CA VAL H 248 3.29 34.93 5.49
C VAL H 248 2.71 36.33 5.69
N THR H 249 3.02 37.28 4.81
CA THR H 249 2.54 38.65 4.93
C THR H 249 1.80 39.03 3.66
N ASP H 250 0.58 39.56 3.81
CA ASP H 250 -0.19 40.01 2.66
C ASP H 250 -0.93 41.31 2.92
N GLU H 251 -0.55 42.06 3.96
CA GLU H 251 -1.17 43.33 4.30
C GLU H 251 -0.12 44.43 4.24
N VAL H 252 -0.44 45.51 3.52
CA VAL H 252 0.46 46.65 3.36
C VAL H 252 -0.22 47.88 3.94
N LYS H 253 0.44 48.53 4.90
CA LYS H 253 -0.05 49.77 5.50
C LYS H 253 0.78 50.91 4.95
N LEU H 254 0.15 51.77 4.15
CA LEU H 254 0.81 52.94 3.59
C LEU H 254 0.38 54.16 4.41
N GLU H 255 1.11 54.37 5.50
CA GLU H 255 0.83 55.48 6.41
C GLU H 255 1.64 56.70 5.97
N ILE H 256 0.95 57.74 5.52
CA ILE H 256 1.59 58.95 5.01
C ILE H 256 1.03 60.15 5.75
N ASN H 257 1.91 61.03 6.20
CA ASN H 257 1.55 62.33 6.73
C ASN H 257 2.32 63.40 5.96
N VAL H 258 2.07 64.67 6.31
CA VAL H 258 2.73 65.77 5.61
C VAL H 258 4.23 65.76 5.87
N HIS H 259 4.66 65.21 7.00
CA HIS H 259 6.08 65.23 7.36
C HIS H 259 6.84 64.10 6.66
N ARG H 260 6.46 62.85 6.93
CA ARG H 260 7.20 61.70 6.42
C ARG H 260 6.30 60.71 5.71
N LEU H 261 6.83 59.53 5.41
CA LEU H 261 6.04 58.46 4.78
C LEU H 261 6.58 57.12 5.26
N SER H 262 5.72 56.31 5.85
CA SER H 262 6.12 55.02 6.39
C SER H 262 5.26 53.92 5.78
N ILE H 263 5.92 52.86 5.30
CA ILE H 263 5.24 51.70 4.74
C ILE H 263 5.66 50.49 5.55
N THR H 264 4.69 49.77 6.10
CA THR H 264 4.95 48.58 6.90
C THR H 264 4.12 47.42 6.35
N ALA H 265 4.78 46.28 6.16
CA ALA H 265 4.12 45.05 5.72
C ALA H 265 3.83 44.23 6.97
N PHE H 266 2.58 44.28 7.44
CA PHE H 266 2.18 43.65 8.69
C PHE H 266 1.26 42.47 8.43
N THR H 267 0.90 41.78 9.51
CA THR H 267 0.02 40.63 9.44
C THR H 267 -0.74 40.51 10.76
N LYS H 268 -2.06 40.46 10.68
CA LYS H 268 -2.87 40.33 11.89
C LYS H 268 -2.75 38.92 12.46
N ALA H 269 -2.93 38.83 13.78
CA ALA H 269 -2.84 37.56 14.50
C ALA H 269 -4.21 37.20 15.04
N VAL H 270 -4.79 36.13 14.51
CA VAL H 270 -6.05 35.61 15.03
C VAL H 270 -5.76 34.66 16.19
N TYR H 271 -6.69 34.60 17.14
CA TYR H 271 -6.52 33.80 18.34
C TYR H 271 -7.52 32.65 18.34
N GLY H 272 -7.07 31.49 18.78
CA GLY H 272 -7.89 30.28 18.77
C GLY H 272 -8.92 30.25 19.89
N LYS H 273 -9.18 29.03 20.37
CA LYS H 273 -10.18 28.85 21.43
C LYS H 273 -9.72 29.51 22.73
N ASN H 274 -8.46 29.30 23.10
CA ASN H 274 -7.90 29.74 24.38
C ASN H 274 -6.62 30.53 24.17
N ASN H 275 -6.69 31.53 23.27
CA ASN H 275 -5.61 32.47 22.93
C ASN H 275 -4.60 31.77 22.01
N ASP H 276 -4.82 30.50 21.68
CA ASP H 276 -3.89 29.72 20.88
C ASP H 276 -3.60 30.40 19.54
N LEU H 277 -2.32 30.43 19.17
CA LEU H 277 -1.83 31.18 18.01
C LEU H 277 -2.19 30.42 16.73
N LEU H 278 -3.39 30.68 16.21
CA LEU H 278 -3.76 30.12 14.91
C LEU H 278 -2.92 30.72 13.81
N ARG H 279 -2.73 32.04 13.83
CA ARG H 279 -1.91 32.74 12.86
C ARG H 279 -1.03 33.74 13.60
N ASN H 280 0.27 33.72 13.32
CA ASN H 280 1.20 34.61 13.98
C ASN H 280 1.23 35.98 13.30
N ALA H 281 1.79 36.96 14.00
CA ALA H 281 1.85 38.34 13.52
C ALA H 281 3.29 38.72 13.21
N LEU H 282 3.53 39.10 11.97
CA LEU H 282 4.84 39.59 11.52
C LEU H 282 4.67 40.94 10.87
N SER H 283 5.46 41.92 11.29
CA SER H 283 5.42 43.30 10.74
C SER H 283 6.83 43.81 10.45
N MET H 284 7.17 44.05 9.18
CA MET H 284 8.49 44.62 8.80
C MET H 284 8.24 46.06 8.34
N SER H 285 8.61 47.07 9.12
CA SER H 285 8.32 48.49 8.82
C SER H 285 9.52 49.19 8.15
N ASN H 286 9.27 50.05 7.17
CA ASN H 286 10.31 50.82 6.49
C ASN H 286 9.81 52.25 6.34
N THR H 287 10.44 53.18 7.06
CA THR H 287 10.05 54.59 7.02
C THR H 287 10.90 55.34 6.01
N ILE H 288 10.25 56.14 5.17
CA ILE H 288 10.90 56.87 4.10
C ILE H 288 10.78 58.36 4.39
N SER H 289 11.92 59.06 4.43
CA SER H 289 11.90 60.49 4.64
C SER H 289 11.36 61.20 3.40
N THR H 290 10.80 62.40 3.62
CA THR H 290 10.24 63.17 2.51
C THR H 290 11.29 63.66 1.55
N LEU H 291 12.57 63.64 1.94
CA LEU H 291 13.64 63.99 1.01
C LEU H 291 13.71 63.00 -0.15
N ASP H 292 13.58 61.71 0.14
CA ASP H 292 13.50 60.71 -0.91
C ASP H 292 12.19 60.81 -1.69
N LEU H 293 11.13 61.29 -1.03
CA LEU H 293 9.84 61.44 -1.68
C LEU H 293 9.92 62.53 -2.74
N GLU H 294 9.32 62.26 -3.91
CA GLU H 294 9.40 63.19 -5.03
C GLU H 294 8.34 64.30 -4.93
N HIS H 295 7.06 63.92 -4.98
CA HIS H 295 5.97 64.90 -4.96
C HIS H 295 4.82 64.35 -4.12
N TYR H 296 4.40 65.12 -3.12
CA TYR H 296 3.22 64.79 -2.34
C TYR H 296 2.39 66.04 -2.11
N CYS H 297 1.07 65.88 -2.22
CA CYS H 297 0.14 66.98 -1.97
C CYS H 297 -1.11 66.40 -1.34
N LEU H 298 -1.42 66.84 -0.11
CA LEU H 298 -2.62 66.38 0.60
C LEU H 298 -3.82 67.19 0.11
N PHE H 299 -4.33 66.79 -1.06
CA PHE H 299 -5.47 67.45 -1.67
C PHE H 299 -6.73 67.29 -0.82
N LYS H 320 -2.87 59.98 6.93
CA LYS H 320 -3.58 59.16 5.96
C LYS H 320 -3.10 57.72 6.00
N SER H 321 -3.91 56.83 6.54
CA SER H 321 -3.59 55.41 6.65
C SER H 321 -4.47 54.63 5.68
N ILE H 322 -3.82 53.89 4.78
CA ILE H 322 -4.51 53.05 3.81
C ILE H 322 -3.92 51.64 3.87
N ILE H 323 -4.78 50.64 3.71
CA ILE H 323 -4.38 49.24 3.82
C ILE H 323 -4.87 48.50 2.58
N PHE H 324 -3.98 47.70 1.99
CA PHE H 324 -4.33 46.87 0.84
C PHE H 324 -3.43 45.64 0.85
N LYS H 325 -3.45 44.88 -0.24
CA LYS H 325 -2.71 43.63 -0.34
C LYS H 325 -1.25 43.90 -0.67
N LEU H 326 -0.49 42.82 -0.84
CA LEU H 326 0.95 42.92 -1.08
C LEU H 326 1.41 42.29 -2.39
N LYS H 327 0.86 41.13 -2.76
CA LYS H 327 1.35 40.41 -3.94
C LYS H 327 1.09 41.21 -5.21
N ASP H 328 -0.10 41.78 -5.36
CA ASP H 328 -0.42 42.57 -6.54
C ASP H 328 0.48 43.80 -6.62
N PHE H 329 0.66 44.50 -5.50
CA PHE H 329 1.54 45.66 -5.48
C PHE H 329 2.98 45.26 -5.80
N LYS H 330 3.44 44.15 -5.25
CA LYS H 330 4.80 43.69 -5.53
C LYS H 330 4.98 43.43 -7.02
N ASN H 331 4.07 42.64 -7.62
CA ASN H 331 4.21 42.30 -9.03
C ASN H 331 4.13 43.55 -9.91
N PHE H 332 3.18 44.45 -9.61
CA PHE H 332 3.06 45.67 -10.40
C PHE H 332 4.29 46.55 -10.26
N ILE H 333 4.94 46.53 -9.09
CA ILE H 333 6.20 47.25 -8.92
C ILE H 333 7.28 46.64 -9.79
N THR H 334 7.32 45.32 -9.99
CA THR H 334 8.45 44.69 -10.74
C THR H 334 8.28 44.72 -12.26
N ILE H 335 7.41 45.56 -12.84
CA ILE H 335 7.13 45.54 -14.32
C ILE H 335 7.91 46.66 -15.01
N GLY H 336 7.91 47.87 -14.46
CA GLY H 336 8.61 49.04 -15.05
C GLY H 336 10.11 48.84 -15.06
N PRO H 337 10.74 48.42 -13.94
CA PRO H 337 12.16 48.13 -13.92
C PRO H 337 12.59 47.14 -15.02
N SER H 338 11.70 46.25 -15.47
CA SER H 338 12.05 45.22 -16.43
C SER H 338 12.64 45.84 -17.69
N TRP H 339 12.05 46.94 -18.17
CA TRP H 339 12.57 47.67 -19.32
C TRP H 339 13.60 48.68 -18.83
N LYS H 340 14.88 48.42 -19.13
CA LYS H 340 15.95 49.32 -18.71
C LYS H 340 15.99 50.55 -19.59
N THR H 341 15.28 51.60 -19.19
CA THR H 341 15.22 52.84 -19.94
C THR H 341 15.92 53.95 -19.15
N THR H 342 16.87 54.64 -19.79
CA THR H 342 17.59 55.73 -19.16
C THR H 342 17.20 57.10 -19.71
N GLN H 343 16.56 57.17 -20.88
CA GLN H 343 16.16 58.46 -21.43
C GLN H 343 15.05 59.08 -20.61
N ASP H 344 14.01 58.30 -20.28
CA ASP H 344 12.92 58.83 -19.48
C ASP H 344 13.36 59.06 -18.04
N GLY H 345 14.10 58.12 -17.46
CA GLY H 345 14.59 58.24 -16.10
C GLY H 345 13.48 58.37 -15.08
N ASN H 346 12.40 57.60 -15.23
CA ASN H 346 11.24 57.74 -14.36
C ASN H 346 11.45 57.01 -13.04
N ASP H 347 11.55 55.68 -13.08
CA ASP H 347 11.70 54.77 -11.93
C ASP H 347 10.87 55.22 -10.73
N ASN H 348 9.64 55.66 -10.97
CA ASN H 348 8.80 56.21 -9.91
C ASN H 348 7.37 55.72 -10.11
N ILE H 349 6.58 55.83 -9.04
CA ILE H 349 5.19 55.39 -9.04
C ILE H 349 4.30 56.54 -8.60
N SER H 350 3.08 56.56 -9.10
CA SER H 350 2.09 57.58 -8.76
C SER H 350 0.90 56.89 -8.10
N LEU H 351 0.49 57.41 -6.94
CA LEU H 351 -0.57 56.82 -6.14
C LEU H 351 -1.69 57.81 -5.89
N TRP H 352 -2.91 57.30 -5.81
CA TRP H 352 -4.07 58.12 -5.51
C TRP H 352 -5.03 57.31 -4.63
N PHE H 353 -5.47 57.92 -3.53
CA PHE H 353 -6.48 57.30 -2.68
C PHE H 353 -7.19 58.39 -1.89
N CYS H 354 -8.44 58.13 -1.55
CA CYS H 354 -9.30 59.13 -0.90
C CYS H 354 -9.64 58.76 0.53
N HIS H 355 -10.23 57.58 0.74
CA HIS H 355 -10.69 57.14 2.05
C HIS H 355 -10.34 55.66 2.21
N PRO H 356 -10.46 55.09 3.41
CA PRO H 356 -10.25 53.64 3.55
C PRO H 356 -11.21 52.80 2.73
N GLY H 357 -12.36 53.34 2.33
CA GLY H 357 -13.32 52.59 1.53
C GLY H 357 -13.00 52.56 0.06
N ASP H 358 -12.64 53.71 -0.50
CA ASP H 358 -12.38 53.80 -1.94
C ASP H 358 -11.09 53.07 -2.31
N PRO H 359 -11.05 52.47 -3.50
CA PRO H 359 -9.83 51.77 -3.94
C PRO H 359 -8.70 52.76 -4.23
N ILE H 360 -7.48 52.23 -4.15
CA ILE H 360 -6.27 53.01 -4.39
C ILE H 360 -5.76 52.68 -5.80
N LEU H 361 -5.33 53.72 -6.51
CA LEU H 361 -4.84 53.58 -7.88
C LEU H 361 -3.33 53.84 -7.89
N MET H 362 -2.57 52.85 -8.37
CA MET H 362 -1.13 52.97 -8.55
C MET H 362 -0.83 52.91 -10.05
N GLN H 363 -0.15 53.91 -10.60
CA GLN H 363 0.15 53.99 -12.05
C GLN H 363 1.63 54.24 -12.31
N MET H 364 2.29 53.37 -13.08
CA MET H 364 3.71 53.52 -13.46
C MET H 364 3.73 54.02 -14.91
N GLN H 365 4.79 54.71 -15.32
CA GLN H 365 4.83 55.29 -16.69
C GLN H 365 6.06 54.81 -17.43
N LYS H 366 5.94 54.50 -18.72
CA LYS H 366 7.04 54.13 -19.59
C LYS H 366 6.86 54.83 -20.91
N PRO H 367 7.94 54.99 -21.71
CA PRO H 367 7.81 55.73 -22.98
C PRO H 367 6.74 55.22 -23.91
N GLY H 368 6.57 53.91 -24.01
CA GLY H 368 5.55 53.36 -24.88
C GLY H 368 4.56 52.49 -24.15
N VAL H 369 4.68 52.40 -22.83
CA VAL H 369 3.85 51.52 -22.04
C VAL H 369 3.19 52.33 -20.93
N LYS H 370 1.88 52.20 -20.79
CA LYS H 370 1.13 52.81 -19.69
C LYS H 370 0.70 51.70 -18.75
N LEU H 371 1.04 51.84 -17.46
CA LEU H 371 0.77 50.82 -16.47
C LEU H 371 -0.07 51.41 -15.35
N GLU H 372 -1.06 50.65 -14.89
CA GLU H 372 -1.88 51.05 -13.77
C GLU H 372 -2.26 49.82 -12.97
N LEU H 373 -2.43 50.00 -11.66
CA LEU H 373 -2.90 48.94 -10.77
C LEU H 373 -4.05 49.46 -9.93
N VAL H 374 -5.18 48.76 -9.99
CA VAL H 374 -6.34 49.05 -9.16
C VAL H 374 -6.34 48.06 -8.02
N GLU H 375 -6.50 48.56 -6.79
CA GLU H 375 -6.54 47.69 -5.61
C GLU H 375 -7.55 48.23 -4.62
N VAL H 376 -8.42 47.35 -4.13
CA VAL H 376 -9.38 47.75 -3.10
C VAL H 376 -8.66 47.94 -1.77
N THR H 377 -9.28 48.72 -0.90
CA THR H 377 -8.69 49.10 0.38
C THR H 377 -9.57 48.64 1.54
N ASP H 378 -8.94 48.41 2.68
CA ASP H 378 -9.66 47.99 3.87
C ASP H 378 -10.51 49.15 4.39
N SER H 379 -11.81 48.93 4.51
CA SER H 379 -12.74 49.97 4.91
C SER H 379 -12.81 50.17 6.43
N ASN H 380 -12.05 49.39 7.19
CA ASN H 380 -12.04 49.55 8.64
C ASN H 380 -11.42 50.89 9.01
N ILE H 381 -12.26 51.84 9.42
CA ILE H 381 -11.80 53.17 9.75
C ILE H 381 -11.35 53.23 11.21
PG AGS L . -25.70 20.42 -6.64
S1G AGS L . -25.92 19.14 -8.09
O2G AGS L . -24.66 21.50 -7.05
O3G AGS L . -25.19 19.68 -5.37
PB AGS L . -27.11 22.50 -5.60
O1B AGS L . -27.98 22.43 -4.41
O2B AGS L . -25.66 22.85 -5.26
O3B AGS L . -27.07 21.10 -6.34
PA AGS L . -29.13 23.96 -6.72
O1A AGS L . -29.39 25.36 -6.33
O2A AGS L . -29.87 22.93 -5.86
O3A AGS L . -27.60 23.61 -6.62
O5' AGS L . -29.48 23.80 -8.25
C5' AGS L . -30.82 23.50 -8.71
C4' AGS L . -30.88 23.75 -10.19
O4' AGS L . -32.26 23.68 -10.64
C3' AGS L . -30.34 25.10 -10.65
O3' AGS L . -29.55 24.96 -11.83
C2' AGS L . -31.62 25.91 -10.92
O2' AGS L . -31.42 26.89 -11.93
C1' AGS L . -32.57 24.83 -11.39
N9 AGS L . -33.98 25.14 -11.18
C8 AGS L . -34.92 25.37 -12.15
N7 AGS L . -36.12 25.64 -11.68
C5 AGS L . -35.95 25.59 -10.31
C6 AGS L . -36.85 25.78 -9.24
N6 AGS L . -38.13 26.07 -9.39
N1 AGS L . -36.35 25.66 -7.98
C2 AGS L . -35.05 25.36 -7.82
N3 AGS L . -34.12 25.16 -8.75
C4 AGS L . -34.63 25.29 -9.99
MG MG M . -25.88 24.49 -7.48
PG AGS N . -18.34 -2.14 -22.73
S1G AGS N . -17.62 -3.74 -21.92
O2G AGS N . -17.44 -1.44 -23.72
O3G AGS N . -18.91 -1.13 -21.77
PB AGS N . -20.29 -1.83 -24.89
O1B AGS N . -19.94 -0.38 -24.85
O2B AGS N . -21.72 -2.23 -24.95
O3B AGS N . -19.62 -2.53 -23.63
PA AGS N . -19.22 -2.01 -27.59
O1A AGS N . -17.97 -1.20 -27.61
O2A AGS N . -20.47 -1.39 -28.09
O3A AGS N . -19.49 -2.52 -26.09
O5' AGS N . -18.97 -3.40 -28.37
C5' AGS N . -18.65 -3.31 -29.78
C4' AGS N . -18.80 -4.67 -30.40
O4' AGS N . -20.08 -5.22 -30.01
C3' AGS N . -18.82 -4.70 -31.94
O3' AGS N . -18.44 -5.97 -32.44
C2' AGS N . -20.31 -4.46 -32.22
O2' AGS N . -20.70 -4.87 -33.51
C1' AGS N . -20.93 -5.33 -31.13
N9 AGS N . -22.26 -4.90 -30.74
C8 AGS N . -22.71 -4.74 -29.44
N7 AGS N . -23.96 -4.36 -29.38
C5 AGS N . -24.37 -4.28 -30.70
C6 AGS N . -25.60 -3.92 -31.29
N6 AGS N . -26.68 -3.58 -30.58
N1 AGS N . -25.67 -3.94 -32.64
C2 AGS N . -24.59 -4.29 -33.33
N3 AGS N . -23.39 -4.65 -32.89
C4 AGS N . -23.34 -4.62 -31.55
PG AGS O . 0.03 -22.43 -15.25
S1G AGS O . 0.57 -22.64 -13.39
O2G AGS O . 0.94 -21.38 -15.94
O3G AGS O . -1.44 -21.94 -15.30
PB AGS O . 0.75 -23.83 -17.49
O1B AGS O . 0.21 -22.70 -18.29
O2B AGS O . 0.38 -25.20 -18.06
O3B AGS O . 0.16 -23.78 -16.01
PA AGS O . 3.17 -24.47 -18.61
O1A AGS O . 2.45 -24.45 -19.89
O2A AGS O . 4.53 -23.74 -18.64
O3A AGS O . 2.33 -23.78 -17.45
O5' AGS O . 3.35 -25.98 -18.16
C5' AGS O . 4.48 -26.37 -17.36
C4' AGS O . 5.20 -27.52 -18.03
O4' AGS O . 4.31 -28.65 -18.15
C3' AGS O . 5.66 -27.25 -19.46
O3' AGS O . 6.93 -26.59 -19.46
C2' AGS O . 5.75 -28.65 -20.04
O2' AGS O . 7.00 -29.28 -19.75
C1' AGS O . 4.60 -29.37 -19.34
N9 AGS O . 3.38 -29.47 -20.12
C8 AGS O . 2.17 -28.90 -19.83
N7 AGS O . 1.23 -29.15 -20.72
C5 AGS O . 1.87 -29.95 -21.65
C6 AGS O . 1.43 -30.56 -22.84
N6 AGS O . 0.19 -30.46 -23.31
N1 AGS O . 2.32 -31.30 -23.53
C2 AGS O . 3.57 -31.41 -23.07
N3 AGS O . 4.10 -30.88 -21.96
C4 AGS O . 3.19 -30.16 -21.29
MG MG P . 2.36 -20.15 -16.80
MG MG Q . -16.12 -0.12 -25.32
PG AGS R . 10.63 -26.78 11.61
S1G AGS R . 9.64 -26.65 9.93
O2G AGS R . 9.68 -26.46 12.79
O3G AGS R . 11.79 -25.74 11.59
PB AGS R . 12.64 -28.55 11.14
O1B AGS R . 12.60 -29.88 10.47
O2B AGS R . 12.95 -27.41 10.17
O3B AGS R . 11.23 -28.20 11.78
PA AGS R . 15.26 -28.83 11.92
O1A AGS R . 15.41 -29.46 10.59
O2A AGS R . 16.05 -27.53 12.06
O3A AGS R . 13.75 -28.49 12.26
O5' AGS R . 15.71 -29.88 13.02
C5' AGS R . 15.63 -29.55 14.42
C4' AGS R . 16.30 -30.63 15.24
O4' AGS R . 15.79 -31.92 14.83
C3' AGS R . 17.82 -30.70 15.10
O3' AGS R . 18.43 -30.87 16.38
C2' AGS R . 18.05 -31.91 14.19
O2' AGS R . 19.27 -32.56 14.51
C1' AGS R . 16.86 -32.80 14.57
N9 AGS R . 16.46 -33.72 13.52
C8 AGS R . 15.28 -33.70 12.81
N7 AGS R . 15.18 -34.65 11.91
C5 AGS R . 16.38 -35.33 12.03
C6 AGS R . 16.89 -36.46 11.35
N6 AGS R . 16.24 -37.11 10.38
N1 AGS R . 18.12 -36.89 11.70
C2 AGS R . 18.78 -36.24 12.67
N3 AGS R . 18.39 -35.18 13.38
C4 AGS R . 17.17 -34.78 13.01
MG MG S . 13.02 -25.12 9.94
PB ADP T . 2.85 -15.60 37.41
O1B ADP T . 2.04 -14.47 36.81
O2B ADP T . 2.13 -16.93 37.45
O3B ADP T . 4.26 -15.69 36.89
PA ADP T . 3.87 -13.89 39.37
O1A ADP T . 3.23 -12.67 38.74
O2A ADP T . 5.33 -14.18 39.11
O3A ADP T . 3.02 -15.19 38.95
O5' ADP T . 3.66 -13.80 40.96
C5' ADP T . 4.41 -12.84 41.70
C4' ADP T . 4.08 -12.93 43.18
O4' ADP T . 4.02 -14.28 43.63
C3' ADP T . 5.15 -12.24 44.00
O3' ADP T . 4.63 -11.02 44.55
C2' ADP T . 5.49 -13.20 45.13
O2' ADP T . 5.23 -12.58 46.40
C1' ADP T . 4.58 -14.40 44.94
N9 ADP T . 5.37 -15.65 45.05
C8 ADP T . 5.64 -16.51 44.04
N7 ADP T . 6.38 -17.56 44.49
C5 ADP T . 6.59 -17.38 45.80
C6 ADP T . 7.30 -18.11 46.88
N6 ADP T . 7.95 -19.28 46.62
N1 ADP T . 7.28 -17.58 48.11
C2 ADP T . 6.65 -16.42 48.38
N3 ADP T . 5.99 -15.71 47.45
C4 ADP T . 5.93 -16.12 46.17
#